data_3DUF
#
_entry.id   3DUF
#
_cell.length_a   69.247
_cell.length_b   231.995
_cell.length_c   92.614
_cell.angle_alpha   90.00
_cell.angle_beta   90.74
_cell.angle_gamma   90.00
#
_symmetry.space_group_name_H-M   'P 1 21 1'
#
loop_
_entity.id
_entity.type
_entity.pdbx_description
1 polymer 'Pyruvate dehydrogenase E1 component subunit alpha'
2 polymer 'Pyruvate dehydrogenase E1 component subunit beta'
3 polymer 'Dihydrolipoyllysine-residue acetyltransferase component of pyruvate dehydrogenase complex'
4 non-polymer 'MAGNESIUM ION'
5 non-polymer '2-{4-[(4-AMINO-2-METHYLPYRIMIDIN-5-YL)METHYL]-5-[(1R)-1-HYDROXYETHYL]-3-METHYL-2-THIENYL}ETHYL TRIHYDROGEN DIPHOSPHATE'
6 non-polymer 'POTASSIUM ION'
7 water water
#
loop_
_entity_poly.entity_id
_entity_poly.type
_entity_poly.pdbx_seq_one_letter_code
_entity_poly.pdbx_strand_id
1 'polypeptide(L)'
;MGVKTFQFPFAEQLEKVAEQFPTFQILNEEGEVVNEEAMPELSDEQLKELMRRMVYTRILDQRSISLNRQGRLGFYAPTA
GQEASQIASHFALEKEDFILPGYRDVPQIIWHGLPLYQAFLFSRGHFHGNQIPEGVNVLPPQIIIGAQYIQAAGVALGLK
MRGKKAVAITYTGDGGTSQGDFYEGINFAGAFKAPAIFVVQNNRFAISTPVEKQTVAKTLAQKAVAAGIPGIQVDGMDPL
AVYAAVKAARERAINGEGPTLIETLCFRYGPHTMSGDDPTRYRSKELENEWAKKDPLVRFRKFLEAKGLWSEEEENNVIE
QAKEEIKEAIKKADETPKQKVTDLISIMFEELPFNLKEQYEIYKEKESK
;
A,C,E,G
2 'polypeptide(L)'
;MAQMTMVQAITDALRIELKNDPNVLIFGEDVGVNGGVFRATEGLQAEFGEDRVFDTPLAESGIGGLAIGLALQGFRPVPE
IQFFGFVYEVMDSICGQMARIRYRTGGRYHMPITIRSPFGGGVHTPELHSDSLEGLVAQQPGLKVVIPSTPYDAKGLLIS
AIRDNDPVIFLEHLKLYRSFRQEVPEGEYTIPIGKADIKREGKDITIIAYGAMVHESLKAAAELEKEGISAEVVDLRTVQ
PLDIETIIGSVEKTGRAIVVQEAQRQAGIAANVVAEINERAILSLEAPVLRVAAPDTVYPFAQAESVWLPNFKDVIETAK
KVMNF
;
B,D,F,H
3 'polypeptide(L)'
;MAFEFKLPDIGEGIHEGEIVKWFVKPGDEVNEDDVLCEVQNDKAVVEIPSPVKGKVLEILVPEGTVATVGQTLITLDAPG
YENMTFKGQEQEEAKKEEKTETVSKEEKVDAVAPNAPAAEAEAGPNRRVIAMPSVRKYAREKGVDIRLVQGTGKNGRVLK
EDIDAFLAGGAKPAPAAAEEKAAPAAAKPATTEGEFPETREKMSGIRRAIAKAMVHSKHTAPHVTLMDEADVTKLVAHRK
KFKAIAAEKGIKLTFLPYVVKALVSALREYPVLNTSIDDETEEIIQKHYYNIGIAADTDRGLLVPVIKHADRKPIFALAQ
EINELAEKARDGKLTPGEMKGASCTITNIGSAGGQWFTPVINHPEVAILGIGRIAEKPIVRDGEIVAAPMLALSLSFDHR
MIDGATAQKALNHIKRLLSDPELLLMEA
;
I,J
#
loop_
_chem_comp.id
_chem_comp.type
_chem_comp.name
_chem_comp.formula
K non-polymer 'POTASSIUM ION' 'K 1'
MG non-polymer 'MAGNESIUM ION' 'Mg 2'
R1T non-polymer '2-{4-[(4-AMINO-2-METHYLPYRIMIDIN-5-YL)METHYL]-5-[(1R)-1-HYDROXYETHYL]-3-METHYL-2-THIENYL}ETHYL TRIHYDROGEN DIPHOSPHATE' 'C15 H23 N3 O8 P2 S'
#
# COMPACT_ATOMS: atom_id res chain seq x y z
N THR A 5 -24.73 -15.87 28.05
CA THR A 5 -24.60 -14.48 27.51
C THR A 5 -23.14 -14.13 27.18
N PHE A 6 -22.92 -13.50 26.03
CA PHE A 6 -21.58 -13.11 25.59
C PHE A 6 -21.31 -11.61 25.75
N GLN A 7 -20.09 -11.27 26.15
CA GLN A 7 -19.70 -9.88 26.37
C GLN A 7 -18.56 -9.39 25.47
N PHE A 8 -18.78 -8.25 24.81
CA PHE A 8 -17.77 -7.65 23.94
C PHE A 8 -16.84 -6.80 24.81
N PRO A 9 -15.55 -6.77 24.48
CA PRO A 9 -14.55 -5.98 25.23
C PRO A 9 -14.61 -4.49 24.95
N PHE A 10 -15.76 -3.87 25.25
CA PHE A 10 -15.96 -2.45 25.02
C PHE A 10 -15.21 -1.51 25.97
N ALA A 11 -15.03 -1.95 27.21
CA ALA A 11 -14.32 -1.15 28.20
C ALA A 11 -12.83 -1.08 27.89
N GLU A 12 -12.26 -2.23 27.54
CA GLU A 12 -10.85 -2.35 27.19
C GLU A 12 -10.59 -1.54 25.92
N GLN A 13 -11.53 -1.59 24.98
CA GLN A 13 -11.39 -0.87 23.71
C GLN A 13 -11.18 0.62 23.92
N LEU A 14 -11.98 1.25 24.78
CA LEU A 14 -11.85 2.69 25.04
C LEU A 14 -10.57 3.05 25.77
N GLU A 15 -10.02 2.09 26.51
CA GLU A 15 -8.80 2.32 27.26
C GLU A 15 -7.60 2.27 26.32
N LYS A 16 -7.64 1.37 25.35
CA LYS A 16 -6.53 1.22 24.42
C LYS A 16 -6.37 2.40 23.47
N VAL A 17 -7.47 3.07 23.11
CA VAL A 17 -7.36 4.20 22.21
C VAL A 17 -6.81 5.39 22.99
N ALA A 18 -7.18 5.47 24.27
CA ALA A 18 -6.70 6.55 25.14
C ALA A 18 -5.16 6.48 25.27
N GLU A 19 -4.65 5.27 25.39
CA GLU A 19 -3.21 5.08 25.52
C GLU A 19 -2.49 5.62 24.29
N GLN A 20 -3.21 5.68 23.19
CA GLN A 20 -2.63 6.13 21.95
C GLN A 20 -2.62 7.64 21.75
N PHE A 21 -3.07 8.38 22.76
CA PHE A 21 -3.10 9.81 22.67
C PHE A 21 -2.62 10.52 23.92
N PRO A 22 -1.37 10.25 24.33
CA PRO A 22 -0.82 10.88 25.52
C PRO A 22 -0.55 12.36 25.23
N THR A 23 -0.51 13.17 26.29
CA THR A 23 -0.27 14.61 26.13
C THR A 23 1.20 14.92 25.86
N PHE A 24 1.46 15.59 24.75
CA PHE A 24 2.81 15.94 24.34
C PHE A 24 3.29 17.26 24.96
N GLN A 25 4.44 17.22 25.60
CA GLN A 25 4.99 18.40 26.28
C GLN A 25 6.52 18.44 26.27
N ILE A 26 7.06 19.65 26.11
CA ILE A 26 8.50 19.88 26.11
C ILE A 26 8.87 20.68 27.37
N LEU A 27 8.13 21.76 27.62
CA LEU A 27 8.35 22.63 28.77
C LEU A 27 7.25 22.56 29.82
N ASN A 28 7.60 22.30 31.08
CA ASN A 28 6.59 22.26 32.13
C ASN A 28 6.27 23.69 32.57
N GLU A 29 5.42 23.84 33.59
CA GLU A 29 5.00 25.15 34.07
C GLU A 29 6.09 25.99 34.72
N GLU A 30 7.31 25.45 34.83
CA GLU A 30 8.43 26.16 35.45
C GLU A 30 9.51 26.60 34.47
N GLY A 31 9.37 26.23 33.20
CA GLY A 31 10.36 26.60 32.22
C GLY A 31 11.40 25.53 32.03
N GLU A 32 11.25 24.43 32.77
CA GLU A 32 12.16 23.30 32.70
C GLU A 32 11.85 22.37 31.53
N VAL A 33 12.90 21.92 30.84
CA VAL A 33 12.73 21.00 29.72
C VAL A 33 12.50 19.60 30.30
N VAL A 34 11.35 19.03 29.99
CA VAL A 34 11.02 17.70 30.48
C VAL A 34 11.03 16.67 29.36
N ASN A 35 11.45 17.08 28.17
CA ASN A 35 11.50 16.20 27.00
C ASN A 35 12.67 16.58 26.08
N GLU A 36 13.90 16.33 26.53
CA GLU A 36 15.07 16.64 25.74
C GLU A 36 15.02 15.99 24.36
N GLU A 37 14.73 14.70 24.32
CA GLU A 37 14.66 13.94 23.07
C GLU A 37 13.85 14.57 21.93
N ALA A 38 12.95 15.49 22.25
CA ALA A 38 12.13 16.10 21.21
C ALA A 38 12.35 17.60 21.03
N MET A 39 13.25 18.18 21.81
CA MET A 39 13.56 19.61 21.73
C MET A 39 13.79 20.05 20.29
N PRO A 40 13.06 21.08 19.83
CA PRO A 40 13.20 21.58 18.46
C PRO A 40 14.52 22.32 18.25
N GLU A 41 14.96 22.36 17.00
CA GLU A 41 16.20 23.05 16.66
C GLU A 41 15.89 24.51 16.33
N LEU A 42 16.23 25.39 17.27
CA LEU A 42 16.00 26.83 17.12
C LEU A 42 17.17 27.64 17.64
N SER A 43 17.69 28.52 16.79
CA SER A 43 18.83 29.37 17.19
C SER A 43 18.40 30.34 18.28
N ASP A 44 19.38 31.04 18.85
CA ASP A 44 19.09 31.99 19.92
C ASP A 44 18.20 33.12 19.40
N GLU A 45 18.50 33.59 18.20
CA GLU A 45 17.74 34.69 17.61
C GLU A 45 16.31 34.32 17.20
N GLN A 46 16.05 33.04 16.99
CA GLN A 46 14.69 32.62 16.63
C GLN A 46 13.82 32.50 17.89
N LEU A 47 14.44 32.12 19.00
CA LEU A 47 13.73 31.99 20.25
C LEU A 47 13.32 33.39 20.75
N LYS A 48 14.21 34.36 20.55
CA LYS A 48 13.93 35.73 20.96
C LYS A 48 12.79 36.29 20.12
N GLU A 49 12.80 35.98 18.83
CA GLU A 49 11.78 36.45 17.91
C GLU A 49 10.42 35.81 18.23
N LEU A 50 10.46 34.59 18.76
CA LEU A 50 9.25 33.88 19.13
C LEU A 50 8.63 34.50 20.38
N MET A 51 9.48 35.01 21.27
CA MET A 51 9.02 35.64 22.51
C MET A 51 8.49 37.03 22.23
N ARG A 52 9.20 37.80 21.42
CA ARG A 52 8.78 39.16 21.08
C ARG A 52 7.39 39.16 20.50
N ARG A 53 7.13 38.22 19.60
CA ARG A 53 5.83 38.11 18.97
C ARG A 53 4.72 37.73 19.95
N MET A 54 5.03 36.87 20.92
CA MET A 54 4.02 36.46 21.88
C MET A 54 3.67 37.58 22.85
N VAL A 55 4.67 38.37 23.23
CA VAL A 55 4.47 39.49 24.13
C VAL A 55 3.71 40.56 23.36
N TYR A 56 4.12 40.79 22.12
CA TYR A 56 3.48 41.77 21.28
C TYR A 56 2.00 41.43 21.12
N THR A 57 1.70 40.17 20.87
CA THR A 57 0.32 39.71 20.66
C THR A 57 -0.55 39.84 21.91
N ARG A 58 0.06 39.69 23.08
CA ARG A 58 -0.64 39.83 24.36
C ARG A 58 -1.00 41.30 24.57
N ILE A 59 -0.12 42.19 24.11
CA ILE A 59 -0.36 43.63 24.25
C ILE A 59 -1.47 44.07 23.29
N LEU A 60 -1.51 43.41 22.13
CA LEU A 60 -2.52 43.72 21.12
C LEU A 60 -3.90 43.42 21.67
N ASP A 61 -4.04 42.27 22.31
CA ASP A 61 -5.32 41.85 22.89
C ASP A 61 -5.82 42.87 23.92
N GLN A 62 -4.93 43.31 24.81
CA GLN A 62 -5.30 44.28 25.84
C GLN A 62 -5.76 45.62 25.26
N ARG A 63 -5.09 46.08 24.21
CA ARG A 63 -5.47 47.34 23.58
C ARG A 63 -6.77 47.13 22.80
N SER A 64 -6.88 46.03 22.07
CA SER A 64 -8.09 45.74 21.29
C SER A 64 -9.33 45.75 22.17
N ILE A 65 -9.20 45.26 23.40
CA ILE A 65 -10.32 45.24 24.32
C ILE A 65 -10.61 46.67 24.76
N SER A 66 -9.57 47.41 25.09
CA SER A 66 -9.74 48.79 25.50
C SER A 66 -10.43 49.55 24.36
N LEU A 67 -9.84 49.49 23.17
CA LEU A 67 -10.40 50.18 22.03
C LEU A 67 -11.84 49.79 21.71
N ASN A 68 -12.20 48.53 21.95
CA ASN A 68 -13.56 48.11 21.67
C ASN A 68 -14.52 48.71 22.70
N ARG A 69 -14.09 48.77 23.95
CA ARG A 69 -14.93 49.36 24.97
C ARG A 69 -15.11 50.87 24.71
N GLN A 70 -14.13 51.48 24.06
CA GLN A 70 -14.20 52.91 23.74
C GLN A 70 -15.05 53.12 22.50
N GLY A 71 -15.50 52.02 21.89
CA GLY A 71 -16.30 52.12 20.69
C GLY A 71 -15.45 52.38 19.45
N ARG A 72 -14.13 52.20 19.57
CA ARG A 72 -13.22 52.43 18.45
C ARG A 72 -12.89 51.21 17.60
N LEU A 73 -13.38 50.05 18.02
CA LEU A 73 -13.22 48.79 17.28
C LEU A 73 -14.57 48.11 17.37
N GLY A 74 -14.86 47.24 16.42
CA GLY A 74 -16.14 46.55 16.42
C GLY A 74 -16.02 45.15 17.00
N PHE A 75 -16.52 44.17 16.25
CA PHE A 75 -16.47 42.78 16.68
C PHE A 75 -15.04 42.39 17.01
N TYR A 76 -14.87 41.69 18.13
CA TYR A 76 -13.55 41.24 18.56
C TYR A 76 -13.62 40.04 19.51
N ALA A 77 -12.81 39.03 19.22
CA ALA A 77 -12.74 37.81 20.01
C ALA A 77 -11.35 37.71 20.65
N PRO A 78 -11.28 37.88 21.98
CA PRO A 78 -10.06 37.83 22.79
C PRO A 78 -9.18 36.59 22.60
N THR A 79 -7.88 36.80 22.47
CA THR A 79 -6.94 35.71 22.26
C THR A 79 -5.97 35.49 23.42
N ALA A 80 -6.06 36.31 24.47
CA ALA A 80 -5.14 36.17 25.61
C ALA A 80 -5.19 34.78 26.27
N GLY A 81 -4.02 34.16 26.37
CA GLY A 81 -3.92 32.83 26.97
C GLY A 81 -3.66 31.80 25.88
N GLN A 82 -3.96 32.16 24.64
CA GLN A 82 -3.75 31.25 23.53
C GLN A 82 -2.58 31.62 22.61
N GLU A 83 -1.57 32.29 23.15
CA GLU A 83 -0.43 32.72 22.33
C GLU A 83 0.47 31.60 21.83
N ALA A 84 0.69 30.58 22.64
CA ALA A 84 1.55 29.48 22.22
C ALA A 84 0.88 28.74 21.06
N SER A 85 -0.34 28.27 21.27
CA SER A 85 -1.06 27.54 20.23
C SER A 85 -1.31 28.37 18.97
N GLN A 86 -1.22 29.70 19.08
CA GLN A 86 -1.45 30.56 17.91
C GLN A 86 -0.16 31.03 17.24
N ILE A 87 0.67 31.72 18.01
CA ILE A 87 1.93 32.27 17.50
C ILE A 87 3.01 31.21 17.24
N ALA A 88 3.17 30.28 18.16
CA ALA A 88 4.21 29.25 17.99
C ALA A 88 3.88 28.29 16.87
N SER A 89 2.59 28.16 16.53
CA SER A 89 2.17 27.27 15.45
C SER A 89 2.45 27.96 14.11
N HIS A 90 2.14 29.24 14.04
CA HIS A 90 2.38 29.99 12.82
C HIS A 90 3.89 30.14 12.56
N PHE A 91 4.68 30.13 13.62
CA PHE A 91 6.12 30.27 13.51
C PHE A 91 6.78 29.12 12.73
N ALA A 92 6.08 28.00 12.60
CA ALA A 92 6.62 26.83 11.89
C ALA A 92 6.29 26.80 10.42
N LEU A 93 5.50 27.77 9.96
CA LEU A 93 5.12 27.83 8.57
C LEU A 93 6.11 28.66 7.77
N GLU A 94 5.97 28.60 6.44
CA GLU A 94 6.81 29.36 5.52
C GLU A 94 5.90 30.35 4.79
N LYS A 95 6.51 31.34 4.13
CA LYS A 95 5.79 32.37 3.40
C LYS A 95 4.79 31.84 2.35
N GLU A 96 5.03 30.64 1.82
CA GLU A 96 4.13 30.10 0.81
C GLU A 96 2.97 29.26 1.37
N ASP A 97 2.97 28.99 2.66
CA ASP A 97 1.90 28.20 3.24
C ASP A 97 0.63 29.04 3.33
N PHE A 98 -0.51 28.39 3.07
CA PHE A 98 -1.80 29.06 3.07
C PHE A 98 -2.55 28.92 4.40
N ILE A 99 -2.95 30.05 4.97
CA ILE A 99 -3.67 30.01 6.23
C ILE A 99 -5.18 30.28 6.09
N LEU A 100 -6.00 29.36 6.59
CA LEU A 100 -7.46 29.55 6.59
C LEU A 100 -7.83 29.65 8.07
N PRO A 101 -7.86 30.87 8.60
CA PRO A 101 -8.19 31.19 10.01
C PRO A 101 -9.67 31.20 10.38
N GLY A 102 -9.93 31.19 11.69
CA GLY A 102 -11.29 31.25 12.20
C GLY A 102 -11.49 32.70 12.65
N TYR A 103 -12.64 33.01 13.25
CA TYR A 103 -12.92 34.38 13.72
C TYR A 103 -12.00 34.82 14.87
N ARG A 104 -11.40 33.87 15.56
CA ARG A 104 -10.51 34.20 16.69
C ARG A 104 -9.03 34.19 16.28
N ASP A 105 -8.74 33.76 15.05
CA ASP A 105 -7.35 33.67 14.60
C ASP A 105 -6.81 34.89 13.83
N VAL A 106 -7.01 36.08 14.37
CA VAL A 106 -6.50 37.28 13.70
C VAL A 106 -4.96 37.43 13.85
N PRO A 107 -4.42 37.06 15.02
CA PRO A 107 -2.96 37.18 15.20
C PRO A 107 -2.19 36.51 14.07
N GLN A 108 -2.49 35.24 13.82
CA GLN A 108 -1.80 34.49 12.78
C GLN A 108 -1.71 35.22 11.45
N ILE A 109 -2.82 35.73 10.95
CA ILE A 109 -2.76 36.42 9.68
C ILE A 109 -2.02 37.77 9.74
N ILE A 110 -1.92 38.37 10.92
CA ILE A 110 -1.16 39.62 11.05
C ILE A 110 0.32 39.31 10.82
N TRP A 111 0.78 38.22 11.41
CA TRP A 111 2.19 37.84 11.28
C TRP A 111 2.55 37.25 9.93
N HIS A 112 1.53 36.84 9.19
CA HIS A 112 1.75 36.24 7.89
C HIS A 112 1.77 37.28 6.77
N GLY A 113 1.51 38.53 7.11
CA GLY A 113 1.53 39.58 6.10
C GLY A 113 0.41 40.60 6.07
N LEU A 114 -0.67 40.35 6.79
CA LEU A 114 -1.78 41.28 6.80
C LEU A 114 -1.47 42.50 7.67
N PRO A 115 -1.35 43.69 7.04
CA PRO A 115 -1.06 44.93 7.78
C PRO A 115 -2.00 45.12 8.96
N LEU A 116 -1.46 45.49 10.11
CA LEU A 116 -2.24 45.70 11.32
C LEU A 116 -3.46 46.63 11.16
N TYR A 117 -3.32 47.72 10.41
CA TYR A 117 -4.47 48.61 10.27
C TYR A 117 -5.62 47.89 9.56
N GLN A 118 -5.28 46.98 8.65
CA GLN A 118 -6.31 46.24 7.95
C GLN A 118 -7.04 45.24 8.86
N ALA A 119 -6.44 44.89 10.00
CA ALA A 119 -7.10 43.97 10.92
C ALA A 119 -8.10 44.74 11.77
N PHE A 120 -7.90 46.04 11.91
CA PHE A 120 -8.83 46.85 12.70
C PHE A 120 -10.05 47.19 11.83
N LEU A 121 -9.82 47.33 10.53
CA LEU A 121 -10.91 47.63 9.62
C LEU A 121 -11.79 46.38 9.54
N PHE A 122 -11.17 45.21 9.67
CA PHE A 122 -11.93 43.97 9.64
C PHE A 122 -12.89 44.00 10.83
N SER A 123 -12.35 44.33 12.00
CA SER A 123 -13.13 44.42 13.22
C SER A 123 -14.30 45.41 13.07
N ARG A 124 -14.01 46.60 12.58
CA ARG A 124 -15.03 47.63 12.40
C ARG A 124 -16.08 47.29 11.35
N GLY A 125 -15.72 46.49 10.36
CA GLY A 125 -16.67 46.14 9.31
C GLY A 125 -16.45 47.04 8.09
N HIS A 126 -15.25 46.97 7.51
CA HIS A 126 -14.90 47.77 6.34
C HIS A 126 -14.26 46.85 5.30
N PHE A 127 -14.79 46.87 4.08
CA PHE A 127 -14.29 46.00 3.01
C PHE A 127 -12.78 46.09 2.76
N HIS A 128 -12.19 47.27 2.90
CA HIS A 128 -10.75 47.41 2.68
C HIS A 128 -9.96 46.54 3.64
N GLY A 129 -10.54 46.24 4.79
CA GLY A 129 -9.86 45.41 5.76
C GLY A 129 -9.73 43.98 5.29
N ASN A 130 -10.62 43.57 4.40
CA ASN A 130 -10.56 42.21 3.86
C ASN A 130 -9.76 42.10 2.56
N GLN A 131 -9.40 43.22 1.96
CA GLN A 131 -8.62 43.19 0.71
C GLN A 131 -7.18 42.84 1.04
N ILE A 132 -6.93 41.55 1.13
CA ILE A 132 -5.60 41.02 1.43
C ILE A 132 -4.59 41.37 0.35
N PRO A 133 -3.39 41.83 0.73
CA PRO A 133 -2.37 42.20 -0.28
C PRO A 133 -2.02 40.97 -1.12
N GLU A 134 -1.72 41.19 -2.40
CA GLU A 134 -1.39 40.06 -3.26
C GLU A 134 -0.10 39.42 -2.80
N GLY A 135 -0.04 38.08 -2.89
CA GLY A 135 1.16 37.38 -2.44
C GLY A 135 1.14 36.93 -1.00
N VAL A 136 0.24 37.49 -0.20
CA VAL A 136 0.13 37.08 1.20
C VAL A 136 -0.98 36.03 1.16
N ASN A 137 -0.60 34.79 1.45
CA ASN A 137 -1.52 33.66 1.37
C ASN A 137 -2.46 33.41 2.54
N VAL A 138 -3.53 34.20 2.63
CA VAL A 138 -4.50 34.06 3.71
C VAL A 138 -5.92 34.45 3.29
N LEU A 139 -6.91 33.94 4.03
CA LEU A 139 -8.30 34.32 3.80
C LEU A 139 -8.69 35.18 5.00
N PRO A 140 -9.73 36.00 4.85
CA PRO A 140 -10.13 36.81 6.02
C PRO A 140 -10.70 35.78 7.00
N PRO A 141 -10.73 36.09 8.31
CA PRO A 141 -11.27 35.14 9.28
C PRO A 141 -12.65 34.57 8.89
N GLN A 142 -12.86 33.28 9.14
CA GLN A 142 -14.14 32.62 8.82
C GLN A 142 -15.09 32.62 10.02
N ILE A 143 -16.33 33.08 9.79
CA ILE A 143 -17.33 33.10 10.85
C ILE A 143 -18.14 31.82 10.99
N ILE A 144 -18.45 31.19 9.87
CA ILE A 144 -19.22 29.95 9.89
C ILE A 144 -18.34 28.80 10.37
N ILE A 145 -18.53 28.40 11.63
CA ILE A 145 -17.74 27.34 12.22
C ILE A 145 -17.79 26.04 11.41
N GLY A 146 -16.61 25.57 10.98
CA GLY A 146 -16.52 24.35 10.22
C GLY A 146 -16.24 24.52 8.75
N ALA A 147 -16.69 25.63 8.17
CA ALA A 147 -16.50 25.87 6.76
C ALA A 147 -15.02 25.94 6.34
N GLN A 148 -14.17 26.51 7.21
CA GLN A 148 -12.74 26.61 6.88
C GLN A 148 -12.06 25.24 6.78
N TYR A 149 -12.67 24.21 7.35
CA TYR A 149 -12.07 22.88 7.26
C TYR A 149 -12.26 22.23 5.88
N ILE A 150 -13.48 22.25 5.36
CA ILE A 150 -13.69 21.65 4.06
C ILE A 150 -12.97 22.48 3.00
N GLN A 151 -12.75 23.76 3.29
CA GLN A 151 -12.07 24.64 2.36
C GLN A 151 -10.56 24.40 2.31
N ALA A 152 -9.97 24.01 3.44
CA ALA A 152 -8.53 23.74 3.49
C ALA A 152 -8.16 22.49 2.69
N ALA A 153 -9.07 21.51 2.65
CA ALA A 153 -8.81 20.28 1.92
C ALA A 153 -8.74 20.58 0.44
N GLY A 154 -9.40 21.67 0.04
CA GLY A 154 -9.41 22.10 -1.34
C GLY A 154 -8.13 22.83 -1.67
N VAL A 155 -7.76 23.80 -0.84
CA VAL A 155 -6.52 24.53 -1.05
C VAL A 155 -5.38 23.53 -1.08
N ALA A 156 -5.43 22.55 -0.18
CA ALA A 156 -4.39 21.55 -0.08
C ALA A 156 -4.31 20.72 -1.35
N LEU A 157 -5.43 20.11 -1.77
CA LEU A 157 -5.45 19.30 -2.98
C LEU A 157 -4.86 20.15 -4.11
N GLY A 158 -5.12 21.45 -4.05
CA GLY A 158 -4.59 22.35 -5.04
C GLY A 158 -3.06 22.42 -5.03
N LEU A 159 -2.49 22.67 -3.86
CA LEU A 159 -1.02 22.75 -3.79
C LEU A 159 -0.42 21.48 -4.36
N LYS A 160 -0.98 20.34 -3.97
CA LYS A 160 -0.49 19.04 -4.44
C LYS A 160 -0.48 18.97 -5.97
N MET A 161 -1.52 19.49 -6.61
CA MET A 161 -1.61 19.46 -8.06
C MET A 161 -0.62 20.38 -8.79
N ARG A 162 -0.33 21.55 -8.22
CA ARG A 162 0.63 22.45 -8.84
C ARG A 162 2.05 21.95 -8.58
N GLY A 163 2.20 21.01 -7.64
CA GLY A 163 3.51 20.47 -7.32
C GLY A 163 4.26 21.31 -6.29
N LYS A 164 3.64 22.40 -5.85
CA LYS A 164 4.24 23.29 -4.87
C LYS A 164 4.47 22.56 -3.56
N LYS A 165 5.61 22.82 -2.93
CA LYS A 165 5.95 22.18 -1.65
C LYS A 165 5.53 23.06 -0.47
N ALA A 166 4.23 23.34 -0.37
CA ALA A 166 3.69 24.17 0.70
C ALA A 166 2.57 23.41 1.40
N VAL A 167 2.04 23.96 2.48
CA VAL A 167 0.94 23.30 3.19
C VAL A 167 -0.22 24.26 3.47
N ALA A 168 -1.40 23.70 3.67
CA ALA A 168 -2.57 24.51 4.01
C ALA A 168 -2.82 24.22 5.49
N ILE A 169 -2.90 25.26 6.31
CA ILE A 169 -3.15 25.07 7.73
C ILE A 169 -4.45 25.80 8.09
N THR A 170 -5.25 25.20 8.97
CA THR A 170 -6.51 25.83 9.38
C THR A 170 -6.77 25.64 10.87
N TYR A 171 -7.54 26.54 11.48
CA TYR A 171 -7.84 26.44 12.90
C TYR A 171 -9.33 26.45 13.24
N THR A 172 -9.71 25.70 14.27
CA THR A 172 -11.10 25.64 14.75
C THR A 172 -11.05 25.40 16.27
N GLY A 173 -12.20 25.51 16.93
CA GLY A 173 -12.25 25.32 18.37
C GLY A 173 -12.83 23.98 18.79
N ASP A 174 -12.83 23.70 20.10
CA ASP A 174 -13.36 22.43 20.59
C ASP A 174 -14.80 22.22 20.14
N GLY A 175 -15.63 23.26 20.27
CA GLY A 175 -17.01 23.17 19.86
C GLY A 175 -17.13 22.82 18.39
N GLY A 176 -16.20 23.35 17.59
CA GLY A 176 -16.20 23.09 16.16
C GLY A 176 -16.04 21.66 15.73
N THR A 177 -15.42 20.82 16.56
CA THR A 177 -15.23 19.40 16.20
C THR A 177 -16.56 18.65 16.14
N SER A 178 -17.64 19.30 16.59
CA SER A 178 -18.97 18.68 16.54
C SER A 178 -19.64 18.84 15.17
N GLN A 179 -19.24 19.86 14.41
CA GLN A 179 -19.80 20.13 13.09
C GLN A 179 -19.47 19.05 12.07
N GLY A 180 -20.41 18.77 11.18
CA GLY A 180 -20.19 17.77 10.15
C GLY A 180 -19.11 18.17 9.16
N ASP A 181 -18.95 19.48 8.93
CA ASP A 181 -17.92 19.93 8.01
C ASP A 181 -16.52 19.64 8.57
N PHE A 182 -16.39 19.66 9.88
CA PHE A 182 -15.10 19.35 10.49
C PHE A 182 -14.69 17.94 10.07
N TYR A 183 -15.64 17.01 10.16
CA TYR A 183 -15.43 15.62 9.82
C TYR A 183 -15.19 15.40 8.33
N GLU A 184 -16.02 16.02 7.50
CA GLU A 184 -15.87 15.87 6.07
C GLU A 184 -14.54 16.42 5.59
N GLY A 185 -14.09 17.50 6.22
CA GLY A 185 -12.83 18.12 5.85
C GLY A 185 -11.59 17.25 6.06
N ILE A 186 -11.40 16.74 7.27
CA ILE A 186 -10.24 15.92 7.53
C ILE A 186 -10.33 14.58 6.81
N ASN A 187 -11.55 14.10 6.53
CA ASN A 187 -11.73 12.83 5.83
C ASN A 187 -11.41 12.99 4.35
N PHE A 188 -11.86 14.11 3.77
CA PHE A 188 -11.58 14.42 2.36
C PHE A 188 -10.07 14.60 2.16
N ALA A 189 -9.40 15.23 3.12
CA ALA A 189 -7.97 15.45 3.03
C ALA A 189 -7.25 14.10 3.07
N GLY A 190 -7.77 13.18 3.86
CA GLY A 190 -7.18 11.87 3.96
C GLY A 190 -7.34 11.02 2.71
N ALA A 191 -8.55 11.03 2.13
CA ALA A 191 -8.82 10.24 0.93
C ALA A 191 -7.93 10.66 -0.24
N PHE A 192 -7.62 11.96 -0.32
CA PHE A 192 -6.79 12.50 -1.39
C PHE A 192 -5.31 12.58 -0.99
N LYS A 193 -4.99 12.22 0.25
CA LYS A 193 -3.61 12.27 0.73
C LYS A 193 -3.01 13.68 0.50
N ALA A 194 -3.78 14.71 0.88
CA ALA A 194 -3.39 16.10 0.68
C ALA A 194 -2.62 16.74 1.85
N PRO A 195 -1.68 17.66 1.53
CA PRO A 195 -0.84 18.36 2.52
C PRO A 195 -1.59 19.40 3.33
N ALA A 196 -2.28 18.95 4.37
CA ALA A 196 -3.05 19.85 5.23
C ALA A 196 -2.81 19.61 6.72
N ILE A 197 -2.69 20.70 7.46
CA ILE A 197 -2.48 20.65 8.90
C ILE A 197 -3.76 21.18 9.57
N PHE A 198 -4.43 20.31 10.32
CA PHE A 198 -5.66 20.73 10.98
C PHE A 198 -5.43 20.96 12.47
N VAL A 199 -5.56 22.21 12.90
CA VAL A 199 -5.37 22.55 14.31
C VAL A 199 -6.68 22.83 15.08
N VAL A 200 -6.87 22.15 16.21
CA VAL A 200 -8.07 22.35 17.04
C VAL A 200 -7.61 22.98 18.36
N GLN A 201 -8.10 24.17 18.67
CA GLN A 201 -7.74 24.84 19.91
C GLN A 201 -8.80 24.57 20.99
N ASN A 202 -8.48 23.64 21.87
CA ASN A 202 -9.35 23.22 22.95
C ASN A 202 -9.17 24.09 24.21
N ASN A 203 -9.95 25.15 24.35
CA ASN A 203 -9.83 25.99 25.53
C ASN A 203 -10.94 25.66 26.52
N ARG A 204 -11.48 24.43 26.41
CA ARG A 204 -12.50 23.90 27.32
C ARG A 204 -13.94 24.39 27.23
N PHE A 205 -14.20 25.45 26.47
CA PHE A 205 -15.58 25.95 26.39
C PHE A 205 -15.99 26.44 25.01
N ALA A 206 -17.24 26.13 24.64
CA ALA A 206 -17.80 26.64 23.39
C ALA A 206 -18.86 27.59 23.97
N ILE A 207 -18.49 28.86 24.09
CA ILE A 207 -19.33 29.90 24.69
C ILE A 207 -19.45 29.35 26.12
N SER A 208 -20.66 29.12 26.62
CA SER A 208 -20.81 28.56 27.96
C SER A 208 -20.91 27.05 28.11
N THR A 209 -20.73 26.34 27.00
CA THR A 209 -20.82 24.89 27.00
C THR A 209 -19.46 24.23 27.19
N PRO A 210 -19.30 23.49 28.30
CA PRO A 210 -18.04 22.80 28.58
C PRO A 210 -17.83 21.70 27.54
N VAL A 211 -16.57 21.40 27.24
CA VAL A 211 -16.26 20.39 26.23
C VAL A 211 -16.77 19.00 26.59
N GLU A 212 -16.97 18.73 27.87
CA GLU A 212 -17.46 17.42 28.29
C GLU A 212 -18.90 17.16 27.83
N LYS A 213 -19.61 18.20 27.44
CA LYS A 213 -20.98 18.06 26.95
C LYS A 213 -21.00 18.04 25.43
N GLN A 214 -19.87 18.35 24.80
CA GLN A 214 -19.80 18.35 23.34
C GLN A 214 -19.72 16.93 22.78
N THR A 215 -19.06 16.05 23.51
CA THR A 215 -18.87 14.68 23.05
C THR A 215 -18.43 13.84 24.25
N VAL A 216 -18.66 12.53 24.20
CA VAL A 216 -18.22 11.68 25.30
C VAL A 216 -16.82 11.11 25.04
N ALA A 217 -16.14 11.61 24.01
CA ALA A 217 -14.79 11.16 23.68
C ALA A 217 -13.84 11.84 24.68
N LYS A 218 -12.81 11.13 25.13
CA LYS A 218 -11.90 11.70 26.12
C LYS A 218 -10.82 12.67 25.63
N THR A 219 -10.56 12.64 24.32
CA THR A 219 -9.60 13.56 23.69
C THR A 219 -10.26 13.97 22.38
N LEU A 220 -9.97 15.18 21.93
CA LEU A 220 -10.53 15.64 20.67
C LEU A 220 -9.63 15.12 19.56
N ALA A 221 -8.38 14.82 19.92
CA ALA A 221 -7.38 14.31 18.98
C ALA A 221 -7.70 12.91 18.43
N GLN A 222 -8.44 12.10 19.20
CA GLN A 222 -8.78 10.75 18.75
C GLN A 222 -9.83 10.77 17.62
N LYS A 223 -10.36 11.94 17.32
CA LYS A 223 -11.34 12.04 16.24
C LYS A 223 -10.65 11.82 14.88
N ALA A 224 -9.33 11.98 14.85
CA ALA A 224 -8.56 11.78 13.62
C ALA A 224 -8.74 10.33 13.12
N VAL A 225 -9.01 9.41 14.04
CA VAL A 225 -9.20 8.01 13.69
C VAL A 225 -10.35 7.77 12.70
N ALA A 226 -11.41 8.55 12.77
CA ALA A 226 -12.51 8.33 11.83
C ALA A 226 -12.11 8.72 10.42
N ALA A 227 -10.98 9.39 10.28
CA ALA A 227 -10.48 9.82 8.98
C ALA A 227 -9.33 8.94 8.56
N GLY A 228 -8.73 8.26 9.54
CA GLY A 228 -7.60 7.39 9.25
C GLY A 228 -6.28 8.15 9.17
N ILE A 229 -6.22 9.35 9.74
CA ILE A 229 -4.98 10.13 9.71
C ILE A 229 -4.38 10.28 11.09
N PRO A 230 -3.07 10.52 11.16
CA PRO A 230 -2.39 10.67 12.46
C PRO A 230 -2.95 11.83 13.28
N GLY A 231 -3.09 11.58 14.58
CA GLY A 231 -3.60 12.60 15.50
C GLY A 231 -2.65 12.79 16.66
N ILE A 232 -2.50 14.02 17.10
CA ILE A 232 -1.60 14.37 18.20
C ILE A 232 -2.26 15.36 19.15
N GLN A 233 -2.10 15.13 20.44
CA GLN A 233 -2.62 16.03 21.46
C GLN A 233 -1.38 16.68 22.08
N VAL A 234 -1.33 18.01 22.06
CA VAL A 234 -0.20 18.74 22.61
C VAL A 234 -0.62 19.72 23.69
N ASP A 235 0.33 20.14 24.53
CA ASP A 235 0.05 21.10 25.58
C ASP A 235 -0.06 22.47 24.89
N GLY A 236 -1.23 23.08 24.99
CA GLY A 236 -1.46 24.36 24.34
C GLY A 236 -0.88 25.61 24.98
N MET A 237 -0.19 25.45 26.10
CA MET A 237 0.42 26.59 26.78
C MET A 237 1.94 26.44 26.71
N ASP A 238 2.37 25.48 25.90
CA ASP A 238 3.78 25.17 25.70
C ASP A 238 4.25 25.61 24.31
N PRO A 239 4.97 26.74 24.24
CA PRO A 239 5.48 27.26 22.96
C PRO A 239 6.30 26.29 22.11
N LEU A 240 7.30 25.65 22.72
CA LEU A 240 8.17 24.72 21.99
C LEU A 240 7.47 23.46 21.51
N ALA A 241 6.49 22.99 22.28
CA ALA A 241 5.74 21.79 21.92
C ALA A 241 4.85 22.05 20.69
N VAL A 242 4.14 23.16 20.69
CA VAL A 242 3.27 23.45 19.56
C VAL A 242 4.12 23.68 18.32
N TYR A 243 5.31 24.24 18.51
CA TYR A 243 6.19 24.48 17.37
C TYR A 243 6.62 23.14 16.75
N ALA A 244 6.99 22.18 17.60
CA ALA A 244 7.45 20.87 17.14
C ALA A 244 6.37 20.03 16.49
N ALA A 245 5.15 20.10 17.00
CA ALA A 245 4.04 19.32 16.45
C ALA A 245 3.69 19.79 15.04
N VAL A 246 3.67 21.11 14.83
CA VAL A 246 3.37 21.62 13.51
C VAL A 246 4.51 21.36 12.53
N LYS A 247 5.75 21.47 12.99
CA LYS A 247 6.92 21.23 12.15
C LYS A 247 6.93 19.79 11.64
N ALA A 248 6.72 18.85 12.56
CA ALA A 248 6.69 17.44 12.19
C ALA A 248 5.56 17.24 11.20
N ALA A 249 4.42 17.89 11.47
CA ALA A 249 3.27 17.79 10.58
C ALA A 249 3.54 18.44 9.23
N ARG A 250 4.41 19.45 9.20
CA ARG A 250 4.73 20.10 7.95
C ARG A 250 5.60 19.17 7.09
N GLU A 251 6.67 18.63 7.67
CA GLU A 251 7.57 17.72 6.97
C GLU A 251 6.80 16.56 6.35
N ARG A 252 5.97 15.92 7.17
CA ARG A 252 5.15 14.80 6.75
C ARG A 252 4.26 15.17 5.55
N ALA A 253 3.64 16.33 5.61
CA ALA A 253 2.78 16.75 4.52
C ALA A 253 3.56 17.03 3.23
N ILE A 254 4.61 17.85 3.30
CA ILE A 254 5.40 18.19 2.11
C ILE A 254 6.13 17.02 1.46
N ASN A 255 6.09 15.87 2.11
CA ASN A 255 6.74 14.66 1.59
C ASN A 255 5.66 13.79 0.96
N GLY A 256 4.46 14.34 0.85
CA GLY A 256 3.35 13.61 0.26
C GLY A 256 2.80 12.47 1.10
N GLU A 257 2.92 12.57 2.42
CA GLU A 257 2.42 11.52 3.31
C GLU A 257 1.01 11.80 3.83
N GLY A 258 0.50 13.00 3.59
CA GLY A 258 -0.85 13.30 4.05
C GLY A 258 -1.02 14.30 5.17
N PRO A 259 -2.28 14.53 5.59
CA PRO A 259 -2.65 15.45 6.65
C PRO A 259 -2.49 14.94 8.07
N THR A 260 -2.51 15.87 9.03
CA THR A 260 -2.38 15.55 10.44
C THR A 260 -3.30 16.47 11.24
N LEU A 261 -3.88 15.92 12.31
CA LEU A 261 -4.76 16.69 13.19
C LEU A 261 -4.02 16.96 14.49
N ILE A 262 -4.01 18.21 14.94
CA ILE A 262 -3.33 18.60 16.17
C ILE A 262 -4.31 19.24 17.18
N GLU A 263 -4.46 18.63 18.34
CA GLU A 263 -5.32 19.24 19.35
C GLU A 263 -4.44 19.91 20.43
N THR A 264 -4.65 21.20 20.66
CA THR A 264 -3.89 21.90 21.69
C THR A 264 -4.77 22.15 22.91
N LEU A 265 -4.15 22.14 24.09
CA LEU A 265 -4.88 22.35 25.34
C LEU A 265 -4.43 23.67 25.91
N CYS A 266 -5.24 24.70 25.68
CA CYS A 266 -4.95 26.05 26.14
C CYS A 266 -6.12 26.57 26.96
N PHE A 267 -6.24 27.89 27.07
CA PHE A 267 -7.32 28.51 27.85
C PHE A 267 -7.41 30.01 27.50
N ARG A 268 -8.56 30.63 27.74
CA ARG A 268 -8.74 32.06 27.47
C ARG A 268 -8.92 32.81 28.77
N TYR A 269 -8.20 33.92 28.92
CA TYR A 269 -8.29 34.72 30.12
C TYR A 269 -9.43 35.75 30.09
N GLY A 270 -9.94 36.05 28.90
CA GLY A 270 -11.02 37.02 28.79
C GLY A 270 -12.34 36.44 28.29
N PRO A 271 -13.34 37.30 28.02
CA PRO A 271 -14.67 36.94 27.52
C PRO A 271 -14.69 36.21 26.18
N HIS A 272 -15.80 35.57 25.85
CA HIS A 272 -15.95 34.84 24.59
C HIS A 272 -15.72 35.83 23.44
N THR A 273 -16.43 36.96 23.49
CA THR A 273 -16.27 38.03 22.51
C THR A 273 -16.59 39.31 23.28
N MET A 274 -16.78 40.42 22.57
CA MET A 274 -17.10 41.69 23.23
C MET A 274 -18.46 42.18 22.73
N SER A 275 -19.13 41.33 21.96
CA SER A 275 -20.42 41.66 21.36
C SER A 275 -21.62 42.06 22.22
N GLY A 276 -22.14 41.14 23.02
CA GLY A 276 -23.31 41.49 23.81
C GLY A 276 -23.14 41.46 25.31
N ASP A 277 -23.77 40.47 25.92
CA ASP A 277 -23.68 40.30 27.36
C ASP A 277 -22.48 39.40 27.63
N ASP A 278 -21.77 39.05 26.57
CA ASP A 278 -20.60 38.18 26.70
C ASP A 278 -19.60 38.74 27.71
N PRO A 279 -19.32 40.05 27.67
CA PRO A 279 -18.37 40.60 28.65
C PRO A 279 -18.86 40.44 30.09
N THR A 280 -20.14 40.13 30.27
CA THR A 280 -20.70 39.94 31.61
C THR A 280 -21.24 38.53 31.80
N ARG A 281 -20.95 37.64 30.86
CA ARG A 281 -21.41 36.28 30.98
C ARG A 281 -20.61 35.60 32.08
N TYR A 282 -21.25 34.63 32.76
CA TYR A 282 -20.61 33.90 33.84
C TYR A 282 -19.22 33.37 33.48
N ARG A 283 -18.29 33.55 34.41
CA ARG A 283 -16.91 33.08 34.26
C ARG A 283 -16.58 32.46 35.61
N SER A 284 -15.97 31.28 35.60
CA SER A 284 -15.64 30.57 36.85
C SER A 284 -14.72 31.33 37.81
N LYS A 285 -13.70 32.00 37.29
CA LYS A 285 -12.76 32.76 38.12
C LYS A 285 -12.03 31.98 39.24
N GLU A 286 -12.53 30.80 39.59
CA GLU A 286 -11.78 29.82 40.37
C GLU A 286 -10.98 28.97 39.38
N LEU A 287 -11.51 28.86 38.16
CA LEU A 287 -10.87 28.10 37.09
C LEU A 287 -9.85 28.96 36.34
N GLU A 288 -10.02 30.27 36.43
CA GLU A 288 -9.14 31.23 35.78
C GLU A 288 -7.79 31.34 36.49
N ASN A 289 -7.84 31.49 37.81
CA ASN A 289 -6.62 31.60 38.61
C ASN A 289 -5.74 30.37 38.39
N GLU A 290 -6.37 29.21 38.32
CA GLU A 290 -5.65 27.97 38.13
C GLU A 290 -4.87 27.96 36.81
N TRP A 291 -5.52 28.31 35.71
CA TRP A 291 -4.85 28.34 34.42
C TRP A 291 -3.93 29.56 34.30
N ALA A 292 -4.06 30.51 35.20
CA ALA A 292 -3.24 31.71 35.18
C ALA A 292 -1.77 31.40 35.47
N LYS A 293 -1.53 30.38 36.29
CA LYS A 293 -0.17 30.00 36.62
C LYS A 293 0.48 29.24 35.47
N LYS A 294 -0.34 28.72 34.57
CA LYS A 294 0.13 27.94 33.42
C LYS A 294 0.43 28.81 32.20
N ASP A 295 0.40 30.12 32.39
CA ASP A 295 0.63 31.07 31.30
C ASP A 295 1.84 30.81 30.41
N PRO A 296 1.62 30.73 29.09
CA PRO A 296 2.70 30.50 28.12
C PRO A 296 3.85 31.49 28.26
N LEU A 297 3.54 32.77 28.41
CA LEU A 297 4.59 33.79 28.57
C LEU A 297 5.42 33.54 29.81
N VAL A 298 4.76 33.16 30.91
CA VAL A 298 5.42 32.89 32.18
C VAL A 298 6.55 31.87 32.07
N ARG A 299 6.25 30.68 31.58
CA ARG A 299 7.25 29.62 31.47
C ARG A 299 8.30 29.83 30.38
N PHE A 300 7.92 30.44 29.26
CA PHE A 300 8.89 30.66 28.20
C PHE A 300 9.82 31.78 28.64
N ARG A 301 9.30 32.67 29.49
CA ARG A 301 10.11 33.75 30.01
C ARG A 301 11.27 33.12 30.79
N LYS A 302 10.93 32.28 31.77
CA LYS A 302 11.93 31.61 32.61
C LYS A 302 12.87 30.70 31.82
N PHE A 303 12.38 30.17 30.71
CA PHE A 303 13.20 29.29 29.89
C PHE A 303 14.33 30.09 29.24
N LEU A 304 14.00 31.29 28.76
CA LEU A 304 14.98 32.14 28.11
C LEU A 304 15.92 32.84 29.07
N GLU A 305 15.40 33.29 30.20
CA GLU A 305 16.23 33.98 31.20
C GLU A 305 17.30 33.04 31.74
N ALA A 306 16.94 31.78 31.92
CA ALA A 306 17.87 30.77 32.42
C ALA A 306 19.03 30.61 31.44
N LYS A 307 18.78 30.99 30.18
CA LYS A 307 19.78 30.91 29.12
C LYS A 307 20.34 32.30 28.79
N GLY A 308 20.03 33.28 29.63
CA GLY A 308 20.50 34.64 29.39
C GLY A 308 20.16 35.12 27.99
N LEU A 309 18.89 35.02 27.62
CA LEU A 309 18.45 35.45 26.29
C LEU A 309 17.34 36.49 26.37
N TRP A 310 16.82 36.71 27.57
CA TRP A 310 15.75 37.67 27.76
C TRP A 310 15.96 38.48 29.04
N SER A 311 15.92 39.80 28.89
CA SER A 311 16.09 40.72 30.02
C SER A 311 14.76 41.46 30.17
N GLU A 312 14.58 42.11 31.32
CA GLU A 312 13.35 42.87 31.54
C GLU A 312 13.42 44.20 30.80
N GLU A 313 14.48 44.40 30.03
CA GLU A 313 14.66 45.62 29.26
C GLU A 313 14.23 45.43 27.81
N GLU A 314 14.25 44.19 27.33
CA GLU A 314 13.81 43.90 25.96
C GLU A 314 12.29 43.82 25.95
N GLU A 315 11.74 43.31 27.05
CA GLU A 315 10.31 43.17 27.23
C GLU A 315 9.63 44.54 27.14
N ASN A 316 10.16 45.50 27.89
CA ASN A 316 9.64 46.87 27.89
C ASN A 316 9.76 47.45 26.49
N ASN A 317 10.86 47.16 25.80
CA ASN A 317 11.04 47.67 24.44
C ASN A 317 9.93 47.18 23.55
N VAL A 318 9.73 45.86 23.53
CA VAL A 318 8.68 45.28 22.70
C VAL A 318 7.30 45.81 23.09
N ILE A 319 7.11 46.10 24.37
CA ILE A 319 5.82 46.61 24.80
C ILE A 319 5.57 48.02 24.33
N GLU A 320 6.61 48.85 24.30
CA GLU A 320 6.43 50.22 23.84
C GLU A 320 6.26 50.29 22.33
N GLN A 321 6.94 49.37 21.65
CA GLN A 321 6.87 49.29 20.20
C GLN A 321 5.47 48.85 19.75
N ALA A 322 4.90 47.84 20.43
CA ALA A 322 3.57 47.36 20.08
C ALA A 322 2.52 48.42 20.39
N LYS A 323 2.74 49.19 21.46
CA LYS A 323 1.80 50.24 21.82
C LYS A 323 1.83 51.36 20.77
N GLU A 324 3.00 51.67 20.24
CA GLU A 324 3.09 52.73 19.23
C GLU A 324 2.55 52.28 17.89
N GLU A 325 2.90 51.06 17.48
CA GLU A 325 2.43 50.55 16.21
C GLU A 325 0.91 50.43 16.23
N ILE A 326 0.36 50.09 17.40
CA ILE A 326 -1.08 49.97 17.54
C ILE A 326 -1.77 51.32 17.37
N LYS A 327 -1.16 52.38 17.93
CA LYS A 327 -1.71 53.74 17.84
C LYS A 327 -1.75 54.28 16.41
N GLU A 328 -0.76 53.95 15.59
CA GLU A 328 -0.76 54.44 14.22
C GLU A 328 -1.67 53.60 13.30
N ALA A 329 -1.87 52.33 13.64
CA ALA A 329 -2.74 51.50 12.83
C ALA A 329 -4.19 51.95 13.03
N ILE A 330 -4.55 52.23 14.28
CA ILE A 330 -5.89 52.68 14.60
C ILE A 330 -6.13 54.06 13.99
N LYS A 331 -5.05 54.81 13.81
CA LYS A 331 -5.12 56.15 13.22
C LYS A 331 -5.32 56.00 11.72
N LYS A 332 -4.60 55.07 11.11
CA LYS A 332 -4.69 54.84 9.67
C LYS A 332 -6.06 54.26 9.30
N ALA A 333 -6.68 53.54 10.24
CA ALA A 333 -8.00 52.96 10.00
C ALA A 333 -9.05 54.07 9.93
N ASP A 334 -8.79 55.14 10.68
CA ASP A 334 -9.67 56.30 10.72
C ASP A 334 -9.58 57.11 9.43
N GLU A 335 -8.39 57.16 8.84
CA GLU A 335 -8.16 57.92 7.62
C GLU A 335 -8.66 57.26 6.35
N THR A 336 -8.94 55.96 6.41
CA THR A 336 -9.47 55.27 5.24
C THR A 336 -10.88 55.85 5.06
N PRO A 337 -11.25 56.21 3.83
CA PRO A 337 -12.57 56.79 3.56
C PRO A 337 -13.80 55.90 3.72
N LYS A 338 -14.89 56.52 4.17
CA LYS A 338 -16.16 55.84 4.37
C LYS A 338 -16.51 55.06 3.11
N GLN A 339 -17.36 54.04 3.27
CA GLN A 339 -17.79 53.20 2.16
C GLN A 339 -19.13 53.69 1.60
N LYS A 340 -19.38 53.39 0.33
CA LYS A 340 -20.62 53.77 -0.32
C LYS A 340 -21.20 52.54 -0.99
N VAL A 341 -22.50 52.57 -1.29
CA VAL A 341 -23.15 51.45 -1.93
C VAL A 341 -22.50 51.08 -3.27
N THR A 342 -21.93 52.08 -3.96
CA THR A 342 -21.27 51.84 -5.25
C THR A 342 -20.01 50.99 -5.08
N ASP A 343 -19.32 51.17 -3.96
CA ASP A 343 -18.10 50.40 -3.68
C ASP A 343 -18.45 48.93 -3.46
N LEU A 344 -19.55 48.70 -2.74
CA LEU A 344 -19.99 47.36 -2.43
C LEU A 344 -20.60 46.66 -3.64
N ILE A 345 -21.12 47.45 -4.58
CA ILE A 345 -21.70 46.87 -5.79
C ILE A 345 -20.61 46.53 -6.82
N SER A 346 -19.59 47.39 -6.93
CA SER A 346 -18.51 47.14 -7.88
C SER A 346 -17.74 45.85 -7.59
N ILE A 347 -17.81 45.37 -6.35
CA ILE A 347 -17.12 44.13 -5.98
C ILE A 347 -18.02 42.89 -5.87
N MET A 348 -19.20 42.94 -6.48
CA MET A 348 -20.07 41.77 -6.45
C MET A 348 -19.70 40.83 -7.59
N PHE A 349 -19.26 41.39 -8.70
CA PHE A 349 -18.88 40.63 -9.87
C PHE A 349 -17.75 41.29 -10.64
N GLU A 350 -17.25 40.60 -11.67
CA GLU A 350 -16.21 41.13 -12.55
C GLU A 350 -17.02 41.96 -13.54
N GLU A 351 -18.01 41.30 -14.16
CA GLU A 351 -18.92 41.92 -15.11
C GLU A 351 -20.28 42.03 -14.43
N LEU A 352 -20.75 43.26 -14.24
CA LEU A 352 -22.03 43.50 -13.58
C LEU A 352 -23.28 43.09 -14.35
N PRO A 353 -24.11 42.22 -13.76
CA PRO A 353 -25.35 41.78 -14.42
C PRO A 353 -26.32 42.96 -14.48
N PHE A 354 -27.25 42.93 -15.43
CA PHE A 354 -28.21 44.01 -15.63
C PHE A 354 -28.84 44.65 -14.39
N ASN A 355 -29.30 43.84 -13.44
CA ASN A 355 -29.95 44.37 -12.25
C ASN A 355 -29.02 45.26 -11.40
N LEU A 356 -27.76 44.87 -11.29
CA LEU A 356 -26.78 45.65 -10.53
C LEU A 356 -26.24 46.86 -11.32
N LYS A 357 -26.23 46.73 -12.65
CA LYS A 357 -25.78 47.83 -13.51
C LYS A 357 -26.76 48.97 -13.29
N GLU A 358 -28.04 48.64 -13.34
CA GLU A 358 -29.11 49.60 -13.15
C GLU A 358 -29.05 50.18 -11.73
N GLN A 359 -28.85 49.31 -10.73
CA GLN A 359 -28.76 49.76 -9.35
C GLN A 359 -27.54 50.63 -9.08
N TYR A 360 -26.53 50.50 -9.92
CA TYR A 360 -25.31 51.30 -9.77
C TYR A 360 -25.55 52.77 -10.08
N GLU A 361 -26.39 53.05 -11.07
CA GLU A 361 -26.69 54.43 -11.45
C GLU A 361 -27.55 55.14 -10.41
N ILE A 362 -28.41 54.39 -9.75
CA ILE A 362 -29.31 54.93 -8.72
C ILE A 362 -28.58 55.41 -7.46
N TYR A 363 -27.58 54.65 -7.03
CA TYR A 363 -26.82 55.00 -5.84
C TYR A 363 -25.68 55.95 -6.16
N LYS A 364 -25.28 55.96 -7.43
CA LYS A 364 -24.22 56.85 -7.89
C LYS A 364 -24.76 58.25 -7.64
N GLU A 365 -25.93 58.51 -8.22
CA GLU A 365 -26.59 59.81 -8.08
C GLU A 365 -26.94 60.15 -6.63
N LYS A 366 -27.52 59.19 -5.91
CA LYS A 366 -27.90 59.41 -4.53
C LYS A 366 -26.68 59.68 -3.65
N GLU A 367 -25.50 59.55 -4.24
CA GLU A 367 -24.25 59.78 -3.53
C GLU A 367 -23.78 61.20 -3.80
N SER A 368 -23.64 61.53 -5.08
CA SER A 368 -23.19 62.84 -5.50
C SER A 368 -24.31 63.87 -5.31
N LYS A 369 -24.29 64.54 -4.17
CA LYS A 369 -25.30 65.54 -3.88
C LYS A 369 -26.70 64.95 -3.82
N ALA B 2 -24.58 16.94 -37.77
CA ALA B 2 -24.38 17.70 -36.49
C ALA B 2 -25.59 17.57 -35.55
N GLN B 3 -26.36 16.50 -35.72
CA GLN B 3 -27.53 16.24 -34.88
C GLN B 3 -27.09 15.68 -33.53
N MET B 4 -27.44 16.38 -32.46
CA MET B 4 -27.07 15.94 -31.12
C MET B 4 -28.23 16.01 -30.15
N THR B 5 -28.15 15.20 -29.09
CA THR B 5 -29.14 15.23 -28.02
C THR B 5 -28.51 16.22 -27.05
N MET B 6 -29.27 16.64 -26.04
CA MET B 6 -28.75 17.60 -25.08
C MET B 6 -27.59 17.08 -24.24
N VAL B 7 -27.58 15.78 -23.94
CA VAL B 7 -26.51 15.22 -23.15
C VAL B 7 -25.22 15.22 -23.95
N GLN B 8 -25.33 15.04 -25.27
CA GLN B 8 -24.16 15.03 -26.15
C GLN B 8 -23.57 16.44 -26.26
N ALA B 9 -24.42 17.45 -26.33
CA ALA B 9 -23.95 18.82 -26.44
C ALA B 9 -23.19 19.15 -25.14
N ILE B 10 -23.72 18.66 -24.02
CA ILE B 10 -23.12 18.86 -22.71
C ILE B 10 -21.70 18.28 -22.67
N THR B 11 -21.56 17.03 -23.08
CA THR B 11 -20.28 16.34 -23.09
C THR B 11 -19.29 17.03 -24.02
N ASP B 12 -19.76 17.41 -25.21
CA ASP B 12 -18.92 18.10 -26.18
C ASP B 12 -18.40 19.45 -25.64
N ALA B 13 -19.26 20.19 -24.94
CA ALA B 13 -18.87 21.46 -24.38
C ALA B 13 -17.80 21.26 -23.30
N LEU B 14 -17.87 20.12 -22.60
CA LEU B 14 -16.89 19.84 -21.55
C LEU B 14 -15.57 19.40 -22.17
N ARG B 15 -15.63 18.66 -23.28
CA ARG B 15 -14.43 18.20 -23.97
C ARG B 15 -13.63 19.38 -24.48
N ILE B 16 -14.32 20.34 -25.07
CA ILE B 16 -13.69 21.54 -25.60
C ILE B 16 -12.98 22.36 -24.53
N GLU B 17 -13.66 22.63 -23.43
CA GLU B 17 -13.08 23.42 -22.34
C GLU B 17 -11.92 22.74 -21.63
N LEU B 18 -11.88 21.40 -21.67
CA LEU B 18 -10.78 20.68 -21.04
C LEU B 18 -9.53 20.85 -21.89
N LYS B 19 -9.71 20.99 -23.20
CA LYS B 19 -8.60 21.18 -24.12
C LYS B 19 -8.01 22.59 -24.10
N ASN B 20 -8.85 23.61 -24.23
CA ASN B 20 -8.39 24.99 -24.24
C ASN B 20 -7.84 25.52 -22.92
N ASP B 21 -8.47 25.14 -21.81
CA ASP B 21 -8.03 25.62 -20.51
C ASP B 21 -7.48 24.54 -19.59
N PRO B 22 -6.14 24.46 -19.48
CA PRO B 22 -5.56 23.44 -18.61
C PRO B 22 -6.06 23.47 -17.16
N ASN B 23 -6.51 24.64 -16.70
CA ASN B 23 -7.01 24.80 -15.33
C ASN B 23 -8.37 24.15 -15.02
N VAL B 24 -9.11 23.74 -16.04
CA VAL B 24 -10.42 23.11 -15.84
C VAL B 24 -10.33 21.69 -15.27
N LEU B 25 -11.18 21.41 -14.27
CA LEU B 25 -11.22 20.11 -13.61
C LEU B 25 -12.69 19.69 -13.49
N ILE B 26 -12.96 18.38 -13.60
CA ILE B 26 -14.33 17.86 -13.50
C ILE B 26 -14.40 16.82 -12.38
N PHE B 27 -15.30 17.01 -11.41
CA PHE B 27 -15.41 16.03 -10.34
C PHE B 27 -16.76 15.93 -9.66
N GLY B 28 -16.92 14.84 -8.90
CA GLY B 28 -18.15 14.57 -8.19
C GLY B 28 -18.33 13.09 -7.96
N GLU B 29 -19.54 12.70 -7.54
CA GLU B 29 -19.83 11.29 -7.27
C GLU B 29 -20.10 10.52 -8.57
N ASP B 30 -19.27 9.51 -8.82
CA ASP B 30 -19.39 8.63 -9.99
C ASP B 30 -19.21 9.26 -11.37
N VAL B 31 -18.42 10.33 -11.46
CA VAL B 31 -18.20 10.98 -12.75
C VAL B 31 -16.92 10.58 -13.47
N GLY B 32 -16.12 9.72 -12.84
CA GLY B 32 -14.86 9.28 -13.45
C GLY B 32 -14.96 8.10 -14.39
N VAL B 33 -14.66 6.91 -13.88
CA VAL B 33 -14.70 5.69 -14.68
C VAL B 33 -16.12 5.32 -15.13
N ASN B 34 -17.10 5.66 -14.32
CA ASN B 34 -18.49 5.35 -14.64
C ASN B 34 -19.08 6.26 -15.72
N GLY B 35 -18.61 7.51 -15.77
CA GLY B 35 -19.12 8.45 -16.76
C GLY B 35 -20.39 9.15 -16.33
N GLY B 36 -20.80 8.94 -15.08
CA GLY B 36 -21.99 9.58 -14.58
C GLY B 36 -23.27 8.77 -14.66
N VAL B 37 -24.28 9.23 -13.94
CA VAL B 37 -25.59 8.59 -13.88
C VAL B 37 -26.26 8.58 -15.24
N PHE B 38 -26.09 9.66 -16.01
CA PHE B 38 -26.69 9.78 -17.32
C PHE B 38 -25.65 9.90 -18.41
N ARG B 39 -24.43 9.43 -18.11
CA ARG B 39 -23.34 9.44 -19.06
C ARG B 39 -22.96 10.81 -19.63
N ALA B 40 -23.05 11.84 -18.79
CA ALA B 40 -22.70 13.18 -19.22
C ALA B 40 -21.18 13.38 -19.32
N THR B 41 -20.44 12.74 -18.42
CA THR B 41 -18.96 12.86 -18.41
C THR B 41 -18.24 11.64 -18.99
N GLU B 42 -18.96 10.85 -19.79
CA GLU B 42 -18.38 9.64 -20.36
C GLU B 42 -17.24 9.84 -21.37
N GLY B 43 -16.17 9.08 -21.17
CA GLY B 43 -15.01 9.14 -22.04
C GLY B 43 -13.99 10.22 -21.69
N LEU B 44 -14.40 11.17 -20.87
CA LEU B 44 -13.52 12.26 -20.49
C LEU B 44 -12.29 11.86 -19.69
N GLN B 45 -12.48 11.08 -18.64
CA GLN B 45 -11.37 10.64 -17.81
C GLN B 45 -10.34 9.87 -18.62
N ALA B 46 -10.83 8.97 -19.48
CA ALA B 46 -9.95 8.16 -20.29
C ALA B 46 -9.13 8.97 -21.31
N GLU B 47 -9.54 10.20 -21.58
CA GLU B 47 -8.84 11.04 -22.53
C GLU B 47 -8.00 12.15 -21.91
N PHE B 48 -8.47 12.72 -20.80
CA PHE B 48 -7.76 13.80 -20.14
C PHE B 48 -7.06 13.43 -18.84
N GLY B 49 -7.26 12.20 -18.37
CA GLY B 49 -6.60 11.76 -17.16
C GLY B 49 -7.35 11.95 -15.84
N GLU B 50 -7.06 11.06 -14.90
CA GLU B 50 -7.69 11.08 -13.59
C GLU B 50 -7.30 12.31 -12.77
N ASP B 51 -6.19 12.94 -13.12
CA ASP B 51 -5.75 14.13 -12.40
C ASP B 51 -6.61 15.33 -12.78
N ARG B 52 -7.48 15.14 -13.77
CA ARG B 52 -8.36 16.21 -14.21
C ARG B 52 -9.84 15.82 -14.14
N VAL B 53 -10.11 14.53 -14.08
CA VAL B 53 -11.46 14.00 -14.01
C VAL B 53 -11.43 12.88 -12.99
N PHE B 54 -12.08 13.10 -11.85
CA PHE B 54 -12.07 12.12 -10.78
C PHE B 54 -13.33 12.02 -9.93
N ASP B 55 -13.42 10.92 -9.20
CA ASP B 55 -14.53 10.66 -8.29
C ASP B 55 -14.13 11.24 -6.92
N THR B 56 -15.09 11.49 -6.07
CA THR B 56 -14.81 12.02 -4.74
C THR B 56 -15.61 11.24 -3.70
N PRO B 57 -15.27 11.40 -2.42
CA PRO B 57 -16.03 10.68 -1.39
C PRO B 57 -17.48 11.19 -1.44
N LEU B 58 -18.43 10.39 -0.97
CA LEU B 58 -19.85 10.77 -0.99
C LEU B 58 -20.20 11.85 0.05
N ALA B 59 -20.14 13.11 -0.36
CA ALA B 59 -20.45 14.22 0.55
C ALA B 59 -20.50 15.56 -0.19
N GLU B 60 -21.71 16.01 -0.52
CA GLU B 60 -21.90 17.26 -1.25
C GLU B 60 -21.21 18.44 -0.57
N SER B 61 -21.45 18.61 0.72
CA SER B 61 -20.83 19.69 1.51
C SER B 61 -19.33 19.67 1.24
N GLY B 62 -18.77 18.46 1.17
CA GLY B 62 -17.36 18.30 0.92
C GLY B 62 -16.97 18.70 -0.49
N ILE B 63 -17.77 18.30 -1.47
CA ILE B 63 -17.47 18.63 -2.85
C ILE B 63 -17.46 20.15 -3.06
N GLY B 64 -18.38 20.84 -2.38
CA GLY B 64 -18.46 22.28 -2.51
C GLY B 64 -17.30 22.99 -1.86
N GLY B 65 -16.82 22.44 -0.74
CA GLY B 65 -15.69 23.05 -0.04
C GLY B 65 -14.38 22.77 -0.77
N LEU B 66 -14.37 21.69 -1.53
CA LEU B 66 -13.20 21.31 -2.29
C LEU B 66 -13.07 22.25 -3.50
N ALA B 67 -14.22 22.61 -4.08
CA ALA B 67 -14.26 23.49 -5.25
C ALA B 67 -13.78 24.89 -4.92
N ILE B 68 -14.20 25.42 -3.76
CA ILE B 68 -13.79 26.76 -3.34
C ILE B 68 -12.28 26.80 -3.18
N GLY B 69 -11.73 25.83 -2.45
CA GLY B 69 -10.30 25.77 -2.23
C GLY B 69 -9.46 25.71 -3.49
N LEU B 70 -9.88 24.87 -4.43
CA LEU B 70 -9.17 24.70 -5.70
C LEU B 70 -9.15 26.02 -6.46
N ALA B 71 -10.25 26.75 -6.39
CA ALA B 71 -10.34 28.03 -7.08
C ALA B 71 -9.30 29.01 -6.51
N LEU B 72 -9.09 28.95 -5.20
CA LEU B 72 -8.13 29.84 -4.54
C LEU B 72 -6.73 29.50 -5.02
N GLN B 73 -6.55 28.30 -5.56
CA GLN B 73 -5.25 27.90 -6.07
C GLN B 73 -5.24 27.99 -7.60
N GLY B 74 -6.07 28.90 -8.12
CA GLY B 74 -6.12 29.16 -9.54
C GLY B 74 -6.81 28.24 -10.52
N PHE B 75 -7.43 27.15 -10.04
CA PHE B 75 -8.12 26.24 -10.94
C PHE B 75 -9.52 26.73 -11.27
N ARG B 76 -10.15 26.13 -12.29
CA ARG B 76 -11.50 26.49 -12.76
C ARG B 76 -12.35 25.23 -12.62
N PRO B 77 -12.88 24.97 -11.41
CA PRO B 77 -13.70 23.82 -11.04
C PRO B 77 -15.06 23.70 -11.72
N VAL B 78 -15.46 22.45 -11.94
CA VAL B 78 -16.74 22.14 -12.56
C VAL B 78 -17.32 20.92 -11.86
N PRO B 79 -17.65 21.06 -10.55
CA PRO B 79 -18.21 20.00 -9.73
C PRO B 79 -19.63 19.60 -10.16
N GLU B 80 -20.08 18.46 -9.65
CA GLU B 80 -21.42 18.00 -9.98
C GLU B 80 -22.19 17.49 -8.76
N ILE B 81 -23.43 17.91 -8.65
CA ILE B 81 -24.30 17.46 -7.59
C ILE B 81 -25.14 16.47 -8.38
N GLN B 82 -25.17 15.21 -7.95
CA GLN B 82 -25.88 14.16 -8.69
C GLN B 82 -27.30 14.49 -9.10
N PHE B 83 -28.02 15.17 -8.22
CA PHE B 83 -29.39 15.60 -8.46
C PHE B 83 -29.53 16.92 -7.67
N PHE B 84 -30.31 17.86 -8.17
CA PHE B 84 -30.45 19.14 -7.48
C PHE B 84 -31.28 19.06 -6.20
N GLY B 85 -32.03 17.98 -6.05
CA GLY B 85 -32.81 17.80 -4.84
C GLY B 85 -31.83 17.74 -3.69
N PHE B 86 -30.60 17.31 -3.98
CA PHE B 86 -29.57 17.21 -2.96
C PHE B 86 -28.78 18.47 -2.67
N VAL B 87 -29.20 19.60 -3.23
CA VAL B 87 -28.48 20.85 -2.99
C VAL B 87 -28.61 21.35 -1.54
N TYR B 88 -29.55 20.81 -0.76
CA TYR B 88 -29.72 21.25 0.62
C TYR B 88 -28.49 20.93 1.47
N GLU B 89 -27.73 19.91 1.08
CA GLU B 89 -26.51 19.51 1.80
C GLU B 89 -25.34 20.45 1.57
N VAL B 90 -25.35 21.13 0.43
CA VAL B 90 -24.28 22.02 0.05
C VAL B 90 -24.69 23.49 0.07
N MET B 91 -25.86 23.79 0.63
CA MET B 91 -26.35 25.15 0.71
C MET B 91 -25.35 26.17 1.24
N ASP B 92 -24.64 25.84 2.31
CA ASP B 92 -23.68 26.79 2.87
C ASP B 92 -22.47 27.07 1.97
N SER B 93 -21.96 26.05 1.29
CA SER B 93 -20.82 26.27 0.43
C SER B 93 -21.19 27.09 -0.80
N ILE B 94 -22.41 26.90 -1.29
CA ILE B 94 -22.86 27.61 -2.47
C ILE B 94 -23.28 29.05 -2.15
N CYS B 95 -24.19 29.21 -1.20
CA CYS B 95 -24.69 30.54 -0.85
C CYS B 95 -23.99 31.29 0.26
N GLY B 96 -23.50 30.57 1.26
CA GLY B 96 -22.81 31.25 2.34
C GLY B 96 -21.33 31.45 2.03
N GLN B 97 -20.84 30.76 1.00
CA GLN B 97 -19.42 30.87 0.66
C GLN B 97 -19.03 31.39 -0.70
N MET B 98 -18.99 30.51 -1.69
CA MET B 98 -18.54 30.90 -3.03
C MET B 98 -19.22 32.09 -3.69
N ALA B 99 -20.50 32.29 -3.39
CA ALA B 99 -21.21 33.43 -3.98
C ALA B 99 -20.73 34.75 -3.36
N ARG B 100 -20.15 34.68 -2.17
CA ARG B 100 -19.72 35.88 -1.47
C ARG B 100 -18.21 36.08 -1.36
N ILE B 101 -17.42 35.18 -1.95
CA ILE B 101 -15.96 35.33 -1.84
C ILE B 101 -15.38 36.60 -2.46
N ARG B 102 -15.79 36.97 -3.68
CA ARG B 102 -15.23 38.17 -4.28
C ARG B 102 -15.56 39.40 -3.44
N TYR B 103 -16.83 39.55 -3.07
CA TYR B 103 -17.27 40.67 -2.25
C TYR B 103 -16.56 40.67 -0.89
N ARG B 104 -16.56 39.52 -0.22
CA ARG B 104 -15.91 39.37 1.07
C ARG B 104 -14.45 39.79 1.05
N THR B 105 -13.72 39.44 -0.03
CA THR B 105 -12.30 39.79 -0.14
C THR B 105 -12.07 41.03 -0.99
N GLY B 106 -13.11 41.84 -1.15
CA GLY B 106 -13.00 43.06 -1.93
C GLY B 106 -12.33 42.87 -3.27
N GLY B 107 -12.62 41.77 -3.95
CA GLY B 107 -12.05 41.52 -5.26
C GLY B 107 -10.67 40.88 -5.31
N ARG B 108 -10.09 40.53 -4.16
CA ARG B 108 -8.77 39.90 -4.13
C ARG B 108 -8.81 38.45 -4.65
N TYR B 109 -9.84 37.71 -4.26
CA TYR B 109 -10.02 36.34 -4.71
C TYR B 109 -11.34 36.28 -5.45
N HIS B 110 -11.53 35.25 -6.27
CA HIS B 110 -12.78 35.08 -7.01
C HIS B 110 -13.02 33.59 -7.25
N MET B 111 -14.25 33.24 -7.62
CA MET B 111 -14.61 31.82 -7.81
C MET B 111 -15.05 31.43 -9.22
N PRO B 112 -14.09 31.12 -10.11
CA PRO B 112 -14.47 30.74 -11.47
C PRO B 112 -15.03 29.30 -11.43
N ILE B 113 -16.14 29.11 -10.72
CA ILE B 113 -16.77 27.79 -10.52
C ILE B 113 -18.11 27.55 -11.22
N THR B 114 -18.30 26.36 -11.79
CA THR B 114 -19.57 26.01 -12.43
C THR B 114 -20.13 24.71 -11.85
N ILE B 115 -21.34 24.74 -11.31
CA ILE B 115 -21.96 23.54 -10.74
C ILE B 115 -23.04 22.95 -11.64
N ARG B 116 -22.77 21.77 -12.18
CA ARG B 116 -23.71 21.07 -13.05
C ARG B 116 -24.67 20.23 -12.21
N SER B 117 -25.95 20.23 -12.59
CA SER B 117 -26.92 19.44 -11.85
C SER B 117 -28.26 19.30 -12.57
N PRO B 118 -28.74 18.06 -12.73
CA PRO B 118 -30.01 17.76 -13.39
C PRO B 118 -31.20 17.86 -12.45
N PHE B 119 -32.37 18.17 -13.00
CA PHE B 119 -33.59 18.30 -12.20
C PHE B 119 -34.81 18.07 -13.06
N GLY B 120 -35.99 18.25 -12.48
CA GLY B 120 -37.22 18.10 -13.25
C GLY B 120 -37.90 16.74 -13.17
N GLY B 121 -39.20 16.74 -13.42
CA GLY B 121 -39.97 15.51 -13.37
C GLY B 121 -40.46 15.01 -14.71
N GLY B 122 -41.15 13.87 -14.70
CA GLY B 122 -41.68 13.31 -15.93
C GLY B 122 -41.11 11.96 -16.34
N VAL B 123 -40.20 11.41 -15.53
CA VAL B 123 -39.60 10.11 -15.84
C VAL B 123 -39.69 9.15 -14.67
N HIS B 124 -40.59 9.44 -13.73
CA HIS B 124 -40.81 8.62 -12.54
C HIS B 124 -39.67 8.26 -11.57
N THR B 125 -38.99 9.27 -11.03
CA THR B 125 -37.81 9.04 -10.21
C THR B 125 -38.21 8.91 -8.76
N PRO B 126 -37.30 8.44 -7.89
CA PRO B 126 -37.63 8.31 -6.47
C PRO B 126 -37.72 9.69 -5.81
N GLU B 127 -38.02 9.72 -4.52
CA GLU B 127 -38.16 10.96 -3.77
C GLU B 127 -36.96 11.90 -3.82
N LEU B 128 -37.23 13.20 -3.87
CA LEU B 128 -36.18 14.23 -3.88
C LEU B 128 -35.18 14.27 -5.04
N HIS B 129 -35.54 13.69 -6.18
CA HIS B 129 -34.67 13.69 -7.35
C HIS B 129 -35.15 14.68 -8.41
N SER B 130 -36.47 14.78 -8.54
CA SER B 130 -37.09 15.64 -9.53
C SER B 130 -37.47 17.07 -9.13
N ASP B 131 -37.25 17.42 -7.87
CA ASP B 131 -37.58 18.76 -7.37
C ASP B 131 -37.06 19.91 -8.23
N SER B 132 -37.78 21.03 -8.21
CA SER B 132 -37.41 22.27 -8.93
C SER B 132 -37.06 23.31 -7.86
N LEU B 133 -35.77 23.47 -7.57
CA LEU B 133 -35.38 24.42 -6.53
C LEU B 133 -34.59 25.61 -7.03
N GLU B 134 -34.78 25.95 -8.30
CA GLU B 134 -34.09 27.08 -8.90
C GLU B 134 -34.32 28.39 -8.13
N GLY B 135 -35.50 28.49 -7.50
CA GLY B 135 -35.83 29.69 -6.74
C GLY B 135 -34.99 29.99 -5.52
N LEU B 136 -34.36 28.98 -4.94
CA LEU B 136 -33.53 29.16 -3.76
C LEU B 136 -32.23 29.89 -4.13
N VAL B 137 -31.50 29.33 -5.10
CA VAL B 137 -30.24 29.92 -5.53
C VAL B 137 -30.46 31.24 -6.27
N ALA B 138 -31.65 31.43 -6.81
CA ALA B 138 -31.95 32.66 -7.53
C ALA B 138 -32.01 33.86 -6.56
N GLN B 139 -32.20 33.59 -5.27
CA GLN B 139 -32.29 34.67 -4.30
C GLN B 139 -30.98 35.07 -3.66
N GLN B 140 -29.91 34.37 -4.01
CA GLN B 140 -28.59 34.68 -3.46
C GLN B 140 -27.78 35.58 -4.39
N PRO B 141 -27.56 36.83 -3.99
CA PRO B 141 -26.77 37.70 -4.88
C PRO B 141 -25.34 37.17 -4.99
N GLY B 142 -24.76 37.31 -6.18
CA GLY B 142 -23.41 36.84 -6.41
C GLY B 142 -23.38 35.59 -7.26
N LEU B 143 -24.56 35.05 -7.58
CA LEU B 143 -24.67 33.83 -8.36
C LEU B 143 -25.45 34.08 -9.64
N LYS B 144 -25.23 33.21 -10.61
CA LYS B 144 -25.91 33.28 -11.88
C LYS B 144 -26.50 31.89 -12.09
N VAL B 145 -27.79 31.81 -12.39
CA VAL B 145 -28.45 30.54 -12.59
C VAL B 145 -28.91 30.42 -14.03
N VAL B 146 -28.36 29.42 -14.73
CA VAL B 146 -28.66 29.19 -16.14
C VAL B 146 -29.41 27.88 -16.32
N ILE B 147 -30.46 27.91 -17.13
CA ILE B 147 -31.25 26.71 -17.42
C ILE B 147 -31.58 26.60 -18.91
N PRO B 148 -30.91 25.69 -19.63
CA PRO B 148 -31.15 25.50 -21.07
C PRO B 148 -32.32 24.59 -21.40
N SER B 149 -32.90 24.79 -22.59
CA SER B 149 -34.02 23.97 -23.03
C SER B 149 -33.78 23.23 -24.37
N THR B 150 -32.63 23.46 -24.99
CA THR B 150 -32.31 22.80 -26.26
C THR B 150 -30.83 22.42 -26.31
N PRO B 151 -30.49 21.46 -27.17
CA PRO B 151 -29.10 21.02 -27.31
C PRO B 151 -28.19 22.18 -27.67
N TYR B 152 -28.65 23.02 -28.60
CA TYR B 152 -27.87 24.18 -29.04
C TYR B 152 -27.61 25.18 -27.92
N ASP B 153 -28.64 25.50 -27.15
CA ASP B 153 -28.49 26.46 -26.05
C ASP B 153 -27.60 25.88 -24.96
N ALA B 154 -27.71 24.57 -24.74
CA ALA B 154 -26.93 23.91 -23.71
C ALA B 154 -25.42 24.01 -23.92
N LYS B 155 -24.95 23.66 -25.11
CA LYS B 155 -23.53 23.71 -25.35
C LYS B 155 -22.94 25.10 -25.19
N GLY B 156 -23.55 26.08 -25.86
CA GLY B 156 -23.07 27.45 -25.78
C GLY B 156 -23.18 28.11 -24.42
N LEU B 157 -24.19 27.74 -23.64
CA LEU B 157 -24.35 28.34 -22.31
C LEU B 157 -23.30 27.73 -21.37
N LEU B 158 -23.13 26.42 -21.44
CA LEU B 158 -22.15 25.79 -20.56
C LEU B 158 -20.76 26.37 -20.79
N ILE B 159 -20.38 26.60 -22.04
CA ILE B 159 -19.06 27.15 -22.33
C ILE B 159 -18.93 28.55 -21.73
N SER B 160 -19.98 29.36 -21.88
CA SER B 160 -19.96 30.70 -21.31
C SER B 160 -19.90 30.59 -19.78
N ALA B 161 -20.67 29.65 -19.24
CA ALA B 161 -20.70 29.42 -17.80
C ALA B 161 -19.28 29.08 -17.34
N ILE B 162 -18.72 28.00 -17.86
CA ILE B 162 -17.38 27.62 -17.49
C ILE B 162 -16.37 28.76 -17.65
N ARG B 163 -16.53 29.60 -18.67
CA ARG B 163 -15.61 30.71 -18.87
C ARG B 163 -15.83 31.89 -17.92
N ASP B 164 -17.05 32.02 -17.40
CA ASP B 164 -17.37 33.09 -16.48
C ASP B 164 -16.42 33.06 -15.27
N ASN B 165 -15.96 34.22 -14.79
CA ASN B 165 -15.07 34.25 -13.64
C ASN B 165 -15.80 34.33 -12.29
N ASP B 166 -17.12 34.15 -12.30
CA ASP B 166 -17.92 34.16 -11.08
C ASP B 166 -18.74 32.86 -11.02
N PRO B 167 -19.26 32.46 -9.86
CA PRO B 167 -20.03 31.22 -9.76
C PRO B 167 -21.28 31.15 -10.64
N VAL B 168 -21.53 29.98 -11.23
CA VAL B 168 -22.70 29.76 -12.06
C VAL B 168 -23.30 28.39 -11.80
N ILE B 169 -24.62 28.33 -11.65
CA ILE B 169 -25.32 27.08 -11.43
C ILE B 169 -26.02 26.71 -12.75
N PHE B 170 -25.60 25.57 -13.30
CA PHE B 170 -26.11 25.08 -14.58
C PHE B 170 -27.06 23.88 -14.38
N LEU B 171 -28.36 24.12 -14.50
CA LEU B 171 -29.35 23.06 -14.31
C LEU B 171 -29.78 22.41 -15.61
N GLU B 172 -29.69 21.09 -15.65
CA GLU B 172 -30.04 20.33 -16.84
C GLU B 172 -31.28 19.47 -16.55
N HIS B 173 -32.35 19.69 -17.32
CA HIS B 173 -33.60 18.97 -17.12
C HIS B 173 -33.59 17.51 -17.61
N LEU B 174 -33.83 16.60 -16.68
CA LEU B 174 -33.86 15.15 -16.93
C LEU B 174 -34.57 14.68 -18.19
N LYS B 175 -35.74 15.28 -18.42
CA LYS B 175 -36.60 14.95 -19.54
C LYS B 175 -36.09 15.48 -20.88
N LEU B 176 -35.11 16.38 -20.85
CA LEU B 176 -34.56 16.92 -22.09
C LEU B 176 -33.20 16.33 -22.45
N TYR B 177 -32.65 15.50 -21.57
CA TYR B 177 -31.33 14.90 -21.80
C TYR B 177 -31.12 14.27 -23.16
N ARG B 178 -32.00 13.34 -23.52
CA ARG B 178 -31.92 12.66 -24.82
C ARG B 178 -33.29 12.42 -25.44
N SER B 179 -34.25 13.28 -25.12
CA SER B 179 -35.60 13.14 -25.66
C SER B 179 -35.72 13.60 -27.10
N PHE B 180 -34.85 14.50 -27.53
CA PHE B 180 -34.90 14.96 -28.91
C PHE B 180 -33.55 15.42 -29.46
N ARG B 181 -33.45 15.47 -30.78
CA ARG B 181 -32.24 15.86 -31.47
C ARG B 181 -32.34 17.19 -32.17
N GLN B 182 -31.20 17.87 -32.29
CA GLN B 182 -31.15 19.17 -32.93
C GLN B 182 -29.77 19.44 -33.52
N GLU B 183 -29.72 20.37 -34.48
CA GLU B 183 -28.47 20.75 -35.14
C GLU B 183 -27.57 21.55 -34.20
N VAL B 184 -26.36 21.05 -33.98
CA VAL B 184 -25.40 21.72 -33.10
C VAL B 184 -24.03 21.78 -33.77
N PRO B 185 -23.53 22.98 -34.08
CA PRO B 185 -22.23 23.10 -34.72
C PRO B 185 -21.12 22.61 -33.83
N GLU B 186 -20.14 21.94 -34.43
CA GLU B 186 -19.02 21.44 -33.68
C GLU B 186 -18.09 22.63 -33.50
N GLY B 187 -17.25 22.56 -32.46
CA GLY B 187 -16.33 23.66 -32.21
C GLY B 187 -16.85 24.56 -31.12
N GLU B 188 -16.01 25.48 -30.65
CA GLU B 188 -16.44 26.37 -29.59
C GLU B 188 -17.28 27.50 -30.12
N TYR B 189 -18.27 27.90 -29.32
CA TYR B 189 -19.16 29.01 -29.62
C TYR B 189 -19.80 29.35 -28.28
N THR B 190 -20.16 30.62 -28.08
CA THR B 190 -20.74 30.99 -26.81
C THR B 190 -22.03 31.77 -26.96
N ILE B 191 -22.84 31.72 -25.92
CA ILE B 191 -24.10 32.44 -25.88
C ILE B 191 -24.08 33.21 -24.58
N PRO B 192 -24.25 34.53 -24.65
CA PRO B 192 -24.23 35.39 -23.46
C PRO B 192 -25.13 34.92 -22.33
N ILE B 193 -24.64 35.05 -21.11
CA ILE B 193 -25.40 34.68 -19.92
C ILE B 193 -26.22 35.90 -19.51
N GLY B 194 -27.50 35.66 -19.20
CA GLY B 194 -28.38 36.75 -18.83
C GLY B 194 -29.04 37.32 -20.07
N LYS B 195 -29.25 36.45 -21.06
CA LYS B 195 -29.87 36.85 -22.32
C LYS B 195 -30.92 35.83 -22.74
N ALA B 196 -32.13 36.29 -23.02
CA ALA B 196 -33.22 35.42 -23.42
C ALA B 196 -33.40 35.47 -24.93
N ASP B 197 -34.06 34.47 -25.49
CA ASP B 197 -34.28 34.50 -26.93
C ASP B 197 -35.71 34.16 -27.34
N ILE B 198 -36.18 34.83 -28.37
CA ILE B 198 -37.52 34.59 -28.88
C ILE B 198 -37.48 33.26 -29.60
N LYS B 199 -38.31 32.32 -29.16
CA LYS B 199 -38.36 31.00 -29.76
C LYS B 199 -39.43 30.95 -30.85
N ARG B 200 -40.39 31.85 -30.75
CA ARG B 200 -41.46 31.96 -31.71
C ARG B 200 -42.03 33.37 -31.64
N GLU B 201 -42.14 34.02 -32.79
CA GLU B 201 -42.65 35.37 -32.86
C GLU B 201 -44.19 35.34 -32.86
N GLY B 202 -44.78 36.16 -32.00
CA GLY B 202 -46.22 36.22 -31.89
C GLY B 202 -46.67 37.66 -31.86
N LYS B 203 -47.97 37.89 -31.89
CA LYS B 203 -48.48 39.27 -31.90
C LYS B 203 -49.58 39.52 -30.87
N ASP B 204 -50.28 38.47 -30.46
CA ASP B 204 -51.36 38.60 -29.49
C ASP B 204 -50.98 38.48 -28.02
N ILE B 205 -50.19 37.45 -27.67
CA ILE B 205 -49.80 37.28 -26.28
C ILE B 205 -48.36 36.78 -26.13
N THR B 206 -47.74 37.15 -25.02
CA THR B 206 -46.36 36.75 -24.73
C THR B 206 -46.36 35.64 -23.68
N ILE B 207 -45.76 34.50 -24.02
CA ILE B 207 -45.68 33.38 -23.11
C ILE B 207 -44.21 33.21 -22.71
N ILE B 208 -43.92 33.44 -21.43
CA ILE B 208 -42.56 33.32 -20.90
C ILE B 208 -42.37 32.02 -20.11
N ALA B 209 -41.31 31.29 -20.42
CA ALA B 209 -41.05 30.04 -19.73
C ALA B 209 -39.56 29.70 -19.74
N TYR B 210 -39.22 28.57 -19.12
CA TYR B 210 -37.84 28.08 -19.05
C TYR B 210 -37.86 26.59 -18.76
N GLY B 211 -36.81 25.90 -19.17
CA GLY B 211 -36.74 24.47 -18.93
C GLY B 211 -37.71 23.71 -19.83
N ALA B 212 -38.28 22.63 -19.30
CA ALA B 212 -39.20 21.79 -20.04
C ALA B 212 -40.56 22.45 -20.32
N MET B 213 -40.80 23.60 -19.71
CA MET B 213 -42.06 24.29 -19.94
C MET B 213 -42.05 25.03 -21.27
N VAL B 214 -40.86 25.26 -21.81
CA VAL B 214 -40.74 25.95 -23.09
C VAL B 214 -41.39 25.09 -24.17
N HIS B 215 -41.04 23.80 -24.16
CA HIS B 215 -41.61 22.88 -25.13
C HIS B 215 -43.13 22.91 -25.06
N GLU B 216 -43.68 22.76 -23.85
CA GLU B 216 -45.13 22.78 -23.64
C GLU B 216 -45.76 24.08 -24.16
N SER B 217 -45.07 25.19 -23.93
CA SER B 217 -45.54 26.51 -24.38
C SER B 217 -45.62 26.56 -25.90
N LEU B 218 -44.59 26.06 -26.57
CA LEU B 218 -44.59 26.06 -28.02
C LEU B 218 -45.70 25.12 -28.49
N LYS B 219 -45.85 24.03 -27.77
CA LYS B 219 -46.87 23.04 -28.08
C LYS B 219 -48.22 23.76 -28.01
N ALA B 220 -48.40 24.54 -26.95
CA ALA B 220 -49.63 25.30 -26.74
C ALA B 220 -49.84 26.40 -27.79
N ALA B 221 -48.74 26.98 -28.27
CA ALA B 221 -48.81 28.04 -29.27
C ALA B 221 -49.35 27.54 -30.61
N ALA B 222 -49.05 26.30 -30.96
CA ALA B 222 -49.52 25.72 -32.22
C ALA B 222 -51.02 25.49 -32.16
N GLU B 223 -51.51 24.98 -31.04
CA GLU B 223 -52.93 24.75 -30.88
C GLU B 223 -53.68 26.08 -30.95
N LEU B 224 -53.16 27.09 -30.26
CA LEU B 224 -53.78 28.41 -30.22
C LEU B 224 -53.83 29.10 -31.59
N GLU B 225 -52.84 28.81 -32.43
CA GLU B 225 -52.80 29.39 -33.76
C GLU B 225 -54.07 29.00 -34.50
N LYS B 226 -54.53 27.77 -34.24
CA LYS B 226 -55.73 27.25 -34.88
C LYS B 226 -56.99 27.96 -34.39
N GLU B 227 -56.82 28.85 -33.41
CA GLU B 227 -57.96 29.58 -32.87
C GLU B 227 -57.80 31.08 -33.07
N GLY B 228 -56.83 31.45 -33.89
CA GLY B 228 -56.59 32.86 -34.17
C GLY B 228 -55.73 33.62 -33.19
N ILE B 229 -55.34 32.98 -32.09
CA ILE B 229 -54.50 33.65 -31.09
C ILE B 229 -53.02 33.42 -31.38
N SER B 230 -52.32 34.48 -31.76
CA SER B 230 -50.89 34.41 -32.08
C SER B 230 -50.03 34.61 -30.85
N ALA B 231 -49.34 33.55 -30.43
CA ALA B 231 -48.50 33.64 -29.24
C ALA B 231 -46.99 33.76 -29.50
N GLU B 232 -46.37 34.60 -28.68
CA GLU B 232 -44.93 34.83 -28.73
C GLU B 232 -44.32 34.05 -27.55
N VAL B 233 -43.44 33.10 -27.86
CA VAL B 233 -42.80 32.30 -26.82
C VAL B 233 -41.37 32.77 -26.55
N VAL B 234 -41.13 33.15 -25.31
CA VAL B 234 -39.82 33.62 -24.89
C VAL B 234 -39.16 32.65 -23.91
N ASP B 235 -37.95 32.21 -24.24
CA ASP B 235 -37.22 31.33 -23.34
C ASP B 235 -36.20 32.18 -22.61
N LEU B 236 -36.30 32.22 -21.29
CA LEU B 236 -35.37 33.01 -20.48
C LEU B 236 -33.93 32.55 -20.58
N ARG B 237 -33.74 31.23 -20.51
CA ARG B 237 -32.40 30.61 -20.56
C ARG B 237 -31.39 31.01 -19.48
N THR B 238 -31.62 32.16 -18.86
CA THR B 238 -30.97 32.58 -17.63
C THR B 238 -32.04 33.08 -16.66
N VAL B 239 -32.27 32.35 -15.56
CA VAL B 239 -33.28 32.78 -14.61
C VAL B 239 -32.75 33.77 -13.57
N GLN B 240 -31.49 34.14 -13.70
CA GLN B 240 -30.86 35.10 -12.78
C GLN B 240 -29.45 35.45 -13.26
N PRO B 241 -29.26 36.68 -13.76
CA PRO B 241 -30.29 37.72 -13.86
C PRO B 241 -31.27 37.45 -15.01
N LEU B 242 -32.43 38.12 -14.96
CA LEU B 242 -33.45 38.02 -16.01
C LEU B 242 -33.08 39.02 -17.11
N ASP B 243 -33.47 38.73 -18.35
CA ASP B 243 -33.22 39.65 -19.44
C ASP B 243 -34.45 40.55 -19.50
N ILE B 244 -34.43 41.60 -18.69
CA ILE B 244 -35.53 42.54 -18.61
C ILE B 244 -35.89 43.19 -19.93
N GLU B 245 -34.87 43.57 -20.71
CA GLU B 245 -35.12 44.23 -21.99
C GLU B 245 -35.91 43.37 -22.98
N THR B 246 -35.50 42.12 -23.15
CA THR B 246 -36.20 41.23 -24.08
C THR B 246 -37.63 40.94 -23.60
N ILE B 247 -37.79 40.71 -22.30
CA ILE B 247 -39.12 40.45 -21.73
C ILE B 247 -40.04 41.64 -21.98
N ILE B 248 -39.63 42.80 -21.50
CA ILE B 248 -40.39 44.03 -21.62
C ILE B 248 -40.62 44.40 -23.08
N GLY B 249 -39.57 44.30 -23.89
CA GLY B 249 -39.70 44.63 -25.30
C GLY B 249 -40.87 43.88 -25.91
N SER B 250 -41.00 42.59 -25.58
CA SER B 250 -42.08 41.76 -26.11
C SER B 250 -43.46 42.08 -25.54
N VAL B 251 -43.53 42.33 -24.24
CA VAL B 251 -44.80 42.65 -23.59
C VAL B 251 -45.36 44.00 -24.06
N GLU B 252 -44.48 44.97 -24.33
CA GLU B 252 -44.92 46.28 -24.81
C GLU B 252 -45.22 46.24 -26.31
N LYS B 253 -45.61 45.07 -26.78
CA LYS B 253 -45.93 44.88 -28.18
C LYS B 253 -47.21 44.06 -28.26
N THR B 254 -47.38 43.15 -27.30
CA THR B 254 -48.56 42.29 -27.24
C THR B 254 -49.55 42.86 -26.24
N GLY B 255 -49.02 43.45 -25.17
CA GLY B 255 -49.87 44.02 -24.14
C GLY B 255 -50.49 43.03 -23.17
N ARG B 256 -50.17 41.75 -23.34
CA ARG B 256 -50.71 40.70 -22.48
C ARG B 256 -49.62 39.66 -22.23
N ALA B 257 -49.77 38.84 -21.20
CA ALA B 257 -48.75 37.82 -20.91
C ALA B 257 -49.05 36.83 -19.78
N ILE B 258 -48.35 35.71 -19.82
CA ILE B 258 -48.44 34.67 -18.80
C ILE B 258 -47.03 34.11 -18.61
N VAL B 259 -46.74 33.63 -17.40
CA VAL B 259 -45.43 33.04 -17.10
C VAL B 259 -45.67 31.58 -16.74
N VAL B 260 -44.87 30.70 -17.32
CA VAL B 260 -45.00 29.27 -17.13
C VAL B 260 -43.78 28.61 -16.48
N GLN B 261 -44.02 27.82 -15.43
CA GLN B 261 -42.97 27.10 -14.73
C GLN B 261 -43.48 25.74 -14.21
N GLU B 262 -42.54 24.82 -14.01
CA GLU B 262 -42.83 23.48 -13.52
C GLU B 262 -42.92 23.46 -12.00
N ALA B 263 -42.28 24.43 -11.35
CA ALA B 263 -42.29 24.48 -9.89
C ALA B 263 -43.62 24.86 -9.24
N GLN B 264 -43.68 24.69 -7.92
CA GLN B 264 -44.86 25.04 -7.12
C GLN B 264 -45.03 26.56 -7.26
N ARG B 265 -46.28 27.03 -7.14
CA ARG B 265 -46.59 28.46 -7.27
C ARG B 265 -45.85 29.32 -6.23
N GLN B 266 -45.76 28.84 -4.99
CA GLN B 266 -45.06 29.61 -3.96
C GLN B 266 -43.54 29.48 -4.12
N ALA B 267 -43.12 28.75 -5.15
CA ALA B 267 -41.70 28.58 -5.42
C ALA B 267 -41.43 29.04 -6.85
N GLY B 268 -40.27 28.69 -7.38
CA GLY B 268 -39.90 29.08 -8.73
C GLY B 268 -39.43 30.52 -8.82
N ILE B 269 -39.56 31.11 -10.01
CA ILE B 269 -39.13 32.49 -10.23
C ILE B 269 -40.21 33.33 -10.92
N ALA B 270 -41.36 32.71 -11.21
CA ALA B 270 -42.45 33.41 -11.87
C ALA B 270 -42.85 34.70 -11.13
N ALA B 271 -42.84 34.67 -9.80
CA ALA B 271 -43.22 35.83 -9.00
C ALA B 271 -42.37 37.06 -9.27
N ASN B 272 -41.09 36.85 -9.51
CA ASN B 272 -40.18 37.96 -9.78
C ASN B 272 -40.34 38.50 -11.19
N VAL B 273 -40.66 37.63 -12.14
CA VAL B 273 -40.86 38.08 -13.52
C VAL B 273 -42.15 38.88 -13.57
N VAL B 274 -43.18 38.38 -12.88
CA VAL B 274 -44.47 39.05 -12.83
C VAL B 274 -44.32 40.43 -12.16
N ALA B 275 -43.56 40.47 -11.06
CA ALA B 275 -43.34 41.71 -10.34
C ALA B 275 -42.62 42.72 -11.21
N GLU B 276 -41.60 42.25 -11.93
CA GLU B 276 -40.83 43.12 -12.81
C GLU B 276 -41.64 43.67 -13.98
N ILE B 277 -42.56 42.86 -14.51
CA ILE B 277 -43.38 43.29 -15.62
C ILE B 277 -44.33 44.38 -15.17
N ASN B 278 -44.92 44.17 -13.99
CA ASN B 278 -45.88 45.14 -13.46
C ASN B 278 -45.25 46.48 -13.13
N GLU B 279 -43.95 46.50 -12.86
CA GLU B 279 -43.29 47.75 -12.49
C GLU B 279 -42.75 48.54 -13.66
N ARG B 280 -42.56 47.89 -14.80
CA ARG B 280 -42.01 48.57 -15.97
C ARG B 280 -42.94 48.72 -17.18
N ALA B 281 -43.73 47.70 -17.45
CA ALA B 281 -44.65 47.75 -18.59
C ALA B 281 -46.10 47.93 -18.15
N ILE B 282 -46.29 48.50 -16.96
CA ILE B 282 -47.63 48.68 -16.42
C ILE B 282 -48.53 49.50 -17.34
N LEU B 283 -47.95 50.44 -18.06
CA LEU B 283 -48.72 51.29 -18.95
C LEU B 283 -49.10 50.66 -20.30
N SER B 284 -48.61 49.45 -20.56
CA SER B 284 -48.89 48.77 -21.81
C SER B 284 -49.79 47.54 -21.64
N LEU B 285 -50.02 47.15 -20.40
CA LEU B 285 -50.84 45.97 -20.14
C LEU B 285 -52.33 46.18 -20.37
N GLU B 286 -52.98 45.14 -20.89
CA GLU B 286 -54.41 45.17 -21.17
C GLU B 286 -55.11 44.18 -20.24
N ALA B 287 -54.33 43.26 -19.68
CA ALA B 287 -54.86 42.25 -18.78
C ALA B 287 -53.86 41.87 -17.68
N PRO B 288 -54.35 41.37 -16.54
CA PRO B 288 -53.42 40.99 -15.46
C PRO B 288 -52.53 39.84 -15.94
N VAL B 289 -51.27 39.87 -15.50
CA VAL B 289 -50.31 38.84 -15.88
C VAL B 289 -50.48 37.60 -14.99
N LEU B 290 -51.02 36.54 -15.56
CA LEU B 290 -51.24 35.30 -14.79
C LEU B 290 -50.10 34.30 -14.91
N ARG B 291 -50.00 33.43 -13.91
CA ARG B 291 -48.97 32.40 -13.86
C ARG B 291 -49.57 31.01 -14.03
N VAL B 292 -48.77 30.11 -14.59
CA VAL B 292 -49.18 28.72 -14.73
C VAL B 292 -48.14 27.98 -13.91
N ALA B 293 -48.58 27.33 -12.85
CA ALA B 293 -47.65 26.61 -11.99
C ALA B 293 -48.29 25.36 -11.40
N ALA B 294 -47.50 24.62 -10.62
CA ALA B 294 -47.98 23.40 -9.99
C ALA B 294 -48.56 23.74 -8.63
N PRO B 295 -49.36 22.82 -8.05
CA PRO B 295 -49.99 23.02 -6.74
C PRO B 295 -48.93 23.15 -5.65
N ASP B 296 -49.28 23.85 -4.57
CA ASP B 296 -48.36 24.05 -3.46
C ASP B 296 -48.24 22.86 -2.50
N THR B 297 -47.97 21.68 -3.02
CA THR B 297 -47.78 20.52 -2.17
C THR B 297 -46.35 20.10 -2.45
N VAL B 298 -45.87 19.12 -1.71
CA VAL B 298 -44.54 18.57 -1.91
C VAL B 298 -44.51 17.91 -3.30
N TYR B 299 -43.34 17.84 -3.92
CA TYR B 299 -43.25 17.20 -5.24
C TYR B 299 -43.88 15.81 -5.07
N PRO B 300 -44.83 15.46 -5.95
CA PRO B 300 -45.57 14.21 -5.96
C PRO B 300 -44.85 12.85 -6.14
N PHE B 301 -45.40 11.83 -5.48
CA PHE B 301 -44.91 10.47 -5.59
C PHE B 301 -45.00 10.14 -7.08
N ALA B 302 -43.97 9.50 -7.63
CA ALA B 302 -43.89 9.18 -9.05
C ALA B 302 -45.22 8.96 -9.80
N GLN B 303 -46.07 8.09 -9.25
CA GLN B 303 -47.36 7.79 -9.89
C GLN B 303 -48.29 8.96 -10.17
N ALA B 304 -48.16 10.05 -9.42
CA ALA B 304 -49.06 11.17 -9.63
C ALA B 304 -48.47 12.37 -10.39
N GLU B 305 -47.40 12.16 -11.15
CA GLU B 305 -46.77 13.24 -11.91
C GLU B 305 -47.69 13.82 -12.99
N SER B 306 -48.35 12.92 -13.71
CA SER B 306 -49.26 13.32 -14.78
C SER B 306 -50.30 14.38 -14.37
N VAL B 307 -51.12 14.07 -13.37
CA VAL B 307 -52.15 14.98 -12.92
C VAL B 307 -51.65 16.21 -12.16
N TRP B 308 -50.40 16.17 -11.71
CA TRP B 308 -49.81 17.26 -10.92
C TRP B 308 -48.99 18.26 -11.75
N LEU B 309 -48.14 17.76 -12.64
CA LEU B 309 -47.29 18.64 -13.44
C LEU B 309 -48.10 19.43 -14.47
N PRO B 310 -47.86 20.74 -14.57
CA PRO B 310 -48.62 21.51 -15.58
C PRO B 310 -48.13 21.11 -16.97
N ASN B 311 -49.06 21.06 -17.93
CA ASN B 311 -48.73 20.69 -19.29
C ASN B 311 -49.28 21.73 -20.27
N PHE B 312 -49.08 21.50 -21.57
CA PHE B 312 -49.56 22.45 -22.57
C PHE B 312 -51.04 22.77 -22.53
N LYS B 313 -51.84 21.89 -21.92
CA LYS B 313 -53.28 22.11 -21.84
C LYS B 313 -53.64 23.15 -20.81
N ASP B 314 -52.81 23.29 -19.78
CA ASP B 314 -53.05 24.30 -18.74
C ASP B 314 -52.62 25.66 -19.29
N VAL B 315 -51.64 25.64 -20.18
CA VAL B 315 -51.14 26.86 -20.79
C VAL B 315 -52.15 27.34 -21.83
N ILE B 316 -52.87 26.39 -22.42
CA ILE B 316 -53.90 26.72 -23.42
C ILE B 316 -55.02 27.46 -22.67
N GLU B 317 -55.42 26.90 -21.54
CA GLU B 317 -56.49 27.47 -20.72
C GLU B 317 -56.18 28.84 -20.13
N THR B 318 -55.03 28.98 -19.50
CA THR B 318 -54.65 30.26 -18.89
C THR B 318 -54.47 31.34 -19.95
N ALA B 319 -54.00 30.95 -21.13
CA ALA B 319 -53.81 31.91 -22.21
C ALA B 319 -55.16 32.45 -22.68
N LYS B 320 -56.18 31.61 -22.67
CA LYS B 320 -57.51 32.04 -23.09
C LYS B 320 -58.11 32.99 -22.07
N LYS B 321 -57.86 32.74 -20.79
CA LYS B 321 -58.40 33.60 -19.74
C LYS B 321 -57.89 35.03 -19.91
N VAL B 322 -56.61 35.17 -20.20
CA VAL B 322 -55.98 36.47 -20.37
C VAL B 322 -56.46 37.16 -21.64
N MET B 323 -56.73 36.38 -22.69
CA MET B 323 -57.20 36.93 -23.95
C MET B 323 -58.67 37.36 -23.87
N ASN B 324 -59.45 36.59 -23.12
CA ASN B 324 -60.86 36.90 -22.97
C ASN B 324 -61.13 37.86 -21.82
N PHE B 325 -60.07 38.41 -21.26
CA PHE B 325 -60.22 39.35 -20.15
C PHE B 325 -60.85 40.64 -20.67
N THR C 5 16.25 14.51 12.84
CA THR C 5 15.03 15.21 13.37
C THR C 5 14.12 14.25 14.15
N PHE C 6 13.50 14.78 15.21
CA PHE C 6 12.59 14.02 16.07
C PHE C 6 11.40 13.46 15.29
N GLN C 7 11.03 12.21 15.58
CA GLN C 7 9.91 11.59 14.88
C GLN C 7 8.79 11.13 15.82
N PHE C 8 7.54 11.32 15.39
CA PHE C 8 6.38 10.89 16.17
C PHE C 8 6.00 9.49 15.70
N PRO C 9 5.55 8.64 16.64
CA PRO C 9 5.15 7.25 16.33
C PRO C 9 3.80 7.14 15.61
N PHE C 10 3.67 7.84 14.50
CA PHE C 10 2.42 7.85 13.72
C PHE C 10 1.98 6.49 13.20
N ALA C 11 2.91 5.78 12.53
CA ALA C 11 2.61 4.48 11.96
C ALA C 11 2.17 3.46 13.00
N GLU C 12 2.70 3.58 14.23
CA GLU C 12 2.32 2.65 15.28
C GLU C 12 0.92 3.01 15.80
N GLN C 13 0.58 4.29 15.70
CA GLN C 13 -0.73 4.75 16.16
C GLN C 13 -1.84 4.17 15.29
N LEU C 14 -1.66 4.27 13.97
CA LEU C 14 -2.66 3.76 13.05
C LEU C 14 -2.83 2.24 13.12
N GLU C 15 -1.78 1.54 13.55
CA GLU C 15 -1.82 0.08 13.64
C GLU C 15 -2.50 -0.42 14.89
N LYS C 16 -2.03 0.05 16.05
CA LYS C 16 -2.59 -0.36 17.34
C LYS C 16 -4.09 -0.09 17.39
N VAL C 17 -4.49 1.08 16.91
CA VAL C 17 -5.89 1.46 16.91
C VAL C 17 -6.81 0.53 16.13
N ALA C 18 -6.35 0.08 14.97
CA ALA C 18 -7.17 -0.83 14.17
C ALA C 18 -7.08 -2.24 14.72
N GLU C 19 -6.08 -2.48 15.56
CA GLU C 19 -5.91 -3.80 16.14
C GLU C 19 -7.11 -4.06 17.06
N GLN C 20 -7.71 -2.98 17.54
CA GLN C 20 -8.85 -3.07 18.43
C GLN C 20 -10.14 -3.36 17.68
N PHE C 21 -10.04 -3.62 16.38
CA PHE C 21 -11.22 -3.90 15.58
C PHE C 21 -11.13 -5.12 14.68
N PRO C 22 -10.99 -6.32 15.27
CA PRO C 22 -10.90 -7.55 14.46
C PRO C 22 -12.30 -8.02 14.06
N THR C 23 -12.40 -8.73 12.93
CA THR C 23 -13.69 -9.20 12.47
C THR C 23 -14.27 -10.30 13.35
N PHE C 24 -15.47 -10.05 13.85
CA PHE C 24 -16.19 -10.99 14.72
C PHE C 24 -16.86 -12.00 13.82
N GLN C 25 -16.63 -13.28 14.09
CA GLN C 25 -17.22 -14.31 13.27
C GLN C 25 -17.68 -15.48 14.13
N ILE C 26 -18.71 -16.19 13.68
CA ILE C 26 -19.21 -17.35 14.40
C ILE C 26 -19.19 -18.54 13.43
N LEU C 27 -19.86 -18.40 12.29
CA LEU C 27 -19.91 -19.44 11.26
C LEU C 27 -19.00 -19.11 10.08
N ASN C 28 -18.12 -20.03 9.70
CA ASN C 28 -17.25 -19.76 8.54
C ASN C 28 -17.91 -20.17 7.22
N GLU C 29 -17.12 -20.10 6.14
CA GLU C 29 -17.61 -20.43 4.80
C GLU C 29 -18.24 -21.82 4.63
N GLU C 30 -17.65 -22.83 5.24
CA GLU C 30 -18.16 -24.19 5.13
C GLU C 30 -19.24 -24.52 6.16
N GLY C 31 -19.63 -23.53 6.98
CA GLY C 31 -20.67 -23.77 7.96
C GLY C 31 -20.23 -24.48 9.24
N GLU C 32 -19.00 -24.20 9.66
CA GLU C 32 -18.46 -24.79 10.89
C GLU C 32 -18.44 -23.71 11.95
N VAL C 33 -18.68 -24.09 13.20
CA VAL C 33 -18.67 -23.11 14.29
C VAL C 33 -17.22 -22.87 14.73
N VAL C 34 -16.68 -21.70 14.41
CA VAL C 34 -15.30 -21.38 14.79
C VAL C 34 -15.19 -20.48 16.03
N ASN C 35 -16.32 -20.21 16.67
CA ASN C 35 -16.35 -19.38 17.88
C ASN C 35 -17.50 -19.87 18.76
N GLU C 36 -17.20 -20.81 19.64
CA GLU C 36 -18.21 -21.38 20.51
C GLU C 36 -18.65 -20.46 21.65
N GLU C 37 -17.74 -19.64 22.16
CA GLU C 37 -18.04 -18.73 23.26
C GLU C 37 -19.15 -17.74 22.99
N ALA C 38 -19.15 -17.16 21.80
CA ALA C 38 -20.13 -16.15 21.44
C ALA C 38 -21.43 -16.71 20.87
N MET C 39 -21.54 -18.02 20.81
CA MET C 39 -22.74 -18.68 20.27
C MET C 39 -24.01 -18.16 20.96
N PRO C 40 -25.01 -17.72 20.17
CA PRO C 40 -26.26 -17.20 20.73
C PRO C 40 -27.19 -18.30 21.25
N GLU C 41 -28.08 -17.93 22.15
CA GLU C 41 -29.02 -18.87 22.74
C GLU C 41 -30.30 -18.90 21.91
N LEU C 42 -30.29 -19.72 20.86
CA LEU C 42 -31.45 -19.84 19.98
C LEU C 42 -31.96 -21.26 19.91
N SER C 43 -33.27 -21.43 20.00
CA SER C 43 -33.89 -22.75 19.96
C SER C 43 -33.90 -23.27 18.51
N ASP C 44 -34.04 -24.59 18.37
CA ASP C 44 -34.08 -25.19 17.06
C ASP C 44 -35.17 -24.58 16.20
N GLU C 45 -36.25 -24.13 16.84
CA GLU C 45 -37.37 -23.55 16.12
C GLU C 45 -37.09 -22.11 15.70
N GLN C 46 -36.24 -21.42 16.44
CA GLN C 46 -35.87 -20.05 16.10
C GLN C 46 -34.87 -20.08 14.96
N LEU C 47 -34.05 -21.14 14.94
CA LEU C 47 -33.06 -21.29 13.89
C LEU C 47 -33.73 -21.54 12.54
N LYS C 48 -34.81 -22.32 12.56
CA LYS C 48 -35.53 -22.62 11.33
C LYS C 48 -36.32 -21.42 10.84
N GLU C 49 -36.71 -20.55 11.76
CA GLU C 49 -37.48 -19.36 11.39
C GLU C 49 -36.54 -18.30 10.80
N LEU C 50 -35.28 -18.34 11.23
CA LEU C 50 -34.29 -17.39 10.72
C LEU C 50 -34.00 -17.79 9.27
N MET C 51 -33.90 -19.09 9.03
CA MET C 51 -33.66 -19.58 7.68
C MET C 51 -34.86 -19.30 6.77
N ARG C 52 -36.06 -19.62 7.25
CA ARG C 52 -37.27 -19.40 6.46
C ARG C 52 -37.35 -17.95 5.97
N ARG C 53 -36.97 -17.00 6.82
CA ARG C 53 -37.01 -15.60 6.44
C ARG C 53 -35.92 -15.22 5.45
N MET C 54 -34.76 -15.87 5.53
CA MET C 54 -33.68 -15.52 4.61
C MET C 54 -33.94 -16.06 3.22
N VAL C 55 -34.48 -17.27 3.14
CA VAL C 55 -34.82 -17.90 1.87
C VAL C 55 -35.93 -17.07 1.21
N TYR C 56 -36.86 -16.59 2.05
CA TYR C 56 -37.99 -15.80 1.62
C TYR C 56 -37.57 -14.43 1.09
N THR C 57 -36.57 -13.82 1.71
CA THR C 57 -36.08 -12.52 1.29
C THR C 57 -35.30 -12.64 -0.01
N ARG C 58 -34.66 -13.78 -0.22
CA ARG C 58 -33.92 -14.01 -1.45
C ARG C 58 -34.92 -14.13 -2.60
N ILE C 59 -36.02 -14.83 -2.35
CA ILE C 59 -37.06 -15.00 -3.37
C ILE C 59 -37.74 -13.67 -3.70
N LEU C 60 -37.90 -12.81 -2.69
CA LEU C 60 -38.52 -11.51 -2.88
C LEU C 60 -37.62 -10.65 -3.75
N ASP C 61 -36.32 -10.77 -3.53
CA ASP C 61 -35.35 -10.03 -4.32
C ASP C 61 -35.43 -10.45 -5.80
N GLN C 62 -35.42 -11.75 -6.07
CA GLN C 62 -35.48 -12.25 -7.45
C GLN C 62 -36.81 -11.89 -8.14
N ARG C 63 -37.91 -11.96 -7.39
CA ARG C 63 -39.22 -11.62 -7.94
C ARG C 63 -39.34 -10.11 -8.18
N SER C 64 -38.75 -9.30 -7.30
CA SER C 64 -38.83 -7.85 -7.46
C SER C 64 -38.13 -7.45 -8.75
N ILE C 65 -36.91 -7.95 -8.94
CA ILE C 65 -36.14 -7.66 -10.14
C ILE C 65 -36.96 -7.99 -11.39
N SER C 66 -37.59 -9.15 -11.37
CA SER C 66 -38.39 -9.63 -12.49
C SER C 66 -39.60 -8.73 -12.76
N LEU C 67 -40.30 -8.34 -11.70
CA LEU C 67 -41.47 -7.49 -11.85
C LEU C 67 -41.08 -6.07 -12.25
N ASN C 68 -39.84 -5.67 -11.93
CA ASN C 68 -39.38 -4.35 -12.27
C ASN C 68 -39.07 -4.24 -13.76
N ARG C 69 -38.50 -5.29 -14.33
CA ARG C 69 -38.17 -5.28 -15.75
C ARG C 69 -39.41 -5.53 -16.59
N GLN C 70 -40.54 -5.69 -15.92
CA GLN C 70 -41.81 -5.92 -16.59
C GLN C 70 -42.66 -4.66 -16.46
N GLY C 71 -42.13 -3.68 -15.74
CA GLY C 71 -42.85 -2.44 -15.53
C GLY C 71 -43.79 -2.47 -14.34
N ARG C 72 -44.06 -3.67 -13.81
CA ARG C 72 -44.98 -3.82 -12.68
C ARG C 72 -44.54 -3.01 -11.45
N LEU C 73 -43.23 -2.85 -11.27
CA LEU C 73 -42.69 -2.08 -10.14
C LEU C 73 -41.80 -0.92 -10.63
N GLY C 74 -41.57 0.05 -9.75
CA GLY C 74 -40.74 1.18 -10.13
C GLY C 74 -39.35 1.11 -9.53
N PHE C 75 -39.04 2.07 -8.67
CA PHE C 75 -37.74 2.13 -8.02
C PHE C 75 -37.47 0.87 -7.20
N TYR C 76 -36.28 0.29 -7.35
CA TYR C 76 -35.92 -0.90 -6.61
C TYR C 76 -34.42 -1.06 -6.40
N ALA C 77 -34.04 -1.25 -5.14
CA ALA C 77 -32.64 -1.44 -4.77
C ALA C 77 -32.45 -2.90 -4.36
N PRO C 78 -31.79 -3.71 -5.21
CA PRO C 78 -31.53 -5.13 -4.94
C PRO C 78 -30.87 -5.37 -3.57
N THR C 79 -31.13 -6.52 -2.98
CA THR C 79 -30.57 -6.83 -1.66
C THR C 79 -29.93 -8.23 -1.64
N ALA C 80 -30.03 -8.96 -2.74
CA ALA C 80 -29.44 -10.28 -2.79
C ALA C 80 -27.98 -10.19 -2.31
N GLY C 81 -27.62 -11.04 -1.34
CA GLY C 81 -26.27 -11.04 -0.82
C GLY C 81 -26.14 -10.39 0.54
N GLN C 82 -27.15 -9.63 0.93
CA GLN C 82 -27.10 -8.97 2.23
C GLN C 82 -28.17 -9.52 3.19
N GLU C 83 -28.64 -10.75 2.93
CA GLU C 83 -29.67 -11.36 3.78
C GLU C 83 -29.33 -11.44 5.28
N ALA C 84 -28.10 -11.81 5.61
CA ALA C 84 -27.72 -11.91 7.02
C ALA C 84 -27.63 -10.54 7.68
N SER C 85 -26.92 -9.63 7.05
CA SER C 85 -26.75 -8.28 7.57
C SER C 85 -28.10 -7.59 7.81
N GLN C 86 -29.10 -7.90 6.99
CA GLN C 86 -30.43 -7.28 7.13
C GLN C 86 -31.46 -8.07 7.93
N ILE C 87 -31.59 -9.37 7.66
CA ILE C 87 -32.59 -10.19 8.34
C ILE C 87 -32.18 -10.66 9.73
N ALA C 88 -30.95 -11.12 9.87
CA ALA C 88 -30.49 -11.61 11.18
C ALA C 88 -30.32 -10.47 12.17
N SER C 89 -30.13 -9.25 11.68
CA SER C 89 -29.98 -8.13 12.59
C SER C 89 -31.37 -7.80 13.14
N HIS C 90 -32.38 -7.85 12.26
CA HIS C 90 -33.75 -7.55 12.61
C HIS C 90 -34.33 -8.58 13.58
N PHE C 91 -33.83 -9.81 13.47
CA PHE C 91 -34.28 -10.91 14.31
C PHE C 91 -33.93 -10.66 15.78
N ALA C 92 -32.91 -9.83 16.02
CA ALA C 92 -32.48 -9.55 17.38
C ALA C 92 -33.33 -8.49 18.06
N LEU C 93 -34.34 -7.99 17.36
CA LEU C 93 -35.20 -6.95 17.90
C LEU C 93 -36.55 -7.43 18.41
N GLU C 94 -37.29 -6.51 19.03
CA GLU C 94 -38.62 -6.78 19.55
C GLU C 94 -39.57 -5.74 18.92
N LYS C 95 -40.86 -6.02 18.99
CA LYS C 95 -41.90 -5.17 18.43
C LYS C 95 -41.81 -3.69 18.84
N GLU C 96 -41.37 -3.42 20.07
CA GLU C 96 -41.29 -2.05 20.55
C GLU C 96 -40.14 -1.23 19.96
N ASP C 97 -39.16 -1.89 19.36
CA ASP C 97 -38.02 -1.16 18.79
C ASP C 97 -38.35 -0.34 17.55
N PHE C 98 -37.70 0.82 17.41
CA PHE C 98 -37.92 1.73 16.28
C PHE C 98 -36.86 1.60 15.17
N ILE C 99 -37.31 1.34 13.94
CA ILE C 99 -36.43 1.19 12.80
C ILE C 99 -36.47 2.42 11.86
N LEU C 100 -35.28 2.91 11.49
CA LEU C 100 -35.14 4.06 10.58
C LEU C 100 -34.31 3.52 9.43
N PRO C 101 -34.98 2.96 8.41
CA PRO C 101 -34.34 2.37 7.23
C PRO C 101 -33.94 3.35 6.14
N GLY C 102 -33.02 2.90 5.30
CA GLY C 102 -32.57 3.69 4.15
C GLY C 102 -33.25 3.03 2.95
N TYR C 103 -33.07 3.58 1.75
CA TYR C 103 -33.72 3.05 0.54
C TYR C 103 -33.57 1.58 0.20
N ARG C 104 -32.50 0.93 0.70
CA ARG C 104 -32.28 -0.48 0.40
C ARG C 104 -32.81 -1.39 1.51
N ASP C 105 -33.18 -0.81 2.64
CA ASP C 105 -33.65 -1.58 3.80
C ASP C 105 -35.17 -1.82 3.86
N VAL C 106 -35.76 -2.16 2.71
CA VAL C 106 -37.19 -2.44 2.67
C VAL C 106 -37.50 -3.79 3.33
N PRO C 107 -36.56 -4.75 3.26
CA PRO C 107 -36.82 -6.05 3.90
C PRO C 107 -37.06 -5.97 5.39
N GLN C 108 -36.28 -5.13 6.09
CA GLN C 108 -36.42 -4.99 7.53
C GLN C 108 -37.81 -4.51 7.97
N ILE C 109 -38.34 -3.47 7.32
CA ILE C 109 -39.65 -2.98 7.72
C ILE C 109 -40.79 -3.96 7.34
N ILE C 110 -40.56 -4.80 6.33
CA ILE C 110 -41.55 -5.79 5.95
C ILE C 110 -41.74 -6.72 7.17
N TRP C 111 -40.64 -7.35 7.59
CA TRP C 111 -40.64 -8.25 8.72
C TRP C 111 -41.02 -7.58 10.04
N HIS C 112 -40.89 -6.27 10.11
CA HIS C 112 -41.23 -5.56 11.33
C HIS C 112 -42.74 -5.27 11.41
N GLY C 113 -43.46 -5.52 10.32
CA GLY C 113 -44.90 -5.30 10.36
C GLY C 113 -45.55 -4.63 9.18
N LEU C 114 -44.76 -4.18 8.21
CA LEU C 114 -45.37 -3.51 7.06
C LEU C 114 -45.88 -4.53 6.04
N PRO C 115 -47.17 -4.48 5.68
CA PRO C 115 -47.79 -5.38 4.71
C PRO C 115 -46.99 -5.30 3.39
N LEU C 116 -46.65 -6.45 2.82
CA LEU C 116 -45.86 -6.48 1.59
C LEU C 116 -46.45 -5.68 0.41
N TYR C 117 -47.77 -5.61 0.30
CA TYR C 117 -48.35 -4.85 -0.80
C TYR C 117 -48.01 -3.36 -0.67
N GLN C 118 -47.75 -2.90 0.55
CA GLN C 118 -47.40 -1.51 0.74
C GLN C 118 -45.94 -1.25 0.33
N ALA C 119 -45.08 -2.25 0.44
CA ALA C 119 -43.70 -2.05 0.03
C ALA C 119 -43.70 -1.81 -1.48
N PHE C 120 -44.52 -2.57 -2.20
CA PHE C 120 -44.61 -2.44 -3.64
C PHE C 120 -45.21 -1.09 -4.05
N LEU C 121 -46.05 -0.52 -3.18
CA LEU C 121 -46.63 0.79 -3.47
C LEU C 121 -45.55 1.85 -3.28
N PHE C 122 -44.63 1.60 -2.34
CA PHE C 122 -43.52 2.52 -2.10
C PHE C 122 -42.62 2.53 -3.33
N SER C 123 -42.46 1.38 -3.96
CA SER C 123 -41.62 1.27 -5.15
C SER C 123 -42.29 1.99 -6.33
N ARG C 124 -43.59 1.79 -6.51
CA ARG C 124 -44.31 2.42 -7.60
C ARG C 124 -44.42 3.93 -7.43
N GLY C 125 -44.52 4.39 -6.19
CA GLY C 125 -44.63 5.81 -5.93
C GLY C 125 -46.08 6.20 -5.69
N HIS C 126 -46.62 5.73 -4.57
CA HIS C 126 -48.00 5.99 -4.18
C HIS C 126 -48.02 6.24 -2.68
N PHE C 127 -48.63 7.35 -2.25
CA PHE C 127 -48.69 7.74 -0.84
C PHE C 127 -49.21 6.66 0.12
N HIS C 128 -50.07 5.77 -0.35
CA HIS C 128 -50.59 4.74 0.54
C HIS C 128 -49.52 3.73 0.92
N GLY C 129 -48.41 3.77 0.19
CA GLY C 129 -47.33 2.85 0.46
C GLY C 129 -46.60 3.28 1.71
N ASN C 130 -46.64 4.59 1.99
CA ASN C 130 -45.99 5.17 3.15
C ASN C 130 -46.85 5.31 4.41
N GLN C 131 -48.16 5.10 4.31
CA GLN C 131 -49.01 5.20 5.49
C GLN C 131 -48.79 3.96 6.34
N ILE C 132 -47.82 4.02 7.24
CA ILE C 132 -47.52 2.89 8.13
C ILE C 132 -48.67 2.60 9.10
N PRO C 133 -49.01 1.31 9.29
CA PRO C 133 -50.10 0.95 10.21
C PRO C 133 -49.71 1.38 11.62
N GLU C 134 -50.66 1.87 12.40
CA GLU C 134 -50.35 2.29 13.76
C GLU C 134 -49.87 1.08 14.57
N GLY C 135 -48.91 1.30 15.46
CA GLY C 135 -48.37 0.18 16.24
C GLY C 135 -47.14 -0.47 15.62
N VAL C 136 -46.87 -0.15 14.35
CA VAL C 136 -45.71 -0.70 13.66
C VAL C 136 -44.72 0.46 13.59
N ASN C 137 -43.70 0.39 14.43
CA ASN C 137 -42.68 1.44 14.56
C ASN C 137 -41.59 1.52 13.49
N VAL C 138 -41.92 2.11 12.35
CA VAL C 138 -40.96 2.27 11.27
C VAL C 138 -41.26 3.54 10.51
N LEU C 139 -40.28 3.98 9.73
CA LEU C 139 -40.39 5.17 8.89
C LEU C 139 -40.27 4.67 7.45
N PRO C 140 -40.83 5.40 6.48
CA PRO C 140 -40.66 4.87 5.12
C PRO C 140 -39.18 4.99 4.78
N PRO C 141 -38.71 4.22 3.79
CA PRO C 141 -37.29 4.29 3.41
C PRO C 141 -36.82 5.73 3.20
N GLN C 142 -35.63 6.03 3.70
CA GLN C 142 -35.05 7.37 3.57
C GLN C 142 -34.15 7.38 2.35
N ILE C 143 -34.31 8.39 1.51
CA ILE C 143 -33.55 8.52 0.28
C ILE C 143 -32.27 9.36 0.40
N ILE C 144 -32.28 10.38 1.25
CA ILE C 144 -31.10 11.22 1.45
C ILE C 144 -30.12 10.61 2.44
N ILE C 145 -28.97 10.18 1.92
CA ILE C 145 -27.92 9.54 2.71
C ILE C 145 -27.45 10.39 3.90
N GLY C 146 -27.57 9.83 5.10
CA GLY C 146 -27.15 10.53 6.30
C GLY C 146 -28.28 10.93 7.22
N ALA C 147 -29.36 11.44 6.64
CA ALA C 147 -30.52 11.91 7.39
C ALA C 147 -31.11 10.97 8.43
N GLN C 148 -31.16 9.66 8.14
CA GLN C 148 -31.73 8.72 9.13
C GLN C 148 -30.84 8.57 10.35
N TYR C 149 -29.56 8.91 10.23
CA TYR C 149 -28.66 8.81 11.38
C TYR C 149 -28.91 9.91 12.41
N ILE C 150 -29.07 11.15 11.99
CA ILE C 150 -29.33 12.22 12.97
C ILE C 150 -30.77 12.15 13.50
N GLN C 151 -31.65 11.48 12.76
CA GLN C 151 -33.02 11.31 13.20
C GLN C 151 -33.13 10.17 14.20
N ALA C 152 -32.22 9.21 14.10
CA ALA C 152 -32.22 8.08 15.01
C ALA C 152 -31.83 8.53 16.41
N ALA C 153 -30.89 9.46 16.51
CA ALA C 153 -30.46 9.96 17.82
C ALA C 153 -31.62 10.68 18.52
N GLY C 154 -32.49 11.31 17.73
CA GLY C 154 -33.62 12.00 18.31
C GLY C 154 -34.62 10.98 18.83
N VAL C 155 -34.93 10.00 17.99
CA VAL C 155 -35.86 8.95 18.36
C VAL C 155 -35.33 8.30 19.62
N ALA C 156 -34.05 7.92 19.61
CA ALA C 156 -33.42 7.30 20.77
C ALA C 156 -33.55 8.18 22.01
N LEU C 157 -33.32 9.48 21.87
CA LEU C 157 -33.42 10.35 23.02
C LEU C 157 -34.88 10.42 23.48
N GLY C 158 -35.79 10.26 22.52
CA GLY C 158 -37.22 10.31 22.84
C GLY C 158 -37.64 9.13 23.68
N LEU C 159 -37.24 7.93 23.25
CA LEU C 159 -37.56 6.71 23.97
C LEU C 159 -37.01 6.77 25.39
N LYS C 160 -35.84 7.38 25.54
CA LYS C 160 -35.19 7.48 26.84
C LYS C 160 -35.95 8.37 27.81
N MET C 161 -36.49 9.47 27.32
CA MET C 161 -37.23 10.42 28.17
C MET C 161 -38.53 9.84 28.70
N ARG C 162 -39.13 8.93 27.95
CA ARG C 162 -40.39 8.33 28.38
C ARG C 162 -40.16 7.09 29.25
N GLY C 163 -38.91 6.68 29.38
CA GLY C 163 -38.58 5.53 30.20
C GLY C 163 -38.79 4.18 29.55
N LYS C 164 -39.06 4.17 28.25
CA LYS C 164 -39.29 2.93 27.54
C LYS C 164 -38.02 2.09 27.44
N LYS C 165 -38.20 0.78 27.46
CA LYS C 165 -37.08 -0.15 27.36
C LYS C 165 -37.00 -0.64 25.91
N ALA C 166 -36.87 0.30 24.99
CA ALA C 166 -36.80 -0.02 23.57
C ALA C 166 -35.58 0.66 22.94
N VAL C 167 -35.27 0.30 21.69
CA VAL C 167 -34.14 0.91 21.02
C VAL C 167 -34.52 1.43 19.64
N ALA C 168 -33.71 2.33 19.11
CA ALA C 168 -33.91 2.84 17.76
C ALA C 168 -32.74 2.23 17.00
N ILE C 169 -33.03 1.60 15.88
CA ILE C 169 -31.99 0.99 15.09
C ILE C 169 -32.06 1.65 13.72
N THR C 170 -30.91 1.85 13.09
CA THR C 170 -30.85 2.53 11.80
C THR C 170 -29.74 1.94 10.91
N TYR C 171 -29.96 1.90 9.59
CA TYR C 171 -29.00 1.34 8.65
C TYR C 171 -28.57 2.34 7.58
N THR C 172 -27.36 2.14 7.05
CA THR C 172 -26.80 2.98 6.00
C THR C 172 -25.63 2.20 5.36
N GLY C 173 -24.99 2.79 4.35
CA GLY C 173 -23.89 2.10 3.70
C GLY C 173 -22.50 2.65 3.94
N ASP C 174 -21.52 2.08 3.23
CA ASP C 174 -20.14 2.53 3.35
C ASP C 174 -19.99 3.97 2.86
N GLY C 175 -20.59 4.28 1.71
CA GLY C 175 -20.50 5.64 1.20
C GLY C 175 -21.16 6.63 2.17
N GLY C 176 -22.19 6.18 2.87
CA GLY C 176 -22.87 7.05 3.81
C GLY C 176 -22.02 7.44 5.01
N THR C 177 -20.93 6.70 5.26
CA THR C 177 -20.06 7.05 6.37
C THR C 177 -19.23 8.33 6.11
N SER C 178 -19.27 8.86 4.89
CA SER C 178 -18.53 10.09 4.56
C SER C 178 -19.35 11.36 4.77
N GLN C 179 -20.67 11.21 4.92
CA GLN C 179 -21.55 12.35 5.13
C GLN C 179 -21.33 13.03 6.46
N GLY C 180 -21.69 14.31 6.52
CA GLY C 180 -21.53 15.04 7.77
C GLY C 180 -22.56 14.57 8.78
N ASP C 181 -23.75 14.20 8.30
CA ASP C 181 -24.85 13.72 9.14
C ASP C 181 -24.53 12.40 9.87
N PHE C 182 -23.73 11.55 9.24
CA PHE C 182 -23.34 10.28 9.84
C PHE C 182 -22.59 10.51 11.14
N TYR C 183 -21.69 11.48 11.12
CA TYR C 183 -20.87 11.80 12.28
C TYR C 183 -21.60 12.57 13.39
N GLU C 184 -22.49 13.48 13.02
CA GLU C 184 -23.23 14.27 14.01
C GLU C 184 -24.20 13.36 14.76
N GLY C 185 -24.77 12.41 14.04
CA GLY C 185 -25.70 11.47 14.65
C GLY C 185 -25.13 10.62 15.76
N ILE C 186 -24.05 9.89 15.51
CA ILE C 186 -23.46 9.04 16.55
C ILE C 186 -22.79 9.86 17.63
N ASN C 187 -22.48 11.12 17.32
CA ASN C 187 -21.84 11.98 18.31
C ASN C 187 -22.90 12.55 19.25
N PHE C 188 -24.07 12.85 18.72
CA PHE C 188 -25.17 13.37 19.53
C PHE C 188 -25.68 12.24 20.40
N ALA C 189 -25.81 11.06 19.81
CA ALA C 189 -26.29 9.85 20.50
C ALA C 189 -25.37 9.54 21.68
N GLY C 190 -24.06 9.72 21.47
CA GLY C 190 -23.08 9.49 22.51
C GLY C 190 -23.11 10.54 23.60
N ALA C 191 -23.13 11.80 23.22
CA ALA C 191 -23.19 12.89 24.18
C ALA C 191 -24.42 12.82 25.11
N PHE C 192 -25.50 12.21 24.62
CA PHE C 192 -26.75 12.08 25.39
C PHE C 192 -26.95 10.67 25.94
N LYS C 193 -25.99 9.80 25.67
CA LYS C 193 -26.06 8.41 26.12
C LYS C 193 -27.44 7.81 25.85
N ALA C 194 -27.83 7.80 24.57
CA ALA C 194 -29.13 7.29 24.17
C ALA C 194 -29.06 5.93 23.49
N PRO C 195 -30.09 5.09 23.72
CA PRO C 195 -30.27 3.73 23.20
C PRO C 195 -30.51 3.68 21.69
N ALA C 196 -29.43 3.85 20.95
CA ALA C 196 -29.47 3.80 19.50
C ALA C 196 -28.42 2.81 19.02
N ILE C 197 -28.78 2.05 18.00
CA ILE C 197 -27.86 1.09 17.40
C ILE C 197 -27.69 1.57 15.95
N PHE C 198 -26.44 1.85 15.59
CA PHE C 198 -26.09 2.33 14.26
C PHE C 198 -25.45 1.18 13.50
N VAL C 199 -26.11 0.74 12.43
CA VAL C 199 -25.61 -0.37 11.63
C VAL C 199 -25.09 0.12 10.28
N VAL C 200 -23.85 -0.25 9.95
CA VAL C 200 -23.23 0.13 8.67
C VAL C 200 -23.09 -1.14 7.85
N GLN C 201 -23.65 -1.14 6.65
CA GLN C 201 -23.57 -2.28 5.75
C GLN C 201 -22.54 -2.01 4.66
N ASN C 202 -21.32 -2.47 4.87
CA ASN C 202 -20.24 -2.26 3.91
C ASN C 202 -20.29 -3.31 2.83
N ASN C 203 -20.96 -3.00 1.72
CA ASN C 203 -21.03 -3.95 0.62
C ASN C 203 -19.95 -3.62 -0.42
N ARG C 204 -18.92 -2.92 0.04
CA ARG C 204 -17.76 -2.55 -0.77
C ARG C 204 -17.94 -1.54 -1.91
N PHE C 205 -19.15 -1.00 -2.07
CA PHE C 205 -19.39 -0.04 -3.15
C PHE C 205 -20.48 0.98 -2.84
N ALA C 206 -20.33 2.14 -3.48
CA ALA C 206 -21.25 3.27 -3.39
C ALA C 206 -21.52 3.55 -4.87
N ILE C 207 -22.55 2.92 -5.39
CA ILE C 207 -22.91 2.99 -6.79
C ILE C 207 -21.62 2.41 -7.35
N SER C 208 -20.93 3.13 -8.23
CA SER C 208 -19.69 2.60 -8.83
C SER C 208 -18.35 2.81 -8.13
N THR C 209 -18.34 3.64 -7.11
CA THR C 209 -17.13 3.97 -6.38
C THR C 209 -16.75 2.95 -5.30
N PRO C 210 -15.52 2.42 -5.35
CA PRO C 210 -15.03 1.43 -4.37
C PRO C 210 -14.74 2.10 -3.01
N VAL C 211 -15.06 1.40 -1.92
CA VAL C 211 -14.86 1.93 -0.57
C VAL C 211 -13.43 2.42 -0.27
N GLU C 212 -12.44 1.89 -0.98
CA GLU C 212 -11.05 2.31 -0.75
C GLU C 212 -10.79 3.80 -1.03
N LYS C 213 -11.69 4.44 -1.79
CA LYS C 213 -11.54 5.85 -2.13
C LYS C 213 -12.43 6.77 -1.26
N GLN C 214 -13.20 6.17 -0.36
CA GLN C 214 -14.08 6.95 0.52
C GLN C 214 -13.24 7.51 1.67
N THR C 215 -12.39 6.68 2.23
CA THR C 215 -11.57 7.07 3.37
C THR C 215 -10.30 6.21 3.44
N VAL C 216 -9.35 6.62 4.27
CA VAL C 216 -8.11 5.86 4.42
C VAL C 216 -8.11 5.07 5.72
N ALA C 217 -9.21 5.16 6.46
CA ALA C 217 -9.33 4.42 7.71
C ALA C 217 -9.25 2.93 7.40
N LYS C 218 -8.49 2.19 8.20
CA LYS C 218 -8.33 0.76 8.01
C LYS C 218 -9.69 0.06 7.99
N THR C 219 -10.58 0.46 8.89
CA THR C 219 -11.92 -0.14 8.93
C THR C 219 -12.95 0.98 9.07
N LEU C 220 -14.22 0.65 8.85
CA LEU C 220 -15.28 1.64 9.00
C LEU C 220 -15.74 1.64 10.46
N ALA C 221 -15.64 0.49 11.13
CA ALA C 221 -16.06 0.39 12.53
C ALA C 221 -15.30 1.33 13.47
N GLN C 222 -14.05 1.61 13.16
CA GLN C 222 -13.22 2.49 13.98
C GLN C 222 -13.70 3.95 13.98
N LYS C 223 -14.57 4.30 13.03
CA LYS C 223 -15.07 5.66 12.98
C LYS C 223 -15.87 6.03 14.23
N ALA C 224 -16.31 5.02 14.99
CA ALA C 224 -17.06 5.26 16.22
C ALA C 224 -16.17 5.92 17.28
N VAL C 225 -14.85 5.74 17.16
CA VAL C 225 -13.90 6.32 18.10
C VAL C 225 -14.00 7.85 18.11
N ALA C 226 -14.37 8.44 16.97
CA ALA C 226 -14.51 9.88 16.89
C ALA C 226 -15.62 10.34 17.83
N ALA C 227 -16.65 9.51 17.99
CA ALA C 227 -17.75 9.87 18.88
C ALA C 227 -17.44 9.37 20.29
N GLY C 228 -16.49 8.46 20.41
CA GLY C 228 -16.16 7.93 21.72
C GLY C 228 -17.02 6.76 22.14
N ILE C 229 -17.77 6.20 21.20
CA ILE C 229 -18.63 5.07 21.50
C ILE C 229 -17.96 3.81 20.95
N PRO C 230 -18.36 2.63 21.45
CA PRO C 230 -17.77 1.38 20.97
C PRO C 230 -18.23 0.95 19.58
N GLY C 231 -17.32 0.33 18.83
CA GLY C 231 -17.63 -0.15 17.49
C GLY C 231 -17.24 -1.60 17.34
N ILE C 232 -17.94 -2.31 16.45
CA ILE C 232 -17.65 -3.73 16.22
C ILE C 232 -17.74 -4.05 14.73
N GLN C 233 -16.74 -4.77 14.21
CA GLN C 233 -16.77 -5.18 12.82
C GLN C 233 -17.13 -6.65 12.83
N VAL C 234 -18.10 -7.06 12.01
CA VAL C 234 -18.49 -8.45 11.97
C VAL C 234 -18.64 -8.95 10.55
N ASP C 235 -18.70 -10.26 10.38
CA ASP C 235 -18.88 -10.87 9.08
C ASP C 235 -20.36 -10.71 8.67
N GLY C 236 -20.60 -9.84 7.69
CA GLY C 236 -21.95 -9.60 7.21
C GLY C 236 -22.56 -10.78 6.51
N MET C 237 -21.74 -11.78 6.18
CA MET C 237 -22.24 -12.98 5.51
C MET C 237 -22.51 -14.07 6.56
N ASP C 238 -22.24 -13.73 7.82
CA ASP C 238 -22.43 -14.64 8.94
C ASP C 238 -23.69 -14.28 9.76
N PRO C 239 -24.81 -14.95 9.49
CA PRO C 239 -26.05 -14.66 10.24
C PRO C 239 -25.96 -14.78 11.75
N LEU C 240 -25.30 -15.82 12.24
CA LEU C 240 -25.20 -15.99 13.69
C LEU C 240 -24.35 -14.94 14.41
N ALA C 241 -23.47 -14.26 13.65
CA ALA C 241 -22.61 -13.21 14.20
C ALA C 241 -23.31 -11.85 14.16
N VAL C 242 -24.11 -11.61 13.14
CA VAL C 242 -24.82 -10.34 13.06
C VAL C 242 -25.84 -10.32 14.19
N TYR C 243 -26.55 -11.44 14.36
CA TYR C 243 -27.55 -11.56 15.40
C TYR C 243 -26.95 -11.34 16.79
N ALA C 244 -25.81 -11.99 17.07
CA ALA C 244 -25.16 -11.83 18.38
C ALA C 244 -24.71 -10.38 18.62
N ALA C 245 -24.11 -9.75 17.61
CA ALA C 245 -23.66 -8.38 17.75
C ALA C 245 -24.81 -7.44 18.06
N VAL C 246 -25.90 -7.54 17.29
CA VAL C 246 -27.06 -6.69 17.50
C VAL C 246 -27.72 -7.02 18.84
N LYS C 247 -27.61 -8.28 19.26
CA LYS C 247 -28.18 -8.71 20.53
C LYS C 247 -27.46 -8.05 21.69
N ALA C 248 -26.13 -8.11 21.69
CA ALA C 248 -25.32 -7.48 22.74
C ALA C 248 -25.53 -5.97 22.74
N ALA C 249 -25.71 -5.38 21.55
CA ALA C 249 -25.93 -3.93 21.44
C ALA C 249 -27.28 -3.55 22.03
N ARG C 250 -28.32 -4.30 21.67
CA ARG C 250 -29.64 -4.03 22.20
C ARG C 250 -29.65 -4.07 23.73
N GLU C 251 -29.03 -5.09 24.31
CA GLU C 251 -28.99 -5.22 25.77
C GLU C 251 -28.27 -4.07 26.46
N ARG C 252 -27.08 -3.76 25.96
CA ARG C 252 -26.27 -2.68 26.49
C ARG C 252 -27.13 -1.40 26.49
N ALA C 253 -27.84 -1.18 25.39
CA ALA C 253 -28.67 0.02 25.25
C ALA C 253 -29.87 0.08 26.19
N ILE C 254 -30.62 -1.00 26.33
CA ILE C 254 -31.77 -0.94 27.21
C ILE C 254 -31.37 -0.86 28.67
N ASN C 255 -30.08 -1.11 28.93
CA ASN C 255 -29.53 -1.01 30.29
C ASN C 255 -28.93 0.39 30.48
N GLY C 256 -29.26 1.28 29.55
CA GLY C 256 -28.77 2.65 29.62
C GLY C 256 -27.27 2.87 29.53
N GLU C 257 -26.58 2.06 28.74
CA GLU C 257 -25.13 2.23 28.62
C GLU C 257 -24.68 2.97 27.36
N GLY C 258 -25.61 3.46 26.56
CA GLY C 258 -25.24 4.17 25.35
C GLY C 258 -25.45 3.45 24.02
N PRO C 259 -25.04 4.10 22.92
CA PRO C 259 -25.16 3.56 21.57
C PRO C 259 -23.95 2.70 21.18
N THR C 260 -24.06 2.03 20.04
CA THR C 260 -22.99 1.19 19.53
C THR C 260 -23.08 1.29 18.00
N LEU C 261 -21.93 1.19 17.34
CA LEU C 261 -21.85 1.22 15.88
C LEU C 261 -21.44 -0.17 15.42
N ILE C 262 -22.19 -0.75 14.49
CA ILE C 262 -21.89 -2.09 13.98
C ILE C 262 -21.64 -2.05 12.47
N GLU C 263 -20.45 -2.52 12.06
CA GLU C 263 -20.10 -2.54 10.65
C GLU C 263 -20.10 -3.95 10.12
N THR C 264 -21.03 -4.26 9.22
CA THR C 264 -21.09 -5.60 8.65
C THR C 264 -20.35 -5.62 7.30
N LEU C 265 -19.58 -6.67 7.07
CA LEU C 265 -18.86 -6.80 5.81
C LEU C 265 -19.68 -7.75 4.96
N CYS C 266 -20.44 -7.20 4.03
CA CYS C 266 -21.26 -8.00 3.14
C CYS C 266 -21.04 -7.69 1.67
N PHE C 267 -22.00 -8.05 0.83
CA PHE C 267 -21.84 -7.83 -0.61
C PHE C 267 -23.19 -7.90 -1.32
N ARG C 268 -23.32 -7.20 -2.44
CA ARG C 268 -24.55 -7.25 -3.21
C ARG C 268 -24.27 -7.86 -4.58
N TYR C 269 -24.88 -9.02 -4.84
CA TYR C 269 -24.71 -9.73 -6.10
C TYR C 269 -25.39 -9.03 -7.27
N GLY C 270 -26.30 -8.11 -6.95
CA GLY C 270 -27.02 -7.41 -8.00
C GLY C 270 -26.61 -5.97 -8.25
N PRO C 271 -27.21 -5.34 -9.27
CA PRO C 271 -26.95 -3.95 -9.66
C PRO C 271 -27.22 -3.01 -8.50
N HIS C 272 -26.57 -1.85 -8.53
CA HIS C 272 -26.76 -0.85 -7.49
C HIS C 272 -28.27 -0.61 -7.35
N THR C 273 -28.93 -0.30 -8.46
CA THR C 273 -30.37 -0.12 -8.50
C THR C 273 -30.84 -0.58 -9.88
N MET C 274 -32.15 -0.77 -10.05
CA MET C 274 -32.69 -1.24 -11.33
C MET C 274 -32.90 -0.17 -12.39
N SER C 275 -32.30 1.00 -12.20
CA SER C 275 -32.46 2.10 -13.14
C SER C 275 -31.63 1.89 -14.42
N GLY C 276 -30.33 1.67 -14.28
CA GLY C 276 -29.49 1.48 -15.46
C GLY C 276 -28.04 1.19 -15.11
N ASP C 277 -27.77 0.98 -13.83
CA ASP C 277 -26.41 0.69 -13.41
C ASP C 277 -25.95 -0.66 -13.96
N ASP C 278 -24.72 -0.70 -14.46
CA ASP C 278 -24.14 -1.93 -15.00
C ASP C 278 -22.78 -2.16 -14.34
N PRO C 279 -22.73 -3.11 -13.39
CA PRO C 279 -21.55 -3.51 -12.61
C PRO C 279 -20.27 -3.88 -13.38
N THR C 280 -20.43 -4.35 -14.62
CA THR C 280 -19.28 -4.75 -15.43
C THR C 280 -18.36 -3.59 -15.77
N ARG C 281 -18.84 -2.36 -15.53
CA ARG C 281 -18.08 -1.17 -15.83
C ARG C 281 -17.15 -0.72 -14.70
N TYR C 282 -17.28 -1.32 -13.51
CA TYR C 282 -16.47 -0.89 -12.38
C TYR C 282 -15.94 -1.96 -11.44
N ARG C 283 -16.40 -3.20 -11.58
CA ARG C 283 -15.91 -4.27 -10.70
C ARG C 283 -15.72 -5.59 -11.43
N SER C 284 -14.63 -6.27 -11.09
CA SER C 284 -14.28 -7.56 -11.68
C SER C 284 -15.38 -8.61 -11.64
N LYS C 285 -15.34 -9.51 -12.62
CA LYS C 285 -16.32 -10.60 -12.70
C LYS C 285 -15.78 -11.75 -11.86
N GLU C 286 -14.46 -11.80 -11.71
CA GLU C 286 -13.78 -12.82 -10.91
C GLU C 286 -13.86 -12.39 -9.44
N LEU C 287 -14.21 -11.13 -9.23
CA LEU C 287 -14.34 -10.60 -7.89
C LEU C 287 -15.74 -10.87 -7.38
N GLU C 288 -16.63 -11.22 -8.30
CA GLU C 288 -18.02 -11.52 -7.96
C GLU C 288 -18.15 -13.01 -7.64
N ASN C 289 -17.11 -13.77 -7.96
CA ASN C 289 -17.11 -15.20 -7.70
C ASN C 289 -16.37 -15.51 -6.40
N GLU C 290 -15.70 -14.50 -5.86
CA GLU C 290 -14.97 -14.66 -4.60
C GLU C 290 -15.96 -14.56 -3.45
N TRP C 291 -17.01 -13.75 -3.65
CA TRP C 291 -18.05 -13.55 -2.64
C TRP C 291 -19.24 -14.47 -2.91
N ALA C 292 -19.26 -15.09 -4.09
CA ALA C 292 -20.33 -16.00 -4.45
C ALA C 292 -20.32 -17.16 -3.48
N LYS C 293 -19.12 -17.63 -3.14
CA LYS C 293 -18.95 -18.75 -2.22
C LYS C 293 -19.25 -18.39 -0.77
N LYS C 294 -19.19 -17.10 -0.45
CA LYS C 294 -19.44 -16.65 0.91
C LYS C 294 -20.92 -16.34 1.19
N ASP C 295 -21.78 -16.82 0.31
CA ASP C 295 -23.24 -16.65 0.39
C ASP C 295 -23.77 -17.11 1.74
N PRO C 296 -24.49 -16.23 2.46
CA PRO C 296 -25.03 -16.61 3.77
C PRO C 296 -26.01 -17.78 3.75
N LEU C 297 -26.78 -17.92 2.68
CA LEU C 297 -27.74 -19.03 2.61
C LEU C 297 -27.02 -20.38 2.57
N VAL C 298 -25.90 -20.45 1.86
CA VAL C 298 -25.13 -21.69 1.74
C VAL C 298 -24.57 -22.21 3.05
N ARG C 299 -23.88 -21.34 3.80
CA ARG C 299 -23.28 -21.79 5.05
C ARG C 299 -24.30 -22.12 6.13
N PHE C 300 -25.36 -21.30 6.23
CA PHE C 300 -26.39 -21.53 7.24
C PHE C 300 -27.15 -22.79 6.89
N ARG C 301 -27.27 -23.08 5.61
CA ARG C 301 -27.97 -24.28 5.19
C ARG C 301 -27.22 -25.52 5.68
N LYS C 302 -25.90 -25.49 5.55
CA LYS C 302 -25.07 -26.63 5.98
C LYS C 302 -25.07 -26.78 7.49
N PHE C 303 -25.06 -25.66 8.18
CA PHE C 303 -25.07 -25.67 9.64
C PHE C 303 -26.32 -26.44 10.10
N LEU C 304 -27.48 -26.08 9.56
CA LEU C 304 -28.74 -26.72 9.92
C LEU C 304 -28.85 -28.17 9.45
N GLU C 305 -28.45 -28.43 8.21
CA GLU C 305 -28.50 -29.80 7.69
C GLU C 305 -27.64 -30.72 8.53
N ALA C 306 -26.67 -30.15 9.24
CA ALA C 306 -25.78 -30.93 10.09
C ALA C 306 -26.46 -31.26 11.42
N LYS C 307 -27.61 -30.65 11.67
CA LYS C 307 -28.34 -30.90 12.91
C LYS C 307 -29.70 -31.51 12.60
N GLY C 308 -29.89 -31.87 11.33
CA GLY C 308 -31.14 -32.47 10.91
C GLY C 308 -32.30 -31.52 11.12
N LEU C 309 -32.05 -30.23 10.94
CA LEU C 309 -33.09 -29.23 11.11
C LEU C 309 -33.50 -28.57 9.80
N TRP C 310 -33.08 -29.14 8.68
CA TRP C 310 -33.45 -28.55 7.39
C TRP C 310 -33.34 -29.53 6.22
N SER C 311 -34.39 -29.54 5.41
CA SER C 311 -34.47 -30.40 4.23
C SER C 311 -34.96 -29.57 3.05
N GLU C 312 -34.67 -30.04 1.84
CA GLU C 312 -35.09 -29.33 0.64
C GLU C 312 -36.62 -29.29 0.55
N GLU C 313 -37.27 -30.13 1.34
CA GLU C 313 -38.74 -30.18 1.37
C GLU C 313 -39.28 -28.93 2.07
N GLU C 314 -38.63 -28.53 3.16
CA GLU C 314 -39.04 -27.33 3.89
C GLU C 314 -38.68 -26.07 3.11
N GLU C 315 -37.60 -26.14 2.35
CA GLU C 315 -37.15 -25.00 1.58
C GLU C 315 -38.07 -24.70 0.39
N ASN C 316 -38.55 -25.74 -0.27
CA ASN C 316 -39.45 -25.55 -1.40
C ASN C 316 -40.83 -25.11 -0.91
N ASN C 317 -41.17 -25.51 0.32
CA ASN C 317 -42.45 -25.13 0.91
C ASN C 317 -42.42 -23.63 1.18
N VAL C 318 -41.23 -23.12 1.46
CA VAL C 318 -41.07 -21.69 1.72
C VAL C 318 -41.00 -20.94 0.38
N ILE C 319 -40.40 -21.57 -0.63
CA ILE C 319 -40.33 -20.96 -1.95
C ILE C 319 -41.75 -20.81 -2.50
N GLU C 320 -42.58 -21.83 -2.28
CA GLU C 320 -43.98 -21.79 -2.74
C GLU C 320 -44.77 -20.71 -2.01
N GLN C 321 -44.72 -20.74 -0.69
CA GLN C 321 -45.42 -19.75 0.12
C GLN C 321 -45.00 -18.34 -0.29
N ALA C 322 -43.72 -18.18 -0.64
CA ALA C 322 -43.20 -16.89 -1.07
C ALA C 322 -43.81 -16.41 -2.38
N LYS C 323 -43.69 -17.23 -3.42
CA LYS C 323 -44.25 -16.87 -4.73
C LYS C 323 -45.75 -16.52 -4.61
N GLU C 324 -46.49 -17.38 -3.90
CA GLU C 324 -47.93 -17.20 -3.69
C GLU C 324 -48.24 -15.83 -3.09
N GLU C 325 -47.50 -15.46 -2.05
CA GLU C 325 -47.70 -14.17 -1.39
C GLU C 325 -47.28 -13.00 -2.26
N ILE C 326 -46.17 -13.13 -2.97
CA ILE C 326 -45.70 -12.06 -3.86
C ILE C 326 -46.82 -11.75 -4.84
N LYS C 327 -47.41 -12.82 -5.37
CA LYS C 327 -48.51 -12.74 -6.33
C LYS C 327 -49.71 -11.97 -5.77
N GLU C 328 -50.02 -12.18 -4.49
CA GLU C 328 -51.14 -11.48 -3.85
C GLU C 328 -50.86 -10.01 -3.54
N ALA C 329 -49.62 -9.71 -3.16
CA ALA C 329 -49.24 -8.34 -2.84
C ALA C 329 -49.38 -7.51 -4.11
N ILE C 330 -48.94 -8.09 -5.21
CA ILE C 330 -49.00 -7.44 -6.51
C ILE C 330 -50.44 -7.13 -6.97
N LYS C 331 -51.38 -8.04 -6.72
CA LYS C 331 -52.77 -7.83 -7.12
C LYS C 331 -53.43 -6.78 -6.22
N LYS C 332 -52.99 -6.73 -4.96
CA LYS C 332 -53.51 -5.76 -3.98
C LYS C 332 -53.04 -4.34 -4.26
N ALA C 333 -51.83 -4.20 -4.79
CA ALA C 333 -51.29 -2.88 -5.10
C ALA C 333 -51.98 -2.31 -6.35
N ASP C 334 -52.42 -3.21 -7.23
CA ASP C 334 -53.10 -2.79 -8.46
C ASP C 334 -54.53 -2.33 -8.15
N GLU C 335 -55.17 -2.98 -7.17
CA GLU C 335 -56.54 -2.64 -6.77
C GLU C 335 -56.61 -1.32 -6.00
N THR C 336 -55.44 -0.76 -5.67
CA THR C 336 -55.40 0.50 -4.92
C THR C 336 -55.88 1.65 -5.79
N PRO C 337 -56.85 2.43 -5.30
CA PRO C 337 -57.37 3.57 -6.07
C PRO C 337 -56.27 4.55 -6.48
N LYS C 338 -56.32 5.01 -7.73
CA LYS C 338 -55.34 5.97 -8.24
C LYS C 338 -55.22 7.19 -7.33
N GLN C 339 -54.12 7.92 -7.44
CA GLN C 339 -53.89 9.11 -6.61
C GLN C 339 -54.42 10.38 -7.26
N LYS C 340 -55.03 11.24 -6.44
CA LYS C 340 -55.58 12.50 -6.90
C LYS C 340 -54.88 13.70 -6.25
N VAL C 341 -54.80 14.80 -7.00
CA VAL C 341 -54.15 15.99 -6.52
C VAL C 341 -54.85 16.54 -5.28
N THR C 342 -56.12 16.19 -5.09
CA THR C 342 -56.82 16.65 -3.87
C THR C 342 -56.34 15.78 -2.70
N ASP C 343 -55.93 14.55 -2.99
CA ASP C 343 -55.43 13.66 -1.95
C ASP C 343 -54.06 14.15 -1.50
N LEU C 344 -53.29 14.74 -2.41
CA LEU C 344 -51.96 15.24 -2.04
C LEU C 344 -52.08 16.52 -1.23
N ILE C 345 -53.13 17.29 -1.46
CA ILE C 345 -53.37 18.54 -0.74
C ILE C 345 -53.86 18.29 0.69
N SER C 346 -54.76 17.33 0.85
CA SER C 346 -55.33 17.00 2.16
C SER C 346 -54.34 16.52 3.22
N ILE C 347 -53.23 15.93 2.80
CA ILE C 347 -52.22 15.41 3.73
C ILE C 347 -51.03 16.36 3.94
N MET C 348 -51.14 17.60 3.48
CA MET C 348 -50.06 18.55 3.64
C MET C 348 -50.01 19.15 5.04
N PHE C 349 -51.18 19.52 5.56
CA PHE C 349 -51.29 20.13 6.88
C PHE C 349 -52.49 19.56 7.63
N GLU C 350 -52.58 19.83 8.93
CA GLU C 350 -53.72 19.34 9.72
C GLU C 350 -54.88 20.25 9.34
N GLU C 351 -54.59 21.54 9.27
CA GLU C 351 -55.57 22.53 8.89
C GLU C 351 -54.99 23.32 7.71
N LEU C 352 -55.64 23.20 6.56
CA LEU C 352 -55.19 23.86 5.35
C LEU C 352 -55.11 25.38 5.38
N PRO C 353 -53.94 25.94 5.03
CA PRO C 353 -53.79 27.40 5.01
C PRO C 353 -54.51 27.97 3.78
N PHE C 354 -54.68 29.28 3.72
CA PHE C 354 -55.41 29.91 2.61
C PHE C 354 -55.07 29.54 1.16
N ASN C 355 -53.78 29.52 0.81
CA ASN C 355 -53.38 29.20 -0.56
C ASN C 355 -53.72 27.79 -1.02
N LEU C 356 -53.80 26.83 -0.09
CA LEU C 356 -54.16 25.47 -0.45
C LEU C 356 -55.67 25.27 -0.48
N LYS C 357 -56.41 26.13 0.21
CA LYS C 357 -57.87 26.03 0.20
C LYS C 357 -58.31 26.41 -1.21
N GLU C 358 -57.76 27.50 -1.73
CA GLU C 358 -58.08 27.93 -3.07
C GLU C 358 -57.81 26.79 -4.06
N GLN C 359 -56.56 26.33 -4.05
CA GLN C 359 -56.13 25.27 -4.94
C GLN C 359 -56.97 24.01 -4.78
N TYR C 360 -57.35 23.70 -3.54
CA TYR C 360 -58.18 22.52 -3.29
C TYR C 360 -59.49 22.64 -4.10
N GLU C 361 -60.11 23.81 -4.05
CA GLU C 361 -61.34 24.03 -4.79
C GLU C 361 -61.06 23.90 -6.27
N ILE C 362 -60.02 24.60 -6.70
CA ILE C 362 -59.62 24.57 -8.11
C ILE C 362 -59.40 23.16 -8.65
N TYR C 363 -58.80 22.28 -7.85
CA TYR C 363 -58.55 20.92 -8.33
C TYR C 363 -59.69 19.96 -8.04
N LYS C 364 -60.66 20.38 -7.23
CA LYS C 364 -61.80 19.53 -6.95
C LYS C 364 -62.75 19.54 -8.15
N GLU C 365 -62.75 20.65 -8.89
CA GLU C 365 -63.60 20.79 -10.06
C GLU C 365 -62.96 20.06 -11.23
N LYS C 366 -61.64 20.23 -11.37
CA LYS C 366 -60.89 19.60 -12.45
C LYS C 366 -60.89 18.07 -12.34
N GLU C 367 -61.24 17.55 -11.18
CA GLU C 367 -61.27 16.10 -10.98
C GLU C 367 -62.69 15.55 -11.11
N SER C 368 -63.62 16.41 -11.49
CA SER C 368 -65.01 16.00 -11.66
C SER C 368 -65.53 16.26 -13.07
N LYS C 369 -65.00 15.50 -14.03
CA LYS C 369 -65.41 15.66 -15.42
C LYS C 369 -65.59 14.34 -16.14
N ALA D 2 -49.05 43.77 31.71
CA ALA D 2 -47.89 44.58 32.19
C ALA D 2 -47.02 45.01 31.02
N GLN D 3 -46.36 46.16 31.16
CA GLN D 3 -45.50 46.66 30.12
C GLN D 3 -44.37 45.67 29.90
N MET D 4 -44.15 45.25 28.65
CA MET D 4 -43.12 44.29 28.33
C MET D 4 -42.38 44.65 27.05
N THR D 5 -41.15 44.16 26.92
CA THR D 5 -40.39 44.34 25.69
C THR D 5 -40.67 43.07 24.88
N MET D 6 -40.21 43.01 23.63
CA MET D 6 -40.47 41.82 22.84
C MET D 6 -39.81 40.57 23.40
N VAL D 7 -38.56 40.68 23.88
CA VAL D 7 -37.86 39.52 24.41
C VAL D 7 -38.57 39.00 25.66
N GLN D 8 -39.18 39.89 26.43
CA GLN D 8 -39.91 39.48 27.63
C GLN D 8 -41.23 38.78 27.28
N ALA D 9 -41.83 39.18 26.17
CA ALA D 9 -43.08 38.58 25.72
C ALA D 9 -42.83 37.16 25.22
N ILE D 10 -41.67 36.98 24.59
CA ILE D 10 -41.28 35.68 24.06
C ILE D 10 -41.01 34.74 25.22
N THR D 11 -40.32 35.25 26.23
CA THR D 11 -39.99 34.48 27.41
C THR D 11 -41.25 33.98 28.12
N ASP D 12 -42.18 34.89 28.36
CA ASP D 12 -43.42 34.53 29.05
C ASP D 12 -44.28 33.55 28.24
N ALA D 13 -44.24 33.65 26.91
CA ALA D 13 -45.01 32.73 26.07
C ALA D 13 -44.44 31.31 26.20
N LEU D 14 -43.11 31.20 26.24
CA LEU D 14 -42.47 29.88 26.37
C LEU D 14 -42.84 29.26 27.72
N ARG D 15 -42.90 30.09 28.76
CA ARG D 15 -43.24 29.61 30.09
C ARG D 15 -44.68 29.13 30.11
N ILE D 16 -45.57 29.87 29.46
CA ILE D 16 -46.98 29.48 29.40
C ILE D 16 -47.11 28.09 28.75
N GLU D 17 -46.33 27.85 27.70
CA GLU D 17 -46.39 26.58 27.00
C GLU D 17 -45.73 25.39 27.69
N LEU D 18 -44.59 25.64 28.32
CA LEU D 18 -43.90 24.58 29.06
C LEU D 18 -44.81 24.08 30.18
N LYS D 19 -45.56 25.00 30.78
CA LYS D 19 -46.46 24.69 31.88
C LYS D 19 -47.76 24.00 31.43
N ASN D 20 -48.31 24.40 30.29
CA ASN D 20 -49.55 23.80 29.83
C ASN D 20 -49.38 22.45 29.15
N ASP D 21 -48.17 22.14 28.71
CA ASP D 21 -47.97 20.87 28.00
C ASP D 21 -46.61 20.21 28.29
N PRO D 22 -46.61 19.08 29.03
CA PRO D 22 -45.39 18.36 29.39
C PRO D 22 -44.59 17.80 28.20
N ASN D 23 -45.19 17.87 27.01
CA ASN D 23 -44.51 17.40 25.80
C ASN D 23 -43.57 18.45 25.20
N VAL D 24 -43.74 19.70 25.59
CA VAL D 24 -42.91 20.77 25.06
C VAL D 24 -41.48 20.68 25.60
N LEU D 25 -40.51 20.92 24.73
CA LEU D 25 -39.09 20.86 25.06
C LEU D 25 -38.38 22.02 24.37
N ILE D 26 -37.47 22.67 25.08
CA ILE D 26 -36.70 23.76 24.51
C ILE D 26 -35.24 23.33 24.51
N PHE D 27 -34.57 23.47 23.35
CA PHE D 27 -33.18 23.10 23.27
C PHE D 27 -32.43 23.84 22.16
N GLY D 28 -31.10 23.82 22.25
CA GLY D 28 -30.26 24.48 21.27
C GLY D 28 -28.93 24.88 21.89
N GLU D 29 -28.13 25.64 21.16
CA GLU D 29 -26.83 26.09 21.66
C GLU D 29 -26.97 27.13 22.77
N ASP D 30 -26.47 26.79 23.95
CA ASP D 30 -26.48 27.68 25.10
C ASP D 30 -27.83 28.23 25.55
N VAL D 31 -28.88 27.44 25.42
CA VAL D 31 -30.22 27.87 25.83
C VAL D 31 -30.51 27.53 27.29
N GLY D 32 -29.69 26.68 27.88
CA GLY D 32 -29.89 26.27 29.27
C GLY D 32 -29.45 27.27 30.32
N VAL D 33 -28.60 26.82 31.24
CA VAL D 33 -28.09 27.65 32.34
C VAL D 33 -27.79 29.07 31.91
N ASN D 34 -27.31 29.24 30.69
CA ASN D 34 -26.95 30.54 30.16
C ASN D 34 -28.19 31.39 29.81
N GLY D 35 -29.27 30.73 29.45
CA GLY D 35 -30.49 31.45 29.12
C GLY D 35 -30.50 32.09 27.75
N GLY D 36 -29.57 31.70 26.89
CA GLY D 36 -29.52 32.24 25.55
C GLY D 36 -28.67 33.48 25.35
N VAL D 37 -28.34 33.73 24.07
CA VAL D 37 -27.53 34.88 23.69
C VAL D 37 -28.19 36.21 24.08
N PHE D 38 -29.52 36.29 23.93
CA PHE D 38 -30.24 37.51 24.24
C PHE D 38 -31.21 37.33 25.41
N ARG D 39 -30.96 36.33 26.25
CA ARG D 39 -31.79 36.04 27.43
C ARG D 39 -33.21 35.56 27.15
N ALA D 40 -33.50 35.15 25.92
CA ALA D 40 -34.84 34.69 25.58
C ALA D 40 -35.35 33.51 26.44
N THR D 41 -34.46 32.61 26.86
CA THR D 41 -34.85 31.45 27.66
C THR D 41 -34.39 31.51 29.12
N GLU D 42 -34.02 32.71 29.56
CA GLU D 42 -33.54 32.88 30.93
C GLU D 42 -34.49 32.29 31.98
N GLY D 43 -33.91 31.56 32.92
CA GLY D 43 -34.70 30.98 34.00
C GLY D 43 -35.61 29.80 33.71
N LEU D 44 -35.74 29.37 32.45
CA LEU D 44 -36.63 28.25 32.16
C LEU D 44 -36.10 26.91 32.65
N GLN D 45 -34.82 26.62 32.42
CA GLN D 45 -34.24 25.35 32.88
C GLN D 45 -34.30 25.17 34.40
N ALA D 46 -34.12 26.27 35.14
CA ALA D 46 -34.16 26.22 36.60
C ALA D 46 -35.56 25.92 37.11
N GLU D 47 -36.57 26.31 36.35
CA GLU D 47 -37.94 26.09 36.75
C GLU D 47 -38.51 24.75 36.31
N PHE D 48 -38.09 24.27 35.13
CA PHE D 48 -38.63 23.01 34.59
C PHE D 48 -37.67 21.84 34.53
N GLY D 49 -36.40 22.08 34.86
CA GLY D 49 -35.42 21.00 34.83
C GLY D 49 -34.69 20.77 33.52
N GLU D 50 -33.54 20.10 33.62
CA GLU D 50 -32.71 19.80 32.48
C GLU D 50 -33.37 18.81 31.52
N ASP D 51 -34.47 18.22 31.96
CA ASP D 51 -35.19 17.27 31.13
C ASP D 51 -36.04 17.97 30.07
N ARG D 52 -36.46 19.19 30.36
CA ARG D 52 -37.32 19.97 29.45
C ARG D 52 -36.59 21.07 28.67
N VAL D 53 -35.55 21.65 29.30
CA VAL D 53 -34.76 22.74 28.74
C VAL D 53 -33.29 22.37 28.83
N PHE D 54 -32.67 22.08 27.69
CA PHE D 54 -31.26 21.66 27.70
C PHE D 54 -30.42 22.14 26.52
N ASP D 55 -29.11 21.97 26.66
CA ASP D 55 -28.13 22.36 25.65
C ASP D 55 -27.67 21.17 24.80
N THR D 56 -27.10 21.46 23.65
CA THR D 56 -26.65 20.40 22.75
C THR D 56 -25.28 20.69 22.16
N PRO D 57 -24.68 19.69 21.51
CA PRO D 57 -23.37 19.90 20.88
C PRO D 57 -23.55 20.98 19.82
N LEU D 58 -22.45 21.56 19.34
CA LEU D 58 -22.50 22.61 18.34
C LEU D 58 -22.64 22.04 16.90
N ALA D 59 -23.86 21.92 16.41
CA ALA D 59 -24.12 21.38 15.06
C ALA D 59 -25.60 21.55 14.73
N GLU D 60 -25.89 22.58 13.93
CA GLU D 60 -27.27 22.88 13.57
C GLU D 60 -27.99 21.69 12.95
N SER D 61 -27.32 20.99 12.06
CA SER D 61 -27.90 19.84 11.39
C SER D 61 -28.39 18.83 12.45
N GLY D 62 -27.61 18.67 13.50
CA GLY D 62 -27.99 17.73 14.56
C GLY D 62 -29.16 18.20 15.40
N ILE D 63 -29.27 19.51 15.58
CA ILE D 63 -30.36 20.07 16.35
C ILE D 63 -31.66 19.78 15.59
N GLY D 64 -31.61 19.95 14.27
CA GLY D 64 -32.78 19.73 13.44
C GLY D 64 -33.20 18.27 13.39
N GLY D 65 -32.22 17.38 13.32
CA GLY D 65 -32.52 15.96 13.28
C GLY D 65 -33.12 15.54 14.61
N LEU D 66 -32.52 16.05 15.67
CA LEU D 66 -32.97 15.76 17.02
C LEU D 66 -34.45 16.06 17.14
N ALA D 67 -34.83 17.28 16.75
CA ALA D 67 -36.23 17.70 16.82
C ALA D 67 -37.15 16.73 16.06
N ILE D 68 -36.71 16.24 14.91
CA ILE D 68 -37.51 15.30 14.14
C ILE D 68 -37.77 14.00 14.92
N GLY D 69 -36.71 13.37 15.40
CA GLY D 69 -36.86 12.16 16.16
C GLY D 69 -37.76 12.36 17.36
N LEU D 70 -37.52 13.42 18.13
CA LEU D 70 -38.33 13.72 19.30
C LEU D 70 -39.82 13.76 18.98
N ALA D 71 -40.17 14.43 17.89
CA ALA D 71 -41.57 14.54 17.46
C ALA D 71 -42.12 13.19 16.96
N LEU D 72 -41.26 12.27 16.54
CA LEU D 72 -41.73 10.95 16.09
C LEU D 72 -42.12 10.21 17.37
N GLN D 73 -41.59 10.67 18.50
CA GLN D 73 -41.89 10.04 19.79
C GLN D 73 -42.90 10.84 20.60
N GLY D 74 -43.75 11.61 19.92
CA GLY D 74 -44.80 12.37 20.59
C GLY D 74 -44.52 13.72 21.24
N PHE D 75 -43.27 14.16 21.29
CA PHE D 75 -42.96 15.45 21.91
C PHE D 75 -43.33 16.64 21.01
N ARG D 76 -43.20 17.85 21.56
CA ARG D 76 -43.53 19.07 20.83
C ARG D 76 -42.30 19.99 20.99
N PRO D 77 -41.27 19.73 20.17
CA PRO D 77 -39.98 20.45 20.12
C PRO D 77 -40.00 21.92 19.75
N VAL D 78 -39.23 22.70 20.48
CA VAL D 78 -39.12 24.13 20.21
C VAL D 78 -37.61 24.40 20.18
N PRO D 79 -36.93 23.95 19.11
CA PRO D 79 -35.49 24.14 18.94
C PRO D 79 -35.08 25.56 18.56
N GLU D 80 -33.80 25.88 18.76
CA GLU D 80 -33.29 27.23 18.46
C GLU D 80 -31.99 27.30 17.67
N ILE D 81 -31.98 28.17 16.66
CA ILE D 81 -30.78 28.42 15.83
C ILE D 81 -30.28 29.77 16.34
N GLN D 82 -29.05 29.83 16.82
CA GLN D 82 -28.50 31.06 17.39
C GLN D 82 -28.71 32.34 16.58
N PHE D 83 -28.62 32.23 15.26
CA PHE D 83 -28.81 33.36 14.35
C PHE D 83 -29.33 32.71 13.07
N PHE D 84 -30.28 33.34 12.40
CA PHE D 84 -30.85 32.74 11.21
C PHE D 84 -29.92 32.67 9.99
N GLY D 85 -28.75 33.29 10.11
CA GLY D 85 -27.80 33.22 9.02
C GLY D 85 -27.12 31.86 9.02
N PHE D 86 -27.41 31.05 10.03
CA PHE D 86 -26.81 29.73 10.13
C PHE D 86 -27.78 28.65 9.71
N VAL D 87 -28.86 29.04 9.05
CA VAL D 87 -29.84 28.05 8.62
C VAL D 87 -29.32 27.22 7.44
N TYR D 88 -28.36 27.76 6.68
CA TYR D 88 -27.80 27.03 5.55
C TYR D 88 -27.32 25.67 6.03
N GLU D 89 -26.78 25.67 7.24
CA GLU D 89 -26.28 24.44 7.87
C GLU D 89 -27.37 23.39 8.11
N VAL D 90 -28.63 23.82 8.20
CA VAL D 90 -29.72 22.88 8.49
C VAL D 90 -30.87 22.82 7.48
N MET D 91 -30.64 23.33 6.28
CA MET D 91 -31.66 23.33 5.23
C MET D 91 -32.31 21.98 4.94
N ASP D 92 -31.53 20.90 4.93
CA ASP D 92 -32.12 19.59 4.65
C ASP D 92 -33.14 19.14 5.69
N SER D 93 -32.81 19.28 6.97
CA SER D 93 -33.75 18.88 8.01
C SER D 93 -35.06 19.66 7.92
N ILE D 94 -34.95 20.99 7.86
CA ILE D 94 -36.13 21.84 7.78
C ILE D 94 -36.98 21.62 6.52
N CYS D 95 -36.40 21.90 5.36
CA CYS D 95 -37.10 21.78 4.08
C CYS D 95 -37.14 20.41 3.42
N GLY D 96 -36.09 19.62 3.60
CA GLY D 96 -36.08 18.31 2.97
C GLY D 96 -36.62 17.21 3.87
N GLN D 97 -36.91 17.54 5.11
CA GLN D 97 -37.40 16.54 6.03
C GLN D 97 -38.71 16.84 6.76
N MET D 98 -38.64 17.62 7.82
CA MET D 98 -39.81 17.93 8.64
C MET D 98 -41.02 18.58 7.95
N ALA D 99 -40.80 19.32 6.89
CA ALA D 99 -41.89 19.99 6.20
C ALA D 99 -42.62 19.03 5.27
N ARG D 100 -42.04 17.85 5.08
CA ARG D 100 -42.62 16.87 4.17
C ARG D 100 -43.06 15.61 4.89
N ILE D 101 -42.80 15.52 6.18
CA ILE D 101 -43.16 14.29 6.88
C ILE D 101 -44.63 13.92 6.91
N ARG D 102 -45.53 14.88 7.13
CA ARG D 102 -46.95 14.55 7.15
C ARG D 102 -47.34 14.05 5.78
N TYR D 103 -46.83 14.72 4.76
CA TYR D 103 -47.12 14.38 3.38
C TYR D 103 -46.52 13.01 3.03
N ARG D 104 -45.27 12.80 3.41
CA ARG D 104 -44.54 11.58 3.14
C ARG D 104 -45.10 10.34 3.85
N THR D 105 -45.92 10.55 4.88
CA THR D 105 -46.48 9.43 5.63
C THR D 105 -48.00 9.39 5.53
N GLY D 106 -48.53 10.09 4.53
CA GLY D 106 -49.96 10.13 4.32
C GLY D 106 -50.73 10.41 5.59
N GLY D 107 -50.19 11.28 6.43
CA GLY D 107 -50.85 11.63 7.67
C GLY D 107 -50.43 10.84 8.90
N ARG D 108 -49.88 9.65 8.69
CA ARG D 108 -49.44 8.79 9.79
C ARG D 108 -48.59 9.51 10.86
N TYR D 109 -47.61 10.29 10.43
CA TYR D 109 -46.76 11.03 11.39
C TYR D 109 -46.87 12.50 11.07
N HIS D 110 -46.59 13.34 12.05
CA HIS D 110 -46.62 14.78 11.85
C HIS D 110 -45.49 15.41 12.63
N MET D 111 -45.22 16.66 12.34
CA MET D 111 -44.14 17.35 12.98
C MET D 111 -44.58 18.60 13.69
N PRO D 112 -45.00 18.46 14.95
CA PRO D 112 -45.45 19.62 15.73
C PRO D 112 -44.21 20.39 16.27
N ILE D 113 -43.42 20.95 15.35
CA ILE D 113 -42.19 21.66 15.70
C ILE D 113 -42.18 23.17 15.42
N THR D 114 -41.55 23.94 16.30
CA THR D 114 -41.41 25.39 16.12
C THR D 114 -39.94 25.79 16.28
N ILE D 115 -39.36 26.39 15.24
CA ILE D 115 -37.97 26.84 15.29
C ILE D 115 -37.90 28.35 15.54
N ARG D 116 -37.13 28.72 16.55
CA ARG D 116 -36.96 30.12 16.91
C ARG D 116 -35.62 30.58 16.43
N SER D 117 -35.55 31.80 15.92
CA SER D 117 -34.29 32.31 15.44
C SER D 117 -34.26 33.81 15.20
N PRO D 118 -33.27 34.51 15.78
CA PRO D 118 -33.14 35.96 15.62
C PRO D 118 -32.45 36.29 14.29
N PHE D 119 -32.79 37.43 13.73
CA PHE D 119 -32.23 37.89 12.44
C PHE D 119 -32.47 39.40 12.36
N GLY D 120 -31.88 40.04 11.36
CA GLY D 120 -32.07 41.47 11.22
C GLY D 120 -30.83 42.31 11.41
N GLY D 121 -30.78 43.47 10.77
CA GLY D 121 -29.62 44.33 10.89
C GLY D 121 -29.80 45.60 11.67
N GLY D 122 -28.76 46.43 11.66
CA GLY D 122 -28.81 47.70 12.37
C GLY D 122 -28.15 47.70 13.74
N VAL D 123 -27.48 46.61 14.10
CA VAL D 123 -26.82 46.51 15.41
C VAL D 123 -25.33 46.19 15.35
N HIS D 124 -24.73 46.31 14.17
CA HIS D 124 -23.30 46.05 13.95
C HIS D 124 -22.62 44.71 14.16
N THR D 125 -23.32 43.64 13.79
CA THR D 125 -22.92 42.27 14.12
C THR D 125 -21.88 41.78 13.10
N PRO D 126 -21.16 40.69 13.41
CA PRO D 126 -20.17 40.22 12.43
C PRO D 126 -20.90 39.52 11.28
N GLU D 127 -20.15 39.13 10.25
CA GLU D 127 -20.69 38.47 9.07
C GLU D 127 -21.75 37.39 9.33
N LEU D 128 -22.68 37.29 8.39
CA LEU D 128 -23.76 36.30 8.44
C LEU D 128 -24.64 36.25 9.69
N HIS D 129 -24.78 37.37 10.39
CA HIS D 129 -25.61 37.42 11.60
C HIS D 129 -26.91 38.19 11.40
N SER D 130 -26.91 39.11 10.42
CA SER D 130 -28.08 39.92 10.16
C SER D 130 -28.89 39.61 8.90
N ASP D 131 -28.35 38.77 8.02
CA ASP D 131 -29.04 38.41 6.79
C ASP D 131 -30.51 38.04 6.96
N SER D 132 -31.31 38.35 5.94
CA SER D 132 -32.74 38.02 5.92
C SER D 132 -32.92 36.91 4.89
N LEU D 133 -33.17 35.70 5.36
CA LEU D 133 -33.34 34.57 4.47
C LEU D 133 -34.74 33.97 4.49
N GLU D 134 -35.69 34.66 5.12
CA GLU D 134 -37.06 34.14 5.20
C GLU D 134 -37.64 33.88 3.83
N GLY D 135 -37.03 34.47 2.80
CA GLY D 135 -37.51 34.24 1.45
C GLY D 135 -37.28 32.78 1.09
N LEU D 136 -36.21 32.20 1.60
CA LEU D 136 -35.87 30.80 1.35
C LEU D 136 -36.89 29.84 1.95
N VAL D 137 -37.15 29.96 3.26
CA VAL D 137 -38.11 29.08 3.91
C VAL D 137 -39.55 29.31 3.41
N ALA D 138 -39.82 30.51 2.94
CA ALA D 138 -41.14 30.83 2.41
C ALA D 138 -41.43 30.03 1.12
N GLN D 139 -40.39 29.42 0.54
CA GLN D 139 -40.55 28.67 -0.70
C GLN D 139 -40.83 27.17 -0.55
N GLN D 140 -40.84 26.67 0.68
CA GLN D 140 -41.06 25.25 0.90
C GLN D 140 -42.45 24.88 1.40
N PRO D 141 -43.26 24.21 0.54
CA PRO D 141 -44.62 23.79 0.91
C PRO D 141 -44.53 23.00 2.21
N GLY D 142 -45.47 23.23 3.12
CA GLY D 142 -45.46 22.52 4.39
C GLY D 142 -44.89 23.31 5.56
N LEU D 143 -44.47 24.56 5.32
CA LEU D 143 -43.95 25.40 6.39
C LEU D 143 -44.81 26.64 6.57
N LYS D 144 -44.69 27.24 7.74
CA LYS D 144 -45.38 28.49 8.02
C LYS D 144 -44.27 29.33 8.62
N VAL D 145 -44.10 30.53 8.10
CA VAL D 145 -43.07 31.45 8.56
C VAL D 145 -43.76 32.65 9.20
N VAL D 146 -43.38 32.96 10.43
CA VAL D 146 -43.97 34.06 11.18
C VAL D 146 -42.92 35.05 11.64
N ILE D 147 -43.23 36.34 11.54
CA ILE D 147 -42.29 37.39 11.94
C ILE D 147 -43.01 38.53 12.69
N PRO D 148 -43.03 38.47 14.02
CA PRO D 148 -43.70 39.53 14.79
C PRO D 148 -42.91 40.82 14.76
N SER D 149 -43.60 41.92 15.01
CA SER D 149 -42.98 43.24 15.04
C SER D 149 -43.22 43.94 16.37
N THR D 150 -44.19 43.45 17.15
CA THR D 150 -44.52 44.02 18.47
C THR D 150 -44.57 42.96 19.56
N PRO D 151 -44.41 43.38 20.82
CA PRO D 151 -44.45 42.45 21.94
C PRO D 151 -45.78 41.70 22.03
N TYR D 152 -46.88 42.42 21.86
CA TYR D 152 -48.20 41.82 21.91
C TYR D 152 -48.33 40.71 20.86
N ASP D 153 -47.97 41.05 19.63
CA ASP D 153 -48.04 40.09 18.53
C ASP D 153 -47.09 38.92 18.78
N ALA D 154 -45.96 39.20 19.44
CA ALA D 154 -44.94 38.19 19.71
C ALA D 154 -45.39 37.09 20.65
N LYS D 155 -46.13 37.46 21.69
CA LYS D 155 -46.60 36.47 22.66
C LYS D 155 -47.71 35.62 22.09
N GLY D 156 -48.70 36.28 21.48
CA GLY D 156 -49.83 35.56 20.92
C GLY D 156 -49.49 34.60 19.80
N LEU D 157 -48.54 34.99 18.95
CA LEU D 157 -48.13 34.16 17.81
C LEU D 157 -47.29 32.95 18.21
N LEU D 158 -46.38 33.12 19.17
CA LEU D 158 -45.54 32.02 19.60
C LEU D 158 -46.41 30.91 20.19
N ILE D 159 -47.36 31.30 21.03
CA ILE D 159 -48.28 30.34 21.63
C ILE D 159 -49.02 29.61 20.50
N SER D 160 -49.49 30.39 19.52
CA SER D 160 -50.20 29.81 18.39
C SER D 160 -49.27 28.94 17.55
N ALA D 161 -48.00 29.34 17.46
CA ALA D 161 -47.04 28.58 16.68
C ALA D 161 -46.69 27.28 17.40
N ILE D 162 -46.53 27.31 18.72
CA ILE D 162 -46.20 26.06 19.43
C ILE D 162 -47.35 25.04 19.43
N ARG D 163 -48.60 25.52 19.48
CA ARG D 163 -49.74 24.60 19.48
C ARG D 163 -50.03 23.96 18.13
N ASP D 164 -49.73 24.66 17.04
CA ASP D 164 -49.94 24.15 15.69
C ASP D 164 -49.25 22.78 15.57
N ASN D 165 -49.81 21.87 14.79
CA ASN D 165 -49.21 20.55 14.68
C ASN D 165 -48.30 20.34 13.49
N ASP D 166 -48.00 21.41 12.77
CA ASP D 166 -47.13 21.36 11.59
C ASP D 166 -45.99 22.36 11.84
N PRO D 167 -44.84 22.20 11.16
CA PRO D 167 -43.67 23.07 11.31
C PRO D 167 -43.86 24.59 11.13
N VAL D 168 -43.34 25.35 12.09
CA VAL D 168 -43.40 26.82 12.07
C VAL D 168 -42.07 27.46 12.45
N ILE D 169 -41.65 28.43 11.64
CA ILE D 169 -40.42 29.14 11.85
C ILE D 169 -40.78 30.52 12.38
N PHE D 170 -40.24 30.83 13.55
CA PHE D 170 -40.51 32.09 14.25
C PHE D 170 -39.25 32.97 14.21
N LEU D 171 -39.26 33.95 13.30
CA LEU D 171 -38.15 34.88 13.14
C LEU D 171 -38.32 36.09 14.05
N GLU D 172 -37.29 36.38 14.86
CA GLU D 172 -37.35 37.50 15.80
C GLU D 172 -36.27 38.50 15.44
N HIS D 173 -36.68 39.71 15.04
CA HIS D 173 -35.73 40.75 14.66
C HIS D 173 -34.90 41.27 15.83
N LEU D 174 -33.57 41.24 15.66
CA LEU D 174 -32.60 41.66 16.65
C LEU D 174 -32.78 43.07 17.18
N LYS D 175 -33.21 43.98 16.31
CA LYS D 175 -33.38 45.37 16.66
C LYS D 175 -34.67 45.62 17.45
N LEU D 176 -35.62 44.71 17.33
CA LEU D 176 -36.90 44.86 18.01
C LEU D 176 -36.96 44.21 19.37
N TYR D 177 -35.93 43.43 19.72
CA TYR D 177 -35.89 42.77 21.02
C TYR D 177 -36.13 43.69 22.21
N ARG D 178 -35.43 44.82 22.26
CA ARG D 178 -35.53 45.76 23.39
C ARG D 178 -35.63 47.22 23.00
N SER D 179 -36.35 47.52 21.92
CA SER D 179 -36.46 48.91 21.51
C SER D 179 -37.66 49.65 22.09
N PHE D 180 -38.65 48.92 22.61
CA PHE D 180 -39.82 49.57 23.18
C PHE D 180 -40.71 48.66 24.01
N ARG D 181 -41.38 49.24 24.99
CA ARG D 181 -42.28 48.46 25.84
C ARG D 181 -43.69 48.59 25.29
N GLN D 182 -44.57 47.69 25.70
CA GLN D 182 -45.97 47.69 25.29
C GLN D 182 -46.78 46.86 26.29
N GLU D 183 -48.02 47.28 26.54
CA GLU D 183 -48.92 46.59 27.45
C GLU D 183 -49.27 45.21 26.88
N VAL D 184 -48.98 44.16 27.64
CA VAL D 184 -49.25 42.80 27.20
C VAL D 184 -49.97 42.01 28.28
N PRO D 185 -51.19 41.56 27.99
CA PRO D 185 -52.00 40.78 28.95
C PRO D 185 -51.25 39.56 29.53
N GLU D 186 -51.37 39.36 30.84
CA GLU D 186 -50.72 38.21 31.48
C GLU D 186 -51.57 36.98 31.19
N GLY D 187 -50.93 35.83 31.02
CA GLY D 187 -51.69 34.63 30.75
C GLY D 187 -51.75 34.26 29.28
N GLU D 188 -52.47 33.19 28.97
CA GLU D 188 -52.57 32.71 27.60
C GLU D 188 -53.63 33.39 26.73
N TYR D 189 -53.28 33.54 25.46
CA TYR D 189 -54.14 34.12 24.42
C TYR D 189 -53.39 33.81 23.12
N THR D 190 -54.12 33.64 22.02
CA THR D 190 -53.48 33.33 20.76
C THR D 190 -53.85 34.28 19.65
N ILE D 191 -52.96 34.41 18.67
CA ILE D 191 -53.20 35.25 17.51
C ILE D 191 -53.16 34.26 16.35
N PRO D 192 -54.23 34.18 15.55
CA PRO D 192 -54.21 33.23 14.43
C PRO D 192 -53.00 33.39 13.50
N ILE D 193 -52.46 32.27 13.03
CA ILE D 193 -51.33 32.29 12.11
C ILE D 193 -51.92 32.50 10.70
N GLY D 194 -51.34 33.45 9.94
CA GLY D 194 -51.83 33.72 8.60
C GLY D 194 -52.79 34.92 8.53
N LYS D 195 -52.78 35.76 9.55
CA LYS D 195 -53.64 36.93 9.62
C LYS D 195 -52.85 38.22 9.79
N ALA D 196 -52.98 39.15 8.86
CA ALA D 196 -52.27 40.43 8.98
C ALA D 196 -53.17 41.34 9.80
N ASP D 197 -52.69 42.53 10.10
CA ASP D 197 -53.49 43.48 10.84
C ASP D 197 -53.09 44.91 10.49
N ILE D 198 -54.02 45.83 10.65
CA ILE D 198 -53.80 47.23 10.32
C ILE D 198 -53.21 47.98 11.51
N LYS D 199 -52.00 48.47 11.35
CA LYS D 199 -51.32 49.21 12.42
C LYS D 199 -51.76 50.65 12.44
N ARG D 200 -51.92 51.23 11.25
CA ARG D 200 -52.38 52.60 11.11
C ARG D 200 -53.42 52.62 10.01
N GLU D 201 -54.57 53.21 10.30
CA GLU D 201 -55.66 53.30 9.34
C GLU D 201 -55.35 54.47 8.41
N GLY D 202 -55.58 54.28 7.11
CA GLY D 202 -55.31 55.33 6.14
C GLY D 202 -56.24 55.26 4.95
N LYS D 203 -56.27 56.33 4.16
CA LYS D 203 -57.16 56.37 3.00
C LYS D 203 -56.50 56.67 1.65
N ASP D 204 -55.27 57.18 1.64
CA ASP D 204 -54.60 57.52 0.39
C ASP D 204 -53.62 56.51 -0.22
N ILE D 205 -52.91 55.78 0.61
CA ILE D 205 -51.95 54.80 0.10
C ILE D 205 -51.71 53.69 1.12
N THR D 206 -51.59 52.46 0.62
CA THR D 206 -51.35 51.31 1.47
C THR D 206 -49.85 50.98 1.50
N ILE D 207 -49.29 50.84 2.69
CA ILE D 207 -47.87 50.48 2.84
C ILE D 207 -47.85 49.09 3.47
N ILE D 208 -47.35 48.11 2.73
CA ILE D 208 -47.28 46.74 3.21
C ILE D 208 -45.86 46.42 3.71
N ALA D 209 -45.75 45.96 4.96
CA ALA D 209 -44.44 45.68 5.54
C ALA D 209 -44.49 44.58 6.58
N TYR D 210 -43.30 44.12 7.00
CA TYR D 210 -43.19 43.11 8.05
C TYR D 210 -41.88 43.33 8.81
N GLY D 211 -41.73 42.70 9.96
CA GLY D 211 -40.51 42.85 10.72
C GLY D 211 -40.29 44.27 11.24
N ALA D 212 -39.04 44.74 11.15
CA ALA D 212 -38.67 46.06 11.62
C ALA D 212 -38.98 47.17 10.62
N MET D 213 -39.52 46.80 9.46
CA MET D 213 -39.86 47.79 8.46
C MET D 213 -41.23 48.42 8.78
N VAL D 214 -42.00 47.78 9.66
CA VAL D 214 -43.31 48.30 10.06
C VAL D 214 -43.09 49.62 10.80
N HIS D 215 -42.12 49.62 11.70
CA HIS D 215 -41.78 50.81 12.46
C HIS D 215 -41.35 51.93 11.50
N GLU D 216 -40.43 51.62 10.59
CA GLU D 216 -39.96 52.62 9.62
C GLU D 216 -41.14 53.18 8.82
N SER D 217 -42.04 52.28 8.40
CA SER D 217 -43.22 52.66 7.65
C SER D 217 -44.13 53.59 8.46
N LEU D 218 -44.23 53.32 9.77
CA LEU D 218 -45.06 54.15 10.66
C LEU D 218 -44.43 55.54 10.80
N LYS D 219 -43.10 55.61 10.81
CA LYS D 219 -42.40 56.89 10.91
C LYS D 219 -42.56 57.70 9.64
N ALA D 220 -42.69 57.01 8.51
CA ALA D 220 -42.85 57.68 7.21
C ALA D 220 -44.29 58.18 7.14
N ALA D 221 -45.21 57.36 7.64
CA ALA D 221 -46.62 57.68 7.65
C ALA D 221 -46.89 58.94 8.46
N ALA D 222 -46.16 59.11 9.55
CA ALA D 222 -46.32 60.29 10.40
C ALA D 222 -45.75 61.52 9.70
N GLU D 223 -44.80 61.31 8.79
CA GLU D 223 -44.22 62.42 8.05
C GLU D 223 -45.16 62.78 6.89
N LEU D 224 -45.67 61.75 6.21
CA LEU D 224 -46.59 61.94 5.09
C LEU D 224 -47.87 62.67 5.55
N GLU D 225 -48.22 62.49 6.82
CA GLU D 225 -49.39 63.12 7.39
C GLU D 225 -49.23 64.65 7.38
N LYS D 226 -48.03 65.13 7.71
CA LYS D 226 -47.75 66.56 7.73
C LYS D 226 -47.93 67.24 6.37
N GLU D 227 -48.23 66.45 5.34
CA GLU D 227 -48.46 67.01 4.01
C GLU D 227 -49.84 66.63 3.48
N GLY D 228 -50.67 66.03 4.33
CA GLY D 228 -52.00 65.67 3.91
C GLY D 228 -52.17 64.28 3.30
N ILE D 229 -51.09 63.51 3.27
CA ILE D 229 -51.11 62.16 2.71
C ILE D 229 -51.46 61.14 3.80
N SER D 230 -52.64 60.53 3.70
CA SER D 230 -53.07 59.54 4.69
C SER D 230 -52.66 58.11 4.33
N ALA D 231 -51.56 57.64 4.91
CA ALA D 231 -51.06 56.29 4.63
C ALA D 231 -51.57 55.21 5.60
N GLU D 232 -52.03 54.10 5.03
CA GLU D 232 -52.51 52.98 5.84
C GLU D 232 -51.36 51.97 5.93
N VAL D 233 -50.95 51.62 7.16
CA VAL D 233 -49.87 50.67 7.33
C VAL D 233 -50.40 49.31 7.76
N VAL D 234 -50.18 48.31 6.92
CA VAL D 234 -50.62 46.97 7.23
C VAL D 234 -49.41 46.09 7.52
N ASP D 235 -49.44 45.39 8.66
CA ASP D 235 -48.37 44.49 9.07
C ASP D 235 -48.76 43.05 8.77
N LEU D 236 -47.97 42.38 7.96
CA LEU D 236 -48.25 40.99 7.57
C LEU D 236 -48.29 40.01 8.72
N ARG D 237 -47.26 40.05 9.56
CA ARG D 237 -47.11 39.16 10.73
C ARG D 237 -47.02 37.64 10.50
N THR D 238 -47.42 37.21 9.30
CA THR D 238 -47.12 35.89 8.78
C THR D 238 -46.78 36.07 7.30
N VAL D 239 -45.56 35.71 6.90
CA VAL D 239 -45.18 35.86 5.49
C VAL D 239 -45.50 34.61 4.67
N GLN D 240 -45.91 33.54 5.34
CA GLN D 240 -46.28 32.31 4.65
C GLN D 240 -47.13 31.47 5.59
N PRO D 241 -48.44 31.35 5.31
CA PRO D 241 -49.16 31.92 4.18
C PRO D 241 -49.52 33.40 4.33
N LEU D 242 -49.72 34.06 3.20
CA LEU D 242 -50.08 35.47 3.16
C LEU D 242 -51.57 35.67 3.41
N ASP D 243 -51.92 36.78 4.07
CA ASP D 243 -53.31 37.09 4.35
C ASP D 243 -53.81 37.95 3.18
N ILE D 244 -54.10 37.27 2.07
CA ILE D 244 -54.57 37.92 0.86
C ILE D 244 -55.76 38.86 1.08
N GLU D 245 -56.81 38.32 1.70
CA GLU D 245 -58.04 39.07 1.95
C GLU D 245 -57.86 40.44 2.60
N THR D 246 -56.92 40.54 3.54
CA THR D 246 -56.66 41.79 4.21
C THR D 246 -55.84 42.73 3.32
N ILE D 247 -54.86 42.18 2.61
CA ILE D 247 -54.03 43.00 1.75
C ILE D 247 -54.87 43.57 0.61
N ILE D 248 -55.51 42.70 -0.15
CA ILE D 248 -56.36 43.12 -1.28
C ILE D 248 -57.49 44.06 -0.84
N GLY D 249 -58.13 43.75 0.28
CA GLY D 249 -59.20 44.60 0.74
C GLY D 249 -58.75 46.01 1.06
N SER D 250 -57.50 46.15 1.50
CA SER D 250 -56.95 47.45 1.84
C SER D 250 -56.55 48.26 0.62
N VAL D 251 -55.92 47.61 -0.35
CA VAL D 251 -55.46 48.27 -1.57
C VAL D 251 -56.62 48.71 -2.47
N GLU D 252 -57.70 47.95 -2.45
CA GLU D 252 -58.86 48.30 -3.27
C GLU D 252 -59.49 49.58 -2.75
N LYS D 253 -59.28 49.87 -1.47
CA LYS D 253 -59.84 51.08 -0.86
C LYS D 253 -59.02 52.30 -1.22
N THR D 254 -57.69 52.15 -1.20
CA THR D 254 -56.80 53.26 -1.48
C THR D 254 -56.41 53.42 -2.94
N GLY D 255 -56.28 52.30 -3.64
CA GLY D 255 -55.91 52.34 -5.04
C GLY D 255 -54.41 52.43 -5.29
N ARG D 256 -53.63 52.76 -4.25
CA ARG D 256 -52.18 52.86 -4.41
C ARG D 256 -51.52 52.02 -3.35
N ALA D 257 -50.35 51.48 -3.64
CA ALA D 257 -49.66 50.65 -2.67
C ALA D 257 -48.18 50.42 -2.97
N ILE D 258 -47.42 50.20 -1.90
CA ILE D 258 -46.00 49.90 -2.01
C ILE D 258 -45.71 48.79 -1.01
N VAL D 259 -44.61 48.05 -1.21
CA VAL D 259 -44.24 46.96 -0.31
C VAL D 259 -42.83 47.24 0.21
N VAL D 260 -42.59 46.99 1.49
CA VAL D 260 -41.29 47.29 2.07
C VAL D 260 -40.62 46.13 2.79
N GLN D 261 -39.39 45.84 2.41
CA GLN D 261 -38.62 44.77 3.05
C GLN D 261 -37.20 45.23 3.31
N GLU D 262 -36.56 44.56 4.26
CA GLU D 262 -35.18 44.86 4.62
C GLU D 262 -34.25 44.06 3.71
N ALA D 263 -34.74 42.92 3.22
CA ALA D 263 -33.98 42.04 2.33
C ALA D 263 -33.73 42.63 0.93
N GLN D 264 -32.65 42.18 0.28
CA GLN D 264 -32.29 42.62 -1.08
C GLN D 264 -33.50 42.44 -2.01
N ARG D 265 -33.50 43.19 -3.09
CA ARG D 265 -34.60 43.16 -4.05
C ARG D 265 -34.86 41.79 -4.66
N GLN D 266 -33.79 41.03 -4.93
CA GLN D 266 -33.96 39.69 -5.51
C GLN D 266 -34.34 38.61 -4.50
N ALA D 267 -34.50 38.99 -3.24
CA ALA D 267 -34.89 38.05 -2.18
C ALA D 267 -36.12 38.59 -1.46
N GLY D 268 -36.44 38.01 -0.31
CA GLY D 268 -37.60 38.44 0.44
C GLY D 268 -38.88 37.87 -0.13
N ILE D 269 -40.02 38.39 0.27
CA ILE D 269 -41.28 37.90 -0.23
C ILE D 269 -42.08 39.01 -0.92
N ALA D 270 -41.45 40.17 -1.08
CA ALA D 270 -42.08 41.31 -1.73
C ALA D 270 -42.62 40.97 -3.13
N ALA D 271 -41.84 40.26 -3.92
CA ALA D 271 -42.28 39.90 -5.27
C ALA D 271 -43.58 39.07 -5.25
N ASN D 272 -43.70 38.16 -4.29
CA ASN D 272 -44.90 37.35 -4.16
C ASN D 272 -46.10 38.21 -3.82
N VAL D 273 -45.86 39.25 -3.03
CA VAL D 273 -46.91 40.16 -2.63
C VAL D 273 -47.42 40.97 -3.82
N VAL D 274 -46.48 41.50 -4.61
CA VAL D 274 -46.80 42.30 -5.78
C VAL D 274 -47.55 41.45 -6.78
N ALA D 275 -47.16 40.19 -6.89
CA ALA D 275 -47.81 39.30 -7.82
C ALA D 275 -49.26 38.98 -7.43
N GLU D 276 -49.50 38.69 -6.16
CA GLU D 276 -50.87 38.37 -5.75
C GLU D 276 -51.75 39.60 -5.92
N ILE D 277 -51.22 40.76 -5.54
CA ILE D 277 -51.95 42.02 -5.65
C ILE D 277 -52.37 42.28 -7.10
N ASN D 278 -51.38 42.22 -7.99
CA ASN D 278 -51.60 42.46 -9.41
C ASN D 278 -52.67 41.59 -10.05
N GLU D 279 -52.71 40.32 -9.68
CA GLU D 279 -53.69 39.41 -10.28
C GLU D 279 -55.06 39.37 -9.61
N ARG D 280 -55.28 40.23 -8.62
CA ARG D 280 -56.57 40.25 -7.93
C ARG D 280 -57.22 41.63 -7.82
N ALA D 281 -56.43 42.68 -7.96
CA ALA D 281 -56.97 44.03 -7.82
C ALA D 281 -56.35 45.03 -8.78
N ILE D 282 -55.70 44.53 -9.83
CA ILE D 282 -55.05 45.39 -10.80
C ILE D 282 -56.05 46.40 -11.41
N LEU D 283 -57.34 46.03 -11.44
CA LEU D 283 -58.37 46.91 -11.98
C LEU D 283 -58.76 48.01 -11.00
N SER D 284 -58.01 48.13 -9.91
CA SER D 284 -58.27 49.17 -8.93
C SER D 284 -57.02 50.02 -8.75
N LEU D 285 -55.90 49.54 -9.27
CA LEU D 285 -54.64 50.25 -9.14
C LEU D 285 -54.58 51.49 -10.01
N GLU D 286 -54.24 52.62 -9.39
CA GLU D 286 -54.11 53.90 -10.06
C GLU D 286 -52.66 54.06 -10.47
N ALA D 287 -51.81 53.26 -9.85
CA ALA D 287 -50.39 53.31 -10.15
C ALA D 287 -49.76 51.95 -9.90
N PRO D 288 -48.52 51.76 -10.36
CA PRO D 288 -47.84 50.49 -10.15
C PRO D 288 -47.42 50.33 -8.67
N VAL D 289 -47.46 49.09 -8.19
CA VAL D 289 -47.07 48.77 -6.83
C VAL D 289 -45.53 48.70 -6.77
N LEU D 290 -44.91 49.71 -6.18
CA LEU D 290 -43.45 49.74 -6.11
C LEU D 290 -42.88 49.03 -4.89
N ARG D 291 -41.58 48.78 -4.95
CA ARG D 291 -40.87 48.09 -3.86
C ARG D 291 -39.74 48.90 -3.25
N VAL D 292 -39.64 48.81 -1.93
CA VAL D 292 -38.54 49.44 -1.22
C VAL D 292 -37.73 48.27 -0.71
N ALA D 293 -36.48 48.18 -1.15
CA ALA D 293 -35.59 47.10 -0.74
C ALA D 293 -34.14 47.54 -0.81
N ALA D 294 -33.27 46.72 -0.24
CA ALA D 294 -31.83 46.98 -0.21
C ALA D 294 -31.21 46.60 -1.56
N PRO D 295 -30.02 47.13 -1.86
CA PRO D 295 -29.31 46.83 -3.11
C PRO D 295 -29.13 45.32 -3.24
N ASP D 296 -29.07 44.81 -4.47
CA ASP D 296 -28.89 43.37 -4.64
C ASP D 296 -27.44 42.95 -4.44
N THR D 297 -26.89 43.28 -3.29
CA THR D 297 -25.52 42.87 -2.98
C THR D 297 -25.55 42.00 -1.74
N VAL D 298 -24.41 41.44 -1.36
CA VAL D 298 -24.34 40.64 -0.15
C VAL D 298 -24.62 41.58 1.03
N TYR D 299 -25.05 41.03 2.16
CA TYR D 299 -25.33 41.89 3.31
C TYR D 299 -24.04 42.65 3.60
N PRO D 300 -24.14 43.97 3.70
CA PRO D 300 -23.03 44.88 3.94
C PRO D 300 -22.13 44.67 5.15
N PHE D 301 -20.91 45.16 5.03
CA PHE D 301 -19.96 45.11 6.13
C PHE D 301 -20.59 46.08 7.15
N ALA D 302 -20.37 45.81 8.43
CA ALA D 302 -20.95 46.59 9.53
C ALA D 302 -20.98 48.11 9.42
N GLN D 303 -19.87 48.73 9.01
CA GLN D 303 -19.82 50.19 8.93
C GLN D 303 -20.70 50.86 7.88
N ALA D 304 -21.15 50.11 6.88
CA ALA D 304 -21.99 50.68 5.83
C ALA D 304 -23.49 50.41 5.99
N GLU D 305 -23.88 49.71 7.05
CA GLU D 305 -25.29 49.40 7.26
C GLU D 305 -26.20 50.61 7.12
N SER D 306 -25.78 51.70 7.74
CA SER D 306 -26.54 52.94 7.70
C SER D 306 -26.93 53.42 6.31
N VAL D 307 -26.02 53.31 5.34
CA VAL D 307 -26.34 53.77 4.00
C VAL D 307 -26.85 52.67 3.07
N TRP D 308 -26.95 51.44 3.58
CA TRP D 308 -27.38 50.30 2.78
C TRP D 308 -28.82 49.86 3.12
N LEU D 309 -29.14 49.81 4.41
CA LEU D 309 -30.48 49.40 4.85
C LEU D 309 -31.54 50.46 4.56
N PRO D 310 -32.73 50.02 4.13
CA PRO D 310 -33.84 50.91 3.82
C PRO D 310 -34.38 51.54 5.11
N ASN D 311 -34.51 52.85 5.15
CA ASN D 311 -35.05 53.53 6.33
C ASN D 311 -36.34 54.29 5.98
N PHE D 312 -36.85 55.07 6.92
CA PHE D 312 -38.10 55.78 6.68
C PHE D 312 -38.06 56.80 5.53
N LYS D 313 -36.89 57.36 5.26
CA LYS D 313 -36.74 58.32 4.17
C LYS D 313 -36.95 57.65 2.81
N ASP D 314 -36.48 56.41 2.68
CA ASP D 314 -36.65 55.67 1.44
C ASP D 314 -38.14 55.43 1.23
N VAL D 315 -38.83 55.07 2.30
CA VAL D 315 -40.27 54.81 2.24
C VAL D 315 -41.05 56.07 1.83
N ILE D 316 -40.63 57.23 2.34
CA ILE D 316 -41.29 58.49 2.00
C ILE D 316 -41.12 58.83 0.52
N GLU D 317 -39.88 58.78 0.05
CA GLU D 317 -39.60 59.11 -1.34
C GLU D 317 -40.39 58.25 -2.31
N THR D 318 -40.43 56.95 -2.02
CA THR D 318 -41.14 56.02 -2.88
C THR D 318 -42.65 56.23 -2.79
N ALA D 319 -43.15 56.49 -1.59
CA ALA D 319 -44.57 56.71 -1.40
C ALA D 319 -45.03 57.92 -2.24
N LYS D 320 -44.18 58.96 -2.30
CA LYS D 320 -44.50 60.16 -3.09
C LYS D 320 -44.53 59.77 -4.56
N LYS D 321 -43.50 59.04 -4.98
CA LYS D 321 -43.37 58.61 -6.36
C LYS D 321 -44.65 57.93 -6.83
N VAL D 322 -45.29 57.17 -5.94
CA VAL D 322 -46.53 56.48 -6.29
C VAL D 322 -47.73 57.45 -6.36
N MET D 323 -47.74 58.47 -5.51
CA MET D 323 -48.82 59.44 -5.52
C MET D 323 -48.75 60.34 -6.76
N ASN D 324 -47.53 60.62 -7.21
CA ASN D 324 -47.32 61.51 -8.36
C ASN D 324 -47.09 60.79 -9.67
N PHE D 325 -47.20 59.47 -9.65
CA PHE D 325 -47.00 58.64 -10.84
C PHE D 325 -47.57 59.30 -12.09
N ARG E 128 -66.37 51.45 -7.43
CA ARG E 128 -67.07 50.81 -8.58
C ARG E 128 -66.62 51.44 -9.91
N VAL E 129 -65.38 51.18 -10.29
CA VAL E 129 -64.84 51.72 -11.54
C VAL E 129 -63.75 50.79 -12.07
N ILE E 130 -64.08 50.01 -13.09
CA ILE E 130 -63.11 49.09 -13.68
C ILE E 130 -62.40 49.61 -14.93
N ALA E 131 -61.09 49.78 -14.80
CA ALA E 131 -60.21 50.26 -15.87
C ALA E 131 -58.81 49.89 -15.42
N MET E 132 -57.96 49.47 -16.33
CA MET E 132 -56.62 49.09 -15.93
C MET E 132 -55.59 49.12 -17.03
N PRO E 133 -54.49 49.86 -16.84
CA PRO E 133 -54.18 50.68 -15.67
C PRO E 133 -53.69 52.01 -16.23
N SER E 134 -53.32 51.96 -17.50
CA SER E 134 -52.82 53.11 -18.23
C SER E 134 -54.03 53.95 -18.60
N VAL E 135 -55.20 53.30 -18.68
CA VAL E 135 -56.43 54.01 -18.99
C VAL E 135 -56.58 55.01 -17.85
N ARG E 136 -56.25 54.54 -16.65
CA ARG E 136 -56.31 55.34 -15.43
C ARG E 136 -55.35 56.53 -15.46
N LYS E 137 -54.14 56.32 -15.98
CA LYS E 137 -53.11 57.36 -16.04
C LYS E 137 -53.33 58.29 -17.23
N TYR E 138 -53.94 57.75 -18.28
CA TYR E 138 -54.21 58.51 -19.49
C TYR E 138 -55.37 59.49 -19.28
N ALA E 139 -56.34 59.12 -18.45
CA ALA E 139 -57.49 59.96 -18.15
C ALA E 139 -57.09 61.07 -17.17
N ARG E 140 -56.16 60.76 -16.27
CA ARG E 140 -55.69 61.72 -15.28
C ARG E 140 -54.74 62.73 -15.91
N GLU E 141 -54.07 62.34 -16.99
CA GLU E 141 -53.13 63.22 -17.66
C GLU E 141 -53.83 64.21 -18.59
N LYS E 142 -55.02 63.84 -19.06
CA LYS E 142 -55.81 64.68 -19.95
C LYS E 142 -56.86 65.49 -19.17
N GLY E 143 -56.81 65.39 -17.84
CA GLY E 143 -57.76 66.10 -17.00
C GLY E 143 -59.18 65.58 -17.10
N VAL E 144 -59.33 64.26 -17.12
CA VAL E 144 -60.64 63.60 -17.21
C VAL E 144 -60.91 62.67 -16.01
N ASP E 145 -62.16 62.70 -15.52
CA ASP E 145 -62.57 61.84 -14.42
C ASP E 145 -63.15 60.57 -15.06
N ILE E 146 -62.47 59.43 -14.85
CA ILE E 146 -62.89 58.16 -15.42
C ILE E 146 -64.32 57.74 -15.07
N ARG E 147 -64.89 58.32 -14.04
CA ARG E 147 -66.26 57.97 -13.62
C ARG E 147 -67.35 58.43 -14.59
N LEU E 148 -67.11 59.54 -15.29
CA LEU E 148 -68.09 60.08 -16.23
C LEU E 148 -68.23 59.27 -17.51
N VAL E 149 -67.11 58.75 -18.00
CA VAL E 149 -67.12 57.94 -19.23
C VAL E 149 -67.79 56.59 -19.05
N GLN E 150 -68.35 56.08 -20.15
CA GLN E 150 -69.00 54.78 -20.16
C GLN E 150 -68.07 53.81 -20.86
N GLY E 151 -67.38 52.99 -20.08
CA GLY E 151 -66.45 52.03 -20.65
C GLY E 151 -67.07 51.05 -21.63
N THR E 152 -66.73 51.19 -22.90
CA THR E 152 -67.23 50.29 -23.93
C THR E 152 -66.62 48.94 -23.57
N GLY E 153 -65.50 49.02 -22.88
CA GLY E 153 -64.79 47.85 -22.42
C GLY E 153 -63.83 48.29 -21.33
N LYS E 154 -64.33 49.14 -20.44
CA LYS E 154 -63.56 49.68 -19.32
C LYS E 154 -62.59 50.71 -19.87
N ASN E 155 -63.00 51.31 -20.99
CA ASN E 155 -62.24 52.34 -21.68
C ASN E 155 -60.86 51.93 -22.19
N GLY E 156 -60.15 52.90 -22.75
CA GLY E 156 -58.83 52.67 -23.29
C GLY E 156 -58.67 53.49 -24.57
N ARG E 157 -59.78 53.60 -25.30
CA ARG E 157 -59.85 54.36 -26.55
C ARG E 157 -61.14 55.16 -26.58
N VAL E 158 -62.00 54.94 -25.58
CA VAL E 158 -63.26 55.65 -25.50
C VAL E 158 -63.13 56.88 -24.59
N LEU E 159 -61.93 57.12 -24.09
CA LEU E 159 -61.67 58.28 -23.25
C LEU E 159 -61.38 59.40 -24.25
N LYS E 160 -60.79 59.01 -25.38
CA LYS E 160 -60.47 59.94 -26.45
C LYS E 160 -61.79 60.45 -27.05
N GLU E 161 -62.79 59.58 -27.05
CA GLU E 161 -64.11 59.92 -27.57
C GLU E 161 -64.79 60.90 -26.63
N ASP E 162 -64.41 60.86 -25.35
CA ASP E 162 -64.97 61.73 -24.34
C ASP E 162 -64.38 63.13 -24.54
N ILE E 163 -63.06 63.19 -24.70
CA ILE E 163 -62.39 64.46 -24.89
C ILE E 163 -62.89 65.17 -26.13
N ASP E 164 -63.32 64.40 -27.13
CA ASP E 164 -63.83 64.97 -28.38
C ASP E 164 -65.30 65.38 -28.25
N ALA E 165 -66.03 64.72 -27.36
CA ALA E 165 -67.45 65.00 -27.13
C ALA E 165 -67.99 64.13 -25.98
N THR F 5 62.01 -18.89 25.15
CA THR F 5 60.69 -18.96 24.45
C THR F 5 59.64 -19.64 25.32
N PHE F 6 58.39 -19.25 25.15
CA PHE F 6 57.29 -19.82 25.91
C PHE F 6 56.30 -20.54 25.01
N GLN F 7 56.17 -21.86 25.21
CA GLN F 7 55.23 -22.64 24.42
C GLN F 7 54.16 -23.30 25.29
N PHE F 8 52.96 -23.44 24.71
CA PHE F 8 51.83 -24.05 25.40
C PHE F 8 51.95 -25.56 25.30
N PRO F 9 51.23 -26.29 26.17
CA PRO F 9 51.29 -27.76 26.15
C PRO F 9 50.59 -28.33 24.92
N PHE F 10 51.08 -27.96 23.74
CA PHE F 10 50.49 -28.44 22.49
C PHE F 10 50.67 -29.93 22.24
N ALA F 11 51.92 -30.39 22.32
CA ALA F 11 52.21 -31.81 22.11
C ALA F 11 51.33 -32.68 23.01
N GLU F 12 51.17 -32.24 24.25
CA GLU F 12 50.35 -32.96 25.21
C GLU F 12 48.89 -32.88 24.80
N GLN F 13 48.46 -31.68 24.37
CA GLN F 13 47.10 -31.43 23.95
C GLN F 13 46.60 -32.52 23.00
N LEU F 14 47.40 -32.84 21.99
CA LEU F 14 47.03 -33.86 21.01
C LEU F 14 46.96 -35.25 21.65
N GLU F 15 47.82 -35.47 22.64
CA GLU F 15 47.87 -36.75 23.35
C GLU F 15 46.64 -36.94 24.21
N LYS F 16 46.24 -35.89 24.92
CA LYS F 16 45.08 -35.98 25.79
C LYS F 16 43.75 -36.22 25.07
N VAL F 17 43.61 -35.68 23.85
CA VAL F 17 42.36 -35.88 23.10
C VAL F 17 42.34 -37.28 22.49
N ALA F 18 43.52 -37.77 22.14
CA ALA F 18 43.67 -39.09 21.55
C ALA F 18 43.13 -40.18 22.49
N GLU F 19 43.40 -40.04 23.78
CA GLU F 19 42.98 -41.03 24.78
C GLU F 19 41.47 -41.05 25.05
N GLN F 20 40.73 -40.08 24.53
CA GLN F 20 39.29 -40.03 24.73
C GLN F 20 38.57 -40.81 23.64
N PHE F 21 39.34 -41.35 22.69
CA PHE F 21 38.78 -42.11 21.59
C PHE F 21 39.50 -43.43 21.37
N PRO F 22 39.26 -44.41 22.26
CA PRO F 22 39.89 -45.72 22.12
C PRO F 22 39.04 -46.55 21.17
N THR F 23 39.60 -47.61 20.59
CA THR F 23 38.85 -48.44 19.65
C THR F 23 37.91 -49.43 20.32
N PHE F 24 36.62 -49.22 20.13
CA PHE F 24 35.63 -50.12 20.71
C PHE F 24 35.62 -51.42 19.91
N GLN F 25 35.75 -52.53 20.62
CA GLN F 25 35.79 -53.84 20.00
C GLN F 25 35.05 -54.82 20.90
N ILE F 26 34.67 -55.97 20.35
CA ILE F 26 33.99 -57.01 21.12
C ILE F 26 34.61 -58.35 20.73
N LEU F 27 34.60 -58.65 19.44
CA LEU F 27 35.20 -59.89 18.94
C LEU F 27 36.52 -59.56 18.25
N ASN F 28 37.48 -60.49 18.32
CA ASN F 28 38.77 -60.29 17.67
C ASN F 28 38.82 -61.18 16.42
N GLU F 29 39.99 -61.31 15.81
CA GLU F 29 40.15 -62.11 14.60
C GLU F 29 39.70 -63.57 14.72
N GLU F 30 39.99 -64.21 15.85
CA GLU F 30 39.61 -65.61 16.04
C GLU F 30 38.18 -65.78 16.56
N GLY F 31 37.38 -64.72 16.44
CA GLY F 31 36.01 -64.77 16.90
C GLY F 31 35.91 -65.02 18.39
N GLU F 32 36.84 -64.46 19.16
CA GLU F 32 36.87 -64.62 20.61
C GLU F 32 36.44 -63.32 21.31
N VAL F 33 35.54 -63.42 22.29
CA VAL F 33 35.09 -62.25 23.03
C VAL F 33 36.21 -61.68 23.90
N VAL F 34 36.52 -60.39 23.72
CA VAL F 34 37.57 -59.73 24.48
C VAL F 34 37.01 -58.53 25.23
N ASN F 35 35.68 -58.46 25.30
CA ASN F 35 34.98 -57.39 25.97
C ASN F 35 33.58 -57.87 26.34
N GLU F 36 33.51 -58.65 27.41
CA GLU F 36 32.23 -59.19 27.86
C GLU F 36 31.27 -58.15 28.44
N GLU F 37 31.80 -57.19 29.18
CA GLU F 37 30.99 -56.16 29.82
C GLU F 37 30.10 -55.37 28.86
N ALA F 38 30.42 -55.38 27.57
CA ALA F 38 29.63 -54.64 26.60
C ALA F 38 28.95 -55.53 25.57
N MET F 39 28.59 -56.75 25.97
CA MET F 39 27.95 -57.68 25.06
C MET F 39 26.47 -57.37 24.84
N PRO F 40 26.04 -57.33 23.57
CA PRO F 40 24.65 -57.04 23.20
C PRO F 40 23.77 -58.28 23.38
N GLU F 41 22.96 -58.30 24.44
CA GLU F 41 22.08 -59.43 24.68
C GLU F 41 21.10 -59.63 23.53
N LEU F 42 21.40 -60.60 22.67
CA LEU F 42 20.57 -60.91 21.52
C LEU F 42 20.18 -62.39 21.54
N SER F 43 18.91 -62.67 21.25
CA SER F 43 18.41 -64.03 21.23
C SER F 43 19.20 -64.82 20.20
N ASP F 44 19.01 -66.13 20.15
CA ASP F 44 19.73 -66.94 19.18
C ASP F 44 19.14 -66.84 17.78
N GLU F 45 17.88 -66.44 17.69
CA GLU F 45 17.23 -66.31 16.39
C GLU F 45 17.76 -65.05 15.67
N GLN F 46 17.99 -63.99 16.43
CA GLN F 46 18.49 -62.74 15.88
C GLN F 46 19.94 -62.89 15.39
N LEU F 47 20.72 -63.72 16.07
CA LEU F 47 22.11 -63.93 15.68
C LEU F 47 22.19 -64.65 14.32
N LYS F 48 21.29 -65.60 14.10
CA LYS F 48 21.28 -66.35 12.84
C LYS F 48 20.84 -65.40 11.74
N GLU F 49 19.88 -64.55 12.05
CA GLU F 49 19.38 -63.60 11.08
C GLU F 49 20.48 -62.65 10.67
N LEU F 50 21.30 -62.24 11.63
CA LEU F 50 22.39 -61.33 11.35
C LEU F 50 23.41 -61.98 10.43
N MET F 51 23.75 -63.24 10.71
CA MET F 51 24.71 -63.95 9.88
C MET F 51 24.13 -64.21 8.49
N ARG F 52 22.84 -64.54 8.44
CA ARG F 52 22.18 -64.82 7.18
C ARG F 52 22.22 -63.58 6.28
N ARG F 53 21.98 -62.40 6.87
CA ARG F 53 22.00 -61.16 6.09
C ARG F 53 23.38 -60.76 5.58
N MET F 54 24.41 -61.06 6.36
CA MET F 54 25.78 -60.72 6.00
C MET F 54 26.33 -61.58 4.87
N VAL F 55 25.96 -62.86 4.86
CA VAL F 55 26.41 -63.79 3.82
C VAL F 55 25.67 -63.50 2.53
N TYR F 56 24.40 -63.13 2.65
CA TYR F 56 23.57 -62.81 1.51
C TYR F 56 24.10 -61.55 0.79
N THR F 57 24.52 -60.56 1.57
CA THR F 57 25.03 -59.33 0.98
C THR F 57 26.39 -59.56 0.34
N ARG F 58 27.14 -60.53 0.84
CA ARG F 58 28.45 -60.83 0.26
C ARG F 58 28.26 -61.53 -1.08
N ILE F 59 27.09 -62.12 -1.29
CA ILE F 59 26.82 -62.78 -2.56
C ILE F 59 26.21 -61.75 -3.50
N LEU F 60 25.51 -60.78 -2.93
CA LEU F 60 24.90 -59.73 -3.72
C LEU F 60 26.00 -58.92 -4.38
N ASP F 61 27.11 -58.75 -3.66
CA ASP F 61 28.27 -58.00 -4.15
C ASP F 61 29.00 -58.76 -5.27
N GLN F 62 29.13 -60.08 -5.11
CA GLN F 62 29.83 -60.89 -6.09
C GLN F 62 29.02 -61.03 -7.37
N ARG F 63 27.70 -61.21 -7.24
CA ARG F 63 26.84 -61.32 -8.40
C ARG F 63 26.78 -59.96 -9.13
N SER F 64 26.57 -58.90 -8.36
CA SER F 64 26.51 -57.54 -8.92
C SER F 64 27.75 -57.24 -9.78
N ILE F 65 28.94 -57.57 -9.27
CA ILE F 65 30.16 -57.32 -10.03
C ILE F 65 30.09 -58.05 -11.36
N SER F 66 29.66 -59.30 -11.32
CA SER F 66 29.55 -60.09 -12.54
C SER F 66 28.48 -59.54 -13.46
N LEU F 67 27.31 -59.22 -12.90
CA LEU F 67 26.23 -58.70 -13.73
C LEU F 67 26.68 -57.44 -14.42
N ASN F 68 27.47 -56.63 -13.71
CA ASN F 68 27.96 -55.38 -14.25
C ASN F 68 28.98 -55.56 -15.36
N ARG F 69 29.83 -56.58 -15.25
CA ARG F 69 30.82 -56.83 -16.29
C ARG F 69 30.16 -57.36 -17.56
N GLN F 70 29.03 -58.04 -17.40
CA GLN F 70 28.28 -58.58 -18.54
C GLN F 70 27.51 -57.46 -19.24
N GLY F 71 27.58 -56.26 -18.68
CA GLY F 71 26.86 -55.13 -19.25
C GLY F 71 25.38 -55.15 -18.93
N ARG F 72 25.00 -55.86 -17.85
CA ARG F 72 23.60 -55.97 -17.45
C ARG F 72 23.30 -55.11 -16.21
N LEU F 73 24.25 -54.28 -15.84
CA LEU F 73 24.12 -53.36 -14.71
C LEU F 73 24.96 -52.15 -15.00
N GLY F 74 24.55 -51.00 -14.46
CA GLY F 74 25.30 -49.77 -14.67
C GLY F 74 26.17 -49.45 -13.48
N PHE F 75 26.07 -48.22 -13.00
CA PHE F 75 26.86 -47.76 -11.86
C PHE F 75 26.77 -48.66 -10.64
N TYR F 76 27.92 -49.06 -10.12
CA TYR F 76 27.97 -49.89 -8.94
C TYR F 76 29.26 -49.66 -8.15
N ALA F 77 29.11 -49.57 -6.84
CA ALA F 77 30.23 -49.37 -5.93
C ALA F 77 30.32 -50.59 -5.02
N PRO F 78 31.38 -51.42 -5.18
CA PRO F 78 31.60 -52.64 -4.40
C PRO F 78 31.50 -52.44 -2.88
N THR F 79 30.95 -53.44 -2.20
CA THR F 79 30.74 -53.38 -0.75
C THR F 79 31.44 -54.50 0.01
N ALA F 80 32.09 -55.40 -0.71
CA ALA F 80 32.81 -56.53 -0.12
C ALA F 80 33.81 -56.10 0.96
N GLY F 81 33.57 -56.55 2.19
CA GLY F 81 34.45 -56.21 3.29
C GLY F 81 33.83 -55.26 4.31
N GLN F 82 32.73 -54.60 3.92
CA GLN F 82 32.04 -53.65 4.80
C GLN F 82 30.69 -54.19 5.34
N GLU F 83 30.46 -55.49 5.22
CA GLU F 83 29.19 -56.09 5.68
C GLU F 83 28.79 -55.76 7.14
N ALA F 84 29.74 -55.79 8.06
CA ALA F 84 29.43 -55.49 9.47
C ALA F 84 29.09 -54.01 9.65
N SER F 85 29.91 -53.16 9.05
CA SER F 85 29.69 -51.73 9.12
C SER F 85 28.29 -51.41 8.58
N GLN F 86 27.91 -52.07 7.49
CA GLN F 86 26.60 -51.83 6.86
C GLN F 86 25.41 -52.62 7.37
N ILE F 87 25.53 -53.95 7.46
CA ILE F 87 24.41 -54.76 7.92
C ILE F 87 24.13 -54.69 9.43
N ALA F 88 25.17 -54.74 10.23
CA ALA F 88 24.98 -54.68 11.68
C ALA F 88 24.38 -53.36 12.14
N SER F 89 24.86 -52.25 11.57
CA SER F 89 24.34 -50.94 11.95
C SER F 89 22.86 -50.79 11.64
N HIS F 90 22.39 -51.47 10.59
CA HIS F 90 20.99 -51.40 10.20
C HIS F 90 20.14 -52.28 11.12
N PHE F 91 20.74 -53.38 11.55
CA PHE F 91 20.04 -54.31 12.42
C PHE F 91 19.57 -53.65 13.73
N ALA F 92 20.31 -52.64 14.19
CA ALA F 92 19.94 -51.95 15.42
C ALA F 92 18.74 -51.02 15.21
N LEU F 93 18.29 -50.89 13.97
CA LEU F 93 17.16 -50.01 13.64
C LEU F 93 15.80 -50.69 13.71
N GLU F 94 14.76 -49.88 13.49
CA GLU F 94 13.37 -50.31 13.50
C GLU F 94 12.76 -49.78 12.22
N LYS F 95 11.57 -50.26 11.88
CA LYS F 95 10.88 -49.84 10.66
C LYS F 95 10.57 -48.34 10.62
N GLU F 96 10.40 -47.74 11.79
CA GLU F 96 10.05 -46.32 11.89
C GLU F 96 11.21 -45.35 11.62
N ASP F 97 12.44 -45.82 11.67
CA ASP F 97 13.58 -44.93 11.46
C ASP F 97 13.82 -44.58 10.00
N PHE F 98 14.43 -43.41 9.77
CA PHE F 98 14.71 -42.95 8.42
C PHE F 98 16.19 -43.10 8.07
N ILE F 99 16.48 -43.46 6.83
CA ILE F 99 17.85 -43.64 6.39
C ILE F 99 18.22 -42.82 5.16
N LEU F 100 19.31 -42.06 5.27
CA LEU F 100 19.80 -41.26 4.14
C LEU F 100 21.15 -41.86 3.78
N PRO F 101 21.18 -42.72 2.76
CA PRO F 101 22.39 -43.38 2.30
C PRO F 101 23.23 -42.59 1.30
N GLY F 102 24.46 -43.07 1.08
CA GLY F 102 25.35 -42.47 0.12
C GLY F 102 25.25 -43.40 -1.07
N TYR F 103 26.18 -43.30 -2.01
CA TYR F 103 26.17 -44.15 -3.20
C TYR F 103 26.51 -45.62 -2.92
N ARG F 104 27.37 -45.84 -1.92
CA ARG F 104 27.80 -47.19 -1.58
C ARG F 104 26.93 -47.90 -0.54
N ASP F 105 25.88 -47.24 -0.08
CA ASP F 105 25.02 -47.84 0.95
C ASP F 105 23.71 -48.47 0.46
N VAL F 106 23.73 -49.08 -0.71
CA VAL F 106 22.52 -49.72 -1.23
C VAL F 106 22.05 -50.91 -0.39
N PRO F 107 22.98 -51.74 0.12
CA PRO F 107 22.60 -52.90 0.92
C PRO F 107 21.71 -52.53 2.11
N GLN F 108 21.94 -51.34 2.67
CA GLN F 108 21.17 -50.86 3.82
C GLN F 108 19.70 -50.59 3.48
N ILE F 109 19.45 -49.97 2.33
CA ILE F 109 18.09 -49.65 1.92
C ILE F 109 17.36 -50.84 1.31
N ILE F 110 18.09 -51.92 1.03
CA ILE F 110 17.46 -53.13 0.48
C ILE F 110 16.74 -53.81 1.63
N TRP F 111 17.51 -54.06 2.69
CA TRP F 111 17.02 -54.71 3.89
C TRP F 111 16.00 -53.89 4.67
N HIS F 112 15.89 -52.61 4.33
CA HIS F 112 14.93 -51.76 5.03
C HIS F 112 13.59 -51.72 4.34
N GLY F 113 13.44 -52.47 3.25
CA GLY F 113 12.17 -52.52 2.55
C GLY F 113 12.18 -52.38 1.04
N LEU F 114 13.30 -51.98 0.46
CA LEU F 114 13.35 -51.81 -0.98
C LEU F 114 13.55 -53.16 -1.71
N PRO F 115 12.66 -53.48 -2.66
CA PRO F 115 12.72 -54.73 -3.43
C PRO F 115 14.02 -54.82 -4.23
N LEU F 116 14.69 -55.96 -4.12
CA LEU F 116 15.95 -56.15 -4.83
C LEU F 116 15.95 -55.65 -6.30
N TYR F 117 14.85 -55.85 -7.02
CA TYR F 117 14.80 -55.43 -8.43
C TYR F 117 14.88 -53.93 -8.65
N GLN F 118 14.54 -53.16 -7.63
CA GLN F 118 14.61 -51.72 -7.75
C GLN F 118 16.04 -51.28 -7.48
N ALA F 119 16.78 -52.09 -6.71
CA ALA F 119 18.17 -51.78 -6.45
C ALA F 119 18.90 -51.88 -7.79
N PHE F 120 18.51 -52.87 -8.60
CA PHE F 120 19.11 -53.05 -9.92
C PHE F 120 18.68 -51.96 -10.89
N LEU F 121 17.48 -51.42 -10.70
CA LEU F 121 17.01 -50.37 -11.58
C LEU F 121 17.72 -49.06 -11.26
N PHE F 122 18.12 -48.90 -10.00
CA PHE F 122 18.86 -47.70 -9.62
C PHE F 122 20.25 -47.77 -10.24
N SER F 123 20.79 -48.98 -10.34
CA SER F 123 22.10 -49.18 -10.93
C SER F 123 22.09 -48.86 -12.42
N ARG F 124 21.10 -49.42 -13.12
CA ARG F 124 20.97 -49.20 -14.55
C ARG F 124 20.62 -47.75 -14.87
N GLY F 125 19.83 -47.13 -14.01
CA GLY F 125 19.40 -45.75 -14.24
C GLY F 125 17.99 -45.74 -14.75
N HIS F 126 17.05 -46.07 -13.87
CA HIS F 126 15.63 -46.12 -14.23
C HIS F 126 14.81 -45.49 -13.10
N PHE F 127 14.05 -44.45 -13.42
CA PHE F 127 13.24 -43.73 -12.45
C PHE F 127 12.45 -44.64 -11.50
N HIS F 128 11.97 -45.78 -12.00
CA HIS F 128 11.21 -46.68 -11.14
C HIS F 128 12.08 -47.29 -10.05
N GLY F 129 13.39 -47.32 -10.28
CA GLY F 129 14.30 -47.87 -9.28
C GLY F 129 14.42 -46.98 -8.07
N ASN F 130 14.04 -45.71 -8.24
CA ASN F 130 14.11 -44.75 -7.14
C ASN F 130 12.75 -44.51 -6.51
N GLN F 131 11.70 -45.16 -7.04
CA GLN F 131 10.37 -44.99 -6.47
C GLN F 131 10.24 -45.86 -5.23
N ILE F 132 10.47 -45.28 -4.07
CA ILE F 132 10.39 -46.04 -2.83
C ILE F 132 8.94 -46.37 -2.53
N PRO F 133 8.67 -47.64 -2.20
CA PRO F 133 7.29 -48.02 -1.89
C PRO F 133 6.88 -47.40 -0.54
N GLU F 134 5.59 -47.14 -0.38
CA GLU F 134 5.09 -46.56 0.86
C GLU F 134 5.40 -47.46 2.05
N GLY F 135 5.66 -46.86 3.20
CA GLY F 135 5.98 -47.65 4.38
C GLY F 135 7.47 -47.80 4.58
N VAL F 136 8.24 -47.60 3.52
CA VAL F 136 9.69 -47.71 3.59
C VAL F 136 10.27 -46.29 3.70
N ASN F 137 10.75 -45.93 4.88
CA ASN F 137 11.31 -44.59 5.09
C ASN F 137 12.79 -44.54 4.72
N VAL F 138 13.06 -44.25 3.45
CA VAL F 138 14.43 -44.13 2.96
C VAL F 138 14.48 -43.25 1.71
N LEU F 139 15.66 -42.70 1.45
CA LEU F 139 15.87 -41.88 0.27
C LEU F 139 16.79 -42.66 -0.66
N PRO F 140 16.71 -42.40 -1.97
CA PRO F 140 17.61 -43.14 -2.87
C PRO F 140 19.05 -42.74 -2.56
N PRO F 141 20.02 -43.50 -3.08
CA PRO F 141 21.44 -43.24 -2.88
C PRO F 141 21.88 -41.83 -3.28
N GLN F 142 22.55 -41.13 -2.36
CA GLN F 142 23.04 -39.76 -2.59
C GLN F 142 24.41 -39.79 -3.26
N ILE F 143 24.65 -38.89 -4.21
CA ILE F 143 25.94 -38.86 -4.91
C ILE F 143 26.82 -37.70 -4.51
N ILE F 144 26.20 -36.61 -4.07
CA ILE F 144 26.93 -35.44 -3.64
C ILE F 144 27.45 -35.71 -2.23
N ILE F 145 28.76 -35.89 -2.10
CA ILE F 145 29.38 -36.18 -0.82
C ILE F 145 29.10 -35.12 0.23
N GLY F 146 28.42 -35.52 1.31
CA GLY F 146 28.12 -34.59 2.38
C GLY F 146 26.70 -34.06 2.41
N ALA F 147 26.06 -34.04 1.24
CA ALA F 147 24.69 -33.55 1.14
C ALA F 147 23.73 -34.31 2.05
N GLN F 148 23.97 -35.60 2.26
CA GLN F 148 23.11 -36.42 3.09
C GLN F 148 23.34 -36.21 4.59
N TYR F 149 24.26 -35.31 4.93
CA TYR F 149 24.54 -35.01 6.34
C TYR F 149 23.76 -33.77 6.80
N ILE F 150 23.62 -32.78 5.94
CA ILE F 150 22.86 -31.62 6.36
C ILE F 150 21.36 -31.95 6.30
N GLN F 151 21.00 -32.90 5.43
CA GLN F 151 19.61 -33.32 5.28
C GLN F 151 19.16 -34.21 6.46
N ALA F 152 20.08 -35.05 6.94
CA ALA F 152 19.77 -35.91 8.06
C ALA F 152 19.40 -35.05 9.29
N ALA F 153 20.15 -33.97 9.50
CA ALA F 153 19.90 -33.06 10.61
C ALA F 153 18.48 -32.51 10.50
N GLY F 154 18.05 -32.29 9.27
CA GLY F 154 16.72 -31.76 9.02
C GLY F 154 15.65 -32.79 9.33
N VAL F 155 15.84 -34.02 8.86
CA VAL F 155 14.86 -35.07 9.10
C VAL F 155 14.80 -35.38 10.60
N ALA F 156 15.97 -35.37 11.24
CA ALA F 156 16.01 -35.64 12.67
C ALA F 156 15.21 -34.58 13.43
N LEU F 157 15.37 -33.32 13.03
CA LEU F 157 14.63 -32.24 13.67
C LEU F 157 13.14 -32.43 13.40
N GLY F 158 12.82 -32.98 12.24
CA GLY F 158 11.43 -33.19 11.88
C GLY F 158 10.79 -34.21 12.82
N LEU F 159 11.51 -35.29 13.09
CA LEU F 159 11.00 -36.33 13.96
C LEU F 159 10.79 -35.82 15.39
N LYS F 160 11.76 -35.05 15.88
CA LYS F 160 11.68 -34.50 17.22
C LYS F 160 10.45 -33.62 17.38
N MET F 161 10.15 -32.85 16.34
CA MET F 161 9.01 -31.94 16.32
C MET F 161 7.66 -32.64 16.28
N ARG F 162 7.63 -33.87 15.78
CA ARG F 162 6.39 -34.61 15.71
C ARG F 162 6.18 -35.48 16.94
N GLY F 163 7.22 -35.58 17.78
CA GLY F 163 7.17 -36.37 18.98
C GLY F 163 7.30 -37.86 18.74
N LYS F 164 7.81 -38.23 17.58
CA LYS F 164 7.99 -39.63 17.23
C LYS F 164 9.15 -40.23 18.02
N LYS F 165 9.12 -41.54 18.22
CA LYS F 165 10.17 -42.22 18.95
C LYS F 165 11.04 -42.97 17.95
N ALA F 166 11.59 -42.24 17.00
CA ALA F 166 12.43 -42.82 15.98
C ALA F 166 13.56 -41.86 15.63
N VAL F 167 14.56 -42.37 14.92
CA VAL F 167 15.73 -41.57 14.53
C VAL F 167 16.01 -41.61 13.03
N ALA F 168 17.04 -40.87 12.65
CA ALA F 168 17.48 -40.80 11.28
C ALA F 168 18.96 -41.21 11.26
N ILE F 169 19.33 -42.03 10.29
CA ILE F 169 20.72 -42.44 10.17
C ILE F 169 21.26 -42.15 8.77
N THR F 170 22.46 -41.57 8.71
CA THR F 170 23.08 -41.25 7.44
C THR F 170 24.50 -41.85 7.42
N TYR F 171 25.01 -42.11 6.22
CA TYR F 171 26.34 -42.70 6.04
C TYR F 171 27.22 -41.92 5.07
N THR F 172 28.52 -41.94 5.31
CA THR F 172 29.51 -41.30 4.43
C THR F 172 30.86 -41.98 4.64
N GLY F 173 31.86 -41.60 3.86
CA GLY F 173 33.18 -42.22 3.99
C GLY F 173 34.24 -41.32 4.62
N ASP F 174 35.47 -41.81 4.70
CA ASP F 174 36.54 -41.02 5.30
C ASP F 174 36.88 -39.78 4.48
N GLY F 175 36.63 -39.83 3.18
CA GLY F 175 36.91 -38.68 2.34
C GLY F 175 35.89 -37.58 2.61
N GLY F 176 34.63 -37.98 2.77
CA GLY F 176 33.56 -37.05 3.03
C GLY F 176 33.74 -36.14 4.23
N THR F 177 34.51 -36.59 5.22
CA THR F 177 34.73 -35.79 6.42
C THR F 177 35.51 -34.50 6.19
N SER F 178 35.86 -34.21 4.94
CA SER F 178 36.58 -32.99 4.59
C SER F 178 35.63 -31.94 4.02
N GLN F 179 34.48 -32.38 3.54
CA GLN F 179 33.49 -31.46 3.00
C GLN F 179 33.01 -30.54 4.10
N GLY F 180 32.58 -29.33 3.72
CA GLY F 180 32.07 -28.40 4.70
C GLY F 180 30.70 -28.85 5.17
N ASP F 181 29.94 -29.50 4.29
CA ASP F 181 28.60 -29.97 4.65
C ASP F 181 28.64 -31.02 5.75
N PHE F 182 29.79 -31.69 5.89
CA PHE F 182 29.93 -32.72 6.91
C PHE F 182 29.93 -32.07 8.27
N TYR F 183 30.63 -30.93 8.38
CA TYR F 183 30.71 -30.19 9.62
C TYR F 183 29.45 -29.39 9.88
N GLU F 184 28.87 -28.79 8.84
CA GLU F 184 27.66 -28.03 9.04
C GLU F 184 26.55 -28.97 9.48
N GLY F 185 26.60 -30.21 9.00
CA GLY F 185 25.58 -31.17 9.34
C GLY F 185 25.53 -31.58 10.80
N ILE F 186 26.64 -32.08 11.32
CA ILE F 186 26.68 -32.51 12.71
C ILE F 186 26.56 -31.35 13.70
N ASN F 187 26.93 -30.14 13.26
CA ASN F 187 26.87 -28.97 14.11
C ASN F 187 25.43 -28.54 14.30
N PHE F 188 24.65 -28.64 13.23
CA PHE F 188 23.24 -28.30 13.26
C PHE F 188 22.49 -29.28 14.17
N ALA F 189 22.65 -30.57 13.93
CA ALA F 189 21.98 -31.56 14.75
C ALA F 189 22.37 -31.30 16.22
N GLY F 190 23.64 -30.95 16.44
CA GLY F 190 24.10 -30.67 17.79
C GLY F 190 23.39 -29.47 18.38
N ALA F 191 23.43 -28.36 17.65
CA ALA F 191 22.81 -27.11 18.07
C ALA F 191 21.30 -27.19 18.36
N PHE F 192 20.62 -28.16 17.74
CA PHE F 192 19.18 -28.33 17.94
C PHE F 192 18.84 -29.56 18.77
N LYS F 193 19.83 -30.40 19.01
CA LYS F 193 19.65 -31.64 19.77
C LYS F 193 18.65 -32.55 19.07
N ALA F 194 18.90 -32.81 17.79
CA ALA F 194 18.04 -33.65 16.97
C ALA F 194 18.49 -35.11 17.10
N PRO F 195 17.55 -36.06 16.99
CA PRO F 195 17.84 -37.50 17.09
C PRO F 195 18.37 -38.14 15.81
N ALA F 196 19.66 -37.92 15.53
CA ALA F 196 20.31 -38.47 14.34
C ALA F 196 21.63 -39.18 14.64
N ILE F 197 21.85 -40.30 13.94
CA ILE F 197 23.05 -41.09 14.07
C ILE F 197 23.95 -40.81 12.86
N PHE F 198 25.16 -40.30 13.09
CA PHE F 198 26.08 -40.02 11.98
C PHE F 198 27.16 -41.10 11.90
N VAL F 199 27.06 -41.95 10.86
CA VAL F 199 28.03 -43.04 10.66
C VAL F 199 29.09 -42.70 9.61
N VAL F 200 30.35 -42.94 9.94
CA VAL F 200 31.49 -42.69 9.04
C VAL F 200 32.27 -43.97 8.81
N GLN F 201 32.10 -44.58 7.63
CA GLN F 201 32.80 -45.82 7.29
C GLN F 201 34.19 -45.54 6.72
N ASN F 202 35.20 -45.54 7.59
CA ASN F 202 36.56 -45.27 7.17
C ASN F 202 37.27 -46.51 6.61
N ASN F 203 37.34 -46.62 5.29
CA ASN F 203 38.01 -47.77 4.67
C ASN F 203 39.42 -47.38 4.20
N ARG F 204 39.93 -46.28 4.76
CA ARG F 204 41.28 -45.78 4.51
C ARG F 204 41.60 -45.08 3.20
N PHE F 205 40.72 -45.18 2.22
CA PHE F 205 40.99 -44.53 0.94
C PHE F 205 39.83 -43.75 0.37
N ALA F 206 40.13 -42.60 -0.20
CA ALA F 206 39.17 -41.75 -0.88
C ALA F 206 39.61 -41.97 -2.33
N ILE F 207 39.02 -42.98 -2.97
CA ILE F 207 39.50 -43.41 -4.27
C ILE F 207 40.93 -43.84 -3.98
N SER F 208 41.90 -43.31 -4.68
CA SER F 208 43.31 -43.42 -4.32
C SER F 208 44.11 -42.53 -3.38
N THR F 209 43.41 -41.64 -2.67
CA THR F 209 44.04 -40.73 -1.71
C THR F 209 43.95 -41.37 -0.31
N PRO F 210 45.10 -41.68 0.30
CA PRO F 210 45.08 -42.28 1.64
C PRO F 210 44.50 -41.32 2.68
N VAL F 211 43.86 -41.88 3.71
CA VAL F 211 43.23 -41.07 4.76
C VAL F 211 44.20 -40.15 5.48
N GLU F 212 45.49 -40.46 5.46
CA GLU F 212 46.50 -39.62 6.11
C GLU F 212 46.63 -38.28 5.39
N LYS F 213 46.30 -38.25 4.10
CA LYS F 213 46.39 -37.02 3.30
C LYS F 213 45.10 -36.21 3.35
N GLN F 214 44.06 -36.80 3.93
CA GLN F 214 42.78 -36.13 4.06
C GLN F 214 42.77 -35.16 5.24
N THR F 215 43.54 -35.47 6.28
CA THR F 215 43.60 -34.63 7.47
C THR F 215 44.80 -35.00 8.32
N VAL F 216 45.11 -34.17 9.32
CA VAL F 216 46.24 -34.44 10.20
C VAL F 216 45.73 -34.98 11.54
N ALA F 217 44.42 -35.07 11.68
CA ALA F 217 43.78 -35.59 12.89
C ALA F 217 43.99 -37.09 12.95
N LYS F 218 44.42 -37.60 14.10
CA LYS F 218 44.68 -39.03 14.22
C LYS F 218 43.48 -39.98 14.13
N THR F 219 42.27 -39.49 14.40
CA THR F 219 41.06 -40.31 14.25
C THR F 219 40.01 -39.46 13.55
N LEU F 220 38.91 -40.09 13.13
CA LEU F 220 37.84 -39.34 12.48
C LEU F 220 36.76 -39.09 13.53
N ALA F 221 36.72 -39.97 14.53
CA ALA F 221 35.74 -39.86 15.59
C ALA F 221 35.90 -38.54 16.33
N GLN F 222 37.15 -38.09 16.48
CA GLN F 222 37.42 -36.84 17.19
C GLN F 222 36.86 -35.58 16.51
N LYS F 223 36.40 -35.71 15.27
CA LYS F 223 35.85 -34.57 14.56
C LYS F 223 34.53 -34.11 15.17
N ALA F 224 33.92 -34.97 15.99
CA ALA F 224 32.66 -34.61 16.66
C ALA F 224 32.89 -33.55 17.74
N VAL F 225 34.14 -33.44 18.18
CA VAL F 225 34.53 -32.46 19.20
C VAL F 225 34.20 -31.02 18.80
N ALA F 226 34.45 -30.67 17.52
CA ALA F 226 34.17 -29.32 17.05
C ALA F 226 32.67 -29.02 16.95
N ALA F 227 31.84 -30.03 17.15
CA ALA F 227 30.39 -29.86 17.12
C ALA F 227 29.88 -29.99 18.57
N GLY F 228 30.68 -30.62 19.41
CA GLY F 228 30.30 -30.78 20.81
C GLY F 228 29.45 -32.00 21.09
N ILE F 229 29.41 -32.94 20.16
CA ILE F 229 28.60 -34.14 20.34
C ILE F 229 29.51 -35.32 20.59
N PRO F 230 28.98 -36.37 21.22
CA PRO F 230 29.80 -37.55 21.50
C PRO F 230 30.26 -38.28 20.23
N GLY F 231 31.48 -38.80 20.29
CA GLY F 231 32.04 -39.54 19.17
C GLY F 231 32.61 -40.86 19.67
N ILE F 232 32.59 -41.88 18.81
CA ILE F 232 33.10 -43.19 19.17
C ILE F 232 33.71 -43.95 17.98
N GLN F 233 34.95 -44.41 18.13
CA GLN F 233 35.59 -45.16 17.07
C GLN F 233 35.39 -46.65 17.33
N VAL F 234 34.87 -47.36 16.34
CA VAL F 234 34.58 -48.79 16.46
C VAL F 234 35.33 -49.62 15.41
N ASP F 235 35.51 -50.91 15.72
CA ASP F 235 36.18 -51.83 14.82
C ASP F 235 35.10 -52.18 13.79
N GLY F 236 35.25 -51.62 12.59
CA GLY F 236 34.29 -51.82 11.52
C GLY F 236 34.15 -53.22 10.96
N MET F 237 34.95 -54.16 11.43
CA MET F 237 34.87 -55.55 10.95
C MET F 237 34.24 -56.43 12.03
N ASP F 238 33.79 -55.79 13.09
CA ASP F 238 33.16 -56.49 14.21
C ASP F 238 31.66 -56.30 14.18
N PRO F 239 30.91 -57.33 13.78
CA PRO F 239 29.45 -57.24 13.72
C PRO F 239 28.80 -56.80 15.02
N LEU F 240 29.14 -57.48 16.12
CA LEU F 240 28.57 -57.17 17.43
C LEU F 240 28.91 -55.79 17.96
N ALA F 241 30.15 -55.34 17.73
CA ALA F 241 30.56 -54.02 18.20
C ALA F 241 29.80 -52.91 17.49
N VAL F 242 29.70 -53.01 16.17
CA VAL F 242 28.98 -52.00 15.41
C VAL F 242 27.54 -51.97 15.88
N TYR F 243 26.97 -53.13 16.18
CA TYR F 243 25.58 -53.20 16.65
C TYR F 243 25.39 -52.46 17.98
N ALA F 244 26.26 -52.75 18.94
CA ALA F 244 26.17 -52.12 20.25
C ALA F 244 26.34 -50.59 20.18
N ALA F 245 27.26 -50.13 19.33
CA ALA F 245 27.48 -48.69 19.17
C ALA F 245 26.24 -48.03 18.59
N VAL F 246 25.64 -48.65 17.57
CA VAL F 246 24.44 -48.08 16.98
C VAL F 246 23.24 -48.13 17.93
N LYS F 247 23.14 -49.21 18.71
CA LYS F 247 22.05 -49.35 19.67
C LYS F 247 22.19 -48.29 20.76
N ALA F 248 23.41 -48.09 21.25
CA ALA F 248 23.70 -47.12 22.29
C ALA F 248 23.42 -45.68 21.83
N ALA F 249 23.70 -45.40 20.56
CA ALA F 249 23.44 -44.07 20.00
C ALA F 249 21.94 -43.91 19.76
N ARG F 250 21.27 -45.04 19.52
CA ARG F 250 19.83 -45.02 19.28
C ARG F 250 19.08 -44.71 20.57
N GLU F 251 19.58 -45.22 21.70
CA GLU F 251 18.94 -44.98 23.00
C GLU F 251 19.05 -43.51 23.39
N ARG F 252 20.25 -42.96 23.24
CA ARG F 252 20.54 -41.56 23.58
C ARG F 252 19.67 -40.57 22.77
N ALA F 253 19.63 -40.76 21.46
CA ALA F 253 18.87 -39.87 20.58
C ALA F 253 17.36 -39.84 20.88
N ILE F 254 16.76 -41.00 21.12
CA ILE F 254 15.32 -41.04 21.41
C ILE F 254 15.04 -40.59 22.83
N ASN F 255 16.09 -40.46 23.63
CA ASN F 255 15.95 -40.04 25.01
C ASN F 255 16.16 -38.51 25.08
N GLY F 256 16.28 -37.89 23.91
CA GLY F 256 16.46 -36.45 23.83
C GLY F 256 17.82 -35.89 24.20
N GLU F 257 18.80 -36.77 24.40
CA GLU F 257 20.15 -36.33 24.77
C GLU F 257 20.98 -35.75 23.63
N GLY F 258 20.60 -36.04 22.39
CA GLY F 258 21.35 -35.51 21.26
C GLY F 258 21.85 -36.55 20.28
N PRO F 259 22.58 -36.11 19.24
CA PRO F 259 23.16 -36.96 18.20
C PRO F 259 24.48 -37.64 18.54
N THR F 260 24.94 -38.53 17.67
CA THR F 260 26.18 -39.25 17.89
C THR F 260 26.94 -39.46 16.57
N LEU F 261 28.26 -39.48 16.65
CA LEU F 261 29.11 -39.71 15.49
C LEU F 261 29.83 -41.05 15.66
N ILE F 262 29.54 -41.99 14.77
CA ILE F 262 30.17 -43.29 14.86
C ILE F 262 31.12 -43.52 13.69
N GLU F 263 32.39 -43.73 13.99
CA GLU F 263 33.36 -44.00 12.94
C GLU F 263 33.77 -45.46 12.98
N THR F 264 33.48 -46.19 11.90
CA THR F 264 33.85 -47.60 11.83
C THR F 264 35.15 -47.73 11.04
N LEU F 265 36.04 -48.61 11.50
CA LEU F 265 37.31 -48.84 10.82
C LEU F 265 37.16 -50.15 10.03
N CYS F 266 36.82 -50.05 8.75
CA CYS F 266 36.64 -51.22 7.90
C CYS F 266 37.62 -51.23 6.71
N PHE F 267 37.22 -51.97 5.67
CA PHE F 267 38.04 -52.09 4.48
C PHE F 267 37.22 -52.68 3.33
N ARG F 268 37.63 -52.36 2.11
CA ARG F 268 36.94 -52.82 0.91
C ARG F 268 37.86 -53.81 0.15
N TYR F 269 37.28 -54.92 -0.29
CA TYR F 269 38.08 -55.92 -1.01
C TYR F 269 38.05 -55.78 -2.53
N GLY F 270 37.12 -54.98 -3.04
CA GLY F 270 37.04 -54.80 -4.48
C GLY F 270 37.48 -53.41 -4.90
N PRO F 271 37.19 -53.01 -6.15
CA PRO F 271 37.55 -51.68 -6.66
C PRO F 271 36.60 -50.57 -6.22
N HIS F 272 37.06 -49.33 -6.32
CA HIS F 272 36.28 -48.15 -5.95
C HIS F 272 34.87 -48.24 -6.53
N THR F 273 34.79 -48.34 -7.85
CA THR F 273 33.53 -48.46 -8.55
C THR F 273 33.83 -49.27 -9.81
N MET F 274 32.81 -49.52 -10.64
CA MET F 274 33.00 -50.28 -11.87
C MET F 274 33.03 -49.37 -13.10
N SER F 275 33.19 -48.07 -12.87
CA SER F 275 33.19 -47.10 -13.96
C SER F 275 34.55 -46.89 -14.61
N GLY F 276 34.64 -47.16 -15.91
CA GLY F 276 35.88 -46.97 -16.65
C GLY F 276 37.17 -47.61 -16.15
N ASP F 277 38.11 -46.76 -15.73
CA ASP F 277 39.41 -47.21 -15.24
C ASP F 277 39.43 -47.93 -13.90
N ASP F 278 38.26 -48.37 -13.46
CA ASP F 278 38.12 -49.12 -12.21
C ASP F 278 37.34 -50.36 -12.63
N PRO F 279 37.77 -51.55 -12.23
CA PRO F 279 38.92 -51.94 -11.40
C PRO F 279 40.24 -52.08 -12.16
N THR F 280 40.84 -50.97 -12.58
CA THR F 280 42.09 -51.05 -13.31
C THR F 280 43.23 -50.33 -12.57
N ARG F 281 42.89 -49.37 -11.72
CA ARG F 281 43.88 -48.62 -10.97
C ARG F 281 44.66 -49.43 -9.94
N TYR F 282 45.85 -48.93 -9.61
CA TYR F 282 46.75 -49.58 -8.66
C TYR F 282 46.06 -50.31 -7.50
N ARG F 283 46.29 -51.62 -7.46
CA ARG F 283 45.72 -52.49 -6.45
C ARG F 283 46.84 -52.91 -5.51
N SER F 284 46.72 -52.60 -4.22
CA SER F 284 47.76 -52.97 -3.26
C SER F 284 47.48 -54.34 -2.67
N LYS F 285 48.17 -55.35 -3.18
CA LYS F 285 48.01 -56.73 -2.71
C LYS F 285 48.50 -56.90 -1.27
N GLU F 286 49.36 -55.99 -0.83
CA GLU F 286 49.89 -56.05 0.52
C GLU F 286 48.81 -55.72 1.55
N LEU F 287 48.03 -54.67 1.30
CA LEU F 287 46.95 -54.26 2.19
C LEU F 287 45.71 -55.12 1.95
N GLU F 288 45.83 -56.08 1.05
CA GLU F 288 44.73 -56.98 0.71
C GLU F 288 44.68 -58.18 1.63
N ASN F 289 45.76 -58.95 1.62
CA ASN F 289 45.85 -60.15 2.44
C ASN F 289 45.82 -59.78 3.91
N GLU F 290 46.50 -58.69 4.25
CA GLU F 290 46.53 -58.21 5.63
C GLU F 290 45.10 -58.07 6.16
N TRP F 291 44.23 -57.50 5.33
CA TRP F 291 42.83 -57.29 5.70
C TRP F 291 41.92 -58.46 5.33
N ALA F 292 42.44 -59.37 4.52
CA ALA F 292 41.66 -60.54 4.11
C ALA F 292 41.50 -61.45 5.32
N LYS F 293 42.39 -61.29 6.29
CA LYS F 293 42.37 -62.08 7.50
C LYS F 293 41.42 -61.52 8.54
N LYS F 294 40.98 -60.28 8.33
CA LYS F 294 40.05 -59.61 9.24
C LYS F 294 38.60 -59.70 8.78
N ASP F 295 38.35 -60.36 7.65
CA ASP F 295 37.00 -60.51 7.10
C ASP F 295 35.94 -60.74 8.18
N PRO F 296 34.94 -59.84 8.26
CA PRO F 296 33.86 -59.93 9.25
C PRO F 296 33.10 -61.25 9.23
N LEU F 297 33.13 -61.96 8.11
CA LEU F 297 32.44 -63.23 8.02
C LEU F 297 33.26 -64.32 8.71
N VAL F 298 34.58 -64.22 8.61
CA VAL F 298 35.44 -65.20 9.23
C VAL F 298 35.24 -65.24 10.75
N ARG F 299 35.43 -64.10 11.41
CA ARG F 299 35.30 -64.03 12.86
C ARG F 299 33.90 -64.33 13.41
N PHE F 300 32.85 -63.88 12.71
CA PHE F 300 31.51 -64.15 13.21
C PHE F 300 31.17 -65.63 13.02
N ARG F 301 31.71 -66.22 11.96
CA ARG F 301 31.47 -67.63 11.67
C ARG F 301 32.01 -68.46 12.84
N LYS F 302 33.18 -68.08 13.35
CA LYS F 302 33.78 -68.79 14.48
C LYS F 302 33.00 -68.55 15.77
N PHE F 303 32.30 -67.42 15.84
CA PHE F 303 31.51 -67.08 17.02
C PHE F 303 30.19 -67.85 17.06
N LEU F 304 29.70 -68.25 15.89
CA LEU F 304 28.44 -68.99 15.81
C LEU F 304 28.69 -70.49 15.89
N GLU F 305 29.92 -70.90 15.59
CA GLU F 305 30.27 -72.31 15.66
C GLU F 305 30.59 -72.57 17.11
N ALA F 306 31.22 -71.58 17.75
CA ALA F 306 31.58 -71.66 19.15
C ALA F 306 30.31 -71.69 20.00
N LYS F 307 29.17 -71.75 19.31
CA LYS F 307 27.86 -71.80 19.96
C LYS F 307 26.95 -72.76 19.20
N GLY F 308 27.53 -73.49 18.26
CA GLY F 308 26.79 -74.45 17.46
C GLY F 308 25.48 -73.94 16.89
N LEU F 309 25.48 -72.67 16.45
CA LEU F 309 24.27 -72.07 15.88
C LEU F 309 24.43 -71.77 14.40
N TRP F 310 25.48 -72.34 13.80
CA TRP F 310 25.74 -72.15 12.39
C TRP F 310 26.40 -73.39 11.79
N SER F 311 25.88 -73.83 10.64
CA SER F 311 26.39 -75.01 9.97
C SER F 311 26.74 -74.72 8.53
N GLU F 312 27.53 -75.61 7.92
CA GLU F 312 27.94 -75.43 6.53
C GLU F 312 26.76 -75.57 5.56
N GLU F 313 25.88 -76.53 5.82
CA GLU F 313 24.71 -76.73 4.97
C GLU F 313 23.81 -75.50 5.05
N GLU F 314 23.76 -74.93 6.25
CA GLU F 314 22.95 -73.75 6.54
C GLU F 314 23.40 -72.53 5.72
N GLU F 315 24.72 -72.40 5.53
CA GLU F 315 25.26 -71.30 4.75
C GLU F 315 25.00 -71.51 3.28
N ASN F 316 25.00 -72.76 2.84
CA ASN F 316 24.76 -73.08 1.44
C ASN F 316 23.32 -72.72 1.08
N ASN F 317 22.40 -73.03 1.99
CA ASN F 317 20.98 -72.74 1.78
C ASN F 317 20.76 -71.24 1.69
N VAL F 318 21.59 -70.47 2.39
CA VAL F 318 21.50 -69.01 2.36
C VAL F 318 22.08 -68.54 1.03
N ILE F 319 23.16 -69.17 0.61
CA ILE F 319 23.85 -68.85 -0.63
C ILE F 319 23.04 -69.22 -1.87
N GLU F 320 22.44 -70.41 -1.89
CA GLU F 320 21.64 -70.82 -3.04
C GLU F 320 20.36 -70.00 -3.14
N GLN F 321 19.92 -69.48 -2.01
CA GLN F 321 18.72 -68.65 -1.96
C GLN F 321 19.05 -67.27 -2.52
N ALA F 322 20.30 -66.84 -2.31
CA ALA F 322 20.77 -65.55 -2.77
C ALA F 322 20.85 -65.51 -4.28
N LYS F 323 21.43 -66.55 -4.87
CA LYS F 323 21.56 -66.62 -6.31
C LYS F 323 20.20 -66.81 -6.97
N GLU F 324 19.29 -67.52 -6.31
CA GLU F 324 17.98 -67.74 -6.88
C GLU F 324 17.13 -66.48 -6.87
N GLU F 325 17.19 -65.72 -5.78
CA GLU F 325 16.44 -64.48 -5.66
C GLU F 325 17.05 -63.37 -6.53
N ILE F 326 18.35 -63.45 -6.80
CA ILE F 326 19.03 -62.46 -7.63
C ILE F 326 18.66 -62.63 -9.09
N LYS F 327 18.59 -63.89 -9.52
CA LYS F 327 18.25 -64.24 -10.89
C LYS F 327 16.87 -63.72 -11.25
N GLU F 328 15.94 -63.86 -10.30
CA GLU F 328 14.56 -63.41 -10.49
C GLU F 328 14.44 -61.88 -10.52
N ALA F 329 15.21 -61.22 -9.66
CA ALA F 329 15.17 -59.77 -9.61
C ALA F 329 15.78 -59.14 -10.86
N ILE F 330 16.75 -59.83 -11.47
CA ILE F 330 17.37 -59.28 -12.67
C ILE F 330 16.37 -59.33 -13.82
N LYS F 331 15.59 -60.40 -13.87
CA LYS F 331 14.59 -60.60 -14.92
C LYS F 331 13.40 -59.65 -14.74
N LYS F 332 13.01 -59.42 -13.49
CA LYS F 332 11.90 -58.52 -13.19
C LYS F 332 12.30 -57.09 -13.57
N ALA F 333 13.59 -56.86 -13.71
CA ALA F 333 14.13 -55.55 -14.06
C ALA F 333 14.20 -55.35 -15.56
N ASP F 334 14.37 -56.46 -16.28
CA ASP F 334 14.44 -56.40 -17.74
C ASP F 334 13.05 -56.15 -18.29
N GLU F 335 12.06 -56.71 -17.60
CA GLU F 335 10.66 -56.60 -18.01
C GLU F 335 10.01 -55.23 -17.84
N THR F 336 10.50 -54.42 -16.92
CA THR F 336 9.92 -53.08 -16.72
C THR F 336 10.09 -52.30 -18.02
N PRO F 337 9.03 -51.61 -18.48
CA PRO F 337 9.10 -50.83 -19.72
C PRO F 337 10.15 -49.72 -19.70
N LYS F 338 10.58 -49.32 -20.90
CA LYS F 338 11.59 -48.28 -21.05
C LYS F 338 11.06 -46.88 -20.78
N GLN F 339 11.95 -46.00 -20.30
CA GLN F 339 11.58 -44.63 -20.00
C GLN F 339 11.39 -43.82 -21.27
N LYS F 340 10.36 -42.98 -21.28
CA LYS F 340 10.09 -42.12 -22.42
C LYS F 340 10.21 -40.70 -21.89
N VAL F 341 10.62 -39.77 -22.75
CA VAL F 341 10.77 -38.39 -22.33
C VAL F 341 9.53 -37.85 -21.60
N THR F 342 8.34 -38.34 -21.96
CA THR F 342 7.13 -37.86 -21.28
C THR F 342 7.14 -38.26 -19.80
N ASP F 343 7.55 -39.50 -19.52
CA ASP F 343 7.61 -39.99 -18.14
C ASP F 343 8.47 -39.07 -17.30
N LEU F 344 9.58 -38.64 -17.89
CA LEU F 344 10.53 -37.76 -17.22
C LEU F 344 9.93 -36.38 -17.00
N ILE F 345 9.13 -35.91 -17.95
CA ILE F 345 8.50 -34.59 -17.83
C ILE F 345 7.39 -34.63 -16.78
N SER F 346 6.69 -35.76 -16.68
CA SER F 346 5.59 -35.92 -15.73
C SER F 346 5.98 -35.90 -14.25
N ILE F 347 7.16 -36.44 -13.91
CA ILE F 347 7.57 -36.46 -12.51
C ILE F 347 8.33 -35.22 -12.04
N MET F 348 8.36 -34.17 -12.87
CA MET F 348 9.05 -32.93 -12.51
C MET F 348 8.24 -32.11 -11.51
N PHE F 349 6.92 -32.01 -11.71
CA PHE F 349 6.05 -31.25 -10.81
C PHE F 349 4.72 -31.96 -10.59
N GLU F 350 3.83 -31.31 -9.85
CA GLU F 350 2.49 -31.83 -9.60
C GLU F 350 1.61 -31.19 -10.67
N GLU F 351 1.91 -29.92 -10.95
CA GLU F 351 1.20 -29.11 -11.94
C GLU F 351 2.25 -28.46 -12.83
N LEU F 352 2.44 -29.03 -14.01
CA LEU F 352 3.43 -28.59 -14.99
C LEU F 352 3.37 -27.11 -15.38
N PRO F 353 4.51 -26.43 -15.39
CA PRO F 353 4.52 -25.01 -15.77
C PRO F 353 4.31 -24.93 -17.29
N PHE F 354 4.08 -23.73 -17.80
CA PHE F 354 3.83 -23.55 -19.23
C PHE F 354 4.85 -24.20 -20.18
N ASN F 355 6.15 -24.01 -19.91
CA ASN F 355 7.18 -24.55 -20.78
C ASN F 355 7.25 -26.07 -20.90
N LEU F 356 6.84 -26.79 -19.87
CA LEU F 356 6.84 -28.25 -19.93
C LEU F 356 5.57 -28.73 -20.61
N LYS F 357 4.47 -28.02 -20.39
CA LYS F 357 3.18 -28.35 -21.00
C LYS F 357 3.37 -28.51 -22.51
N GLU F 358 4.03 -27.51 -23.10
CA GLU F 358 4.31 -27.50 -24.54
C GLU F 358 5.19 -28.66 -24.95
N GLN F 359 6.32 -28.80 -24.26
CA GLN F 359 7.28 -29.85 -24.54
C GLN F 359 6.73 -31.26 -24.34
N TYR F 360 5.61 -31.37 -23.62
CA TYR F 360 5.00 -32.68 -23.37
C TYR F 360 4.18 -33.10 -24.59
N GLU F 361 3.67 -32.12 -25.31
CA GLU F 361 2.88 -32.38 -26.52
C GLU F 361 3.81 -32.59 -27.71
N ILE F 362 4.96 -31.93 -27.69
CA ILE F 362 5.93 -32.06 -28.76
C ILE F 362 6.54 -33.46 -28.68
N TYR F 363 6.76 -33.93 -27.45
CA TYR F 363 7.34 -35.24 -27.22
C TYR F 363 6.32 -36.36 -27.12
N LYS F 364 5.03 -36.01 -27.13
CA LYS F 364 3.97 -37.03 -27.07
C LYS F 364 3.72 -37.49 -28.51
N GLU F 365 3.89 -36.55 -29.44
CA GLU F 365 3.70 -36.84 -30.85
C GLU F 365 4.92 -37.59 -31.40
N LYS F 366 6.11 -37.10 -31.07
CA LYS F 366 7.34 -37.73 -31.53
C LYS F 366 7.48 -39.12 -30.92
N GLU F 367 6.73 -39.36 -29.86
CA GLU F 367 6.76 -40.64 -29.14
C GLU F 367 5.90 -41.68 -29.84
N SER F 368 4.70 -41.29 -30.25
CA SER F 368 3.78 -42.20 -30.92
C SER F 368 4.21 -42.47 -32.37
N LYS F 369 5.04 -41.59 -32.91
CA LYS F 369 5.53 -41.75 -34.28
C LYS F 369 6.90 -42.40 -34.29
N ALA G 2 -6.32 -2.58 3.65
CA ALA G 2 -5.72 -1.26 4.03
C ALA G 2 -4.49 -0.95 3.19
N GLN G 3 -3.90 0.22 3.45
CA GLN G 3 -2.70 0.64 2.72
C GLN G 3 -1.44 0.25 3.47
N MET G 4 -0.81 -0.85 3.04
CA MET G 4 0.42 -1.29 3.67
C MET G 4 1.58 -1.28 2.67
N THR G 5 2.80 -1.25 3.19
CA THR G 5 3.99 -1.25 2.35
C THR G 5 4.25 -2.69 1.92
N MET G 6 5.21 -2.89 1.04
CA MET G 6 5.51 -4.24 0.56
C MET G 6 5.95 -5.17 1.69
N VAL G 7 6.69 -4.64 2.66
CA VAL G 7 7.15 -5.45 3.77
C VAL G 7 6.01 -5.93 4.67
N GLN G 8 5.08 -5.03 5.00
CA GLN G 8 3.96 -5.41 5.86
C GLN G 8 3.16 -6.47 5.13
N ALA G 9 2.98 -6.28 3.84
CA ALA G 9 2.23 -7.23 3.04
C ALA G 9 2.90 -8.60 3.14
N ILE G 10 4.24 -8.59 3.18
CA ILE G 10 5.02 -9.82 3.32
C ILE G 10 4.66 -10.47 4.66
N THR G 11 4.74 -9.68 5.72
CA THR G 11 4.44 -10.15 7.07
C THR G 11 3.01 -10.66 7.16
N ASP G 12 2.08 -9.97 6.52
CA ASP G 12 0.69 -10.40 6.54
C ASP G 12 0.56 -11.80 5.92
N ALA G 13 1.16 -11.99 4.75
CA ALA G 13 1.09 -13.29 4.08
C ALA G 13 1.63 -14.39 4.98
N LEU G 14 2.65 -14.08 5.77
CA LEU G 14 3.25 -15.06 6.68
C LEU G 14 2.33 -15.35 7.86
N ARG G 15 1.67 -14.31 8.37
CA ARG G 15 0.74 -14.47 9.48
C ARG G 15 -0.44 -15.35 9.06
N ILE G 16 -0.97 -15.09 7.86
CA ILE G 16 -2.11 -15.86 7.34
C ILE G 16 -1.79 -17.35 7.27
N GLU G 17 -0.68 -17.69 6.61
CA GLU G 17 -0.28 -19.08 6.44
C GLU G 17 0.02 -19.80 7.75
N LEU G 18 0.71 -19.13 8.67
CA LEU G 18 1.03 -19.75 9.95
C LEU G 18 -0.25 -20.21 10.64
N LYS G 19 -1.30 -19.40 10.53
CA LYS G 19 -2.58 -19.73 11.16
C LYS G 19 -3.39 -20.76 10.38
N ASN G 20 -3.27 -20.74 9.06
CA ASN G 20 -4.01 -21.68 8.22
C ASN G 20 -3.39 -23.07 8.19
N ASP G 21 -2.13 -23.18 7.75
CA ASP G 21 -1.46 -24.47 7.70
C ASP G 21 -0.56 -24.63 8.94
N PRO G 22 -0.87 -25.61 9.80
CA PRO G 22 -0.07 -25.83 11.01
C PRO G 22 1.31 -26.44 10.72
N ASN G 23 1.53 -26.86 9.47
CA ASN G 23 2.80 -27.45 9.08
C ASN G 23 3.80 -26.41 8.58
N VAL G 24 3.39 -25.15 8.57
CA VAL G 24 4.26 -24.07 8.13
C VAL G 24 5.29 -23.67 9.21
N LEU G 25 6.56 -23.57 8.81
CA LEU G 25 7.66 -23.18 9.69
C LEU G 25 8.49 -22.08 9.03
N ILE G 26 9.07 -21.18 9.82
CA ILE G 26 9.88 -20.08 9.30
C ILE G 26 11.22 -19.95 10.03
N PHE G 27 12.33 -19.98 9.29
CA PHE G 27 13.64 -19.87 9.91
C PHE G 27 14.78 -19.29 9.06
N GLY G 28 15.88 -18.99 9.74
CA GLY G 28 17.05 -18.42 9.10
C GLY G 28 17.85 -17.64 10.12
N GLU G 29 18.77 -16.81 9.66
CA GLU G 29 19.57 -16.01 10.56
C GLU G 29 18.85 -14.76 11.08
N ASP G 30 18.74 -14.66 12.40
CA ASP G 30 18.11 -13.50 13.03
C ASP G 30 16.67 -13.23 12.60
N VAL G 31 15.87 -14.28 12.44
CA VAL G 31 14.49 -14.08 12.01
C VAL G 31 13.49 -14.17 13.16
N GLY G 32 13.89 -14.79 14.27
CA GLY G 32 13.01 -14.95 15.42
C GLY G 32 12.75 -13.71 16.27
N VAL G 33 13.47 -13.59 17.38
CA VAL G 33 13.34 -12.46 18.31
C VAL G 33 13.58 -11.08 17.69
N ASN G 34 14.67 -10.93 16.97
CA ASN G 34 15.00 -9.66 16.34
C ASN G 34 13.91 -9.29 15.33
N GLY G 35 13.40 -10.29 14.63
CA GLY G 35 12.36 -10.03 13.64
C GLY G 35 12.89 -9.81 12.24
N GLY G 36 14.18 -10.09 12.02
CA GLY G 36 14.75 -9.91 10.70
C GLY G 36 15.34 -8.53 10.48
N VAL G 37 16.39 -8.47 9.67
CA VAL G 37 17.08 -7.22 9.37
C VAL G 37 16.18 -6.12 8.80
N PHE G 38 15.02 -6.50 8.28
CA PHE G 38 14.08 -5.53 7.70
C PHE G 38 12.71 -5.63 8.38
N ARG G 39 12.68 -6.24 9.56
CA ARG G 39 11.44 -6.42 10.32
C ARG G 39 10.34 -7.14 9.57
N ALA G 40 10.74 -7.96 8.60
CA ALA G 40 9.79 -8.71 7.78
C ALA G 40 9.13 -9.85 8.56
N THR G 41 9.81 -10.33 9.59
CA THR G 41 9.30 -11.42 10.41
C THR G 41 9.04 -10.95 11.85
N GLU G 42 8.99 -9.64 12.04
CA GLU G 42 8.77 -9.07 13.37
C GLU G 42 7.39 -9.36 13.96
N GLY G 43 7.39 -9.86 15.19
CA GLY G 43 6.13 -10.14 15.87
C GLY G 43 5.48 -11.48 15.60
N LEU G 44 6.08 -12.29 14.73
CA LEU G 44 5.52 -13.60 14.41
C LEU G 44 5.86 -14.66 15.44
N GLN G 45 7.04 -14.57 16.05
CA GLN G 45 7.45 -15.55 17.05
C GLN G 45 6.59 -15.45 18.30
N ALA G 46 6.26 -14.23 18.69
CA ALA G 46 5.43 -14.02 19.88
C ALA G 46 4.05 -14.63 19.67
N GLU G 47 3.45 -14.33 18.53
CA GLU G 47 2.12 -14.82 18.21
C GLU G 47 2.02 -16.30 17.80
N PHE G 48 3.15 -16.96 17.61
CA PHE G 48 3.11 -18.37 17.20
C PHE G 48 4.01 -19.34 17.96
N GLY G 49 5.07 -18.81 18.57
CA GLY G 49 5.97 -19.66 19.34
C GLY G 49 7.32 -19.89 18.67
N GLU G 50 8.35 -20.09 19.49
CA GLU G 50 9.70 -20.32 18.98
C GLU G 50 9.77 -21.69 18.31
N ASP G 51 8.76 -22.52 18.55
CA ASP G 51 8.72 -23.86 17.97
C ASP G 51 8.42 -23.81 16.48
N ARG G 52 7.98 -22.66 15.99
CA ARG G 52 7.62 -22.53 14.59
C ARG G 52 8.33 -21.41 13.84
N VAL G 53 8.90 -20.48 14.60
CA VAL G 53 9.64 -19.35 14.02
C VAL G 53 10.92 -19.26 14.84
N PHE G 54 11.96 -19.95 14.37
CA PHE G 54 13.22 -20.02 15.08
C PHE G 54 14.48 -19.56 14.35
N ASP G 55 15.50 -19.22 15.12
CA ASP G 55 16.77 -18.79 14.55
C ASP G 55 17.61 -20.04 14.36
N THR G 56 18.64 -19.95 13.52
CA THR G 56 19.49 -21.09 13.27
C THR G 56 20.97 -20.70 13.24
N PRO G 57 21.87 -21.69 13.28
CA PRO G 57 23.30 -21.36 13.25
C PRO G 57 23.58 -20.65 11.91
N LEU G 58 24.60 -19.80 11.90
CA LEU G 58 25.00 -19.03 10.73
C LEU G 58 25.72 -19.88 9.66
N ALA G 59 24.92 -20.52 8.81
CA ALA G 59 25.43 -21.38 7.74
C ALA G 59 24.33 -21.59 6.67
N GLU G 60 24.41 -20.82 5.59
CA GLU G 60 23.43 -20.89 4.51
C GLU G 60 23.14 -22.30 3.97
N SER G 61 24.18 -23.11 3.81
CA SER G 61 24.00 -24.46 3.29
C SER G 61 23.32 -25.36 4.33
N GLY G 62 23.57 -25.09 5.61
CA GLY G 62 22.93 -25.87 6.65
C GLY G 62 21.43 -25.63 6.66
N ILE G 63 21.04 -24.38 6.39
CA ILE G 63 19.64 -23.99 6.36
C ILE G 63 18.91 -24.69 5.22
N GLY G 64 19.53 -24.74 4.05
CA GLY G 64 18.91 -25.40 2.90
C GLY G 64 18.75 -26.88 3.20
N GLY G 65 19.77 -27.48 3.82
CA GLY G 65 19.71 -28.89 4.16
C GLY G 65 18.64 -29.16 5.22
N LEU G 66 18.38 -28.18 6.08
CA LEU G 66 17.35 -28.34 7.11
C LEU G 66 15.98 -28.38 6.45
N ALA G 67 15.70 -27.40 5.60
CA ALA G 67 14.42 -27.30 4.90
C ALA G 67 14.10 -28.59 4.14
N ILE G 68 15.07 -29.05 3.36
CA ILE G 68 14.91 -30.27 2.58
C ILE G 68 14.48 -31.40 3.49
N GLY G 69 15.25 -31.61 4.56
CA GLY G 69 14.95 -32.67 5.51
C GLY G 69 13.63 -32.50 6.24
N LEU G 70 13.25 -31.25 6.53
CA LEU G 70 11.99 -30.98 7.21
C LEU G 70 10.84 -31.36 6.28
N ALA G 71 11.03 -31.09 4.99
CA ALA G 71 10.04 -31.39 3.97
C ALA G 71 9.75 -32.88 3.82
N LEU G 72 10.74 -33.72 4.09
CA LEU G 72 10.55 -35.16 3.99
C LEU G 72 9.72 -35.63 5.17
N GLN G 73 9.55 -34.74 6.14
CA GLN G 73 8.78 -35.04 7.35
C GLN G 73 7.43 -34.33 7.35
N GLY G 74 6.90 -34.10 6.15
CA GLY G 74 5.60 -33.47 6.00
C GLY G 74 5.50 -31.97 6.23
N PHE G 75 6.56 -31.36 6.74
CA PHE G 75 6.50 -29.93 7.00
C PHE G 75 6.49 -29.10 5.72
N ARG G 76 6.27 -27.80 5.87
CA ARG G 76 6.19 -26.87 4.76
C ARG G 76 7.03 -25.64 5.16
N PRO G 77 8.36 -25.76 5.02
CA PRO G 77 9.36 -24.73 5.35
C PRO G 77 9.37 -23.46 4.53
N VAL G 78 9.71 -22.36 5.20
CA VAL G 78 9.82 -21.06 4.56
C VAL G 78 11.09 -20.36 5.07
N PRO G 79 12.26 -20.94 4.79
CA PRO G 79 13.53 -20.36 5.23
C PRO G 79 13.83 -19.01 4.57
N GLU G 80 14.82 -18.32 5.12
CA GLU G 80 15.22 -17.02 4.59
C GLU G 80 16.73 -17.00 4.31
N ILE G 81 17.16 -16.10 3.42
CA ILE G 81 18.58 -15.94 3.12
C ILE G 81 18.75 -14.43 3.23
N GLN G 82 19.46 -13.99 4.28
CA GLN G 82 19.64 -12.55 4.52
C GLN G 82 19.78 -11.68 3.27
N PHE G 83 20.64 -12.09 2.34
CA PHE G 83 20.82 -11.37 1.09
C PHE G 83 21.08 -12.39 -0.01
N PHE G 84 20.31 -12.34 -1.09
CA PHE G 84 20.47 -13.31 -2.16
C PHE G 84 21.86 -13.35 -2.77
N GLY G 85 22.66 -12.32 -2.51
CA GLY G 85 24.01 -12.30 -3.04
C GLY G 85 24.82 -13.43 -2.40
N PHE G 86 24.29 -14.01 -1.33
CA PHE G 86 24.94 -15.10 -0.61
C PHE G 86 24.44 -16.46 -1.09
N VAL G 87 23.68 -16.48 -2.17
CA VAL G 87 23.15 -17.75 -2.66
C VAL G 87 24.23 -18.70 -3.14
N TYR G 88 25.39 -18.15 -3.51
CA TYR G 88 26.50 -18.97 -3.98
C TYR G 88 26.79 -20.08 -2.97
N GLU G 89 26.58 -19.77 -1.69
CA GLU G 89 26.83 -20.71 -0.60
C GLU G 89 25.82 -21.86 -0.49
N VAL G 90 24.61 -21.67 -1.01
CA VAL G 90 23.58 -22.70 -0.90
C VAL G 90 23.10 -23.26 -2.25
N MET G 91 23.87 -23.02 -3.30
CA MET G 91 23.55 -23.49 -4.64
C MET G 91 23.27 -24.98 -4.75
N ASP G 92 24.06 -25.81 -4.05
CA ASP G 92 23.88 -27.26 -4.11
C ASP G 92 22.58 -27.73 -3.49
N SER G 93 22.23 -27.16 -2.35
CA SER G 93 21.01 -27.54 -1.68
C SER G 93 19.77 -27.16 -2.48
N ILE G 94 19.87 -26.07 -3.24
CA ILE G 94 18.75 -25.61 -4.05
C ILE G 94 18.65 -26.24 -5.44
N CYS G 95 19.75 -26.22 -6.18
CA CYS G 95 19.75 -26.72 -7.57
C CYS G 95 20.17 -28.18 -7.73
N GLY G 96 21.04 -28.66 -6.86
CA GLY G 96 21.47 -30.04 -6.96
C GLY G 96 20.61 -30.96 -6.11
N GLN G 97 19.76 -30.38 -5.26
CA GLN G 97 18.93 -31.20 -4.38
C GLN G 97 17.40 -30.97 -4.38
N MET G 98 16.91 -29.99 -3.63
CA MET G 98 15.46 -29.79 -3.53
C MET G 98 14.69 -29.66 -4.82
N ALA G 99 15.29 -28.99 -5.82
CA ALA G 99 14.62 -28.81 -7.10
C ALA G 99 14.52 -30.12 -7.87
N ARG G 100 15.22 -31.15 -7.39
CA ARG G 100 15.22 -32.43 -8.08
C ARG G 100 14.60 -33.60 -7.32
N ILE G 101 14.39 -33.42 -6.02
CA ILE G 101 13.82 -34.46 -5.18
C ILE G 101 12.61 -35.19 -5.77
N ARG G 102 11.62 -34.46 -6.28
CA ARG G 102 10.43 -35.10 -6.85
C ARG G 102 10.83 -35.99 -8.01
N TYR G 103 11.61 -35.44 -8.92
CA TYR G 103 12.07 -36.18 -10.08
C TYR G 103 12.98 -37.35 -9.68
N ARG G 104 13.91 -37.10 -8.76
CA ARG G 104 14.82 -38.15 -8.32
C ARG G 104 14.13 -39.36 -7.67
N THR G 105 12.93 -39.17 -7.11
CA THR G 105 12.23 -40.27 -6.45
C THR G 105 10.91 -40.67 -7.12
N GLY G 106 10.74 -40.28 -8.39
CA GLY G 106 9.52 -40.63 -9.09
C GLY G 106 8.23 -40.15 -8.44
N GLY G 107 8.27 -38.95 -7.86
CA GLY G 107 7.08 -38.41 -7.23
C GLY G 107 6.70 -39.00 -5.88
N ARG G 108 7.61 -39.73 -5.26
CA ARG G 108 7.35 -40.33 -3.94
C ARG G 108 7.47 -39.24 -2.85
N TYR G 109 8.36 -38.29 -3.08
CA TYR G 109 8.57 -37.19 -2.16
C TYR G 109 8.49 -35.92 -2.99
N HIS G 110 8.39 -34.78 -2.30
CA HIS G 110 8.33 -33.49 -2.96
C HIS G 110 8.80 -32.43 -1.97
N MET G 111 9.10 -31.24 -2.47
CA MET G 111 9.61 -30.19 -1.61
C MET G 111 8.74 -28.94 -1.58
N PRO G 112 7.75 -28.93 -0.68
CA PRO G 112 6.88 -27.76 -0.55
C PRO G 112 7.62 -26.69 0.25
N ILE G 113 8.73 -26.24 -0.31
CA ILE G 113 9.60 -25.23 0.32
C ILE G 113 9.52 -23.90 -0.40
N THR G 114 9.62 -22.81 0.35
CA THR G 114 9.62 -21.46 -0.22
C THR G 114 10.81 -20.68 0.35
N ILE G 115 11.70 -20.21 -0.52
CA ILE G 115 12.87 -19.46 -0.09
C ILE G 115 12.70 -17.97 -0.29
N ARG G 116 12.83 -17.21 0.78
CA ARG G 116 12.69 -15.75 0.73
C ARG G 116 14.06 -15.09 0.81
N SER G 117 14.23 -14.02 0.05
CA SER G 117 15.51 -13.34 0.06
C SER G 117 15.48 -11.96 -0.59
N PRO G 118 15.94 -10.93 0.14
CA PRO G 118 15.96 -9.57 -0.41
C PRO G 118 17.14 -9.39 -1.36
N PHE G 119 17.04 -8.42 -2.26
CA PHE G 119 18.10 -8.13 -3.22
C PHE G 119 17.88 -6.77 -3.90
N GLY G 120 18.77 -6.45 -4.84
CA GLY G 120 18.64 -5.21 -5.58
C GLY G 120 19.46 -4.06 -5.01
N GLY G 121 19.65 -3.02 -5.81
CA GLY G 121 20.43 -1.90 -5.33
C GLY G 121 19.74 -0.56 -5.25
N GLY G 122 20.51 0.49 -5.02
CA GLY G 122 19.96 1.82 -4.92
C GLY G 122 19.82 2.27 -3.47
N VAL G 123 20.40 1.49 -2.56
CA VAL G 123 20.34 1.81 -1.14
C VAL G 123 21.72 1.74 -0.47
N HIS G 124 22.76 1.87 -1.29
CA HIS G 124 24.14 1.85 -0.80
C HIS G 124 24.66 0.77 0.14
N THR G 125 24.41 -0.50 -0.17
CA THR G 125 24.74 -1.57 0.77
C THR G 125 26.19 -1.97 0.55
N PRO G 126 26.74 -2.78 1.46
CA PRO G 126 28.14 -3.21 1.29
C PRO G 126 28.22 -4.29 0.20
N GLU G 127 29.44 -4.67 -0.18
CA GLU G 127 29.65 -5.68 -1.23
C GLU G 127 28.76 -6.93 -1.17
N LEU G 128 28.56 -7.54 -2.33
CA LEU G 128 27.78 -8.77 -2.48
C LEU G 128 26.38 -8.80 -1.85
N HIS G 129 25.83 -7.62 -1.56
CA HIS G 129 24.50 -7.54 -0.97
C HIS G 129 23.41 -7.27 -2.01
N SER G 130 23.67 -6.37 -2.95
CA SER G 130 22.70 -6.01 -3.97
C SER G 130 22.63 -6.83 -5.25
N ASP G 131 23.74 -7.45 -5.61
CA ASP G 131 23.83 -8.29 -6.82
C ASP G 131 22.57 -9.07 -7.26
N SER G 132 22.18 -8.88 -8.51
CA SER G 132 20.97 -9.49 -9.04
C SER G 132 21.42 -10.82 -9.64
N LEU G 133 20.96 -11.91 -9.05
CA LEU G 133 21.36 -13.23 -9.50
C LEU G 133 20.21 -14.14 -9.88
N GLU G 134 19.07 -13.55 -10.21
CA GLU G 134 17.91 -14.33 -10.60
C GLU G 134 18.23 -15.26 -11.78
N GLY G 135 19.17 -14.84 -12.62
CA GLY G 135 19.54 -15.62 -13.77
C GLY G 135 20.08 -16.99 -13.43
N LEU G 136 20.84 -17.09 -12.35
CA LEU G 136 21.41 -18.37 -11.96
C LEU G 136 20.32 -19.39 -11.63
N VAL G 137 19.39 -19.02 -10.75
CA VAL G 137 18.33 -19.94 -10.38
C VAL G 137 17.31 -20.19 -11.50
N ALA G 138 17.26 -19.26 -12.45
CA ALA G 138 16.34 -19.38 -13.58
C ALA G 138 16.63 -20.58 -14.50
N GLN G 139 17.91 -20.98 -14.60
CA GLN G 139 18.31 -22.09 -15.48
C GLN G 139 18.17 -23.47 -14.88
N GLN G 140 17.59 -23.56 -13.69
CA GLN G 140 17.45 -24.84 -13.04
C GLN G 140 16.05 -25.43 -13.13
N PRO G 141 15.92 -26.55 -13.85
CA PRO G 141 14.63 -27.21 -14.01
C PRO G 141 14.10 -27.64 -12.64
N GLY G 142 12.82 -27.41 -12.39
CA GLY G 142 12.22 -27.80 -11.12
C GLY G 142 12.01 -26.68 -10.11
N LEU G 143 12.43 -25.46 -10.45
CA LEU G 143 12.24 -24.32 -9.56
C LEU G 143 11.31 -23.28 -10.16
N LYS G 144 10.70 -22.47 -9.30
CA LYS G 144 9.84 -21.40 -9.74
C LYS G 144 10.41 -20.15 -9.09
N VAL G 145 10.59 -19.09 -9.87
CA VAL G 145 11.13 -17.85 -9.34
C VAL G 145 10.12 -16.72 -9.48
N VAL G 146 9.79 -16.07 -8.36
CA VAL G 146 8.83 -14.97 -8.34
C VAL G 146 9.50 -13.67 -7.88
N ILE G 147 9.16 -12.58 -8.55
CA ILE G 147 9.72 -11.26 -8.23
C ILE G 147 8.61 -10.19 -8.31
N PRO G 148 7.94 -9.92 -7.18
CA PRO G 148 6.86 -8.92 -7.12
C PRO G 148 7.39 -7.50 -7.12
N SER G 149 6.59 -6.56 -7.63
CA SER G 149 7.01 -5.16 -7.64
C SER G 149 6.09 -4.24 -6.82
N THR G 150 4.97 -4.77 -6.37
CA THR G 150 4.02 -3.99 -5.58
C THR G 150 3.57 -4.73 -4.33
N PRO G 151 2.96 -4.01 -3.37
CA PRO G 151 2.49 -4.64 -2.13
C PRO G 151 1.37 -5.65 -2.38
N TYR G 152 0.51 -5.34 -3.36
CA TYR G 152 -0.61 -6.20 -3.71
C TYR G 152 -0.12 -7.55 -4.24
N ASP G 153 0.80 -7.51 -5.21
CA ASP G 153 1.34 -8.75 -5.79
C ASP G 153 2.12 -9.56 -4.75
N ALA G 154 2.97 -8.87 -3.99
CA ALA G 154 3.82 -9.49 -2.97
C ALA G 154 3.08 -10.47 -2.07
N LYS G 155 1.94 -10.05 -1.53
CA LYS G 155 1.14 -10.89 -0.65
C LYS G 155 0.46 -12.05 -1.41
N GLY G 156 -0.23 -11.73 -2.50
CA GLY G 156 -0.90 -12.75 -3.29
C GLY G 156 0.06 -13.83 -3.76
N LEU G 157 1.19 -13.40 -4.35
CA LEU G 157 2.19 -14.33 -4.82
C LEU G 157 2.85 -15.12 -3.69
N LEU G 158 3.10 -14.47 -2.55
CA LEU G 158 3.74 -15.14 -1.43
C LEU G 158 2.86 -16.24 -0.85
N ILE G 159 1.55 -16.08 -0.93
CA ILE G 159 0.64 -17.10 -0.42
C ILE G 159 0.58 -18.28 -1.40
N SER G 160 0.68 -17.98 -2.69
CA SER G 160 0.66 -19.01 -3.73
C SER G 160 1.91 -19.86 -3.59
N ALA G 161 3.05 -19.17 -3.50
CA ALA G 161 4.34 -19.83 -3.37
C ALA G 161 4.34 -20.87 -2.24
N ILE G 162 3.86 -20.49 -1.08
CA ILE G 162 3.81 -21.39 0.06
C ILE G 162 2.83 -22.55 -0.12
N ARG G 163 1.76 -22.32 -0.87
CA ARG G 163 0.77 -23.38 -1.11
C ARG G 163 1.28 -24.32 -2.20
N ASP G 164 2.10 -23.79 -3.10
CA ASP G 164 2.66 -24.57 -4.19
C ASP G 164 3.46 -25.72 -3.57
N ASN G 165 3.24 -26.94 -4.04
CA ASN G 165 3.95 -28.10 -3.50
C ASN G 165 5.34 -28.37 -4.05
N ASP G 166 5.88 -27.40 -4.79
CA ASP G 166 7.22 -27.51 -5.34
C ASP G 166 7.99 -26.27 -4.85
N PRO G 167 9.33 -26.34 -4.81
CA PRO G 167 10.14 -25.21 -4.35
C PRO G 167 9.97 -23.92 -5.15
N VAL G 168 9.98 -22.79 -4.46
CA VAL G 168 9.83 -21.47 -5.08
C VAL G 168 10.80 -20.45 -4.47
N ILE G 169 11.44 -19.65 -5.30
CA ILE G 169 12.35 -18.62 -4.80
C ILE G 169 11.61 -17.27 -4.88
N PHE G 170 11.44 -16.62 -3.73
CA PHE G 170 10.74 -15.34 -3.63
C PHE G 170 11.73 -14.20 -3.42
N LEU G 171 11.97 -13.41 -4.46
CA LEU G 171 12.91 -12.30 -4.38
C LEU G 171 12.18 -11.01 -4.08
N GLU G 172 12.62 -10.37 -3.00
CA GLU G 172 12.04 -9.13 -2.52
C GLU G 172 13.08 -8.01 -2.68
N HIS G 173 12.76 -7.02 -3.51
CA HIS G 173 13.66 -5.92 -3.79
C HIS G 173 13.76 -4.87 -2.65
N LEU G 174 14.98 -4.65 -2.18
CA LEU G 174 15.28 -3.71 -1.09
C LEU G 174 14.74 -2.30 -1.25
N LYS G 175 14.92 -1.75 -2.45
CA LYS G 175 14.48 -0.40 -2.78
C LYS G 175 12.96 -0.28 -2.88
N LEU G 176 12.24 -1.36 -2.58
CA LEU G 176 10.79 -1.33 -2.65
C LEU G 176 10.15 -1.86 -1.38
N TYR G 177 10.92 -1.98 -0.30
CA TYR G 177 10.35 -2.48 0.95
C TYR G 177 9.46 -1.45 1.63
N ARG G 178 9.96 -0.23 1.72
CA ARG G 178 9.22 0.84 2.39
C ARG G 178 9.18 2.14 1.57
N SER G 179 9.31 2.05 0.26
CA SER G 179 9.31 3.25 -0.59
C SER G 179 7.94 3.83 -0.96
N PHE G 180 6.89 3.03 -0.88
CA PHE G 180 5.56 3.52 -1.21
C PHE G 180 4.47 2.61 -0.68
N ARG G 181 3.23 3.13 -0.63
CA ARG G 181 2.08 2.39 -0.11
C ARG G 181 1.00 2.16 -1.17
N GLN G 182 0.24 1.08 -1.00
CA GLN G 182 -0.83 0.72 -1.93
C GLN G 182 -1.94 -0.03 -1.21
N GLU G 183 -3.17 0.15 -1.68
CA GLU G 183 -4.32 -0.54 -1.10
C GLU G 183 -4.10 -2.04 -1.22
N VAL G 184 -4.34 -2.76 -0.14
CA VAL G 184 -4.15 -4.20 -0.11
C VAL G 184 -5.23 -4.82 0.78
N PRO G 185 -6.04 -5.73 0.23
CA PRO G 185 -7.11 -6.38 1.00
C PRO G 185 -6.64 -7.17 2.22
N GLU G 186 -7.48 -7.19 3.25
CA GLU G 186 -7.22 -7.95 4.47
C GLU G 186 -7.84 -9.33 4.23
N GLY G 187 -7.14 -10.39 4.60
CA GLY G 187 -7.66 -11.73 4.39
C GLY G 187 -6.88 -12.50 3.35
N GLU G 188 -7.15 -13.80 3.23
CA GLU G 188 -6.43 -14.61 2.27
C GLU G 188 -6.92 -14.44 0.84
N TYR G 189 -5.96 -14.46 -0.09
CA TYR G 189 -6.24 -14.35 -1.52
C TYR G 189 -4.97 -14.79 -2.25
N THR G 190 -5.12 -15.26 -3.48
CA THR G 190 -3.99 -15.74 -4.23
C THR G 190 -3.88 -15.19 -5.65
N ILE G 191 -2.64 -15.12 -6.12
CA ILE G 191 -2.34 -14.67 -7.47
C ILE G 191 -1.57 -15.84 -8.08
N PRO G 192 -2.03 -16.37 -9.22
CA PRO G 192 -1.37 -17.51 -9.88
C PRO G 192 0.10 -17.28 -10.22
N ILE G 193 0.91 -18.32 -10.04
CA ILE G 193 2.33 -18.24 -10.35
C ILE G 193 2.55 -18.56 -11.82
N GLY G 194 3.18 -17.63 -12.53
CA GLY G 194 3.44 -17.82 -13.94
C GLY G 194 2.51 -16.96 -14.78
N LYS G 195 2.04 -15.88 -14.19
CA LYS G 195 1.14 -14.98 -14.87
C LYS G 195 1.59 -13.53 -14.74
N ALA G 196 1.97 -12.94 -15.87
CA ALA G 196 2.37 -11.55 -15.88
C ALA G 196 1.05 -10.78 -15.90
N ASP G 197 1.14 -9.46 -15.87
CA ASP G 197 -0.06 -8.65 -15.91
C ASP G 197 0.32 -7.30 -16.48
N ILE G 198 -0.64 -6.65 -17.13
CA ILE G 198 -0.39 -5.35 -17.74
C ILE G 198 -0.61 -4.21 -16.76
N LYS G 199 0.48 -3.56 -16.37
CA LYS G 199 0.43 -2.43 -15.44
C LYS G 199 -0.11 -1.17 -16.13
N ARG G 200 0.10 -1.09 -17.45
CA ARG G 200 -0.37 0.04 -18.23
C ARG G 200 -0.61 -0.31 -19.70
N GLU G 201 -1.76 0.12 -20.19
CA GLU G 201 -2.18 -0.10 -21.58
C GLU G 201 -1.44 0.77 -22.59
N GLY G 202 -1.03 0.16 -23.70
CA GLY G 202 -0.32 0.88 -24.75
C GLY G 202 -0.59 0.32 -26.14
N LYS G 203 -0.20 1.07 -27.16
CA LYS G 203 -0.43 0.66 -28.55
C LYS G 203 0.83 0.63 -29.44
N ASP G 204 1.69 1.62 -29.26
CA ASP G 204 2.91 1.74 -30.07
C ASP G 204 4.06 0.78 -29.77
N ILE G 205 4.36 0.56 -28.50
CA ILE G 205 5.46 -0.33 -28.14
C ILE G 205 5.32 -1.00 -26.78
N THR G 206 5.62 -2.30 -26.74
CA THR G 206 5.57 -3.09 -25.52
C THR G 206 6.87 -2.92 -24.72
N ILE G 207 6.74 -2.86 -23.40
CA ILE G 207 7.89 -2.71 -22.51
C ILE G 207 7.80 -3.79 -21.43
N ILE G 208 8.72 -4.74 -21.50
CA ILE G 208 8.77 -5.87 -20.57
C ILE G 208 9.74 -5.62 -19.41
N ALA G 209 9.27 -5.81 -18.19
CA ALA G 209 10.10 -5.57 -17.02
C ALA G 209 9.68 -6.33 -15.78
N TYR G 210 10.57 -6.32 -14.79
CA TYR G 210 10.33 -6.97 -13.51
C TYR G 210 11.17 -6.31 -12.42
N GLY G 211 10.65 -6.30 -11.20
CA GLY G 211 11.36 -5.69 -10.09
C GLY G 211 11.19 -4.19 -9.98
N ALA G 212 12.27 -3.52 -9.61
CA ALA G 212 12.28 -2.07 -9.46
C ALA G 212 12.29 -1.37 -10.81
N MET G 213 12.46 -2.15 -11.87
CA MET G 213 12.49 -1.58 -13.21
C MET G 213 11.07 -1.41 -13.73
N VAL G 214 10.11 -2.01 -13.06
CA VAL G 214 8.72 -1.88 -13.46
C VAL G 214 8.33 -0.44 -13.22
N HIS G 215 8.73 0.10 -12.07
CA HIS G 215 8.41 1.49 -11.75
C HIS G 215 9.21 2.41 -12.66
N GLU G 216 10.47 2.06 -12.92
CA GLU G 216 11.30 2.88 -13.81
C GLU G 216 10.69 2.90 -15.23
N SER G 217 9.97 1.85 -15.59
CA SER G 217 9.32 1.77 -16.90
C SER G 217 8.06 2.61 -16.96
N LEU G 218 7.40 2.76 -15.82
CA LEU G 218 6.18 3.56 -15.76
C LEU G 218 6.52 5.05 -15.88
N LYS G 219 7.64 5.47 -15.29
CA LYS G 219 8.06 6.87 -15.38
C LYS G 219 8.50 7.10 -16.83
N ALA G 220 8.90 6.03 -17.49
CA ALA G 220 9.33 6.08 -18.88
C ALA G 220 8.11 6.19 -19.79
N ALA G 221 7.09 5.37 -19.52
CA ALA G 221 5.87 5.39 -20.31
C ALA G 221 5.22 6.77 -20.22
N ALA G 222 5.18 7.31 -19.01
CA ALA G 222 4.58 8.63 -18.77
C ALA G 222 5.30 9.74 -19.53
N GLU G 223 6.62 9.71 -19.51
CA GLU G 223 7.41 10.72 -20.21
C GLU G 223 7.24 10.58 -21.72
N LEU G 224 6.94 9.36 -22.16
CA LEU G 224 6.75 9.10 -23.58
C LEU G 224 5.42 9.63 -24.08
N GLU G 225 4.38 9.50 -23.26
CA GLU G 225 3.04 9.97 -23.61
C GLU G 225 3.13 11.41 -24.09
N LYS G 226 4.05 12.16 -23.50
CA LYS G 226 4.26 13.56 -23.86
C LYS G 226 4.86 13.74 -25.26
N GLU G 227 5.55 12.72 -25.75
CA GLU G 227 6.17 12.79 -27.06
C GLU G 227 5.30 12.07 -28.12
N GLY G 228 4.16 11.55 -27.68
CA GLY G 228 3.25 10.88 -28.58
C GLY G 228 3.34 9.36 -28.67
N ILE G 229 4.18 8.75 -27.84
CA ILE G 229 4.33 7.31 -27.89
C ILE G 229 3.52 6.56 -26.82
N SER G 230 2.67 5.64 -27.26
CA SER G 230 1.84 4.84 -26.37
C SER G 230 2.56 3.54 -26.04
N ALA G 231 3.06 3.43 -24.82
CA ALA G 231 3.80 2.24 -24.42
C ALA G 231 3.04 1.33 -23.45
N GLU G 232 2.92 0.06 -23.79
CA GLU G 232 2.26 -0.89 -22.91
C GLU G 232 3.33 -1.48 -21.99
N VAL G 233 3.15 -1.29 -20.69
CA VAL G 233 4.10 -1.81 -19.72
C VAL G 233 3.60 -3.13 -19.14
N VAL G 234 4.44 -4.15 -19.25
CA VAL G 234 4.12 -5.49 -18.74
C VAL G 234 5.12 -5.95 -17.71
N ASP G 235 4.61 -6.37 -16.55
CA ASP G 235 5.46 -6.88 -15.48
C ASP G 235 5.29 -8.39 -15.43
N LEU G 236 6.41 -9.09 -15.52
CA LEU G 236 6.39 -10.53 -15.49
C LEU G 236 5.82 -11.15 -14.22
N ARG G 237 6.21 -10.59 -13.07
CA ARG G 237 5.81 -11.08 -11.74
C ARG G 237 6.25 -12.51 -11.46
N THR G 238 6.61 -13.23 -12.52
CA THR G 238 7.27 -14.53 -12.46
C THR G 238 8.28 -14.51 -13.60
N VAL G 239 9.52 -14.95 -13.34
CA VAL G 239 10.52 -14.96 -14.39
C VAL G 239 10.86 -16.40 -14.83
N GLN G 240 10.21 -17.36 -14.17
CA GLN G 240 10.40 -18.77 -14.50
C GLN G 240 9.33 -19.59 -13.77
N PRO G 241 8.35 -20.11 -14.53
CA PRO G 241 8.16 -20.05 -15.98
C PRO G 241 7.64 -18.71 -16.48
N LEU G 242 8.02 -18.34 -17.69
CA LEU G 242 7.57 -17.10 -18.29
C LEU G 242 6.12 -17.24 -18.79
N ASP G 243 5.40 -16.13 -18.77
CA ASP G 243 4.02 -16.10 -19.26
C ASP G 243 4.12 -15.64 -20.71
N ILE G 244 4.35 -16.61 -21.60
CA ILE G 244 4.51 -16.35 -23.03
C ILE G 244 3.27 -15.79 -23.70
N GLU G 245 2.14 -16.46 -23.49
CA GLU G 245 0.87 -16.05 -24.08
C GLU G 245 0.62 -14.55 -23.88
N THR G 246 0.73 -14.10 -22.64
CA THR G 246 0.51 -12.68 -22.36
C THR G 246 1.53 -11.77 -23.03
N ILE G 247 2.82 -12.05 -22.82
CA ILE G 247 3.86 -11.23 -23.43
C ILE G 247 3.68 -11.15 -24.94
N ILE G 248 3.48 -12.30 -25.58
CA ILE G 248 3.29 -12.33 -27.03
C ILE G 248 2.06 -11.54 -27.48
N GLY G 249 0.95 -11.72 -26.76
CA GLY G 249 -0.26 -11.02 -27.11
C GLY G 249 -0.06 -9.51 -27.15
N SER G 250 0.93 -9.03 -26.40
CA SER G 250 1.20 -7.61 -26.34
C SER G 250 2.12 -7.13 -27.46
N VAL G 251 3.16 -7.92 -27.74
CA VAL G 251 4.11 -7.57 -28.79
C VAL G 251 3.43 -7.76 -30.14
N GLU G 252 2.60 -8.80 -30.26
CA GLU G 252 1.90 -9.02 -31.52
C GLU G 252 0.94 -7.88 -31.82
N LYS G 253 0.56 -7.15 -30.77
CA LYS G 253 -0.33 -6.01 -30.94
C LYS G 253 0.41 -4.74 -31.32
N THR G 254 1.61 -4.56 -30.75
CA THR G 254 2.40 -3.36 -31.01
C THR G 254 3.44 -3.57 -32.12
N GLY G 255 3.98 -4.78 -32.20
CA GLY G 255 4.97 -5.06 -33.22
C GLY G 255 6.34 -4.54 -32.87
N ARG G 256 6.47 -3.93 -31.70
CA ARG G 256 7.75 -3.40 -31.23
C ARG G 256 7.88 -3.72 -29.74
N ALA G 257 9.11 -3.96 -29.27
CA ALA G 257 9.31 -4.30 -27.87
C ALA G 257 10.74 -4.07 -27.35
N ILE G 258 10.86 -3.83 -26.04
CA ILE G 258 12.16 -3.67 -25.40
C ILE G 258 12.09 -4.32 -24.02
N VAL G 259 13.15 -5.03 -23.64
CA VAL G 259 13.20 -5.71 -22.35
C VAL G 259 14.12 -4.95 -21.38
N VAL G 260 13.65 -4.75 -20.16
CA VAL G 260 14.41 -4.03 -19.15
C VAL G 260 14.73 -4.87 -17.91
N GLN G 261 15.96 -4.77 -17.43
CA GLN G 261 16.36 -5.50 -16.24
C GLN G 261 17.48 -4.75 -15.53
N GLU G 262 17.59 -4.96 -14.22
CA GLU G 262 18.63 -4.31 -13.44
C GLU G 262 19.97 -5.06 -13.58
N ALA G 263 19.89 -6.37 -13.77
CA ALA G 263 21.08 -7.21 -13.90
C ALA G 263 21.96 -6.82 -15.08
N GLN G 264 23.19 -7.34 -15.09
CA GLN G 264 24.16 -7.06 -16.16
C GLN G 264 23.63 -7.67 -17.46
N ARG G 265 24.13 -7.18 -18.59
CA ARG G 265 23.69 -7.68 -19.89
C ARG G 265 23.91 -9.20 -20.05
N GLN G 266 25.05 -9.69 -19.58
CA GLN G 266 25.35 -11.12 -19.68
C GLN G 266 24.59 -11.98 -18.65
N ALA G 267 23.85 -11.33 -17.75
CA ALA G 267 23.09 -12.05 -16.73
C ALA G 267 21.60 -11.70 -16.86
N GLY G 268 20.79 -12.12 -15.89
CA GLY G 268 19.38 -11.83 -15.94
C GLY G 268 18.62 -12.82 -16.81
N ILE G 269 17.40 -12.47 -17.18
CA ILE G 269 16.58 -13.35 -18.00
C ILE G 269 16.06 -12.63 -19.24
N ALA G 270 16.56 -11.42 -19.45
CA ALA G 270 16.17 -10.62 -20.60
C ALA G 270 16.41 -11.36 -21.91
N ALA G 271 17.67 -11.70 -22.17
CA ALA G 271 18.09 -12.39 -23.39
C ALA G 271 17.28 -13.65 -23.65
N ASN G 272 16.70 -14.22 -22.59
CA ASN G 272 15.90 -15.42 -22.74
C ASN G 272 14.48 -15.07 -23.17
N VAL G 273 13.99 -13.91 -22.75
CA VAL G 273 12.64 -13.47 -23.14
C VAL G 273 12.71 -13.03 -24.60
N VAL G 274 13.85 -12.47 -24.98
CA VAL G 274 14.07 -12.00 -26.34
C VAL G 274 14.06 -13.18 -27.34
N ALA G 275 14.50 -14.35 -26.89
CA ALA G 275 14.52 -15.52 -27.76
C ALA G 275 13.12 -16.10 -28.00
N GLU G 276 12.25 -16.03 -27.01
CA GLU G 276 10.90 -16.56 -27.20
C GLU G 276 10.07 -15.68 -28.12
N ILE G 277 10.29 -14.37 -28.03
CA ILE G 277 9.56 -13.42 -28.87
C ILE G 277 10.02 -13.50 -30.33
N ASN G 278 11.32 -13.61 -30.53
CA ASN G 278 11.88 -13.71 -31.88
C ASN G 278 11.58 -15.05 -32.55
N GLU G 279 11.02 -15.98 -31.79
CA GLU G 279 10.71 -17.31 -32.30
C GLU G 279 9.22 -17.55 -32.49
N ARG G 280 8.38 -16.69 -31.91
CA ARG G 280 6.94 -16.89 -32.03
C ARG G 280 6.24 -15.69 -32.65
N ALA G 281 6.81 -14.50 -32.46
CA ALA G 281 6.22 -13.27 -32.98
C ALA G 281 7.08 -12.64 -34.09
N ILE G 282 7.92 -13.45 -34.71
CA ILE G 282 8.79 -12.98 -35.78
C ILE G 282 7.98 -12.32 -36.90
N LEU G 283 6.78 -12.84 -37.13
CA LEU G 283 5.89 -12.33 -38.18
C LEU G 283 5.23 -10.98 -37.86
N SER G 284 5.32 -10.55 -36.60
CA SER G 284 4.70 -9.30 -36.19
C SER G 284 5.72 -8.20 -35.91
N LEU G 285 6.97 -8.59 -35.66
CA LEU G 285 8.00 -7.60 -35.37
C LEU G 285 8.31 -6.65 -36.53
N GLU G 286 8.27 -5.36 -36.24
CA GLU G 286 8.55 -4.35 -37.24
C GLU G 286 9.90 -3.74 -36.90
N ALA G 287 10.45 -4.23 -35.79
CA ALA G 287 11.74 -3.77 -35.29
C ALA G 287 12.37 -4.79 -34.36
N PRO G 288 13.71 -4.76 -34.23
CA PRO G 288 14.40 -5.71 -33.36
C PRO G 288 14.15 -5.40 -31.89
N VAL G 289 13.88 -6.43 -31.11
CA VAL G 289 13.65 -6.28 -29.67
C VAL G 289 15.00 -5.93 -29.01
N LEU G 290 15.11 -4.73 -28.44
CA LEU G 290 16.33 -4.30 -27.80
C LEU G 290 16.26 -4.48 -26.28
N ARG G 291 17.41 -4.49 -25.63
CA ARG G 291 17.46 -4.66 -24.18
C ARG G 291 18.01 -3.47 -23.45
N VAL G 292 17.55 -3.29 -22.22
CA VAL G 292 18.06 -2.22 -21.34
C VAL G 292 18.60 -2.93 -20.11
N ALA G 293 19.91 -2.80 -19.87
CA ALA G 293 20.51 -3.45 -18.71
C ALA G 293 21.79 -2.75 -18.22
N ALA G 294 22.40 -3.32 -17.18
CA ALA G 294 23.60 -2.76 -16.60
C ALA G 294 24.85 -3.21 -17.35
N PRO G 295 25.97 -2.50 -17.15
CA PRO G 295 27.25 -2.82 -17.80
C PRO G 295 27.72 -4.20 -17.38
N ASP G 296 28.46 -4.88 -18.25
CA ASP G 296 28.94 -6.22 -17.93
C ASP G 296 30.12 -6.23 -16.95
N THR G 297 29.99 -5.52 -15.83
CA THR G 297 31.03 -5.52 -14.82
C THR G 297 30.40 -6.00 -13.52
N VAL G 298 31.23 -6.17 -12.49
CA VAL G 298 30.73 -6.59 -11.17
C VAL G 298 29.85 -5.47 -10.63
N TYR G 299 28.92 -5.81 -9.74
CA TYR G 299 28.06 -4.81 -9.14
C TYR G 299 28.99 -3.74 -8.54
N PRO G 300 28.81 -2.48 -8.96
CA PRO G 300 29.60 -1.32 -8.54
C PRO G 300 29.80 -1.02 -7.06
N PHE G 301 30.81 -0.19 -6.80
CA PHE G 301 31.13 0.28 -5.46
C PHE G 301 29.97 1.21 -5.11
N ALA G 302 29.49 1.12 -3.88
CA ALA G 302 28.35 1.91 -3.40
C ALA G 302 28.15 3.29 -4.03
N GLN G 303 29.17 4.13 -4.00
CA GLN G 303 29.05 5.48 -4.56
C GLN G 303 28.72 5.49 -6.05
N ALA G 304 29.16 4.47 -6.78
CA ALA G 304 28.92 4.41 -8.21
C ALA G 304 27.57 3.80 -8.63
N GLU G 305 26.67 3.59 -7.68
CA GLU G 305 25.37 3.03 -8.03
C GLU G 305 24.58 3.90 -9.01
N SER G 306 24.49 5.20 -8.71
CA SER G 306 23.71 6.13 -9.53
C SER G 306 24.08 6.24 -11.00
N VAL G 307 25.37 6.20 -11.32
CA VAL G 307 25.81 6.31 -12.70
C VAL G 307 25.86 4.97 -13.43
N TRP G 308 25.59 3.89 -12.70
CA TRP G 308 25.66 2.53 -13.24
C TRP G 308 24.28 1.86 -13.37
N LEU G 309 23.45 1.96 -12.34
CA LEU G 309 22.11 1.35 -12.39
C LEU G 309 21.22 1.90 -13.50
N PRO G 310 20.47 1.03 -14.18
CA PRO G 310 19.58 1.46 -15.25
C PRO G 310 18.40 2.24 -14.68
N ASN G 311 18.02 3.33 -15.34
CA ASN G 311 16.88 4.15 -14.89
C ASN G 311 15.93 4.50 -16.04
N PHE G 312 14.95 5.34 -15.75
CA PHE G 312 13.97 5.72 -16.77
C PHE G 312 14.58 6.37 -18.01
N LYS G 313 15.63 7.18 -17.83
CA LYS G 313 16.27 7.85 -18.97
C LYS G 313 16.76 6.85 -20.01
N ASP G 314 17.23 5.69 -19.55
CA ASP G 314 17.72 4.64 -20.43
C ASP G 314 16.53 3.99 -21.13
N VAL G 315 15.48 3.71 -20.35
CA VAL G 315 14.29 3.10 -20.92
C VAL G 315 13.70 4.07 -21.94
N ILE G 316 14.03 5.34 -21.79
CA ILE G 316 13.53 6.37 -22.70
C ILE G 316 14.32 6.38 -24.00
N GLU G 317 15.63 6.48 -23.88
CA GLU G 317 16.50 6.50 -25.06
C GLU G 317 16.33 5.24 -25.90
N THR G 318 16.19 4.09 -25.24
CA THR G 318 16.04 2.81 -25.95
C THR G 318 14.67 2.66 -26.62
N ALA G 319 13.64 3.26 -26.03
CA ALA G 319 12.30 3.18 -26.58
C ALA G 319 12.17 4.02 -27.86
N LYS G 320 12.83 5.17 -27.87
CA LYS G 320 12.80 6.06 -29.01
C LYS G 320 13.71 5.60 -30.13
N LYS G 321 14.57 4.62 -29.83
CA LYS G 321 15.50 4.09 -30.82
C LYS G 321 14.84 2.92 -31.57
N VAL G 322 13.89 2.28 -30.90
CA VAL G 322 13.15 1.17 -31.50
C VAL G 322 11.94 1.74 -32.24
N MET G 323 11.54 2.95 -31.85
CA MET G 323 10.42 3.63 -32.49
C MET G 323 10.91 4.34 -33.74
N ASN G 324 12.08 4.96 -33.64
CA ASN G 324 12.69 5.69 -34.75
C ASN G 324 13.59 4.78 -35.56
N PHE G 325 13.34 3.48 -35.48
CA PHE G 325 14.14 2.52 -36.22
C PHE G 325 13.68 2.59 -37.68
N THR H 5 22.00 -53.21 29.79
CA THR H 5 22.37 -52.09 28.89
C THR H 5 23.82 -51.64 29.10
N PHE H 6 24.43 -51.10 28.06
CA PHE H 6 25.82 -50.64 28.14
C PHE H 6 25.89 -49.12 27.98
N GLN H 7 26.77 -48.49 28.75
CA GLN H 7 26.91 -47.03 28.72
C GLN H 7 28.35 -46.54 28.42
N PHE H 8 28.49 -45.72 27.37
CA PHE H 8 29.79 -45.18 27.02
C PHE H 8 30.03 -43.92 27.87
N PRO H 9 31.30 -43.56 28.10
CA PRO H 9 31.61 -42.37 28.91
C PRO H 9 31.38 -41.05 28.14
N PHE H 10 30.20 -40.89 27.55
CA PHE H 10 29.89 -39.69 26.80
C PHE H 10 30.03 -38.41 27.61
N ALA H 11 29.57 -38.46 28.86
CA ALA H 11 29.65 -37.31 29.74
C ALA H 11 31.10 -36.91 29.98
N GLU H 12 31.93 -37.89 30.31
CA GLU H 12 33.35 -37.63 30.57
C GLU H 12 34.07 -37.09 29.34
N GLN H 13 33.75 -37.67 28.18
CA GLN H 13 34.39 -37.27 26.94
C GLN H 13 34.20 -35.76 26.73
N LEU H 14 32.95 -35.31 26.81
CA LEU H 14 32.63 -33.90 26.65
C LEU H 14 33.15 -33.10 27.83
N GLU H 15 33.65 -33.78 28.85
CA GLU H 15 34.18 -33.12 30.04
C GLU H 15 35.67 -32.85 29.92
N LYS H 16 36.43 -33.91 29.73
CA LYS H 16 37.87 -33.81 29.65
C LYS H 16 38.40 -33.06 28.43
N VAL H 17 37.74 -33.20 27.30
CA VAL H 17 38.18 -32.53 26.08
C VAL H 17 38.21 -31.01 26.23
N ALA H 18 37.12 -30.44 26.73
CA ALA H 18 37.02 -29.00 26.92
C ALA H 18 37.93 -28.57 28.05
N GLU H 19 38.40 -29.54 28.82
CA GLU H 19 39.30 -29.30 29.94
C GLU H 19 40.66 -28.93 29.36
N GLN H 20 40.95 -29.50 28.20
CA GLN H 20 42.20 -29.24 27.50
C GLN H 20 42.29 -27.81 26.97
N PHE H 21 41.20 -27.06 27.11
CA PHE H 21 41.21 -25.69 26.63
C PHE H 21 40.93 -24.67 27.72
N PRO H 22 41.94 -24.43 28.58
CA PRO H 22 41.81 -23.47 29.68
C PRO H 22 42.05 -22.07 29.14
N THR H 23 41.39 -21.09 29.76
CA THR H 23 41.55 -19.71 29.33
C THR H 23 42.92 -19.16 29.71
N PHE H 24 43.70 -18.77 28.71
CA PHE H 24 45.02 -18.22 28.96
C PHE H 24 44.91 -16.73 29.30
N GLN H 25 45.50 -16.33 30.42
CA GLN H 25 45.46 -14.93 30.84
C GLN H 25 46.81 -14.53 31.44
N ILE H 26 47.16 -13.26 31.28
CA ILE H 26 48.42 -12.72 31.80
C ILE H 26 48.18 -11.52 32.71
N LEU H 27 47.20 -10.70 32.37
CA LEU H 27 46.93 -9.45 33.09
C LEU H 27 45.51 -9.68 33.54
N ASN H 28 45.15 -9.29 34.76
CA ASN H 28 43.78 -9.47 35.20
C ASN H 28 43.03 -8.14 35.08
N GLU H 29 41.76 -8.13 35.47
CA GLU H 29 40.93 -6.93 35.38
C GLU H 29 41.50 -5.70 36.09
N GLU H 30 42.13 -5.90 37.25
CA GLU H 30 42.67 -4.79 38.00
C GLU H 30 44.04 -4.30 37.52
N GLY H 31 44.71 -5.09 36.68
CA GLY H 31 46.02 -4.69 36.17
C GLY H 31 47.22 -5.48 36.65
N GLU H 32 47.01 -6.41 37.58
CA GLU H 32 48.11 -7.22 38.10
C GLU H 32 48.45 -8.41 37.23
N VAL H 33 49.74 -8.79 37.26
CA VAL H 33 50.23 -9.92 36.49
C VAL H 33 49.95 -11.21 37.25
N VAL H 34 49.14 -12.09 36.67
CA VAL H 34 48.81 -13.35 37.34
C VAL H 34 49.49 -14.55 36.71
N ASN H 35 50.34 -14.29 35.72
CA ASN H 35 51.05 -15.35 35.03
C ASN H 35 52.40 -14.80 34.57
N GLU H 36 53.19 -14.32 35.52
CA GLU H 36 54.49 -13.73 35.23
C GLU H 36 55.42 -14.65 34.45
N GLU H 37 55.17 -15.95 34.51
CA GLU H 37 56.02 -16.90 33.79
C GLU H 37 55.67 -17.01 32.31
N ALA H 38 54.88 -16.06 31.83
CA ALA H 38 54.46 -16.03 30.43
C ALA H 38 54.58 -14.61 29.90
N MET H 39 54.79 -13.66 30.81
CA MET H 39 54.93 -12.26 30.45
C MET H 39 55.90 -12.15 29.28
N PRO H 40 55.46 -11.49 28.19
CA PRO H 40 56.33 -11.33 27.01
C PRO H 40 57.49 -10.37 27.25
N GLU H 41 58.54 -10.51 26.46
CA GLU H 41 59.71 -9.63 26.59
C GLU H 41 59.48 -8.39 25.70
N LEU H 42 58.91 -7.34 26.30
CA LEU H 42 58.63 -6.11 25.57
C LEU H 42 59.36 -4.92 26.18
N SER H 43 60.09 -4.17 25.36
CA SER H 43 60.83 -3.01 25.85
C SER H 43 59.86 -1.93 26.31
N ASP H 44 60.33 -1.10 27.24
CA ASP H 44 59.54 0.00 27.78
C ASP H 44 59.05 0.86 26.61
N GLU H 45 59.85 0.91 25.55
CA GLU H 45 59.54 1.69 24.38
C GLU H 45 58.34 1.10 23.63
N GLN H 46 58.42 -0.20 23.34
CA GLN H 46 57.38 -0.91 22.63
C GLN H 46 56.04 -0.95 23.37
N LEU H 47 56.09 -1.03 24.70
CA LEU H 47 54.87 -1.08 25.48
C LEU H 47 54.09 0.23 25.36
N LYS H 48 54.79 1.33 25.17
CA LYS H 48 54.15 2.63 25.04
C LYS H 48 53.55 2.78 23.65
N GLU H 49 54.12 2.04 22.69
CA GLU H 49 53.65 2.07 21.31
C GLU H 49 52.37 1.23 21.24
N LEU H 50 52.37 0.11 21.96
CA LEU H 50 51.21 -0.78 21.99
C LEU H 50 50.01 -0.04 22.55
N MET H 51 50.23 0.74 23.61
CA MET H 51 49.16 1.51 24.23
C MET H 51 48.79 2.70 23.33
N ARG H 52 49.77 3.19 22.59
CA ARG H 52 49.55 4.32 21.72
C ARG H 52 48.51 3.96 20.68
N ARG H 53 48.62 2.75 20.14
CA ARG H 53 47.71 2.28 19.11
C ARG H 53 46.33 1.89 19.62
N MET H 54 46.22 1.47 20.88
CA MET H 54 44.92 1.10 21.41
C MET H 54 44.06 2.33 21.71
N VAL H 55 44.73 3.40 22.10
CA VAL H 55 44.07 4.67 22.40
C VAL H 55 43.66 5.28 21.07
N TYR H 56 44.59 5.28 20.12
CA TYR H 56 44.33 5.83 18.80
C TYR H 56 43.10 5.15 18.16
N THR H 57 43.14 3.82 18.09
CA THR H 57 42.05 3.02 17.51
C THR H 57 40.71 3.26 18.18
N ARG H 58 40.72 3.54 19.47
CA ARG H 58 39.49 3.82 20.21
C ARG H 58 38.91 5.14 19.74
N ILE H 59 39.79 6.13 19.59
CA ILE H 59 39.39 7.47 19.14
C ILE H 59 38.81 7.33 17.74
N LEU H 60 39.46 6.52 16.92
CA LEU H 60 39.00 6.28 15.55
C LEU H 60 37.57 5.72 15.53
N ASP H 61 37.26 4.83 16.46
CA ASP H 61 35.92 4.23 16.51
C ASP H 61 34.90 5.32 16.82
N GLN H 62 35.19 6.12 17.83
CA GLN H 62 34.29 7.20 18.20
C GLN H 62 34.05 8.20 17.06
N ARG H 63 35.11 8.57 16.35
CA ARG H 63 34.97 9.51 15.22
C ARG H 63 34.21 8.87 14.06
N SER H 64 34.42 7.57 13.85
CA SER H 64 33.76 6.87 12.76
C SER H 64 32.26 6.85 12.99
N ILE H 65 31.85 6.38 14.17
CA ILE H 65 30.43 6.34 14.51
C ILE H 65 29.84 7.72 14.29
N SER H 66 30.53 8.74 14.80
CA SER H 66 30.05 10.12 14.64
C SER H 66 30.03 10.56 13.17
N LEU H 67 31.10 10.29 12.43
CA LEU H 67 31.15 10.66 11.02
C LEU H 67 30.02 9.97 10.23
N ASN H 68 29.72 8.72 10.59
CA ASN H 68 28.66 7.97 9.91
C ASN H 68 27.28 8.54 10.18
N ARG H 69 27.04 9.00 11.39
CA ARG H 69 25.74 9.54 11.75
C ARG H 69 25.40 10.83 11.02
N GLN H 70 26.38 11.40 10.32
CA GLN H 70 26.14 12.63 9.58
C GLN H 70 26.40 12.38 8.09
N GLY H 71 26.31 11.11 7.69
CA GLY H 71 26.50 10.73 6.30
C GLY H 71 27.85 11.00 5.66
N ARG H 72 28.91 11.06 6.46
CA ARG H 72 30.24 11.31 5.89
C ARG H 72 30.98 9.98 5.71
N LEU H 73 30.36 8.89 6.15
CA LEU H 73 30.92 7.55 6.01
C LEU H 73 29.79 6.58 5.69
N GLY H 74 30.12 5.45 5.06
CA GLY H 74 29.11 4.49 4.70
C GLY H 74 29.09 3.31 5.65
N PHE H 75 29.40 2.13 5.14
CA PHE H 75 29.42 0.91 5.94
C PHE H 75 30.49 0.99 7.01
N TYR H 76 30.10 0.71 8.25
CA TYR H 76 31.04 0.75 9.37
C TYR H 76 30.67 -0.23 10.47
N ALA H 77 31.63 -1.07 10.84
CA ALA H 77 31.43 -2.06 11.90
C ALA H 77 32.25 -1.63 13.12
N PRO H 78 31.57 -1.14 14.17
CA PRO H 78 32.20 -0.68 15.41
C PRO H 78 33.19 -1.67 16.00
N THR H 79 34.36 -1.17 16.34
CA THR H 79 35.40 -1.99 16.93
C THR H 79 35.61 -1.70 18.41
N ALA H 80 34.88 -0.73 18.94
CA ALA H 80 35.00 -0.38 20.35
C ALA H 80 34.88 -1.62 21.22
N GLY H 81 35.93 -1.91 21.99
CA GLY H 81 35.91 -3.07 22.85
C GLY H 81 36.79 -4.24 22.43
N GLN H 82 37.41 -4.15 21.26
CA GLN H 82 38.25 -5.25 20.78
C GLN H 82 39.65 -4.78 20.40
N GLU H 83 40.07 -3.64 20.95
CA GLU H 83 41.39 -3.10 20.67
C GLU H 83 42.50 -4.12 20.87
N ALA H 84 42.38 -4.93 21.92
CA ALA H 84 43.39 -5.94 22.23
C ALA H 84 43.42 -7.12 21.27
N SER H 85 42.28 -7.76 21.05
CA SER H 85 42.27 -8.90 20.15
C SER H 85 42.67 -8.49 18.73
N GLN H 86 42.50 -7.20 18.42
CA GLN H 86 42.81 -6.70 17.09
C GLN H 86 44.17 -6.04 16.95
N ILE H 87 44.50 -5.14 17.85
CA ILE H 87 45.76 -4.41 17.78
C ILE H 87 46.91 -5.13 18.45
N ALA H 88 46.64 -5.75 19.59
CA ALA H 88 47.70 -6.48 20.28
C ALA H 88 48.08 -7.75 19.52
N SER H 89 47.20 -8.22 18.65
CA SER H 89 47.49 -9.43 17.89
C SER H 89 48.31 -9.07 16.66
N HIS H 90 48.07 -7.88 16.11
CA HIS H 90 48.79 -7.43 14.94
C HIS H 90 50.19 -6.95 15.32
N PHE H 91 50.33 -6.51 16.56
CA PHE H 91 51.61 -6.01 17.02
C PHE H 91 52.67 -7.10 17.01
N ALA H 92 52.24 -8.36 16.96
CA ALA H 92 53.16 -9.50 16.98
C ALA H 92 53.71 -9.91 15.63
N LEU H 93 53.17 -9.33 14.57
CA LEU H 93 53.60 -9.67 13.22
C LEU H 93 54.79 -8.86 12.72
N GLU H 94 55.16 -9.10 11.47
CA GLU H 94 56.26 -8.43 10.80
C GLU H 94 55.74 -7.93 9.45
N LYS H 95 56.39 -6.92 8.89
CA LYS H 95 55.98 -6.35 7.61
C LYS H 95 55.69 -7.41 6.54
N GLU H 96 56.51 -8.46 6.49
CA GLU H 96 56.36 -9.54 5.53
C GLU H 96 55.11 -10.41 5.71
N ASP H 97 54.48 -10.35 6.87
CA ASP H 97 53.29 -11.17 7.11
C ASP H 97 52.11 -10.69 6.32
N PHE H 98 51.27 -11.64 5.91
CA PHE H 98 50.10 -11.36 5.10
C PHE H 98 48.79 -11.39 5.89
N ILE H 99 48.03 -10.31 5.82
CA ILE H 99 46.77 -10.19 6.54
C ILE H 99 45.52 -10.30 5.65
N LEU H 100 44.63 -11.22 6.00
CA LEU H 100 43.36 -11.39 5.29
C LEU H 100 42.24 -11.08 6.27
N PRO H 101 41.88 -9.80 6.38
CA PRO H 101 40.84 -9.28 7.27
C PRO H 101 39.38 -9.54 6.92
N GLY H 102 38.52 -9.37 7.92
CA GLY H 102 37.08 -9.52 7.73
C GLY H 102 36.56 -8.09 7.64
N TYR H 103 35.25 -7.90 7.61
CA TYR H 103 34.66 -6.56 7.52
C TYR H 103 34.84 -5.67 8.75
N ARG H 104 35.22 -6.25 9.88
CA ARG H 104 35.39 -5.45 11.10
C ARG H 104 36.89 -5.18 11.40
N ASP H 105 37.77 -5.87 10.69
CA ASP H 105 39.19 -5.73 10.91
C ASP H 105 39.90 -4.67 10.06
N VAL H 106 39.35 -3.47 10.04
CA VAL H 106 39.97 -2.38 9.30
C VAL H 106 41.21 -1.84 10.03
N PRO H 107 41.17 -1.80 11.38
CA PRO H 107 42.30 -1.29 12.15
C PRO H 107 43.63 -1.99 11.85
N GLN H 108 43.58 -3.32 11.76
CA GLN H 108 44.76 -4.14 11.50
C GLN H 108 45.46 -3.77 10.22
N ILE H 109 44.72 -3.65 9.12
CA ILE H 109 45.37 -3.28 7.87
C ILE H 109 45.85 -1.83 7.92
N ILE H 110 45.16 -0.99 8.70
CA ILE H 110 45.58 0.39 8.85
C ILE H 110 47.00 0.39 9.42
N TRP H 111 47.18 -0.33 10.52
CA TRP H 111 48.47 -0.40 11.17
C TRP H 111 49.52 -1.14 10.38
N HIS H 112 49.08 -1.88 9.36
CA HIS H 112 49.99 -2.66 8.53
C HIS H 112 50.50 -1.83 7.32
N GLY H 113 49.98 -0.62 7.15
CA GLY H 113 50.45 0.21 6.05
C GLY H 113 49.43 0.80 5.08
N LEU H 114 48.14 0.58 5.32
CA LEU H 114 47.08 1.14 4.46
C LEU H 114 46.67 2.52 4.98
N PRO H 115 46.84 3.58 4.15
CA PRO H 115 46.48 4.94 4.55
C PRO H 115 45.05 5.06 5.09
N LEU H 116 44.90 5.82 6.15
CA LEU H 116 43.61 6.00 6.81
C LEU H 116 42.51 6.55 5.88
N TYR H 117 42.88 7.39 4.92
CA TYR H 117 41.87 7.95 4.02
C TYR H 117 41.34 6.88 3.10
N GLN H 118 42.18 5.92 2.75
CA GLN H 118 41.74 4.82 1.90
C GLN H 118 40.83 3.89 2.70
N ALA H 119 40.95 3.92 4.02
CA ALA H 119 40.10 3.10 4.87
C ALA H 119 38.71 3.72 4.86
N PHE H 120 38.65 5.04 4.71
CA PHE H 120 37.35 5.71 4.69
C PHE H 120 36.72 5.57 3.31
N LEU H 121 37.54 5.43 2.28
CA LEU H 121 37.02 5.25 0.93
C LEU H 121 36.39 3.85 0.85
N PHE H 122 36.96 2.89 1.56
CA PHE H 122 36.39 1.54 1.56
C PHE H 122 34.97 1.57 2.16
N SER H 123 34.76 2.45 3.14
CA SER H 123 33.47 2.56 3.80
C SER H 123 32.41 3.18 2.90
N ARG H 124 32.76 4.31 2.27
CA ARG H 124 31.83 4.99 1.38
C ARG H 124 31.52 4.13 0.15
N GLY H 125 32.55 3.44 -0.35
CA GLY H 125 32.36 2.60 -1.52
C GLY H 125 32.99 3.22 -2.74
N HIS H 126 34.32 3.19 -2.79
CA HIS H 126 35.09 3.77 -3.89
C HIS H 126 36.28 2.85 -4.16
N PHE H 127 36.43 2.41 -5.40
CA PHE H 127 37.52 1.51 -5.74
C PHE H 127 38.91 1.92 -5.27
N HIS H 128 39.21 3.22 -5.28
CA HIS H 128 40.53 3.67 -4.84
C HIS H 128 40.87 3.27 -3.40
N GLY H 129 39.85 3.01 -2.59
CA GLY H 129 40.09 2.63 -1.21
C GLY H 129 40.59 1.22 -1.04
N ASN H 130 40.31 0.36 -2.02
CA ASN H 130 40.73 -1.04 -2.01
C ASN H 130 42.03 -1.19 -2.82
N GLN H 131 42.63 -0.05 -3.20
CA GLN H 131 43.86 -0.07 -3.97
C GLN H 131 45.12 -0.16 -3.11
N ILE H 132 45.34 -1.34 -2.53
CA ILE H 132 46.50 -1.59 -1.66
C ILE H 132 47.80 -1.15 -2.28
N PRO H 133 48.53 -0.24 -1.61
CA PRO H 133 49.82 0.26 -2.11
C PRO H 133 50.90 -0.80 -2.10
N GLU H 134 51.90 -0.63 -2.96
CA GLU H 134 52.98 -1.59 -3.06
C GLU H 134 53.79 -1.64 -1.78
N GLY H 135 53.88 -2.83 -1.18
CA GLY H 135 54.63 -2.97 0.06
C GLY H 135 53.79 -3.47 1.23
N VAL H 136 52.50 -3.19 1.18
CA VAL H 136 51.58 -3.61 2.23
C VAL H 136 50.97 -4.96 1.89
N ASN H 137 51.21 -5.95 2.73
CA ASN H 137 50.69 -7.28 2.50
C ASN H 137 49.32 -7.47 3.14
N VAL H 138 48.31 -6.97 2.45
CA VAL H 138 46.94 -7.10 2.94
C VAL H 138 45.96 -7.10 1.80
N LEU H 139 44.80 -7.66 2.09
CA LEU H 139 43.70 -7.72 1.16
C LEU H 139 42.65 -6.81 1.78
N PRO H 140 41.76 -6.23 0.96
CA PRO H 140 40.74 -5.37 1.55
C PRO H 140 39.78 -6.26 2.36
N PRO H 141 38.94 -5.66 3.21
CA PRO H 141 38.00 -6.43 4.03
C PRO H 141 37.16 -7.42 3.22
N GLN H 142 36.96 -8.61 3.78
CA GLN H 142 36.18 -9.67 3.12
C GLN H 142 34.76 -9.68 3.69
N ILE H 143 33.76 -9.58 2.82
CA ILE H 143 32.38 -9.54 3.27
C ILE H 143 31.74 -10.91 3.49
N ILE H 144 32.12 -11.88 2.65
CA ILE H 144 31.60 -13.23 2.77
C ILE H 144 32.27 -13.94 3.95
N ILE H 145 31.52 -14.14 5.02
CA ILE H 145 32.00 -14.81 6.22
C ILE H 145 32.49 -16.23 5.95
N GLY H 146 33.80 -16.45 6.11
CA GLY H 146 34.38 -17.77 5.89
C GLY H 146 35.40 -17.81 4.76
N ALA H 147 35.14 -17.05 3.70
CA ALA H 147 36.00 -17.01 2.54
C ALA H 147 37.46 -16.67 2.84
N GLN H 148 37.71 -15.83 3.84
CA GLN H 148 39.09 -15.48 4.16
C GLN H 148 39.85 -16.65 4.76
N TYR H 149 39.12 -17.63 5.29
CA TYR H 149 39.75 -18.80 5.89
C TYR H 149 40.35 -19.74 4.85
N ILE H 150 39.56 -20.14 3.86
CA ILE H 150 40.06 -21.05 2.82
C ILE H 150 41.17 -20.38 2.00
N GLN H 151 41.12 -19.05 1.91
CA GLN H 151 42.15 -18.32 1.16
C GLN H 151 43.46 -18.19 1.96
N ALA H 152 43.34 -18.20 3.27
CA ALA H 152 44.52 -18.09 4.13
C ALA H 152 45.38 -19.32 3.91
N ALA H 153 44.74 -20.48 3.77
CA ALA H 153 45.45 -21.73 3.55
C ALA H 153 46.36 -21.63 2.31
N GLY H 154 45.83 -21.00 1.26
CA GLY H 154 46.59 -20.83 0.04
C GLY H 154 47.75 -19.87 0.19
N VAL H 155 47.51 -18.72 0.79
CA VAL H 155 48.59 -17.75 0.97
C VAL H 155 49.72 -18.41 1.75
N ALA H 156 49.34 -19.12 2.81
CA ALA H 156 50.30 -19.78 3.68
C ALA H 156 51.11 -20.80 2.88
N LEU H 157 50.42 -21.67 2.15
CA LEU H 157 51.08 -22.67 1.34
C LEU H 157 52.06 -21.99 0.37
N GLY H 158 51.62 -20.92 -0.27
CA GLY H 158 52.48 -20.19 -1.19
C GLY H 158 53.73 -19.68 -0.49
N LEU H 159 53.56 -19.07 0.67
CA LEU H 159 54.69 -18.56 1.44
C LEU H 159 55.64 -19.73 1.75
N LYS H 160 55.06 -20.88 2.10
CA LYS H 160 55.87 -22.06 2.40
C LYS H 160 56.61 -22.61 1.16
N MET H 161 56.01 -22.48 -0.02
CA MET H 161 56.62 -22.99 -1.23
C MET H 161 57.74 -22.12 -1.79
N ARG H 162 57.79 -20.85 -1.39
CA ARG H 162 58.85 -19.95 -1.85
C ARG H 162 59.92 -19.79 -0.76
N GLY H 163 59.73 -20.49 0.34
CA GLY H 163 60.69 -20.44 1.43
C GLY H 163 60.67 -19.15 2.23
N LYS H 164 59.54 -18.44 2.19
CA LYS H 164 59.41 -17.20 2.95
C LYS H 164 59.24 -17.53 4.43
N LYS H 165 59.96 -16.80 5.29
CA LYS H 165 59.88 -16.99 6.74
C LYS H 165 58.76 -16.15 7.31
N ALA H 166 57.62 -16.13 6.62
CA ALA H 166 56.50 -15.32 7.09
C ALA H 166 55.23 -16.15 7.33
N VAL H 167 54.14 -15.46 7.64
CA VAL H 167 52.88 -16.13 7.90
C VAL H 167 51.68 -15.39 7.36
N ALA H 168 50.56 -16.10 7.29
CA ALA H 168 49.31 -15.50 6.85
C ALA H 168 48.45 -15.50 8.11
N ILE H 169 47.85 -14.36 8.43
CA ILE H 169 46.99 -14.25 9.60
C ILE H 169 45.61 -13.81 9.11
N THR H 170 44.56 -14.41 9.67
CA THR H 170 43.19 -14.11 9.25
C THR H 170 42.30 -14.04 10.48
N TYR H 171 41.21 -13.27 10.42
CA TYR H 171 40.29 -13.13 11.54
C TYR H 171 38.81 -13.32 11.18
N THR H 172 38.06 -13.98 12.05
CA THR H 172 36.64 -14.17 11.86
C THR H 172 35.95 -14.15 13.21
N GLY H 173 34.62 -14.15 13.20
CA GLY H 173 33.85 -14.14 14.42
C GLY H 173 33.22 -15.48 14.78
N ASP H 174 32.59 -15.54 15.95
CA ASP H 174 31.95 -16.75 16.43
C ASP H 174 30.88 -17.30 15.50
N GLY H 175 30.09 -16.42 14.89
CA GLY H 175 29.07 -16.91 13.97
C GLY H 175 29.77 -17.56 12.79
N GLY H 176 30.99 -17.13 12.52
CA GLY H 176 31.76 -17.65 11.41
C GLY H 176 32.31 -19.05 11.61
N THR H 177 32.33 -19.53 12.85
CA THR H 177 32.83 -20.87 13.14
C THR H 177 31.78 -21.92 12.77
N SER H 178 30.65 -21.47 12.23
CA SER H 178 29.55 -22.35 11.81
C SER H 178 29.61 -22.64 10.32
N GLN H 179 30.32 -21.77 9.58
CA GLN H 179 30.47 -21.93 8.14
C GLN H 179 31.38 -23.09 7.73
N GLY H 180 31.00 -23.80 6.69
CA GLY H 180 31.80 -24.91 6.21
C GLY H 180 33.23 -24.49 5.87
N ASP H 181 33.39 -23.32 5.27
CA ASP H 181 34.70 -22.79 4.88
C ASP H 181 35.66 -22.61 6.07
N PHE H 182 35.10 -22.41 7.26
CA PHE H 182 35.90 -22.26 8.47
C PHE H 182 36.64 -23.57 8.68
N TYR H 183 35.87 -24.66 8.57
CA TYR H 183 36.38 -26.00 8.75
C TYR H 183 37.33 -26.44 7.63
N GLU H 184 36.91 -26.27 6.39
CA GLU H 184 37.74 -26.66 5.26
C GLU H 184 39.04 -25.87 5.29
N GLY H 185 38.97 -24.65 5.81
CA GLY H 185 40.15 -23.81 5.90
C GLY H 185 41.17 -24.33 6.90
N ILE H 186 40.74 -24.59 8.13
CA ILE H 186 41.69 -25.11 9.11
C ILE H 186 42.16 -26.51 8.75
N ASN H 187 41.28 -27.30 8.11
CA ASN H 187 41.68 -28.67 7.73
C ASN H 187 42.73 -28.64 6.62
N PHE H 188 42.53 -27.75 5.63
CA PHE H 188 43.46 -27.65 4.52
C PHE H 188 44.86 -27.24 4.97
N ALA H 189 44.95 -26.27 5.88
CA ALA H 189 46.23 -25.79 6.40
C ALA H 189 46.93 -26.90 7.16
N GLY H 190 46.15 -27.71 7.85
CA GLY H 190 46.71 -28.80 8.61
C GLY H 190 47.28 -29.87 7.71
N ALA H 191 46.52 -30.25 6.68
CA ALA H 191 46.96 -31.29 5.75
C ALA H 191 48.28 -30.94 5.05
N PHE H 192 48.45 -29.67 4.68
CA PHE H 192 49.68 -29.21 4.02
C PHE H 192 50.66 -28.59 5.02
N LYS H 193 50.38 -28.76 6.31
CA LYS H 193 51.23 -28.23 7.36
C LYS H 193 51.73 -26.83 7.00
N ALA H 194 50.79 -25.93 6.71
CA ALA H 194 51.08 -24.55 6.31
C ALA H 194 51.15 -23.50 7.43
N PRO H 195 51.97 -22.45 7.23
CA PRO H 195 52.15 -21.35 8.19
C PRO H 195 51.03 -20.30 8.22
N ALA H 196 49.94 -20.62 8.89
CA ALA H 196 48.78 -19.74 8.97
C ALA H 196 48.26 -19.64 10.40
N ILE H 197 47.95 -18.42 10.83
CA ILE H 197 47.43 -18.22 12.18
C ILE H 197 45.96 -17.88 12.06
N PHE H 198 45.10 -18.76 12.55
CA PHE H 198 43.66 -18.53 12.47
C PHE H 198 43.20 -17.93 13.80
N VAL H 199 42.67 -16.72 13.75
CA VAL H 199 42.19 -16.03 14.94
C VAL H 199 40.67 -15.90 14.92
N VAL H 200 40.02 -16.29 16.02
CA VAL H 200 38.57 -16.17 16.12
C VAL H 200 38.24 -15.18 17.23
N GLN H 201 37.60 -14.07 16.88
CA GLN H 201 37.26 -13.06 17.88
C GLN H 201 35.82 -13.21 18.39
N ASN H 202 35.66 -14.01 19.44
CA ASN H 202 34.35 -14.25 20.03
C ASN H 202 33.84 -13.09 20.86
N ASN H 203 32.94 -12.29 20.30
CA ASN H 203 32.37 -11.16 21.03
C ASN H 203 30.96 -11.50 21.48
N ARG H 204 30.67 -12.81 21.49
CA ARG H 204 29.42 -13.41 21.94
C ARG H 204 28.16 -13.24 21.10
N PHE H 205 28.22 -12.49 20.01
CA PHE H 205 27.03 -12.30 19.21
C PHE H 205 27.26 -12.25 17.72
N ALA H 206 26.37 -12.92 16.98
CA ALA H 206 26.40 -12.93 15.52
C ALA H 206 25.20 -12.04 15.18
N ILE H 207 25.42 -10.73 15.17
CA ILE H 207 24.36 -9.74 14.93
C ILE H 207 23.61 -10.01 16.24
N SER H 208 22.32 -10.28 16.18
CA SER H 208 21.57 -10.55 17.42
C SER H 208 21.58 -11.96 18.02
N THR H 209 22.16 -12.91 17.30
CA THR H 209 22.22 -14.30 17.75
C THR H 209 23.35 -14.61 18.75
N PRO H 210 22.98 -14.95 20.00
CA PRO H 210 23.95 -15.27 21.05
C PRO H 210 24.76 -16.51 20.67
N VAL H 211 26.06 -16.50 20.98
CA VAL H 211 26.93 -17.63 20.64
C VAL H 211 26.42 -18.98 21.18
N GLU H 212 25.51 -18.94 22.15
CA GLU H 212 24.94 -20.16 22.74
C GLU H 212 24.07 -20.89 21.69
N LYS H 213 23.59 -20.15 20.70
CA LYS H 213 22.75 -20.72 19.66
C LYS H 213 23.54 -21.16 18.40
N GLN H 214 24.84 -20.91 18.39
CA GLN H 214 25.67 -21.30 17.24
C GLN H 214 26.11 -22.75 17.32
N THR H 215 26.32 -23.25 18.53
CA THR H 215 26.81 -24.61 18.70
C THR H 215 26.77 -25.03 20.18
N VAL H 216 26.71 -26.33 20.44
CA VAL H 216 26.69 -26.79 21.83
C VAL H 216 28.09 -27.17 22.30
N ALA H 217 29.11 -26.68 21.59
CA ALA H 217 30.50 -26.95 21.95
C ALA H 217 30.92 -26.02 23.09
N LYS H 218 31.63 -26.58 24.07
CA LYS H 218 32.10 -25.84 25.22
C LYS H 218 32.84 -24.57 24.82
N THR H 219 33.79 -24.70 23.91
CA THR H 219 34.56 -23.56 23.45
C THR H 219 34.65 -23.54 21.93
N LEU H 220 35.13 -22.42 21.40
CA LEU H 220 35.31 -22.33 19.97
C LEU H 220 36.74 -22.82 19.67
N ALA H 221 37.64 -22.74 20.65
CA ALA H 221 39.02 -23.17 20.46
C ALA H 221 39.17 -24.69 20.28
N GLN H 222 38.19 -25.44 20.78
CA GLN H 222 38.22 -26.90 20.67
C GLN H 222 37.79 -27.35 19.26
N LYS H 223 37.36 -26.41 18.44
CA LYS H 223 36.91 -26.76 17.11
C LYS H 223 38.13 -27.11 16.24
N ALA H 224 39.32 -26.88 16.79
CA ALA H 224 40.55 -27.17 16.09
C ALA H 224 40.87 -28.67 16.16
N VAL H 225 40.18 -29.40 17.03
CA VAL H 225 40.39 -30.83 17.19
C VAL H 225 39.93 -31.60 15.96
N ALA H 226 38.85 -31.11 15.33
CA ALA H 226 38.30 -31.73 14.13
C ALA H 226 39.36 -31.66 13.02
N ALA H 227 40.23 -30.66 13.08
CA ALA H 227 41.27 -30.55 12.08
C ALA H 227 42.58 -31.10 12.62
N GLY H 228 42.56 -31.53 13.87
CA GLY H 228 43.76 -32.09 14.49
C GLY H 228 44.89 -31.10 14.71
N ILE H 229 44.55 -29.84 14.99
CA ILE H 229 45.58 -28.83 15.21
C ILE H 229 45.49 -28.13 16.56
N PRO H 230 46.57 -27.46 16.98
CA PRO H 230 46.58 -26.75 18.26
C PRO H 230 45.56 -25.61 18.33
N GLY H 231 44.82 -25.56 19.43
CA GLY H 231 43.85 -24.50 19.65
C GLY H 231 44.10 -23.87 21.02
N ILE H 232 43.91 -22.56 21.14
CA ILE H 232 44.14 -21.85 22.40
C ILE H 232 43.00 -20.87 22.68
N GLN H 233 42.42 -20.94 23.88
CA GLN H 233 41.39 -19.97 24.22
C GLN H 233 42.17 -18.91 25.03
N VAL H 234 41.95 -17.64 24.72
CA VAL H 234 42.66 -16.58 25.43
C VAL H 234 41.71 -15.43 25.75
N ASP H 235 42.00 -14.71 26.83
CA ASP H 235 41.15 -13.59 27.23
C ASP H 235 41.43 -12.42 26.28
N GLY H 236 40.47 -12.16 25.41
CA GLY H 236 40.60 -11.11 24.41
C GLY H 236 40.50 -9.68 24.88
N MET H 237 40.39 -9.48 26.19
CA MET H 237 40.33 -8.14 26.73
C MET H 237 41.69 -7.84 27.36
N ASP H 238 42.67 -8.70 27.08
CA ASP H 238 44.01 -8.52 27.62
C ASP H 238 45.10 -8.46 26.55
N PRO H 239 45.69 -7.26 26.35
CA PRO H 239 46.75 -6.97 25.39
C PRO H 239 47.91 -7.96 25.38
N LEU H 240 48.53 -8.16 26.55
CA LEU H 240 49.68 -9.04 26.68
C LEU H 240 49.39 -10.51 26.35
N ALA H 241 48.25 -11.03 26.80
CA ALA H 241 47.91 -12.42 26.54
C ALA H 241 47.72 -12.67 25.07
N VAL H 242 47.05 -11.74 24.41
CA VAL H 242 46.81 -11.90 22.99
C VAL H 242 48.13 -11.87 22.24
N TYR H 243 49.00 -10.94 22.62
CA TYR H 243 50.30 -10.80 21.97
C TYR H 243 51.13 -12.06 22.05
N ALA H 244 51.27 -12.60 23.25
CA ALA H 244 52.06 -13.81 23.46
C ALA H 244 51.48 -14.99 22.67
N ALA H 245 50.16 -15.13 22.67
CA ALA H 245 49.49 -16.21 21.94
C ALA H 245 49.85 -16.15 20.44
N VAL H 246 49.85 -14.95 19.90
CA VAL H 246 50.18 -14.74 18.50
C VAL H 246 51.70 -14.83 18.26
N LYS H 247 52.48 -14.41 19.25
CA LYS H 247 53.93 -14.47 19.14
C LYS H 247 54.32 -15.92 19.02
N ALA H 248 53.81 -16.74 19.93
CA ALA H 248 54.10 -18.18 19.95
C ALA H 248 53.61 -18.87 18.67
N ALA H 249 52.39 -18.58 18.25
CA ALA H 249 51.85 -19.16 17.03
C ALA H 249 52.72 -18.81 15.81
N ARG H 250 53.29 -17.61 15.81
CA ARG H 250 54.13 -17.18 14.69
C ARG H 250 55.47 -17.91 14.72
N GLU H 251 56.05 -18.05 15.91
CA GLU H 251 57.32 -18.77 16.06
C GLU H 251 57.17 -20.22 15.60
N ARG H 252 56.11 -20.87 16.05
CA ARG H 252 55.81 -22.27 15.69
C ARG H 252 55.61 -22.37 14.19
N ALA H 253 54.84 -21.43 13.65
CA ALA H 253 54.53 -21.38 12.22
C ALA H 253 55.75 -21.25 11.31
N ILE H 254 56.62 -20.31 11.60
CA ILE H 254 57.80 -20.10 10.77
C ILE H 254 58.85 -21.20 10.89
N ASN H 255 58.58 -22.17 11.74
CA ASN H 255 59.50 -23.29 11.92
C ASN H 255 58.89 -24.58 11.40
N GLY H 256 57.96 -24.43 10.46
CA GLY H 256 57.32 -25.57 9.83
C GLY H 256 56.51 -26.53 10.68
N GLU H 257 56.08 -26.11 11.86
CA GLU H 257 55.28 -26.99 12.72
C GLU H 257 53.80 -26.88 12.38
N GLY H 258 53.45 -25.94 11.50
CA GLY H 258 52.06 -25.81 11.10
C GLY H 258 51.26 -24.65 11.63
N PRO H 259 49.94 -24.70 11.45
CA PRO H 259 48.98 -23.68 11.86
C PRO H 259 48.48 -23.76 13.30
N THR H 260 47.78 -22.70 13.72
CA THR H 260 47.24 -22.63 15.06
C THR H 260 45.90 -21.88 15.06
N LEU H 261 44.98 -22.30 15.92
CA LEU H 261 43.68 -21.64 16.05
C LEU H 261 43.69 -20.90 17.40
N ILE H 262 43.32 -19.63 17.39
CA ILE H 262 43.32 -18.84 18.62
C ILE H 262 41.96 -18.16 18.86
N GLU H 263 41.23 -18.62 19.87
CA GLU H 263 39.97 -18.00 20.20
C GLU H 263 40.22 -16.92 21.25
N THR H 264 39.78 -15.70 20.97
CA THR H 264 39.94 -14.61 21.92
C THR H 264 38.55 -14.26 22.44
N LEU H 265 38.43 -14.07 23.75
CA LEU H 265 37.16 -13.71 24.34
C LEU H 265 37.09 -12.20 24.50
N CYS H 266 36.35 -11.55 23.61
CA CYS H 266 36.18 -10.10 23.67
C CYS H 266 34.71 -9.71 23.71
N PHE H 267 34.43 -8.45 23.42
CA PHE H 267 33.06 -7.95 23.44
C PHE H 267 33.02 -6.69 22.60
N ARG H 268 31.85 -6.30 22.11
CA ARG H 268 31.76 -5.08 21.34
C ARG H 268 30.72 -4.16 21.99
N TYR H 269 31.22 -3.13 22.66
CA TYR H 269 30.37 -2.18 23.34
C TYR H 269 29.32 -1.60 22.40
N GLY H 270 29.75 -1.20 21.20
CA GLY H 270 28.84 -0.62 20.23
C GLY H 270 27.91 -1.59 19.52
N PRO H 271 27.23 -1.12 18.46
CA PRO H 271 26.29 -1.90 17.64
C PRO H 271 27.02 -2.82 16.67
N HIS H 272 26.30 -3.80 16.14
CA HIS H 272 26.85 -4.73 15.17
C HIS H 272 27.37 -3.93 13.97
N THR H 273 26.51 -3.06 13.44
CA THR H 273 26.86 -2.17 12.33
C THR H 273 26.00 -0.94 12.50
N MET H 274 26.30 0.10 11.73
CA MET H 274 25.54 1.33 11.82
C MET H 274 24.32 1.28 10.89
N SER H 275 24.08 0.13 10.26
CA SER H 275 22.96 -0.01 9.33
C SER H 275 21.60 -0.21 9.98
N GLY H 276 21.51 0.01 11.29
CA GLY H 276 20.24 -0.15 11.97
C GLY H 276 20.15 -1.35 12.90
N ASP H 277 21.13 -1.50 13.78
CA ASP H 277 21.14 -2.60 14.73
C ASP H 277 20.96 -1.98 16.12
N ASP H 278 19.96 -2.47 16.84
CA ASP H 278 19.67 -1.97 18.19
C ASP H 278 19.96 -3.07 19.20
N PRO H 279 21.13 -2.98 19.89
CA PRO H 279 21.63 -3.92 20.90
C PRO H 279 20.68 -4.28 22.06
N THR H 280 19.96 -3.31 22.58
CA THR H 280 19.05 -3.58 23.70
C THR H 280 17.94 -4.57 23.34
N ARG H 281 17.52 -4.57 22.08
CA ARG H 281 16.47 -5.48 21.63
C ARG H 281 16.82 -6.94 21.85
N TYR H 282 18.11 -7.23 22.07
CA TYR H 282 18.52 -8.62 22.24
C TYR H 282 19.52 -8.96 23.35
N ARG H 283 20.16 -7.96 23.95
CA ARG H 283 21.10 -8.24 25.04
C ARG H 283 20.84 -7.30 26.21
N SER H 284 21.10 -7.79 27.43
CA SER H 284 20.85 -7.01 28.64
C SER H 284 21.94 -6.00 29.01
N LYS H 285 21.51 -4.91 29.63
CA LYS H 285 22.44 -3.86 30.07
C LYS H 285 23.39 -4.46 31.10
N GLU H 286 22.87 -5.42 31.88
CA GLU H 286 23.62 -6.12 32.92
C GLU H 286 24.87 -6.78 32.34
N LEU H 287 24.73 -7.35 31.16
CA LEU H 287 25.86 -8.00 30.50
C LEU H 287 26.85 -6.97 29.97
N GLU H 288 26.36 -5.79 29.59
CA GLU H 288 27.23 -4.72 29.08
C GLU H 288 28.05 -4.09 30.20
N ASN H 289 27.41 -3.91 31.36
CA ASN H 289 28.08 -3.31 32.50
C ASN H 289 29.26 -4.16 32.91
N GLU H 290 29.05 -5.47 32.96
CA GLU H 290 30.12 -6.39 33.34
C GLU H 290 31.29 -6.28 32.38
N TRP H 291 31.01 -6.25 31.08
CA TRP H 291 32.06 -6.19 30.08
C TRP H 291 32.69 -4.81 29.92
N ALA H 292 32.04 -3.78 30.44
CA ALA H 292 32.60 -2.44 30.36
C ALA H 292 33.76 -2.43 31.36
N LYS H 293 33.61 -3.18 32.44
CA LYS H 293 34.62 -3.27 33.48
C LYS H 293 35.86 -4.05 33.03
N LYS H 294 35.72 -4.81 31.95
CA LYS H 294 36.84 -5.59 31.41
C LYS H 294 37.58 -4.83 30.31
N ASP H 295 37.29 -3.54 30.20
CA ASP H 295 37.91 -2.68 29.19
C ASP H 295 39.42 -2.86 29.17
N PRO H 296 39.98 -3.27 28.02
CA PRO H 296 41.44 -3.46 27.94
C PRO H 296 42.26 -2.20 28.18
N LEU H 297 41.77 -1.06 27.68
CA LEU H 297 42.49 0.20 27.86
C LEU H 297 42.62 0.56 29.32
N VAL H 298 41.76 -0.02 30.16
CA VAL H 298 41.75 0.25 31.59
C VAL H 298 42.75 -0.56 32.41
N ARG H 299 42.78 -1.87 32.21
CA ARG H 299 43.72 -2.71 32.96
C ARG H 299 45.15 -2.51 32.47
N PHE H 300 45.31 -2.12 31.21
CA PHE H 300 46.64 -1.88 30.68
C PHE H 300 47.16 -0.54 31.21
N ARG H 301 46.24 0.42 31.38
CA ARG H 301 46.62 1.73 31.86
C ARG H 301 47.18 1.64 33.28
N LYS H 302 46.59 0.77 34.10
CA LYS H 302 47.06 0.60 35.46
C LYS H 302 48.39 -0.14 35.44
N PHE H 303 48.58 -0.97 34.40
CA PHE H 303 49.81 -1.73 34.25
C PHE H 303 51.01 -0.82 34.00
N LEU H 304 50.89 0.08 33.03
CA LEU H 304 51.97 0.99 32.70
C LEU H 304 52.20 1.99 33.82
N GLU H 305 51.35 1.91 34.84
CA GLU H 305 51.45 2.78 36.00
C GLU H 305 52.22 2.08 37.11
N ALA H 306 52.02 0.77 37.22
CA ALA H 306 52.72 -0.04 38.21
C ALA H 306 54.13 -0.30 37.70
N LYS H 307 54.56 0.53 36.76
CA LYS H 307 55.89 0.44 36.15
C LYS H 307 56.39 1.85 35.87
N GLY H 308 55.47 2.82 35.91
CA GLY H 308 55.79 4.22 35.68
C GLY H 308 56.19 4.56 34.25
N LEU H 309 55.30 4.25 33.30
CA LEU H 309 55.57 4.51 31.89
C LEU H 309 54.52 5.34 31.16
N TRP H 310 53.35 5.50 31.77
CA TRP H 310 52.26 6.23 31.12
C TRP H 310 51.73 7.41 31.91
N SER H 311 51.66 8.57 31.26
CA SER H 311 51.16 9.78 31.91
C SER H 311 49.86 10.27 31.25
N GLU H 312 49.16 11.16 31.94
CA GLU H 312 47.92 11.71 31.40
C GLU H 312 48.27 12.60 30.21
N GLU H 313 49.43 13.26 30.32
CA GLU H 313 49.89 14.13 29.24
C GLU H 313 50.06 13.27 28.00
N GLU H 314 50.77 12.15 28.17
CA GLU H 314 51.05 11.22 27.09
C GLU H 314 49.80 10.68 26.39
N GLU H 315 48.68 10.61 27.10
CA GLU H 315 47.45 10.12 26.48
C GLU H 315 46.76 11.23 25.69
N ASN H 316 46.88 12.46 26.17
CA ASN H 316 46.26 13.58 25.48
C ASN H 316 47.00 13.94 24.20
N ASN H 317 48.28 13.62 24.13
CA ASN H 317 49.06 13.88 22.93
C ASN H 317 48.58 12.97 21.80
N VAL H 318 48.33 11.71 22.15
CA VAL H 318 47.87 10.72 21.18
C VAL H 318 46.43 10.98 20.76
N ILE H 319 45.62 11.51 21.69
CA ILE H 319 44.22 11.81 21.38
C ILE H 319 44.08 12.97 20.39
N GLU H 320 44.84 14.03 20.61
CA GLU H 320 44.77 15.18 19.73
C GLU H 320 45.46 14.91 18.40
N GLN H 321 46.41 13.99 18.41
CA GLN H 321 47.12 13.64 17.19
C GLN H 321 46.16 12.89 16.28
N ALA H 322 45.44 11.94 16.87
CA ALA H 322 44.48 11.11 16.17
C ALA H 322 43.38 11.94 15.51
N LYS H 323 42.67 12.74 16.31
CA LYS H 323 41.60 13.60 15.81
C LYS H 323 42.09 14.44 14.61
N GLU H 324 43.33 14.93 14.72
CA GLU H 324 43.93 15.75 13.68
C GLU H 324 44.09 14.92 12.41
N GLU H 325 44.76 13.78 12.56
CA GLU H 325 45.00 12.89 11.43
C GLU H 325 43.71 12.42 10.80
N ILE H 326 42.67 12.25 11.62
CA ILE H 326 41.36 11.82 11.13
C ILE H 326 40.76 12.97 10.34
N LYS H 327 40.91 14.18 10.90
CA LYS H 327 40.40 15.40 10.27
C LYS H 327 41.01 15.52 8.87
N GLU H 328 42.31 15.25 8.77
CA GLU H 328 43.02 15.32 7.50
C GLU H 328 42.64 14.17 6.56
N ALA H 329 42.35 13.01 7.15
CA ALA H 329 41.98 11.84 6.37
C ALA H 329 40.64 12.05 5.69
N ILE H 330 39.65 12.56 6.43
CA ILE H 330 38.34 12.82 5.88
C ILE H 330 38.41 13.81 4.72
N LYS H 331 39.22 14.84 4.88
CA LYS H 331 39.36 15.86 3.85
C LYS H 331 40.00 15.27 2.58
N LYS H 332 41.04 14.45 2.76
CA LYS H 332 41.75 13.83 1.64
C LYS H 332 40.93 12.77 0.90
N ALA H 333 39.87 12.26 1.54
CA ALA H 333 39.02 11.27 0.91
C ALA H 333 37.97 11.98 0.07
N ASP H 334 37.70 13.24 0.41
CA ASP H 334 36.72 14.04 -0.32
C ASP H 334 37.35 14.48 -1.63
N GLU H 335 38.62 14.90 -1.55
CA GLU H 335 39.37 15.37 -2.71
C GLU H 335 39.59 14.27 -3.74
N THR H 336 39.09 13.08 -3.44
CA THR H 336 39.24 11.95 -4.35
C THR H 336 38.27 12.09 -5.51
N PRO H 337 38.78 12.21 -6.75
CA PRO H 337 37.89 12.34 -7.91
C PRO H 337 36.84 11.21 -7.97
N LYS H 338 35.60 11.58 -8.28
CA LYS H 338 34.50 10.63 -8.35
C LYS H 338 34.62 9.51 -9.37
N GLN H 339 33.93 8.41 -9.08
CA GLN H 339 33.89 7.21 -9.91
C GLN H 339 33.06 7.33 -11.18
N LYS H 340 33.62 6.85 -12.29
CA LYS H 340 32.93 6.87 -13.57
C LYS H 340 32.81 5.43 -14.03
N VAL H 341 31.80 5.13 -14.86
CA VAL H 341 31.59 3.78 -15.35
C VAL H 341 32.82 3.20 -16.07
N THR H 342 33.52 4.02 -16.83
CA THR H 342 34.70 3.56 -17.56
C THR H 342 35.85 3.15 -16.65
N ASP H 343 35.89 3.71 -15.45
CA ASP H 343 36.93 3.34 -14.50
C ASP H 343 36.70 1.89 -14.07
N LEU H 344 35.43 1.53 -13.90
CA LEU H 344 35.11 0.18 -13.49
C LEU H 344 35.30 -0.82 -14.64
N ILE H 345 35.03 -0.40 -15.87
CA ILE H 345 35.21 -1.29 -17.00
C ILE H 345 36.71 -1.64 -17.04
N SER H 346 37.53 -0.60 -17.09
CA SER H 346 38.98 -0.70 -17.14
C SER H 346 39.64 -1.70 -16.17
N ILE H 347 39.11 -1.84 -14.97
CA ILE H 347 39.71 -2.74 -13.98
C ILE H 347 39.16 -4.17 -13.96
N MET H 348 38.31 -4.50 -14.92
CA MET H 348 37.73 -5.85 -15.01
C MET H 348 38.68 -6.93 -15.57
N PHE H 349 39.58 -6.53 -16.47
CA PHE H 349 40.54 -7.47 -17.08
C PHE H 349 41.85 -6.78 -17.48
N GLU H 350 42.82 -7.60 -17.88
CA GLU H 350 44.10 -7.09 -18.32
C GLU H 350 43.89 -6.51 -19.72
N GLU H 351 43.34 -7.33 -20.60
CA GLU H 351 43.04 -6.95 -21.98
C GLU H 351 41.52 -7.14 -22.14
N LEU H 352 40.81 -6.05 -22.35
CA LEU H 352 39.34 -6.07 -22.47
C LEU H 352 38.72 -6.92 -23.57
N PRO H 353 37.79 -7.80 -23.20
CA PRO H 353 37.10 -8.68 -24.15
C PRO H 353 36.15 -7.84 -25.01
N PHE H 354 35.56 -8.47 -26.02
CA PHE H 354 34.66 -7.78 -26.95
C PHE H 354 33.46 -7.03 -26.34
N ASN H 355 32.62 -7.73 -25.60
CA ASN H 355 31.44 -7.08 -25.02
C ASN H 355 31.75 -5.84 -24.19
N LEU H 356 32.83 -5.87 -23.41
CA LEU H 356 33.21 -4.72 -22.59
C LEU H 356 33.91 -3.63 -23.41
N LYS H 357 34.49 -4.01 -24.54
CA LYS H 357 35.17 -3.04 -25.38
C LYS H 357 34.11 -2.19 -26.08
N GLU H 358 32.96 -2.79 -26.38
CA GLU H 358 31.86 -2.07 -27.01
C GLU H 358 31.19 -1.15 -25.99
N GLN H 359 31.03 -1.67 -24.78
CA GLN H 359 30.38 -0.89 -23.74
C GLN H 359 31.31 0.20 -23.21
N TYR H 360 32.62 0.06 -23.45
CA TYR H 360 33.58 1.07 -23.01
C TYR H 360 33.43 2.34 -23.84
N GLU H 361 33.11 2.18 -25.13
CA GLU H 361 32.92 3.31 -26.01
C GLU H 361 31.56 3.93 -25.72
N ILE H 362 30.53 3.09 -25.65
CA ILE H 362 29.17 3.55 -25.39
C ILE H 362 29.14 4.48 -24.17
N TYR H 363 29.80 4.08 -23.10
CA TYR H 363 29.83 4.90 -21.89
C TYR H 363 30.85 6.04 -21.94
N LYS H 364 31.89 5.90 -22.77
CA LYS H 364 32.88 6.97 -22.89
C LYS H 364 32.14 8.14 -23.54
N GLU H 365 31.09 7.80 -24.28
CA GLU H 365 30.24 8.76 -24.99
C GLU H 365 29.29 9.47 -24.03
N LYS H 366 28.83 8.76 -23.01
CA LYS H 366 27.90 9.34 -22.03
C LYS H 366 28.64 10.13 -20.95
N GLU H 367 29.97 10.03 -20.96
CA GLU H 367 30.80 10.73 -19.97
C GLU H 367 31.28 12.09 -20.45
N SER H 368 31.36 12.28 -21.76
CA SER H 368 31.81 13.54 -22.32
C SER H 368 30.92 14.67 -21.78
N LYS H 369 29.62 14.40 -21.74
CA LYS H 369 28.64 15.35 -21.24
C LYS H 369 28.80 16.73 -21.87
N ALA I 2 52.14 -35.13 -34.81
CA ALA I 2 51.73 -36.45 -34.22
C ALA I 2 50.23 -36.50 -34.00
N GLN I 3 49.65 -37.69 -34.14
CA GLN I 3 48.23 -37.90 -33.96
C GLN I 3 47.89 -37.99 -32.47
N MET I 4 46.81 -37.33 -32.05
CA MET I 4 46.40 -37.35 -30.65
C MET I 4 44.89 -37.35 -30.46
N THR I 5 44.46 -37.91 -29.34
CA THR I 5 43.06 -37.89 -28.96
C THR I 5 43.03 -36.59 -28.12
N MET I 6 41.86 -36.07 -27.79
CA MET I 6 41.79 -34.84 -27.02
C MET I 6 42.50 -34.92 -25.66
N VAL I 7 42.33 -36.03 -24.94
CA VAL I 7 42.98 -36.13 -23.65
C VAL I 7 44.50 -36.03 -23.76
N GLN I 8 45.07 -36.63 -24.80
CA GLN I 8 46.53 -36.58 -25.00
C GLN I 8 46.97 -35.16 -25.32
N ALA I 9 46.11 -34.42 -26.01
CA ALA I 9 46.42 -33.04 -26.36
C ALA I 9 46.47 -32.19 -25.09
N ILE I 10 45.56 -32.50 -24.15
CA ILE I 10 45.47 -31.78 -22.88
C ILE I 10 46.75 -32.02 -22.06
N THR I 11 47.16 -33.28 -21.97
CA THR I 11 48.36 -33.63 -21.22
C THR I 11 49.59 -32.92 -21.81
N ASP I 12 49.64 -32.84 -23.13
CA ASP I 12 50.77 -32.20 -23.79
C ASP I 12 50.79 -30.70 -23.49
N ALA I 13 49.61 -30.10 -23.47
CA ALA I 13 49.50 -28.67 -23.19
C ALA I 13 49.99 -28.35 -21.78
N LEU I 14 49.52 -29.13 -20.80
CA LEU I 14 49.92 -28.96 -19.40
C LEU I 14 51.44 -29.11 -19.20
N ARG I 15 52.04 -30.08 -19.87
CA ARG I 15 53.49 -30.32 -19.78
C ARG I 15 54.31 -29.17 -20.35
N ILE I 16 53.81 -28.54 -21.41
CA ILE I 16 54.54 -27.45 -22.01
C ILE I 16 54.54 -26.23 -21.10
N GLU I 17 53.42 -25.98 -20.43
CA GLU I 17 53.32 -24.84 -19.54
C GLU I 17 54.05 -25.07 -18.24
N LEU I 18 54.11 -26.32 -17.79
CA LEU I 18 54.83 -26.62 -16.56
C LEU I 18 56.30 -26.38 -16.80
N LYS I 19 56.75 -26.62 -18.02
CA LYS I 19 58.15 -26.42 -18.35
C LYS I 19 58.46 -24.95 -18.63
N ASN I 20 57.47 -24.22 -19.16
CA ASN I 20 57.69 -22.81 -19.48
C ASN I 20 57.67 -21.84 -18.32
N ASP I 21 56.70 -22.01 -17.42
CA ASP I 21 56.59 -21.12 -16.27
C ASP I 21 56.68 -21.88 -14.95
N PRO I 22 57.75 -21.65 -14.19
CA PRO I 22 57.92 -22.33 -12.90
C PRO I 22 56.84 -21.93 -11.90
N ASN I 23 55.97 -21.00 -12.28
CA ASN I 23 54.90 -20.59 -11.37
C ASN I 23 53.61 -21.40 -11.53
N VAL I 24 53.51 -22.21 -12.59
CA VAL I 24 52.31 -23.02 -12.80
C VAL I 24 52.20 -24.19 -11.80
N LEU I 25 51.00 -24.37 -11.25
CA LEU I 25 50.76 -25.47 -10.32
C LEU I 25 49.52 -26.23 -10.83
N ILE I 26 49.41 -27.50 -10.45
CA ILE I 26 48.25 -28.29 -10.84
C ILE I 26 47.84 -29.08 -9.61
N PHE I 27 46.56 -29.05 -9.27
CA PHE I 27 46.11 -29.80 -8.11
C PHE I 27 44.61 -30.09 -8.14
N GLY I 28 44.19 -30.93 -7.21
CA GLY I 28 42.80 -31.32 -7.12
C GLY I 28 42.68 -32.71 -6.52
N GLU I 29 41.53 -33.34 -6.73
CA GLU I 29 41.27 -34.68 -6.21
C GLU I 29 41.86 -35.81 -7.06
N ASP I 30 42.80 -36.55 -6.49
CA ASP I 30 43.43 -37.68 -7.16
C ASP I 30 44.09 -37.40 -8.52
N VAL I 31 44.76 -36.25 -8.64
CA VAL I 31 45.41 -35.87 -9.88
C VAL I 31 46.93 -36.04 -9.80
N GLY I 32 47.40 -36.81 -8.82
CA GLY I 32 48.83 -37.01 -8.66
C GLY I 32 49.38 -38.32 -9.20
N VAL I 33 49.82 -39.20 -8.30
CA VAL I 33 50.35 -40.48 -8.74
C VAL I 33 49.29 -41.24 -9.53
N ASN I 34 48.03 -40.96 -9.23
CA ASN I 34 46.90 -41.59 -9.90
C ASN I 34 46.73 -41.11 -11.35
N GLY I 35 47.01 -39.83 -11.60
CA GLY I 35 46.88 -39.29 -12.94
C GLY I 35 45.49 -38.75 -13.24
N GLY I 36 44.56 -38.92 -12.31
CA GLY I 36 43.21 -38.44 -12.49
C GLY I 36 42.28 -39.50 -13.04
N VAL I 37 40.98 -39.22 -12.98
CA VAL I 37 39.94 -40.14 -13.47
C VAL I 37 40.17 -40.60 -14.90
N PHE I 38 40.53 -39.66 -15.78
CA PHE I 38 40.76 -39.98 -17.19
C PHE I 38 42.21 -39.87 -17.68
N ARG I 39 43.16 -40.13 -16.79
CA ARG I 39 44.58 -40.07 -17.13
C ARG I 39 45.07 -38.73 -17.69
N ALA I 40 44.30 -37.68 -17.45
CA ALA I 40 44.65 -36.36 -17.93
C ALA I 40 46.00 -35.84 -17.44
N THR I 41 46.33 -36.11 -16.18
CA THR I 41 47.59 -35.64 -15.63
C THR I 41 48.61 -36.75 -15.39
N GLU I 42 48.45 -37.86 -16.09
CA GLU I 42 49.35 -39.00 -15.93
C GLU I 42 50.82 -38.70 -16.24
N GLY I 43 51.68 -38.86 -15.24
CA GLY I 43 53.09 -38.66 -15.45
C GLY I 43 53.68 -37.27 -15.21
N LEU I 44 52.84 -36.31 -14.89
CA LEU I 44 53.36 -34.97 -14.67
C LEU I 44 54.04 -34.85 -13.32
N GLN I 45 53.47 -35.45 -12.27
CA GLN I 45 54.07 -35.35 -10.94
C GLN I 45 55.45 -36.01 -10.94
N ALA I 46 55.54 -37.18 -11.54
CA ALA I 46 56.80 -37.90 -11.59
C ALA I 46 57.85 -37.03 -12.26
N GLU I 47 57.41 -36.14 -13.15
CA GLU I 47 58.31 -35.27 -13.89
C GLU I 47 58.70 -33.97 -13.17
N PHE I 48 57.71 -33.31 -12.55
CA PHE I 48 57.97 -32.03 -11.90
C PHE I 48 57.99 -32.01 -10.39
N GLY I 49 57.58 -33.11 -9.75
CA GLY I 49 57.60 -33.15 -8.30
C GLY I 49 56.29 -32.82 -7.60
N GLU I 50 56.14 -33.35 -6.39
CA GLU I 50 54.96 -33.14 -5.59
C GLU I 50 54.71 -31.65 -5.31
N ASP I 51 55.77 -30.86 -5.38
CA ASP I 51 55.66 -29.43 -5.15
C ASP I 51 54.92 -28.70 -6.28
N ARG I 52 54.98 -29.26 -7.48
CA ARG I 52 54.32 -28.67 -8.65
C ARG I 52 52.95 -29.30 -8.93
N VAL I 53 52.83 -30.60 -8.64
CA VAL I 53 51.59 -31.34 -8.88
C VAL I 53 51.27 -32.16 -7.64
N PHE I 54 50.08 -31.99 -7.08
CA PHE I 54 49.74 -32.69 -5.85
C PHE I 54 48.26 -32.80 -5.58
N ASP I 55 47.90 -33.79 -4.76
CA ASP I 55 46.53 -34.06 -4.37
C ASP I 55 46.09 -33.20 -3.18
N THR I 56 44.78 -33.00 -3.06
CA THR I 56 44.23 -32.21 -1.97
C THR I 56 43.11 -32.99 -1.26
N PRO I 57 42.71 -32.53 -0.07
CA PRO I 57 41.64 -33.23 0.62
C PRO I 57 40.40 -33.17 -0.29
N LEU I 58 39.35 -33.88 0.11
CA LEU I 58 38.14 -33.94 -0.70
C LEU I 58 37.14 -32.82 -0.39
N ALA I 59 37.39 -31.65 -0.98
CA ALA I 59 36.52 -30.49 -0.77
C ALA I 59 36.70 -29.49 -1.91
N GLU I 60 35.61 -29.23 -2.62
CA GLU I 60 35.61 -28.31 -3.76
C GLU I 60 35.97 -26.88 -3.38
N SER I 61 35.23 -26.34 -2.40
CA SER I 61 35.46 -24.98 -1.92
C SER I 61 36.91 -24.79 -1.51
N GLY I 62 37.41 -25.75 -0.75
CA GLY I 62 38.79 -25.68 -0.28
C GLY I 62 39.78 -25.57 -1.42
N ILE I 63 39.46 -26.20 -2.55
CA ILE I 63 40.32 -26.14 -3.72
C ILE I 63 40.26 -24.74 -4.34
N GLY I 64 39.08 -24.14 -4.38
CA GLY I 64 38.93 -22.81 -4.93
C GLY I 64 39.69 -21.79 -4.11
N GLY I 65 39.52 -21.84 -2.79
CA GLY I 65 40.22 -20.92 -1.91
C GLY I 65 41.73 -21.07 -2.04
N LEU I 66 42.21 -22.30 -2.03
CA LEU I 66 43.63 -22.58 -2.17
C LEU I 66 44.16 -21.87 -3.42
N ALA I 67 43.42 -22.01 -4.51
CA ALA I 67 43.79 -21.42 -5.79
C ALA I 67 43.89 -19.90 -5.70
N ILE I 68 42.99 -19.27 -4.96
CA ILE I 68 43.00 -17.82 -4.82
C ILE I 68 44.22 -17.37 -4.03
N GLY I 69 44.53 -18.11 -2.97
CA GLY I 69 45.66 -17.78 -2.13
C GLY I 69 46.99 -17.93 -2.83
N LEU I 70 47.11 -18.96 -3.67
CA LEU I 70 48.34 -19.23 -4.40
C LEU I 70 48.62 -18.13 -5.41
N ALA I 71 47.55 -17.58 -5.98
CA ALA I 71 47.69 -16.51 -6.95
C ALA I 71 48.14 -15.20 -6.30
N LEU I 72 47.83 -15.02 -5.00
CA LEU I 72 48.23 -13.80 -4.30
C LEU I 72 49.74 -13.81 -4.06
N GLN I 73 50.32 -15.01 -4.08
CA GLN I 73 51.75 -15.18 -3.88
C GLN I 73 52.46 -15.33 -5.22
N GLY I 74 51.80 -14.88 -6.28
CA GLY I 74 52.39 -14.95 -7.62
C GLY I 74 52.36 -16.23 -8.42
N PHE I 75 51.80 -17.33 -7.88
CA PHE I 75 51.75 -18.58 -8.63
C PHE I 75 50.70 -18.48 -9.73
N ARG I 76 50.64 -19.50 -10.60
CA ARG I 76 49.69 -19.53 -11.72
C ARG I 76 49.04 -20.91 -11.64
N PRO I 77 48.01 -21.04 -10.78
CA PRO I 77 47.22 -22.25 -10.51
C PRO I 77 46.42 -22.83 -11.64
N VAL I 78 46.28 -24.15 -11.64
CA VAL I 78 45.49 -24.86 -12.63
C VAL I 78 44.80 -26.03 -11.90
N PRO I 79 43.78 -25.71 -11.10
CA PRO I 79 43.01 -26.69 -10.34
C PRO I 79 42.06 -27.52 -11.19
N GLU I 80 41.62 -28.65 -10.65
CA GLU I 80 40.69 -29.54 -11.35
C GLU I 80 39.48 -29.97 -10.54
N ILE I 81 38.28 -29.86 -11.12
CA ILE I 81 37.06 -30.31 -10.45
C ILE I 81 36.76 -31.64 -11.14
N GLN I 82 36.67 -32.73 -10.39
CA GLN I 82 36.43 -34.04 -11.01
C GLN I 82 35.35 -34.03 -12.09
N PHE I 83 34.19 -33.46 -11.77
CA PHE I 83 33.07 -33.34 -12.71
C PHE I 83 32.45 -31.97 -12.46
N PHE I 84 32.08 -31.27 -13.53
CA PHE I 84 31.51 -29.94 -13.42
C PHE I 84 30.17 -29.90 -12.70
N GLY I 85 29.57 -31.08 -12.51
CA GLY I 85 28.31 -31.15 -11.80
C GLY I 85 28.54 -30.82 -10.33
N PHE I 86 29.78 -31.00 -9.88
CA PHE I 86 30.12 -30.69 -8.49
C PHE I 86 30.49 -29.23 -8.31
N VAL I 87 30.36 -28.43 -9.37
CA VAL I 87 30.73 -27.03 -9.28
C VAL I 87 29.86 -26.24 -8.29
N TYR I 88 28.69 -26.79 -7.93
CA TYR I 88 27.80 -26.11 -6.98
C TYR I 88 28.50 -25.87 -5.64
N GLU I 89 29.31 -26.83 -5.21
CA GLU I 89 30.04 -26.72 -3.94
C GLU I 89 31.05 -25.58 -3.89
N VAL I 90 31.55 -25.15 -5.04
CA VAL I 90 32.56 -24.09 -5.06
C VAL I 90 32.17 -22.84 -5.87
N MET I 91 30.88 -22.50 -5.87
CA MET I 91 30.39 -21.33 -6.60
C MET I 91 30.85 -19.98 -6.06
N ASP I 92 31.04 -19.88 -4.76
CA ASP I 92 31.45 -18.59 -4.20
C ASP I 92 32.88 -18.23 -4.53
N SER I 93 33.76 -19.22 -4.49
CA SER I 93 35.16 -19.00 -4.79
C SER I 93 35.35 -18.61 -6.25
N ILE I 94 34.55 -19.18 -7.14
CA ILE I 94 34.68 -18.86 -8.54
C ILE I 94 33.98 -17.56 -8.96
N CYS I 95 32.70 -17.42 -8.61
CA CYS I 95 31.95 -16.23 -9.00
C CYS I 95 31.98 -15.12 -7.98
N GLY I 96 31.98 -15.50 -6.70
CA GLY I 96 31.98 -14.50 -5.66
C GLY I 96 33.37 -14.06 -5.24
N GLN I 97 34.40 -14.71 -5.77
CA GLN I 97 35.76 -14.35 -5.36
C GLN I 97 36.95 -14.15 -6.31
N MET I 98 37.31 -15.16 -7.09
CA MET I 98 38.34 -14.97 -8.12
C MET I 98 37.93 -14.15 -9.34
N ALA I 99 36.68 -14.25 -9.76
CA ALA I 99 36.22 -13.48 -10.90
C ALA I 99 36.15 -12.00 -10.57
N ARG I 100 36.31 -11.68 -9.28
CA ARG I 100 36.20 -10.30 -8.82
C ARG I 100 37.42 -9.63 -8.21
N ILE I 101 38.48 -10.39 -7.93
CA ILE I 101 39.67 -9.83 -7.30
C ILE I 101 40.26 -8.60 -8.00
N ARG I 102 40.49 -8.68 -9.31
CA ARG I 102 41.08 -7.55 -10.03
C ARG I 102 40.23 -6.31 -9.87
N TYR I 103 38.91 -6.48 -10.01
CA TYR I 103 37.95 -5.38 -9.87
C TYR I 103 37.94 -4.89 -8.42
N ARG I 104 37.78 -5.85 -7.51
CA ARG I 104 37.75 -5.57 -6.09
C ARG I 104 39.02 -4.88 -5.56
N THR I 105 40.20 -5.18 -6.12
CA THR I 105 41.45 -4.55 -5.66
C THR I 105 41.92 -3.43 -6.59
N GLY I 106 41.05 -3.02 -7.50
CA GLY I 106 41.39 -1.95 -8.42
C GLY I 106 42.66 -2.13 -9.23
N GLY I 107 42.97 -3.36 -9.61
CA GLY I 107 44.16 -3.61 -10.40
C GLY I 107 45.40 -4.07 -9.65
N ARG I 108 45.47 -3.81 -8.35
CA ARG I 108 46.64 -4.22 -7.56
C ARG I 108 46.90 -5.73 -7.69
N TYR I 109 45.95 -6.54 -7.25
CA TYR I 109 46.09 -8.00 -7.31
C TYR I 109 45.27 -8.57 -8.46
N HIS I 110 45.71 -9.71 -9.00
CA HIS I 110 44.99 -10.36 -10.12
C HIS I 110 44.92 -11.88 -9.94
N MET I 111 44.02 -12.52 -10.70
CA MET I 111 43.83 -13.96 -10.60
C MET I 111 44.16 -14.79 -11.85
N PRO I 112 45.45 -15.10 -12.08
CA PRO I 112 45.85 -15.89 -13.24
C PRO I 112 45.53 -17.37 -12.98
N ILE I 113 44.24 -17.71 -12.93
CA ILE I 113 43.77 -19.07 -12.65
C ILE I 113 43.02 -19.71 -13.81
N THR I 114 43.25 -21.01 -14.03
CA THR I 114 42.55 -21.75 -15.08
C THR I 114 41.93 -23.00 -14.43
N ILE I 115 40.60 -23.12 -14.50
CA ILE I 115 39.89 -24.25 -13.90
C ILE I 115 39.55 -25.27 -14.96
N ARG I 116 39.96 -26.52 -14.74
CA ARG I 116 39.70 -27.62 -15.68
C ARG I 116 38.64 -28.56 -15.13
N SER I 117 37.72 -28.98 -15.97
CA SER I 117 36.67 -29.89 -15.51
C SER I 117 35.89 -30.55 -16.65
N PRO I 118 35.73 -31.88 -16.58
CA PRO I 118 34.99 -32.60 -17.62
C PRO I 118 33.47 -32.53 -17.38
N PHE I 119 32.70 -32.65 -18.44
CA PHE I 119 31.24 -32.59 -18.34
C PHE I 119 30.67 -33.23 -19.58
N GLY I 120 29.34 -33.21 -19.70
CA GLY I 120 28.70 -33.78 -20.87
C GLY I 120 28.20 -35.20 -20.69
N GLY I 121 27.22 -35.58 -21.49
CA GLY I 121 26.66 -36.92 -21.38
C GLY I 121 26.93 -37.82 -22.58
N GLY I 122 26.37 -39.02 -22.54
CA GLY I 122 26.55 -39.98 -23.62
C GLY I 122 27.48 -41.11 -23.22
N VAL I 123 27.59 -41.38 -21.91
CA VAL I 123 28.47 -42.45 -21.43
C VAL I 123 27.95 -43.16 -20.17
N HIS I 124 26.65 -43.04 -19.90
CA HIS I 124 26.00 -43.68 -18.76
C HIS I 124 26.68 -43.51 -17.40
N THR I 125 26.90 -42.28 -16.98
CA THR I 125 27.53 -42.04 -15.69
C THR I 125 26.45 -41.88 -14.63
N PRO I 126 26.84 -41.92 -13.34
CA PRO I 126 25.84 -41.77 -12.28
C PRO I 126 25.35 -40.31 -12.27
N GLU I 127 24.37 -40.01 -11.44
CA GLU I 127 23.79 -38.68 -11.35
C GLU I 127 24.78 -37.54 -11.06
N LEU I 128 24.49 -36.38 -11.64
CA LEU I 128 25.29 -35.17 -11.48
C LEU I 128 26.70 -35.20 -12.03
N HIS I 129 26.95 -36.06 -13.01
CA HIS I 129 28.28 -36.15 -13.63
C HIS I 129 28.31 -35.59 -15.05
N SER I 130 27.18 -35.64 -15.74
CA SER I 130 27.12 -35.17 -17.12
C SER I 130 26.49 -33.80 -17.35
N ASP I 131 25.85 -33.26 -16.33
CA ASP I 131 25.19 -31.96 -16.41
C ASP I 131 25.97 -30.88 -17.15
N SER I 132 25.25 -30.05 -17.90
CA SER I 132 25.82 -28.93 -18.66
C SER I 132 25.43 -27.66 -17.93
N LEU I 133 26.40 -27.09 -17.21
CA LEU I 133 26.15 -25.90 -16.43
C LEU I 133 27.01 -24.70 -16.85
N GLU I 134 27.55 -24.75 -18.07
CA GLU I 134 28.38 -23.64 -18.54
C GLU I 134 27.53 -22.36 -18.54
N GLY I 135 26.21 -22.54 -18.65
CA GLY I 135 25.30 -21.41 -18.64
C GLY I 135 25.38 -20.63 -17.34
N LEU I 136 25.62 -21.31 -16.22
CA LEU I 136 25.71 -20.61 -14.95
C LEU I 136 26.93 -19.70 -14.89
N VAL I 137 28.10 -20.26 -15.18
CA VAL I 137 29.34 -19.50 -15.16
C VAL I 137 29.47 -18.48 -16.27
N ALA I 138 28.52 -18.45 -17.20
CA ALA I 138 28.56 -17.47 -18.29
C ALA I 138 27.96 -16.14 -17.87
N GLN I 139 27.14 -16.18 -16.81
CA GLN I 139 26.47 -14.99 -16.33
C GLN I 139 27.32 -14.16 -15.38
N GLN I 140 28.53 -14.64 -15.11
CA GLN I 140 29.43 -13.96 -14.20
C GLN I 140 30.54 -13.19 -14.91
N PRO I 141 30.55 -11.86 -14.79
CA PRO I 141 31.60 -11.03 -15.42
C PRO I 141 32.96 -11.30 -14.76
N GLY I 142 34.02 -11.19 -15.55
CA GLY I 142 35.35 -11.41 -15.00
C GLY I 142 35.82 -12.83 -15.24
N LEU I 143 34.95 -13.65 -15.83
CA LEU I 143 35.26 -15.04 -16.16
C LEU I 143 35.15 -15.27 -17.65
N LYS I 144 36.01 -16.14 -18.17
CA LYS I 144 35.98 -16.51 -19.57
C LYS I 144 35.74 -18.01 -19.60
N VAL I 145 34.79 -18.46 -20.41
CA VAL I 145 34.49 -19.89 -20.53
C VAL I 145 34.93 -20.40 -21.89
N VAL I 146 35.72 -21.48 -21.88
CA VAL I 146 36.26 -22.10 -23.10
C VAL I 146 35.83 -23.58 -23.19
N ILE I 147 35.38 -23.99 -24.38
CA ILE I 147 34.94 -25.37 -24.60
C ILE I 147 35.38 -25.92 -25.96
N PRO I 148 36.54 -26.59 -26.01
CA PRO I 148 37.09 -27.18 -27.24
C PRO I 148 36.31 -28.43 -27.67
N SER I 149 36.45 -28.81 -28.94
CA SER I 149 35.75 -29.99 -29.44
C SER I 149 36.69 -30.87 -30.26
N THR I 150 37.93 -30.42 -30.45
CA THR I 150 38.92 -31.19 -31.19
C THR I 150 40.29 -31.12 -30.49
N PRO I 151 41.11 -32.17 -30.68
CA PRO I 151 42.44 -32.22 -30.07
C PRO I 151 43.29 -30.98 -30.38
N TYR I 152 43.28 -30.54 -31.64
CA TYR I 152 44.03 -29.36 -32.06
C TYR I 152 43.59 -28.11 -31.28
N ASP I 153 42.28 -27.95 -31.11
CA ASP I 153 41.76 -26.80 -30.38
C ASP I 153 42.01 -26.88 -28.89
N ALA I 154 41.98 -28.09 -28.35
CA ALA I 154 42.19 -28.30 -26.92
C ALA I 154 43.60 -27.90 -26.51
N LYS I 155 44.59 -28.34 -27.26
CA LYS I 155 45.97 -28.00 -26.94
C LYS I 155 46.20 -26.50 -27.08
N GLY I 156 45.69 -25.95 -28.18
CA GLY I 156 45.86 -24.52 -28.45
C GLY I 156 45.18 -23.61 -27.44
N LEU I 157 43.91 -23.89 -27.18
CA LEU I 157 43.14 -23.10 -26.23
C LEU I 157 43.59 -23.23 -24.78
N LEU I 158 44.25 -24.35 -24.45
CA LEU I 158 44.70 -24.55 -23.09
C LEU I 158 45.98 -23.82 -22.76
N ILE I 159 46.80 -23.55 -23.77
CA ILE I 159 48.04 -22.83 -23.53
C ILE I 159 47.69 -21.33 -23.39
N SER I 160 46.64 -20.92 -24.09
CA SER I 160 46.17 -19.53 -24.06
C SER I 160 45.48 -19.23 -22.73
N ALA I 161 44.73 -20.20 -22.23
CA ALA I 161 44.00 -20.07 -20.96
C ALA I 161 44.94 -19.95 -19.77
N ILE I 162 45.99 -20.76 -19.74
CA ILE I 162 46.97 -20.73 -18.65
C ILE I 162 47.76 -19.40 -18.65
N ARG I 163 48.07 -18.87 -19.84
CA ARG I 163 48.84 -17.62 -19.94
C ARG I 163 48.00 -16.37 -19.71
N ASP I 164 46.70 -16.49 -19.92
CA ASP I 164 45.77 -15.38 -19.70
C ASP I 164 45.84 -15.02 -18.21
N ASN I 165 46.09 -13.75 -17.91
CA ASN I 165 46.20 -13.35 -16.50
C ASN I 165 44.88 -13.15 -15.76
N ASP I 166 43.80 -13.67 -16.31
CA ASP I 166 42.51 -13.61 -15.67
C ASP I 166 41.98 -15.06 -15.60
N PRO I 167 40.92 -15.30 -14.79
CA PRO I 167 40.35 -16.65 -14.66
C PRO I 167 39.64 -17.17 -15.91
N VAL I 168 39.82 -18.47 -16.17
CA VAL I 168 39.22 -19.11 -17.32
C VAL I 168 38.70 -20.50 -16.93
N ILE I 169 37.47 -20.81 -17.35
CA ILE I 169 36.86 -22.11 -17.07
C ILE I 169 36.94 -22.95 -18.32
N PHE I 170 37.81 -23.96 -18.28
CA PHE I 170 38.06 -24.84 -19.40
C PHE I 170 37.28 -26.15 -19.22
N LEU I 171 36.22 -26.32 -20.01
CA LEU I 171 35.37 -27.51 -19.94
C LEU I 171 35.72 -28.52 -21.03
N GLU I 172 35.96 -29.77 -20.61
CA GLU I 172 36.36 -30.86 -21.51
C GLU I 172 35.25 -31.88 -21.58
N HIS I 173 34.70 -32.11 -22.77
CA HIS I 173 33.61 -33.04 -22.93
C HIS I 173 34.02 -34.51 -22.83
N LEU I 174 33.37 -35.24 -21.92
CA LEU I 174 33.65 -36.66 -21.68
C LEU I 174 33.64 -37.54 -22.91
N LYS I 175 32.65 -37.32 -23.76
CA LYS I 175 32.49 -38.10 -24.97
C LYS I 175 33.58 -37.84 -26.01
N LEU I 176 34.22 -36.68 -25.93
CA LEU I 176 35.27 -36.34 -26.88
C LEU I 176 36.68 -36.62 -26.40
N TYR I 177 36.84 -37.13 -25.18
CA TYR I 177 38.17 -37.41 -24.65
C TYR I 177 39.01 -38.30 -25.54
N ARG I 178 38.44 -39.40 -25.99
CA ARG I 178 39.18 -40.34 -26.83
C ARG I 178 38.32 -40.94 -27.93
N SER I 179 37.42 -40.14 -28.49
CA SER I 179 36.55 -40.63 -29.55
C SER I 179 37.23 -40.65 -30.92
N PHE I 180 38.15 -39.73 -31.16
CA PHE I 180 38.87 -39.71 -32.44
C PHE I 180 40.26 -39.11 -32.34
N ARG I 181 41.08 -39.35 -33.36
CA ARG I 181 42.43 -38.81 -33.36
C ARG I 181 42.61 -37.78 -34.48
N GLN I 182 43.38 -36.75 -34.18
CA GLN I 182 43.65 -35.71 -35.14
C GLN I 182 45.14 -35.37 -35.12
N GLU I 183 45.63 -34.81 -36.23
CA GLU I 183 47.03 -34.42 -36.33
C GLU I 183 47.20 -33.14 -35.55
N VAL I 184 48.17 -33.14 -34.63
CA VAL I 184 48.47 -31.99 -33.79
C VAL I 184 49.96 -31.69 -33.77
N PRO I 185 50.35 -30.44 -34.07
CA PRO I 185 51.75 -30.01 -34.09
C PRO I 185 52.45 -30.18 -32.72
N GLU I 186 53.77 -30.37 -32.72
CA GLU I 186 54.49 -30.50 -31.47
C GLU I 186 55.00 -29.11 -31.10
N GLY I 187 55.32 -28.90 -29.83
CA GLY I 187 55.80 -27.61 -29.41
C GLY I 187 54.66 -26.70 -29.04
N GLU I 188 55.00 -25.49 -28.59
CA GLU I 188 53.99 -24.52 -28.18
C GLU I 188 53.40 -23.73 -29.35
N TYR I 189 52.12 -23.42 -29.20
CA TYR I 189 51.36 -22.64 -30.16
C TYR I 189 50.07 -22.28 -29.42
N THR I 190 49.47 -21.16 -29.80
CA THR I 190 48.27 -20.67 -29.15
C THR I 190 47.09 -20.35 -30.07
N ILE I 191 45.88 -20.49 -29.54
CA ILE I 191 44.66 -20.14 -30.25
C ILE I 191 44.01 -19.05 -29.39
N PRO I 192 43.58 -17.94 -30.00
CA PRO I 192 42.95 -16.84 -29.25
C PRO I 192 41.64 -17.15 -28.53
N ILE I 193 41.52 -16.68 -27.29
CA ILE I 193 40.30 -16.88 -26.51
C ILE I 193 39.24 -15.91 -27.05
N GLY I 194 38.05 -16.41 -27.31
CA GLY I 194 36.99 -15.56 -27.84
C GLY I 194 36.92 -15.57 -29.36
N LYS I 195 37.63 -16.50 -29.99
CA LYS I 195 37.62 -16.61 -31.43
C LYS I 195 36.97 -17.91 -31.85
N ALA I 196 35.91 -17.83 -32.64
CA ALA I 196 35.25 -19.04 -33.11
C ALA I 196 35.87 -19.45 -34.45
N ASP I 197 35.46 -20.58 -34.98
CA ASP I 197 36.02 -20.99 -36.27
C ASP I 197 35.01 -21.72 -37.14
N ILE I 198 35.21 -21.59 -38.45
CA ILE I 198 34.35 -22.25 -39.41
C ILE I 198 34.86 -23.69 -39.50
N LYS I 199 34.00 -24.64 -39.16
CA LYS I 199 34.38 -26.06 -39.20
C LYS I 199 33.98 -26.67 -40.52
N ARG I 200 33.08 -25.99 -41.22
CA ARG I 200 32.60 -26.46 -42.51
C ARG I 200 31.99 -25.28 -43.24
N GLU I 201 32.48 -25.00 -44.43
CA GLU I 201 31.96 -23.90 -45.24
C GLU I 201 30.57 -24.25 -45.77
N GLY I 202 29.70 -23.25 -45.88
CA GLY I 202 28.35 -23.47 -46.37
C GLY I 202 27.75 -22.18 -46.92
N LYS I 203 26.54 -22.25 -47.47
CA LYS I 203 25.92 -21.05 -48.04
C LYS I 203 24.40 -20.92 -47.86
N ASP I 204 23.73 -21.99 -47.42
CA ASP I 204 22.27 -21.96 -47.25
C ASP I 204 21.76 -21.78 -45.83
N ILE I 205 22.40 -22.43 -44.87
CA ILE I 205 21.99 -22.31 -43.48
C ILE I 205 23.22 -22.35 -42.58
N THR I 206 23.16 -21.61 -41.49
CA THR I 206 24.26 -21.58 -40.53
C THR I 206 23.86 -22.36 -39.27
N ILE I 207 24.75 -23.24 -38.81
CA ILE I 207 24.51 -24.05 -37.62
C ILE I 207 25.55 -23.67 -36.57
N ILE I 208 25.10 -23.00 -35.51
CA ILE I 208 25.97 -22.55 -34.42
C ILE I 208 25.98 -23.62 -33.34
N ALA I 209 27.16 -24.10 -32.96
CA ALA I 209 27.23 -25.13 -31.93
C ALA I 209 28.55 -25.10 -31.15
N TYR I 210 28.63 -25.97 -30.15
CA TYR I 210 29.84 -26.12 -29.32
C TYR I 210 29.77 -27.45 -28.58
N GLY I 211 30.93 -27.99 -28.23
CA GLY I 211 30.99 -29.25 -27.51
C GLY I 211 30.79 -30.45 -28.40
N ALA I 212 30.10 -31.45 -27.86
CA ALA I 212 29.81 -32.70 -28.57
C ALA I 212 28.82 -32.44 -29.71
N MET I 213 28.21 -31.27 -29.70
CA MET I 213 27.24 -30.96 -30.74
C MET I 213 27.87 -30.53 -32.05
N VAL I 214 29.15 -30.18 -32.03
CA VAL I 214 29.80 -29.79 -33.28
C VAL I 214 29.86 -31.04 -34.17
N HIS I 215 30.13 -32.17 -33.53
CA HIS I 215 30.20 -33.43 -34.26
C HIS I 215 28.83 -33.80 -34.79
N GLU I 216 27.81 -33.64 -33.96
CA GLU I 216 26.44 -33.95 -34.38
C GLU I 216 26.02 -33.01 -35.52
N SER I 217 26.47 -31.76 -35.43
CA SER I 217 26.15 -30.78 -36.46
C SER I 217 26.90 -31.03 -37.76
N LEU I 218 28.15 -31.48 -37.66
CA LEU I 218 28.89 -31.77 -38.87
C LEU I 218 28.28 -32.98 -39.55
N LYS I 219 27.82 -33.93 -38.73
CA LYS I 219 27.20 -35.16 -39.20
C LYS I 219 25.84 -34.87 -39.83
N ALA I 220 25.19 -33.81 -39.36
CA ALA I 220 23.90 -33.42 -39.91
C ALA I 220 24.13 -32.76 -41.27
N ALA I 221 25.26 -32.05 -41.40
CA ALA I 221 25.61 -31.37 -42.64
C ALA I 221 25.83 -32.35 -43.80
N ALA I 222 26.47 -33.48 -43.50
CA ALA I 222 26.72 -34.51 -44.53
C ALA I 222 25.41 -35.07 -45.05
N GLU I 223 24.40 -35.15 -44.19
CA GLU I 223 23.10 -35.67 -44.61
C GLU I 223 22.32 -34.60 -45.37
N LEU I 224 22.63 -33.34 -45.12
CA LEU I 224 21.95 -32.26 -45.84
C LEU I 224 22.55 -32.07 -47.22
N GLU I 225 23.86 -32.29 -47.35
CA GLU I 225 24.53 -32.13 -48.63
C GLU I 225 23.98 -33.14 -49.65
N LYS I 226 23.42 -34.25 -49.15
CA LYS I 226 22.86 -35.26 -50.01
C LYS I 226 21.52 -34.81 -50.60
N GLU I 227 20.82 -33.91 -49.91
CA GLU I 227 19.55 -33.42 -50.41
C GLU I 227 19.65 -32.04 -51.05
N GLY I 228 20.88 -31.57 -51.26
CA GLY I 228 21.06 -30.27 -51.89
C GLY I 228 21.26 -29.06 -50.98
N ILE I 229 20.98 -29.22 -49.68
CA ILE I 229 21.14 -28.12 -48.73
C ILE I 229 22.60 -28.01 -48.27
N SER I 230 23.20 -26.82 -48.41
CA SER I 230 24.59 -26.62 -48.00
C SER I 230 24.74 -25.88 -46.66
N ALA I 231 24.86 -26.66 -45.59
CA ALA I 231 24.98 -26.12 -44.23
C ALA I 231 26.38 -25.69 -43.83
N GLU I 232 26.50 -24.49 -43.27
CA GLU I 232 27.78 -24.00 -42.79
C GLU I 232 27.78 -24.24 -41.27
N VAL I 233 28.86 -24.82 -40.76
CA VAL I 233 28.98 -25.12 -39.33
C VAL I 233 30.01 -24.25 -38.63
N VAL I 234 29.59 -23.60 -37.55
CA VAL I 234 30.48 -22.72 -36.79
C VAL I 234 30.61 -23.18 -35.35
N ASP I 235 31.84 -23.44 -34.92
CA ASP I 235 32.13 -23.88 -33.56
C ASP I 235 32.49 -22.65 -32.71
N LEU I 236 31.69 -22.40 -31.68
CA LEU I 236 31.93 -21.25 -30.81
C LEU I 236 33.32 -21.24 -30.19
N ARG I 237 33.71 -22.35 -29.57
CA ARG I 237 35.02 -22.50 -28.93
C ARG I 237 35.35 -21.60 -27.72
N THR I 238 34.57 -20.53 -27.55
CA THR I 238 34.57 -19.70 -26.35
C THR I 238 33.14 -19.19 -26.18
N VAL I 239 32.40 -19.71 -25.21
CA VAL I 239 31.03 -19.27 -25.00
C VAL I 239 30.91 -18.03 -24.12
N GLN I 240 32.05 -17.42 -23.79
CA GLN I 240 32.08 -16.21 -22.98
C GLN I 240 33.49 -15.63 -22.87
N PRO I 241 33.77 -14.57 -23.65
CA PRO I 241 32.87 -13.88 -24.57
C PRO I 241 32.63 -14.62 -25.89
N LEU I 242 31.53 -14.28 -26.57
CA LEU I 242 31.16 -14.87 -27.86
C LEU I 242 31.82 -14.11 -29.00
N ASP I 243 32.08 -14.80 -30.11
CA ASP I 243 32.69 -14.17 -31.28
C ASP I 243 31.57 -13.60 -32.16
N ILE I 244 31.09 -12.41 -31.82
CA ILE I 244 30.01 -11.81 -32.56
C ILE I 244 30.35 -11.52 -34.02
N GLU I 245 31.60 -11.13 -34.28
CA GLU I 245 32.03 -10.81 -35.63
C GLU I 245 32.01 -12.01 -36.57
N THR I 246 32.43 -13.17 -36.08
CA THR I 246 32.43 -14.37 -36.91
C THR I 246 31.03 -14.94 -37.10
N ILE I 247 30.24 -14.96 -36.04
CA ILE I 247 28.89 -15.49 -36.12
C ILE I 247 28.02 -14.62 -37.03
N ILE I 248 28.12 -13.30 -36.87
CA ILE I 248 27.32 -12.39 -37.68
C ILE I 248 27.74 -12.43 -39.14
N GLY I 249 29.03 -12.62 -39.40
CA GLY I 249 29.50 -12.68 -40.77
C GLY I 249 28.89 -13.85 -41.54
N SER I 250 28.67 -14.95 -40.83
CA SER I 250 28.11 -16.17 -41.42
C SER I 250 26.59 -16.12 -41.57
N VAL I 251 25.90 -15.47 -40.62
CA VAL I 251 24.45 -15.38 -40.70
C VAL I 251 24.03 -14.39 -41.79
N GLU I 252 24.76 -13.28 -41.88
CA GLU I 252 24.47 -12.27 -42.90
C GLU I 252 24.87 -12.81 -44.27
N LYS I 253 25.58 -13.94 -44.26
CA LYS I 253 26.01 -14.57 -45.50
C LYS I 253 24.93 -15.52 -46.01
N THR I 254 24.34 -16.29 -45.11
CA THR I 254 23.31 -17.26 -45.50
C THR I 254 21.86 -16.81 -45.30
N GLY I 255 21.63 -15.94 -44.31
CA GLY I 255 20.27 -15.48 -44.05
C GLY I 255 19.45 -16.41 -43.16
N ARG I 256 19.97 -17.62 -42.93
CA ARG I 256 19.28 -18.59 -42.08
C ARG I 256 20.27 -19.13 -41.05
N ALA I 257 19.75 -19.54 -39.89
CA ALA I 257 20.61 -20.03 -38.83
C ALA I 257 19.85 -20.74 -37.71
N ILE I 258 20.55 -21.67 -37.05
CA ILE I 258 20.01 -22.42 -35.93
C ILE I 258 21.12 -22.61 -34.89
N VAL I 259 20.74 -22.70 -33.62
CA VAL I 259 21.70 -22.88 -32.53
C VAL I 259 21.48 -24.23 -31.88
N VAL I 260 22.56 -24.97 -31.70
CA VAL I 260 22.49 -26.30 -31.10
C VAL I 260 23.28 -26.39 -29.80
N GLN I 261 22.72 -27.09 -28.81
CA GLN I 261 23.40 -27.30 -27.54
C GLN I 261 22.79 -28.54 -26.93
N GLU I 262 23.52 -29.20 -26.03
CA GLU I 262 22.97 -30.40 -25.42
C GLU I 262 22.32 -30.14 -24.05
N ALA I 263 22.42 -28.89 -23.59
CA ALA I 263 21.84 -28.53 -22.30
C ALA I 263 20.35 -28.22 -22.43
N GLN I 264 19.62 -28.31 -21.31
CA GLN I 264 18.19 -28.02 -21.28
C GLN I 264 17.92 -26.66 -21.93
N ARG I 265 16.76 -26.55 -22.57
CA ARG I 265 16.36 -25.32 -23.25
C ARG I 265 16.44 -24.06 -22.40
N GLN I 266 16.07 -24.13 -21.12
CA GLN I 266 16.14 -22.93 -20.26
C GLN I 266 17.56 -22.67 -19.73
N ALA I 267 18.53 -23.49 -20.17
CA ALA I 267 19.92 -23.34 -19.74
C ALA I 267 20.82 -23.11 -20.95
N GLY I 268 22.11 -23.41 -20.79
CA GLY I 268 23.05 -23.22 -21.89
C GLY I 268 23.17 -21.76 -22.28
N ILE I 269 23.78 -21.50 -23.43
CA ILE I 269 23.93 -20.11 -23.89
C ILE I 269 23.21 -19.86 -25.21
N ALA I 270 22.34 -20.77 -25.61
CA ALA I 270 21.58 -20.64 -26.85
C ALA I 270 20.80 -19.32 -26.92
N ALA I 271 20.03 -19.04 -25.89
CA ALA I 271 19.24 -17.82 -25.86
C ALA I 271 20.11 -16.59 -26.10
N ASN I 272 21.31 -16.61 -25.55
CA ASN I 272 22.23 -15.49 -25.74
C ASN I 272 22.65 -15.30 -27.19
N VAL I 273 22.82 -16.39 -27.91
CA VAL I 273 23.23 -16.29 -29.30
C VAL I 273 22.05 -15.78 -30.12
N VAL I 274 20.89 -16.37 -29.87
CA VAL I 274 19.67 -15.98 -30.57
C VAL I 274 19.41 -14.50 -30.38
N ALA I 275 19.55 -14.02 -29.15
CA ALA I 275 19.32 -12.62 -28.84
C ALA I 275 20.34 -11.71 -29.51
N GLU I 276 21.60 -12.14 -29.57
CA GLU I 276 22.64 -11.35 -30.20
C GLU I 276 22.49 -11.29 -31.72
N ILE I 277 21.83 -12.29 -32.27
CA ILE I 277 21.62 -12.36 -33.70
C ILE I 277 20.48 -11.46 -34.16
N ASN I 278 19.32 -11.56 -33.50
CA ASN I 278 18.16 -10.74 -33.86
C ASN I 278 18.50 -9.27 -33.74
N GLU I 279 19.46 -8.96 -32.87
CA GLU I 279 19.87 -7.58 -32.63
C GLU I 279 20.75 -6.97 -33.71
N ARG I 280 21.62 -7.77 -34.32
CA ARG I 280 22.54 -7.27 -35.34
C ARG I 280 22.24 -7.62 -36.80
N ALA I 281 21.54 -8.73 -37.02
CA ALA I 281 21.23 -9.15 -38.38
C ALA I 281 19.76 -9.45 -38.65
N ILE I 282 18.87 -8.75 -37.95
CA ILE I 282 17.43 -8.95 -38.13
C ILE I 282 16.99 -8.61 -39.57
N LEU I 283 17.75 -7.75 -40.24
CA LEU I 283 17.42 -7.32 -41.62
C LEU I 283 17.87 -8.30 -42.69
N SER I 284 18.70 -9.26 -42.30
CA SER I 284 19.23 -10.25 -43.22
C SER I 284 18.57 -11.61 -43.04
N LEU I 285 17.91 -11.78 -41.91
CA LEU I 285 17.24 -13.03 -41.57
C LEU I 285 16.02 -13.33 -42.42
N GLU I 286 16.02 -14.50 -43.06
CA GLU I 286 14.91 -14.93 -43.90
C GLU I 286 13.93 -15.77 -43.10
N ALA I 287 14.32 -16.14 -41.89
CA ALA I 287 13.46 -16.95 -41.05
C ALA I 287 13.92 -16.83 -39.61
N PRO I 288 13.15 -17.40 -38.67
CA PRO I 288 13.54 -17.32 -37.25
C PRO I 288 14.71 -18.23 -36.90
N VAL I 289 15.58 -17.78 -36.02
CA VAL I 289 16.72 -18.58 -35.58
C VAL I 289 16.20 -19.55 -34.51
N LEU I 290 15.96 -20.80 -34.91
CA LEU I 290 15.46 -21.79 -33.98
C LEU I 290 16.56 -22.43 -33.14
N ARG I 291 16.16 -23.15 -32.09
CA ARG I 291 17.11 -23.80 -31.22
C ARG I 291 16.88 -25.28 -31.12
N VAL I 292 17.98 -26.01 -30.97
CA VAL I 292 17.92 -27.45 -30.80
C VAL I 292 18.53 -27.65 -29.41
N ALA I 293 17.74 -28.22 -28.51
CA ALA I 293 18.21 -28.44 -27.14
C ALA I 293 17.49 -29.60 -26.49
N ALA I 294 17.87 -29.88 -25.25
CA ALA I 294 17.28 -30.98 -24.48
C ALA I 294 16.01 -30.50 -23.80
N PRO I 295 15.12 -31.45 -23.42
CA PRO I 295 13.87 -31.11 -22.74
C PRO I 295 14.16 -30.44 -21.41
N ASP I 296 13.29 -29.52 -20.99
CA ASP I 296 13.49 -28.80 -19.73
C ASP I 296 13.29 -29.60 -18.45
N THR I 297 13.88 -30.80 -18.40
CA THR I 297 13.78 -31.63 -17.19
C THR I 297 15.19 -31.81 -16.64
N VAL I 298 15.32 -32.35 -15.44
CA VAL I 298 16.65 -32.58 -14.87
C VAL I 298 17.39 -33.59 -15.76
N TYR I 299 18.73 -33.54 -15.76
CA TYR I 299 19.49 -34.48 -16.58
C TYR I 299 18.89 -35.86 -16.31
N PRO I 300 18.65 -36.64 -17.37
CA PRO I 300 18.07 -37.97 -17.27
C PRO I 300 18.91 -39.09 -16.67
N PHE I 301 18.20 -40.09 -16.17
CA PHE I 301 18.83 -41.29 -15.61
C PHE I 301 19.61 -41.92 -16.78
N ALA I 302 20.73 -42.56 -16.48
CA ALA I 302 21.57 -43.18 -17.49
C ALA I 302 20.85 -43.85 -18.66
N GLN I 303 19.91 -44.74 -18.36
CA GLN I 303 19.18 -45.48 -19.40
C GLN I 303 18.22 -44.70 -20.27
N ALA I 304 18.12 -43.39 -20.07
CA ALA I 304 17.21 -42.59 -20.88
C ALA I 304 17.96 -41.55 -21.70
N GLU I 305 19.28 -41.63 -21.70
CA GLU I 305 20.10 -40.68 -22.43
C GLU I 305 19.83 -40.63 -23.93
N SER I 306 19.65 -41.79 -24.56
CA SER I 306 19.42 -41.86 -26.00
C SER I 306 18.20 -41.09 -26.50
N VAL I 307 17.09 -41.12 -25.78
CA VAL I 307 15.90 -40.41 -26.24
C VAL I 307 15.81 -38.98 -25.77
N TRP I 308 16.68 -38.60 -24.85
CA TRP I 308 16.68 -37.25 -24.29
C TRP I 308 17.68 -36.30 -24.97
N LEU I 309 18.97 -36.64 -24.96
CA LEU I 309 20.00 -35.81 -25.59
C LEU I 309 19.75 -35.54 -27.05
N PRO I 310 19.95 -34.28 -27.50
CA PRO I 310 19.75 -33.92 -28.91
C PRO I 310 20.78 -34.64 -29.76
N ASN I 311 20.39 -35.17 -30.91
CA ASN I 311 21.35 -35.84 -31.78
C ASN I 311 21.31 -35.20 -33.17
N PHE I 312 22.15 -35.70 -34.08
CA PHE I 312 22.22 -35.15 -35.43
C PHE I 312 20.87 -35.17 -36.17
N LYS I 313 20.03 -36.16 -35.89
CA LYS I 313 18.72 -36.25 -36.55
C LYS I 313 17.80 -35.12 -36.13
N ASP I 314 17.83 -34.76 -34.85
CA ASP I 314 16.99 -33.66 -34.38
C ASP I 314 17.48 -32.39 -35.07
N VAL I 315 18.77 -32.34 -35.36
CA VAL I 315 19.38 -31.19 -36.01
C VAL I 315 19.03 -31.10 -37.49
N ILE I 316 18.79 -32.25 -38.11
CA ILE I 316 18.40 -32.28 -39.51
C ILE I 316 16.97 -31.73 -39.59
N GLU I 317 16.09 -32.33 -38.79
CA GLU I 317 14.68 -31.94 -38.71
C GLU I 317 14.50 -30.43 -38.54
N THR I 318 15.26 -29.85 -37.62
CA THR I 318 15.17 -28.42 -37.34
C THR I 318 15.77 -27.55 -38.43
N ALA I 319 16.67 -28.12 -39.21
CA ALA I 319 17.30 -27.37 -40.29
C ALA I 319 16.29 -27.26 -41.44
N LYS I 320 15.55 -28.33 -41.68
CA LYS I 320 14.53 -28.34 -42.74
C LYS I 320 13.39 -27.40 -42.42
N LYS I 321 12.98 -27.41 -41.15
CA LYS I 321 11.90 -26.54 -40.69
C LYS I 321 12.23 -25.08 -40.96
N VAL I 322 13.51 -24.72 -40.83
CA VAL I 322 13.94 -23.35 -41.06
C VAL I 322 14.05 -23.09 -42.56
N MET I 323 14.33 -24.12 -43.34
CA MET I 323 14.43 -23.95 -44.78
C MET I 323 13.04 -23.71 -45.39
N ASN I 324 12.03 -24.37 -44.84
CA ASN I 324 10.67 -24.26 -45.37
C ASN I 324 9.76 -23.23 -44.71
N PHE I 325 10.34 -22.20 -44.09
CA PHE I 325 9.54 -21.17 -43.45
C PHE I 325 8.91 -20.30 -44.55
N ILE J 130 17.80 -5.24 -47.21
CA ILE J 130 17.25 -4.77 -45.91
C ILE J 130 15.73 -4.86 -45.89
N ALA J 131 15.19 -5.75 -45.06
CA ALA J 131 13.75 -5.94 -44.95
C ALA J 131 13.42 -6.75 -43.69
N MET J 132 12.19 -6.62 -43.21
CA MET J 132 11.76 -7.32 -42.01
C MET J 132 11.48 -8.78 -42.30
N PRO J 133 11.90 -9.68 -41.39
CA PRO J 133 11.67 -11.11 -41.61
C PRO J 133 10.22 -11.37 -42.01
N SER J 134 9.31 -10.58 -41.47
CA SER J 134 7.90 -10.73 -41.78
C SER J 134 7.61 -10.33 -43.22
N VAL J 135 8.33 -9.33 -43.69
CA VAL J 135 8.16 -8.84 -45.06
C VAL J 135 8.68 -9.84 -46.09
N ARG J 136 9.96 -10.20 -46.00
CA ARG J 136 10.54 -11.13 -46.95
C ARG J 136 9.94 -12.54 -47.01
N LYS J 137 9.09 -12.88 -46.04
CA LYS J 137 8.43 -14.19 -46.04
C LYS J 137 7.05 -14.01 -46.69
N TYR J 138 6.51 -12.79 -46.55
CA TYR J 138 5.22 -12.46 -47.13
C TYR J 138 5.37 -12.35 -48.65
N ALA J 139 6.52 -11.86 -49.08
CA ALA J 139 6.80 -11.75 -50.51
C ALA J 139 7.03 -13.14 -51.09
N ARG J 140 7.61 -14.02 -50.27
CA ARG J 140 7.92 -15.39 -50.65
C ARG J 140 6.71 -16.22 -51.08
N GLU J 141 5.63 -16.17 -50.32
CA GLU J 141 4.42 -16.92 -50.63
C GLU J 141 3.58 -16.26 -51.73
N LYS J 142 3.95 -15.03 -52.09
CA LYS J 142 3.24 -14.31 -53.15
C LYS J 142 4.05 -14.43 -54.43
N GLY J 143 5.10 -15.26 -54.39
CA GLY J 143 5.96 -15.46 -55.54
C GLY J 143 6.51 -14.15 -56.04
N VAL J 144 7.14 -13.39 -55.15
CA VAL J 144 7.70 -12.10 -55.51
C VAL J 144 9.14 -11.97 -55.03
N ASP J 145 10.01 -11.51 -55.92
CA ASP J 145 11.42 -11.33 -55.58
C ASP J 145 11.63 -9.96 -54.95
N ILE J 146 11.91 -9.96 -53.65
CA ILE J 146 12.11 -8.73 -52.90
C ILE J 146 13.26 -7.88 -53.43
N ARG J 147 14.11 -8.46 -54.26
CA ARG J 147 15.24 -7.73 -54.81
C ARG J 147 14.81 -6.75 -55.91
N LEU J 148 13.51 -6.75 -56.24
CA LEU J 148 13.01 -5.85 -57.28
C LEU J 148 12.24 -4.64 -56.80
N VAL J 149 11.31 -4.86 -55.88
CA VAL J 149 10.49 -3.77 -55.35
C VAL J 149 11.34 -2.70 -54.69
N GLN J 150 11.22 -1.45 -55.17
CA GLN J 150 12.00 -0.34 -54.61
C GLN J 150 11.44 -0.04 -53.23
N GLY J 151 12.31 -0.08 -52.22
CA GLY J 151 11.88 0.16 -50.86
C GLY J 151 11.55 1.58 -50.47
N THR J 152 10.34 1.76 -49.92
CA THR J 152 9.89 3.06 -49.44
C THR J 152 10.23 3.03 -47.96
N GLY J 153 10.76 1.87 -47.57
CA GLY J 153 11.16 1.61 -46.20
C GLY J 153 11.30 0.10 -46.12
N LYS J 154 11.51 -0.53 -47.27
CA LYS J 154 11.64 -1.98 -47.38
C LYS J 154 10.29 -2.56 -46.98
N ASN J 155 9.35 -1.65 -46.78
CA ASN J 155 7.97 -1.93 -46.37
C ASN J 155 7.18 -3.08 -46.92
N GLY J 156 6.58 -3.84 -46.01
CA GLY J 156 5.87 -5.06 -46.38
C GLY J 156 4.52 -4.56 -46.84
N ARG J 157 4.57 -3.42 -47.53
CA ARG J 157 3.38 -2.75 -48.05
C ARG J 157 3.62 -2.31 -49.48
N VAL J 158 4.84 -1.83 -49.73
CA VAL J 158 5.23 -1.36 -51.06
C VAL J 158 5.53 -2.53 -52.01
N LEU J 159 5.36 -3.74 -51.50
CA LEU J 159 5.57 -4.94 -52.31
C LEU J 159 4.18 -5.40 -52.74
N LYS J 160 3.17 -4.85 -52.08
CA LYS J 160 1.77 -5.17 -52.40
C LYS J 160 1.39 -4.29 -53.58
N GLU J 161 2.11 -3.17 -53.69
CA GLU J 161 1.94 -2.21 -54.77
C GLU J 161 2.54 -2.88 -56.01
N ASP J 162 3.59 -3.65 -55.78
CA ASP J 162 4.29 -4.37 -56.83
C ASP J 162 3.40 -5.48 -57.39
N ILE J 163 2.87 -6.32 -56.49
CA ILE J 163 2.00 -7.43 -56.87
C ILE J 163 0.91 -7.07 -57.88
N ASP J 164 0.40 -5.84 -57.78
CA ASP J 164 -0.65 -5.39 -58.71
C ASP J 164 0.01 -4.87 -59.98
N ALA J 165 0.90 -3.88 -59.82
CA ALA J 165 1.61 -3.29 -60.95
C ALA J 165 3.07 -3.71 -60.97
MG MG K . -13.63 26.76 22.84
N1' R1T L . -23.12 28.10 14.42
C2' R1T L . -22.32 28.20 13.35
CM2 R1T L . -22.44 27.19 12.21
N3' R1T L . -21.42 29.19 13.26
C4' R1T L . -21.32 30.09 14.26
N4' R1T L . -20.40 31.07 14.17
C5' R1T L . -22.14 30.02 15.37
C6' R1T L . -23.05 28.97 15.41
C7' R1T L . -22.15 31.04 16.50
C3 R1T L . -20.85 30.97 17.30
C2 R1T L . -19.87 31.95 17.30
S1 R1T L . -18.58 31.48 18.32
C5 R1T L . -19.30 30.00 18.79
C4 R1T L . -20.52 29.89 18.15
CM4 R1T L . -21.44 28.68 18.32
C6 R1T L . -18.67 29.07 19.84
C7 R1T L . -17.39 28.44 19.27
O7 R1T L . -16.77 27.68 20.30
PA R1T L . -15.41 26.89 19.99
O1A R1T L . -14.97 26.20 21.23
O2A R1T L . -15.59 26.07 18.77
O3A R1T L . -14.39 28.08 19.63
PB R1T L . -14.00 29.24 20.69
O1B R1T L . -15.03 30.44 20.44
O2B R1T L . -12.57 29.79 20.19
O3B R1T L . -13.99 28.78 22.10
CP1 R1T L . -19.95 33.30 16.59
CP2 R1T L . -18.59 34.00 16.68
OP1 R1T L . -20.35 33.11 15.23
K K M . -17.98 30.01 -13.71
MG MG N . -22.43 0.03 0.07
N1' R1T O . -26.27 12.25 -2.24
C2' R1T O . -27.09 12.23 -1.18
CM2 R1T O . -26.88 13.23 -0.04
N3' R1T O . -28.11 11.36 -1.13
C4' R1T O . -28.32 10.51 -2.13
N4' R1T O . -29.34 9.66 -2.07
C5' R1T O . -27.48 10.51 -3.24
C6' R1T O . -26.43 11.42 -3.24
C7' R1T O . -27.67 9.60 -4.46
C3 R1T O . -27.36 8.15 -4.09
C2 R1T O . -28.31 7.14 -4.03
S1 R1T O . -27.56 5.68 -3.53
C5 R1T O . -25.99 6.35 -3.39
C4 R1T O . -26.08 7.70 -3.74
CM4 R1T O . -24.86 8.61 -3.71
C6 R1T O . -24.77 5.51 -3.03
C7 R1T O . -24.92 4.91 -1.65
O7 R1T O . -23.89 3.94 -1.41
PA R1T O . -23.81 3.20 0.01
O1A R1T O . -22.65 2.28 0.01
O2A R1T O . -23.90 4.22 1.08
O3A R1T O . -25.18 2.34 0.05
PB R1T O . -25.40 1.04 -0.88
O1B R1T O . -26.34 1.53 -2.09
O2B R1T O . -26.32 0.06 0.01
O3B R1T O . -24.15 0.40 -1.33
CP1 R1T O . -29.78 7.26 -4.45
CP2 R1T O . -30.58 6.09 -3.87
OP1 R1T O . -30.33 8.51 -4.02
MG MG P . -24.30 19.69 6.99
K K Q . -45.57 23.96 15.32
MG MG R . 37.07 -44.39 1.93
N1' R1T S . 33.08 -34.69 -5.10
C2' R1T S . 31.81 -34.60 -4.75
CM2 R1T S . 31.34 -33.50 -4.13
N3' R1T S . 30.98 -35.58 -5.00
C4' R1T S . 31.41 -36.67 -5.60
N4' R1T S . 30.56 -37.62 -5.82
C5' R1T S . 32.73 -36.83 -5.99
C6' R1T S . 33.56 -35.78 -5.73
C7' R1T S . 33.28 -37.94 -6.63
C3 R1T S . 33.60 -39.15 -5.70
C2 R1T S . 32.91 -40.28 -5.67
S1 R1T S . 33.42 -41.13 -4.77
C5 R1T S . 34.54 -40.43 -4.23
C4 R1T S . 34.59 -39.27 -4.85
CM4 R1T S . 35.59 -38.16 -4.62
C6 R1T S . 35.51 -40.96 -3.12
C7 R1T S . 34.92 -40.77 -1.69
O7 R1T S . 35.68 -41.36 -0.67
PA R1T S . 35.06 -41.92 0.57
O1A R1T S . 35.99 -42.64 1.34
O2A R1T S . 34.31 -40.92 1.13
O3A R1T S . 34.05 -42.96 0.15
PB R1T S . 34.22 -44.35 -0.38
O1B R1T S . 34.15 -43.84 -1.65
O2B R1T S . 33.10 -44.97 0.16
O3B R1T S . 35.47 -44.74 0.07
CP1 R1T S . 31.69 -40.56 -6.52
CP2 R1T S . 30.53 -39.92 -5.83
OP1 R1T S . 31.81 -39.88 -7.72
MG MG T . 30.37 -12.15 17.23
N1' R1T U . 25.97 -14.70 5.59
C2' R1T U . 27.13 -14.69 4.98
CM2 R1T U . 27.64 -15.83 4.43
N3' R1T U . 27.86 -13.62 4.91
C4' R1T U . 27.41 -12.52 5.44
N4' R1T U . 28.16 -11.46 5.35
C5' R1T U . 26.20 -12.43 6.10
C6' R1T U . 25.45 -13.57 6.16
C7' R1T U . 25.73 -11.27 6.70
C3 R1T U . 26.47 -10.92 8.00
C2 R1T U . 27.19 -9.87 8.18
S1 R1T U . 27.73 -9.91 9.48
C5 R1T U . 27.25 -11.03 10.00
C4 R1T U . 26.49 -11.62 9.10
CM4 R1T U . 25.77 -12.95 9.31
C6 R1T U . 27.47 -11.53 11.46
C7 R1T U . 28.69 -12.37 11.80
O7 R1T U . 28.73 -12.61 13.19
PA R1T U . 30.00 -12.67 13.84
O1A R1T U . 29.83 -12.77 15.25
O2A R1T U . 30.74 -13.65 13.25
O3A R1T U . 30.68 -11.35 13.50
PB R1T U . 31.06 -10.15 14.38
O1B R1T U . 30.31 -9.23 13.72
O2B R1T U . 32.45 -10.09 14.14
O3B R1T U . 30.60 -10.64 15.61
CP1 R1T U . 27.35 -8.76 7.12
CP2 R1T U . 28.68 -8.04 7.14
OP1 R1T U . 27.10 -9.25 5.85
#